data_6C43
#
_entry.id   6C43
#
_cell.length_a   81.891
_cell.length_b   87.800
_cell.length_c   145.070
_cell.angle_alpha   82.76
_cell.angle_beta   77.91
_cell.angle_gamma   72.86
#
_symmetry.space_group_name_H-M   'P 1'
#
loop_
_entity.id
_entity.type
_entity.pdbx_description
1 polymer 'Gamma-aminobutyraldehyde dehydrogenase'
2 water water
#
_entity_poly.entity_id   1
_entity_poly.type   'polypeptide(L)'
_entity_poly.pdbx_seq_one_letter_code
;SNAMQYQLLINGVLVDGEGERQSVYNPATGEVILEIAEASPAQVDAAVQAADNAFAEWGQTTPKARAECLLKLADSIEQN
ALEFARLESQNCGKPLHCVINDEIPAIVDVFRFFAGAARCLSGLAAGEYLEGHTSMIRRDPIGVVASIAPWNYPLMMAAW
KLAPALAAGNCVVIKPSEITPLTALKLAVLAKDIFPPGVLNVLFGRGQTVGDVLTGHEKVRMVSLTGSIATGEHILRHTA
PAIKRTHMELGGKAPVIVFDDADLDAVAQGVRTFGFYNAGQDCTAACRIYAQRGIYDALVEKLGNAVSSLKMGAPEDEST
ELGPLSSLAHLKRVTAAVEEAKALSHIRVITGGSQTEGKGYYFAPTLLADAKQEDAIVQREVFGPVVSITVFDDEDQVLR
WANDSRYGLASSVWTQDVGRAHRLSARLQYGCTWINTHFMLVSEMPHGGQKQSGYGKDMSLYGLEDYTLVRHIMVKH
;
_entity_poly.pdbx_strand_id   A,B,C,D,E,F,G,H
#
# COMPACT_ATOMS: atom_id res chain seq x y z
N GLN A 5 -30.61 61.86 20.57
CA GLN A 5 -29.37 61.38 19.88
C GLN A 5 -28.78 60.43 20.91
N TYR A 6 -28.35 59.24 20.50
CA TYR A 6 -27.63 58.34 21.43
C TYR A 6 -26.21 58.83 21.69
N GLN A 7 -25.77 58.69 22.93
CA GLN A 7 -24.45 59.13 23.36
C GLN A 7 -23.48 57.99 23.63
N LEU A 8 -22.22 58.36 23.83
CA LEU A 8 -21.15 57.42 24.11
C LEU A 8 -20.88 57.44 25.61
N LEU A 9 -20.37 56.33 26.13
CA LEU A 9 -20.04 56.23 27.54
C LEU A 9 -18.51 56.23 27.68
N ILE A 10 -17.97 57.34 28.16
CA ILE A 10 -16.53 57.48 28.38
C ILE A 10 -16.29 58.00 29.80
N ASN A 11 -15.50 57.22 30.56
CA ASN A 11 -15.13 57.55 31.94
C ASN A 11 -16.33 57.94 32.83
N GLY A 12 -17.37 57.12 32.78
CA GLY A 12 -18.60 57.31 33.58
C GLY A 12 -19.49 58.47 33.18
N VAL A 13 -19.18 59.08 32.05
CA VAL A 13 -19.94 60.23 31.54
C VAL A 13 -20.47 59.94 30.13
N LEU A 14 -21.68 60.43 29.85
CA LEU A 14 -22.27 60.28 28.53
C LEU A 14 -21.93 61.53 27.70
N VAL A 15 -21.31 61.31 26.54
CA VAL A 15 -20.89 62.40 25.65
C VAL A 15 -21.26 62.16 24.19
N ASP A 16 -21.38 63.26 23.44
CA ASP A 16 -21.71 63.19 22.02
C ASP A 16 -20.43 62.89 21.25
N GLY A 17 -20.53 62.05 20.23
CA GLY A 17 -19.38 61.72 19.41
C GLY A 17 -18.91 62.94 18.64
N GLU A 18 -17.59 63.12 18.55
CA GLU A 18 -17.02 64.26 17.84
C GLU A 18 -16.74 63.91 16.38
N GLY A 19 -16.89 62.62 16.04
CA GLY A 19 -16.66 62.14 14.68
C GLY A 19 -17.81 62.39 13.73
N GLU A 20 -17.73 61.80 12.54
CA GLU A 20 -18.75 61.95 11.51
C GLU A 20 -20.06 61.23 11.80
N ARG A 21 -21.18 61.85 11.41
CA ARG A 21 -22.51 61.25 11.59
C ARG A 21 -22.68 60.02 10.72
N GLN A 22 -23.27 58.99 11.29
CA GLN A 22 -23.47 57.74 10.58
C GLN A 22 -24.95 57.39 10.69
N SER A 23 -25.57 57.00 9.58
CA SER A 23 -26.97 56.64 9.60
C SER A 23 -27.21 55.14 9.90
N VAL A 24 -28.19 54.89 10.77
CA VAL A 24 -28.57 53.54 11.19
C VAL A 24 -29.92 53.19 10.55
N TYR A 25 -29.93 52.10 9.79
CA TYR A 25 -31.11 51.63 9.07
C TYR A 25 -32.00 50.60 9.76
N ASN A 26 -33.24 50.54 9.29
CA ASN A 26 -34.23 49.58 9.75
C ASN A 26 -34.31 48.62 8.57
N PRO A 27 -33.70 47.43 8.70
CA PRO A 27 -33.65 46.42 7.64
C PRO A 27 -35.00 45.93 7.13
N ALA A 28 -36.05 46.07 7.93
CA ALA A 28 -37.38 45.64 7.51
C ALA A 28 -38.03 46.64 6.56
N THR A 29 -37.71 47.93 6.72
CA THR A 29 -38.30 48.97 5.87
C THR A 29 -37.30 49.60 4.91
N GLY A 30 -36.01 49.38 5.15
CA GLY A 30 -34.94 49.95 4.30
C GLY A 30 -34.71 51.44 4.56
N GLU A 31 -35.49 51.98 5.48
CA GLU A 31 -35.45 53.39 5.87
C GLU A 31 -34.42 53.65 6.97
N VAL A 32 -34.01 54.90 7.13
CA VAL A 32 -33.07 55.28 8.17
C VAL A 32 -33.84 55.57 9.45
N ILE A 33 -33.41 54.96 10.55
CA ILE A 33 -34.04 55.15 11.87
C ILE A 33 -33.53 56.44 12.50
N LEU A 34 -32.20 56.53 12.64
CA LEU A 34 -31.52 57.66 13.25
C LEU A 34 -30.13 57.87 12.67
N GLU A 35 -29.48 58.93 13.14
CA GLU A 35 -28.16 59.31 12.72
C GLU A 35 -27.38 59.53 14.02
N ILE A 36 -26.27 58.81 14.18
CA ILE A 36 -25.44 58.92 15.38
C ILE A 36 -24.03 59.37 15.02
N ALA A 37 -23.47 60.26 15.85
CA ALA A 37 -22.12 60.77 15.64
C ALA A 37 -21.10 59.79 16.20
N GLU A 38 -20.12 59.40 15.37
CA GLU A 38 -19.04 58.49 15.75
C GLU A 38 -18.09 59.08 16.78
N ALA A 39 -17.28 58.20 17.37
CA ALA A 39 -16.28 58.62 18.31
C ALA A 39 -15.09 59.14 17.49
N SER A 40 -14.49 60.25 17.94
CA SER A 40 -13.33 60.81 17.26
C SER A 40 -12.10 60.04 17.74
N PRO A 41 -10.99 60.05 16.95
CA PRO A 41 -9.77 59.37 17.39
C PRO A 41 -9.31 59.76 18.80
N ALA A 42 -9.56 61.02 19.18
CA ALA A 42 -9.20 61.54 20.50
C ALA A 42 -10.08 60.94 21.59
N GLN A 43 -11.36 60.72 21.27
CA GLN A 43 -12.31 60.11 22.21
C GLN A 43 -12.01 58.62 22.43
N VAL A 44 -11.54 57.93 21.39
CA VAL A 44 -11.18 56.52 21.48
C VAL A 44 -9.98 56.42 22.42
N ASP A 45 -9.07 57.38 22.30
CA ASP A 45 -7.89 57.44 23.15
C ASP A 45 -8.35 57.72 24.59
N ALA A 46 -9.23 58.73 24.74
CA ALA A 46 -9.79 59.11 26.04
C ALA A 46 -10.46 57.92 26.75
N ALA A 47 -11.16 57.09 25.97
CA ALA A 47 -11.83 55.91 26.50
C ALA A 47 -10.83 54.89 27.02
N VAL A 48 -9.76 54.65 26.25
CA VAL A 48 -8.72 53.69 26.65
C VAL A 48 -7.96 54.21 27.89
N GLN A 49 -7.68 55.52 27.92
CA GLN A 49 -7.00 56.13 29.07
C GLN A 49 -7.86 55.97 30.31
N ALA A 50 -9.17 56.18 30.16
CA ALA A 50 -10.13 56.06 31.25
C ALA A 50 -10.12 54.66 31.84
N ALA A 51 -10.07 53.66 30.95
CA ALA A 51 -10.04 52.26 31.35
C ALA A 51 -8.73 51.92 32.03
N ASP A 52 -7.63 52.41 31.47
CA ASP A 52 -6.30 52.16 32.02
C ASP A 52 -6.17 52.70 33.45
N ASN A 53 -6.68 53.90 33.69
CA ASN A 53 -6.64 54.52 35.02
C ASN A 53 -7.53 53.79 36.01
N ALA A 54 -8.73 53.43 35.55
CA ALA A 54 -9.72 52.74 36.38
C ALA A 54 -9.28 51.35 36.82
N PHE A 55 -8.38 50.74 36.03
CA PHE A 55 -7.88 49.39 36.32
C PHE A 55 -7.15 49.18 37.65
N ALA A 56 -6.38 50.19 38.07
CA ALA A 56 -5.64 50.10 39.32
C ALA A 56 -6.57 49.75 40.48
N GLU A 57 -7.72 50.41 40.53
CA GLU A 57 -8.70 50.20 41.59
C GLU A 57 -9.59 48.99 41.30
N TRP A 58 -10.15 48.94 40.09
CA TRP A 58 -11.07 47.86 39.66
C TRP A 58 -10.48 46.45 39.67
N GLY A 59 -9.19 46.33 39.33
CA GLY A 59 -8.51 45.03 39.31
C GLY A 59 -8.30 44.42 40.69
N GLN A 60 -8.43 45.26 41.73
CA GLN A 60 -8.25 44.80 43.12
C GLN A 60 -9.57 44.52 43.82
N THR A 61 -10.68 44.78 43.16
CA THR A 61 -11.99 44.52 43.77
C THR A 61 -12.15 43.01 43.97
N THR A 62 -12.96 42.64 44.94
CA THR A 62 -13.22 41.24 45.25
C THR A 62 -14.18 40.64 44.24
N PRO A 63 -14.11 39.32 44.00
CA PRO A 63 -15.07 38.72 43.08
C PRO A 63 -16.50 39.02 43.53
N LYS A 64 -16.71 39.13 44.85
CA LYS A 64 -18.03 39.44 45.39
C LYS A 64 -18.53 40.79 44.91
N ALA A 65 -17.66 41.81 44.97
CA ALA A 65 -17.99 43.17 44.55
C ALA A 65 -18.38 43.20 43.07
N ARG A 66 -17.64 42.45 42.25
CA ARG A 66 -17.89 42.38 40.82
C ARG A 66 -19.18 41.64 40.52
N ALA A 67 -19.44 40.56 41.25
CA ALA A 67 -20.65 39.77 41.09
C ALA A 67 -21.86 40.66 41.34
N GLU A 68 -21.76 41.53 42.34
CA GLU A 68 -22.83 42.44 42.70
C GLU A 68 -23.13 43.47 41.61
N CYS A 69 -22.10 43.89 40.89
CA CYS A 69 -22.28 44.84 39.79
C CYS A 69 -23.01 44.14 38.63
N LEU A 70 -22.58 42.93 38.30
CA LEU A 70 -23.19 42.16 37.23
C LEU A 70 -24.65 41.81 37.52
N LEU A 71 -24.95 41.45 38.77
CA LEU A 71 -26.32 41.12 39.16
C LEU A 71 -27.20 42.36 39.05
N LYS A 72 -26.63 43.51 39.40
CA LYS A 72 -27.34 44.77 39.36
C LYS A 72 -27.58 45.17 37.91
N LEU A 73 -26.61 44.88 37.03
CA LEU A 73 -26.73 45.17 35.61
C LEU A 73 -27.81 44.28 34.97
N ALA A 74 -27.83 43.01 35.36
CA ALA A 74 -28.81 42.04 34.87
C ALA A 74 -30.23 42.48 35.20
N ASP A 75 -30.43 42.99 36.43
CA ASP A 75 -31.73 43.48 36.88
C ASP A 75 -32.18 44.64 36.02
N SER A 76 -31.26 45.56 35.76
CA SER A 76 -31.53 46.74 34.95
C SER A 76 -32.03 46.35 33.55
N ILE A 77 -31.38 45.34 32.96
CA ILE A 77 -31.77 44.87 31.63
C ILE A 77 -33.14 44.18 31.66
N GLU A 78 -33.36 43.35 32.68
CA GLU A 78 -34.61 42.63 32.84
C GLU A 78 -35.80 43.56 33.03
N GLN A 79 -35.57 44.64 33.77
CA GLN A 79 -36.60 45.65 34.05
C GLN A 79 -36.91 46.47 32.79
N ASN A 80 -35.94 46.56 31.90
CA ASN A 80 -36.07 47.27 30.63
C ASN A 80 -36.15 46.32 29.43
N ALA A 81 -36.51 45.07 29.70
CA ALA A 81 -36.62 44.01 28.69
C ALA A 81 -37.38 44.41 27.43
N LEU A 82 -38.60 44.90 27.63
CA LEU A 82 -39.47 45.31 26.53
C LEU A 82 -38.86 46.39 25.62
N GLU A 83 -38.23 47.40 26.22
CA GLU A 83 -37.57 48.48 25.47
C GLU A 83 -36.41 47.96 24.62
N PHE A 84 -35.56 47.12 25.21
CA PHE A 84 -34.44 46.52 24.49
C PHE A 84 -34.96 45.66 23.34
N ALA A 85 -36.03 44.91 23.60
CA ALA A 85 -36.64 44.05 22.59
C ALA A 85 -37.10 44.85 21.38
N ARG A 86 -37.77 45.98 21.61
CA ARG A 86 -38.23 46.85 20.52
C ARG A 86 -37.06 47.42 19.73
N LEU A 87 -36.02 47.90 20.42
CA LEU A 87 -34.83 48.43 19.73
C LEU A 87 -34.12 47.38 18.89
N GLU A 88 -33.85 46.22 19.50
CA GLU A 88 -33.16 45.13 18.84
C GLU A 88 -33.94 44.69 17.59
N SER A 89 -35.26 44.58 17.73
CA SER A 89 -36.15 44.19 16.64
C SER A 89 -36.18 45.23 15.53
N GLN A 90 -36.26 46.50 15.93
CA GLN A 90 -36.32 47.61 14.98
C GLN A 90 -35.02 47.75 14.19
N ASN A 91 -33.89 47.60 14.90
CA ASN A 91 -32.56 47.74 14.30
C ASN A 91 -32.05 46.51 13.54
N CYS A 92 -32.49 45.30 13.93
CA CYS A 92 -32.01 44.07 13.26
C CYS A 92 -33.00 43.37 12.35
N GLY A 93 -34.28 43.64 12.54
CA GLY A 93 -35.32 43.01 11.72
C GLY A 93 -35.80 41.70 12.31
N LYS A 94 -35.24 41.35 13.48
CA LYS A 94 -35.59 40.13 14.20
C LYS A 94 -37.06 40.20 14.62
N PRO A 95 -37.83 39.11 14.41
CA PRO A 95 -39.23 39.13 14.84
C PRO A 95 -39.28 39.46 16.33
N LEU A 96 -40.08 40.46 16.69
CA LEU A 96 -40.21 40.95 18.08
C LEU A 96 -40.44 39.87 19.13
N HIS A 97 -41.37 38.96 18.87
CA HIS A 97 -41.68 37.88 19.82
C HIS A 97 -40.48 36.99 20.15
N CYS A 98 -39.59 36.78 19.19
CA CYS A 98 -38.38 35.97 19.41
C CYS A 98 -37.42 36.70 20.34
N VAL A 99 -37.30 38.01 20.18
CA VAL A 99 -36.40 38.81 21.01
C VAL A 99 -36.90 38.82 22.46
N ILE A 100 -38.20 39.02 22.66
CA ILE A 100 -38.80 39.07 23.99
C ILE A 100 -38.69 37.73 24.72
N ASN A 101 -38.94 36.64 23.99
CA ASN A 101 -38.94 35.29 24.55
C ASN A 101 -37.59 34.57 24.60
N ASP A 102 -36.77 34.73 23.56
CA ASP A 102 -35.48 34.04 23.49
C ASP A 102 -34.27 34.88 23.91
N GLU A 103 -34.00 35.95 23.17
CA GLU A 103 -32.82 36.80 23.39
C GLU A 103 -32.68 37.54 24.72
N ILE A 104 -33.63 38.40 25.06
CA ILE A 104 -33.52 39.15 26.31
C ILE A 104 -33.29 38.24 27.53
N PRO A 105 -34.14 37.20 27.74
CA PRO A 105 -33.89 36.31 28.88
C PRO A 105 -32.49 35.67 28.84
N ALA A 106 -32.01 35.34 27.64
CA ALA A 106 -30.68 34.74 27.46
C ALA A 106 -29.60 35.72 27.91
N ILE A 107 -29.74 36.98 27.50
CA ILE A 107 -28.82 38.08 27.85
C ILE A 107 -28.78 38.24 29.36
N VAL A 108 -29.96 38.34 29.97
CA VAL A 108 -30.09 38.47 31.41
C VAL A 108 -29.40 37.29 32.10
N ASP A 109 -29.65 36.08 31.60
CA ASP A 109 -29.04 34.88 32.16
C ASP A 109 -27.52 34.90 32.06
N VAL A 110 -26.99 35.40 30.94
CA VAL A 110 -25.53 35.46 30.76
C VAL A 110 -24.89 36.29 31.86
N PHE A 111 -25.45 37.47 32.14
CA PHE A 111 -24.90 38.31 33.21
C PHE A 111 -24.99 37.62 34.56
N ARG A 112 -26.15 37.03 34.87
CA ARG A 112 -26.31 36.31 36.13
C ARG A 112 -25.33 35.15 36.25
N PHE A 113 -25.15 34.40 35.15
CA PHE A 113 -24.21 33.30 35.18
C PHE A 113 -22.81 33.75 35.53
N PHE A 114 -22.32 34.76 34.81
CA PHE A 114 -20.98 35.26 35.08
C PHE A 114 -20.82 35.90 36.46
N ALA A 115 -21.91 36.45 36.99
CA ALA A 115 -21.87 37.04 38.32
C ALA A 115 -21.51 35.92 39.29
N GLY A 116 -22.08 34.74 39.08
CA GLY A 116 -21.81 33.58 39.92
C GLY A 116 -20.45 32.99 39.62
N ALA A 117 -20.15 32.84 38.33
CA ALA A 117 -18.89 32.27 37.87
C ALA A 117 -17.67 33.05 38.37
N ALA A 118 -17.81 34.36 38.51
CA ALA A 118 -16.72 35.23 38.98
C ALA A 118 -16.13 34.78 40.32
N ARG A 119 -16.96 34.13 41.14
CA ARG A 119 -16.56 33.69 42.47
C ARG A 119 -16.17 32.20 42.53
N CYS A 120 -16.06 31.55 41.38
CA CYS A 120 -15.75 30.12 41.32
C CYS A 120 -14.55 29.71 40.47
N LEU A 121 -13.58 30.60 40.32
CA LEU A 121 -12.39 30.32 39.49
C LEU A 121 -11.51 29.19 40.02
N SER A 122 -11.05 28.34 39.09
CA SER A 122 -10.21 27.19 39.42
C SER A 122 -8.75 27.54 39.53
N GLY A 123 -8.05 26.77 40.35
CA GLY A 123 -6.62 26.93 40.56
C GLY A 123 -6.08 25.55 40.86
N LEU A 124 -4.80 25.47 41.16
CA LEU A 124 -4.22 24.20 41.53
C LEU A 124 -4.02 24.28 43.02
N ALA A 125 -3.91 23.13 43.67
CA ALA A 125 -3.73 23.09 45.10
C ALA A 125 -2.43 23.78 45.47
N ALA A 126 -2.51 24.69 46.43
CA ALA A 126 -1.31 25.35 46.92
C ALA A 126 -0.56 24.30 47.77
N GLY A 127 0.76 24.38 47.78
CA GLY A 127 1.53 23.44 48.58
C GLY A 127 3.01 23.49 48.31
N GLU A 128 3.73 22.50 48.85
CA GLU A 128 5.16 22.43 48.67
C GLU A 128 5.54 21.47 47.56
N TYR A 129 5.64 21.99 46.35
CA TYR A 129 6.02 21.17 45.20
C TYR A 129 7.54 21.08 45.15
N LEU A 130 8.19 22.01 45.84
CA LEU A 130 9.63 22.06 45.98
C LEU A 130 9.87 22.22 47.47
N GLU A 131 10.67 21.32 48.05
CA GLU A 131 10.98 21.36 49.48
C GLU A 131 11.28 22.78 49.97
N GLY A 132 10.57 23.18 51.02
CA GLY A 132 10.76 24.49 51.64
C GLY A 132 10.26 25.70 50.87
N HIS A 133 9.30 25.48 49.98
CA HIS A 133 8.71 26.57 49.19
C HIS A 133 7.22 26.36 49.00
N THR A 134 6.41 27.35 49.35
CA THR A 134 4.96 27.25 49.15
C THR A 134 4.60 27.90 47.81
N SER A 135 3.99 27.12 46.93
CA SER A 135 3.56 27.63 45.63
C SER A 135 2.05 27.75 45.66
N MET A 136 1.53 28.77 44.98
CA MET A 136 0.08 28.94 44.90
C MET A 136 -0.22 29.49 43.52
N ILE A 137 -1.47 29.35 43.10
CA ILE A 137 -1.87 29.86 41.78
C ILE A 137 -3.04 30.79 41.87
N ARG A 138 -2.84 31.98 41.32
CA ARG A 138 -3.90 33.00 41.31
C ARG A 138 -4.29 33.35 39.89
N ARG A 139 -5.53 33.79 39.72
CA ARG A 139 -6.03 34.19 38.39
C ARG A 139 -6.35 35.67 38.46
N ASP A 140 -5.45 36.49 37.94
CA ASP A 140 -5.61 37.94 37.96
C ASP A 140 -6.16 38.50 36.64
N PRO A 141 -6.78 39.69 36.69
CA PRO A 141 -7.30 40.27 35.45
C PRO A 141 -6.18 40.64 34.46
N ILE A 142 -6.51 40.68 33.18
CA ILE A 142 -5.54 41.00 32.13
C ILE A 142 -5.21 42.50 32.07
N GLY A 143 -6.22 43.35 32.20
CA GLY A 143 -6.04 44.80 32.15
C GLY A 143 -7.14 45.44 31.33
N VAL A 144 -6.75 46.24 30.33
CA VAL A 144 -7.73 46.91 29.46
C VAL A 144 -8.10 45.99 28.30
N VAL A 145 -9.40 45.76 28.14
CA VAL A 145 -9.90 44.88 27.08
C VAL A 145 -10.75 45.65 26.06
N ALA A 146 -10.45 45.43 24.78
CA ALA A 146 -11.20 46.05 23.70
C ALA A 146 -12.10 44.98 23.09
N SER A 147 -13.41 45.25 23.09
CA SER A 147 -14.39 44.32 22.54
C SER A 147 -15.09 44.86 21.31
N ILE A 148 -15.12 44.06 20.25
CA ILE A 148 -15.79 44.43 19.01
C ILE A 148 -16.96 43.46 18.82
N ALA A 149 -18.18 44.00 18.90
CA ALA A 149 -19.40 43.20 18.73
C ALA A 149 -19.88 43.15 17.27
N PRO A 150 -20.46 42.02 16.85
CA PRO A 150 -20.96 41.86 15.48
C PRO A 150 -22.39 42.38 15.34
N TRP A 151 -22.92 42.35 14.12
CA TRP A 151 -24.26 42.84 13.85
C TRP A 151 -25.44 41.85 13.94
N ASN A 152 -25.14 40.55 13.95
CA ASN A 152 -26.22 39.54 14.00
C ASN A 152 -26.98 39.47 15.33
N TYR A 153 -26.26 39.48 16.45
CA TYR A 153 -26.86 39.48 17.79
C TYR A 153 -26.18 40.60 18.59
N PRO A 154 -26.48 41.87 18.25
CA PRO A 154 -25.87 43.06 18.87
C PRO A 154 -25.77 43.06 20.40
N LEU A 155 -26.92 42.99 21.08
CA LEU A 155 -26.93 43.01 22.53
C LEU A 155 -26.43 41.73 23.17
N MET A 156 -26.74 40.57 22.57
CA MET A 156 -26.30 39.29 23.13
C MET A 156 -24.78 39.15 23.06
N MET A 157 -24.17 39.41 21.90
CA MET A 157 -22.72 39.36 21.78
C MET A 157 -22.03 40.40 22.65
N ALA A 158 -22.72 41.51 22.91
CA ALA A 158 -22.18 42.54 23.78
C ALA A 158 -22.08 41.92 25.18
N ALA A 159 -23.13 41.19 25.57
CA ALA A 159 -23.20 40.51 26.86
C ALA A 159 -22.11 39.44 26.97
N TRP A 160 -21.94 38.65 25.91
CA TRP A 160 -20.92 37.60 25.82
C TRP A 160 -19.50 38.13 25.98
N LYS A 161 -19.31 39.41 25.65
CA LYS A 161 -18.00 40.05 25.77
C LYS A 161 -17.82 40.86 27.03
N LEU A 162 -18.89 41.48 27.51
CA LEU A 162 -18.82 42.29 28.72
C LEU A 162 -18.81 41.47 29.99
N ALA A 163 -19.76 40.53 30.09
CA ALA A 163 -19.90 39.71 31.28
C ALA A 163 -18.58 39.06 31.77
N PRO A 164 -17.96 38.18 30.95
CA PRO A 164 -16.72 37.56 31.45
C PRO A 164 -15.59 38.57 31.70
N ALA A 165 -15.43 39.54 30.80
CA ALA A 165 -14.39 40.54 30.94
C ALA A 165 -14.48 41.30 32.26
N LEU A 166 -15.68 41.79 32.58
CA LEU A 166 -15.93 42.53 33.81
C LEU A 166 -15.85 41.63 35.03
N ALA A 167 -16.40 40.43 34.93
CA ALA A 167 -16.38 39.47 36.03
C ALA A 167 -14.95 39.13 36.44
N ALA A 168 -14.06 39.01 35.44
CA ALA A 168 -12.65 38.70 35.66
C ALA A 168 -11.89 39.86 36.28
N GLY A 169 -12.47 41.06 36.25
CA GLY A 169 -11.85 42.24 36.84
C GLY A 169 -11.13 43.16 35.88
N ASN A 170 -11.47 43.07 34.61
CA ASN A 170 -10.87 43.90 33.57
C ASN A 170 -11.69 45.16 33.34
N CYS A 171 -11.10 46.12 32.63
CA CYS A 171 -11.80 47.34 32.23
C CYS A 171 -12.05 47.17 30.76
N VAL A 172 -13.26 47.48 30.32
CA VAL A 172 -13.61 47.27 28.93
C VAL A 172 -13.97 48.53 28.13
N VAL A 173 -13.59 48.51 26.86
CA VAL A 173 -13.93 49.54 25.91
C VAL A 173 -14.56 48.71 24.80
N ILE A 174 -15.88 48.81 24.64
CA ILE A 174 -16.60 48.04 23.64
C ILE A 174 -17.17 48.90 22.51
N LYS A 175 -17.06 48.38 21.29
CA LYS A 175 -17.57 49.03 20.10
C LYS A 175 -18.53 48.07 19.41
N PRO A 176 -19.83 48.41 19.36
CA PRO A 176 -20.75 47.53 18.64
C PRO A 176 -20.58 47.77 17.14
N SER A 177 -21.25 46.97 16.31
CA SER A 177 -21.18 47.17 14.86
C SER A 177 -21.84 48.48 14.50
N GLU A 178 -21.29 49.18 13.50
CA GLU A 178 -21.89 50.46 13.08
C GLU A 178 -23.30 50.25 12.55
N ILE A 179 -23.54 49.06 12.02
CA ILE A 179 -24.84 48.67 11.49
C ILE A 179 -25.91 48.60 12.60
N THR A 180 -25.52 48.04 13.74
CA THR A 180 -26.43 47.84 14.88
C THR A 180 -25.91 48.36 16.22
N PRO A 181 -26.00 49.69 16.47
CA PRO A 181 -25.48 50.23 17.73
C PRO A 181 -26.50 50.57 18.80
N LEU A 182 -27.79 50.64 18.42
CA LEU A 182 -28.87 51.05 19.35
C LEU A 182 -28.90 50.40 20.72
N THR A 183 -28.96 49.07 20.79
CA THR A 183 -29.00 48.36 22.07
C THR A 183 -27.78 48.59 22.94
N ALA A 184 -26.60 48.60 22.33
CA ALA A 184 -25.36 48.81 23.07
C ALA A 184 -25.32 50.21 23.70
N LEU A 185 -25.73 51.22 22.93
CA LEU A 185 -25.74 52.60 23.43
C LEU A 185 -26.82 52.83 24.48
N LYS A 186 -27.88 52.01 24.43
CA LYS A 186 -28.97 52.04 25.40
C LYS A 186 -28.43 51.45 26.71
N LEU A 187 -27.70 50.34 26.57
CA LEU A 187 -27.10 49.65 27.72
C LEU A 187 -26.12 50.59 28.44
N ALA A 188 -25.40 51.38 27.65
CA ALA A 188 -24.43 52.35 28.18
C ALA A 188 -25.09 53.33 29.15
N VAL A 189 -26.32 53.74 28.84
CA VAL A 189 -27.06 54.68 29.68
C VAL A 189 -27.40 54.03 31.03
N LEU A 190 -27.81 52.77 30.99
CA LEU A 190 -28.18 52.04 32.20
C LEU A 190 -27.00 51.63 33.05
N ALA A 191 -25.92 51.16 32.41
CA ALA A 191 -24.71 50.70 33.09
C ALA A 191 -23.79 51.82 33.58
N LYS A 192 -24.07 53.04 33.14
CA LYS A 192 -23.31 54.24 33.46
C LYS A 192 -22.86 54.30 34.92
N ASP A 193 -23.82 54.19 35.84
CA ASP A 193 -23.55 54.28 37.29
C ASP A 193 -23.30 52.97 38.02
N ILE A 194 -23.54 51.84 37.35
CA ILE A 194 -23.35 50.52 37.94
C ILE A 194 -21.87 50.20 38.19
N PHE A 195 -21.00 50.64 37.28
CA PHE A 195 -19.56 50.40 37.41
C PHE A 195 -18.83 51.71 37.66
N PRO A 196 -17.65 51.64 38.32
CA PRO A 196 -16.88 52.87 38.58
C PRO A 196 -16.46 53.54 37.25
N PRO A 197 -16.37 54.88 37.24
CA PRO A 197 -16.00 55.59 36.01
C PRO A 197 -14.76 55.02 35.32
N GLY A 198 -14.89 54.71 34.03
CA GLY A 198 -13.79 54.15 33.26
C GLY A 198 -13.76 52.65 33.13
N VAL A 199 -14.45 51.94 34.04
CA VAL A 199 -14.49 50.47 34.01
C VAL A 199 -15.21 49.96 32.76
N LEU A 200 -16.28 50.64 32.38
CA LEU A 200 -17.08 50.29 31.19
C LEU A 200 -17.16 51.50 30.26
N ASN A 201 -16.73 51.30 29.03
CA ASN A 201 -16.71 52.36 28.02
C ASN A 201 -17.37 51.87 26.76
N VAL A 202 -18.35 52.61 26.28
CA VAL A 202 -19.06 52.22 25.06
C VAL A 202 -18.86 53.28 23.98
N LEU A 203 -18.22 52.86 22.89
CA LEU A 203 -17.95 53.73 21.76
C LEU A 203 -18.80 53.33 20.56
N PHE A 204 -18.76 54.15 19.51
CA PHE A 204 -19.50 53.90 18.29
C PHE A 204 -18.75 54.36 17.04
N GLY A 205 -18.83 53.57 15.97
CA GLY A 205 -18.17 53.91 14.70
C GLY A 205 -17.81 52.73 13.82
N ARG A 206 -17.39 53.05 12.60
CA ARG A 206 -16.97 52.07 11.60
C ARG A 206 -15.62 51.48 12.01
N GLY A 207 -15.39 50.24 11.56
CA GLY A 207 -14.15 49.51 11.85
C GLY A 207 -12.89 50.19 11.36
N GLN A 208 -13.03 51.03 10.32
CA GLN A 208 -11.90 51.76 9.73
C GLN A 208 -11.48 52.97 10.57
N THR A 209 -12.45 53.74 11.03
CA THR A 209 -12.17 54.96 11.82
C THR A 209 -12.02 54.75 13.33
N VAL A 210 -12.96 54.03 13.94
CA VAL A 210 -12.92 53.79 15.38
C VAL A 210 -12.25 52.48 15.77
N GLY A 211 -12.71 51.38 15.15
CA GLY A 211 -12.19 50.04 15.41
C GLY A 211 -10.69 49.88 15.36
N ASP A 212 -10.07 50.39 14.29
CA ASP A 212 -8.62 50.30 14.12
C ASP A 212 -7.83 51.12 15.15
N VAL A 213 -8.38 52.27 15.54
CA VAL A 213 -7.72 53.12 16.54
C VAL A 213 -7.76 52.43 17.90
N LEU A 214 -8.88 51.77 18.20
CA LEU A 214 -9.09 51.05 19.45
C LEU A 214 -8.23 49.79 19.59
N THR A 215 -8.30 48.91 18.60
CA THR A 215 -7.55 47.65 18.61
C THR A 215 -6.03 47.85 18.51
N GLY A 216 -5.62 48.95 17.90
CA GLY A 216 -4.20 49.23 17.74
C GLY A 216 -3.59 50.04 18.86
N HIS A 217 -4.42 50.50 19.80
CA HIS A 217 -3.94 51.31 20.92
C HIS A 217 -2.94 50.53 21.78
N GLU A 218 -1.84 51.19 22.17
CA GLU A 218 -0.78 50.58 22.96
C GLU A 218 -1.20 50.06 24.35
N LYS A 219 -2.17 50.72 24.97
CA LYS A 219 -2.65 50.33 26.30
C LYS A 219 -3.69 49.22 26.35
N VAL A 220 -4.17 48.78 25.18
CA VAL A 220 -5.14 47.70 25.12
C VAL A 220 -4.35 46.39 25.23
N ARG A 221 -4.63 45.60 26.26
CA ARG A 221 -3.93 44.34 26.47
C ARG A 221 -4.53 43.16 25.72
N MET A 222 -5.85 43.18 25.53
CA MET A 222 -6.53 42.10 24.83
C MET A 222 -7.65 42.61 23.92
N VAL A 223 -7.83 41.92 22.79
CA VAL A 223 -8.87 42.26 21.82
C VAL A 223 -9.75 41.04 21.55
N SER A 224 -11.04 41.12 21.88
CA SER A 224 -11.96 40.02 21.61
C SER A 224 -12.90 40.42 20.49
N LEU A 225 -12.90 39.61 19.43
CA LEU A 225 -13.70 39.85 18.23
C LEU A 225 -14.64 38.73 17.82
N THR A 226 -15.74 39.14 17.20
CA THR A 226 -16.74 38.27 16.63
C THR A 226 -17.14 38.94 15.32
N GLY A 227 -16.94 38.22 14.22
CA GLY A 227 -17.28 38.73 12.90
C GLY A 227 -17.00 37.69 11.83
N SER A 228 -16.62 38.15 10.65
CA SER A 228 -16.32 37.26 9.53
C SER A 228 -14.81 36.97 9.52
N ILE A 229 -14.41 36.00 8.69
CA ILE A 229 -12.98 35.61 8.54
C ILE A 229 -12.17 36.79 7.98
N ALA A 230 -12.84 37.61 7.17
CA ALA A 230 -12.23 38.80 6.56
C ALA A 230 -11.83 39.88 7.58
N THR A 231 -12.78 40.30 8.42
CA THR A 231 -12.56 41.34 9.45
C THR A 231 -11.65 40.81 10.58
N GLY A 232 -11.60 39.48 10.72
CA GLY A 232 -10.78 38.82 11.74
C GLY A 232 -9.31 38.78 11.35
N GLU A 233 -9.06 38.56 10.06
CA GLU A 233 -7.71 38.52 9.50
C GLU A 233 -7.07 39.90 9.59
N HIS A 234 -7.89 40.92 9.34
CA HIS A 234 -7.49 42.33 9.37
C HIS A 234 -6.99 42.75 10.76
N ILE A 235 -7.73 42.39 11.80
CA ILE A 235 -7.38 42.73 13.18
C ILE A 235 -6.20 41.93 13.74
N LEU A 236 -6.13 40.65 13.37
CA LEU A 236 -5.04 39.76 13.85
C LEU A 236 -3.66 40.16 13.31
N ARG A 237 -3.62 40.74 12.11
CA ARG A 237 -2.36 41.18 11.48
C ARG A 237 -2.04 42.65 11.84
N HIS A 238 -3.04 43.33 12.41
CA HIS A 238 -2.93 44.72 12.83
C HIS A 238 -2.37 44.79 14.26
N THR A 239 -2.73 43.81 15.08
CA THR A 239 -2.28 43.72 16.49
C THR A 239 -1.05 42.83 16.67
N ALA A 240 -0.60 42.20 15.57
CA ALA A 240 0.55 41.30 15.58
C ALA A 240 1.89 41.87 16.11
N PRO A 241 2.23 43.15 15.75
CA PRO A 241 3.50 43.68 16.29
C PRO A 241 3.49 43.95 17.80
N ALA A 242 2.31 44.20 18.36
CA ALA A 242 2.15 44.49 19.80
C ALA A 242 2.10 43.22 20.67
N ILE A 243 1.95 42.07 20.01
CA ILE A 243 1.89 40.74 20.65
C ILE A 243 0.74 40.68 21.68
N LYS A 244 -0.39 41.27 21.31
CA LYS A 244 -1.60 41.31 22.11
C LYS A 244 -2.25 39.94 22.08
N ARG A 245 -2.99 39.59 23.12
CA ARG A 245 -3.68 38.32 23.14
C ARG A 245 -5.08 38.53 22.58
N THR A 246 -5.53 37.58 21.75
CA THR A 246 -6.83 37.69 21.10
C THR A 246 -7.84 36.58 21.47
N HIS A 247 -9.10 36.85 21.13
CA HIS A 247 -10.22 35.95 21.38
C HIS A 247 -11.03 36.06 20.09
N MET A 248 -10.95 35.03 19.24
CA MET A 248 -11.64 35.03 17.95
C MET A 248 -12.87 34.14 17.79
N GLU A 249 -13.92 34.73 17.24
CA GLU A 249 -15.19 34.05 16.93
C GLU A 249 -15.44 34.46 15.48
N LEU A 250 -15.11 33.58 14.54
CA LEU A 250 -15.21 33.93 13.13
C LEU A 250 -16.16 33.11 12.23
N GLY A 251 -17.41 32.95 12.67
CA GLY A 251 -18.41 32.21 11.91
C GLY A 251 -18.16 30.72 11.75
N GLY A 252 -18.97 30.08 10.92
CA GLY A 252 -18.86 28.65 10.67
C GLY A 252 -19.89 28.13 9.69
N LYS A 253 -19.69 26.89 9.25
CA LYS A 253 -20.59 26.25 8.32
C LYS A 253 -20.97 24.94 9.02
N ALA A 254 -21.87 25.04 10.00
CA ALA A 254 -22.33 23.90 10.82
C ALA A 254 -22.94 22.74 10.02
N PRO A 255 -22.30 21.55 10.07
CA PRO A 255 -22.87 20.42 9.36
C PRO A 255 -23.97 19.71 10.15
N VAL A 256 -24.97 19.21 9.43
CA VAL A 256 -26.08 18.49 10.03
C VAL A 256 -26.02 17.13 9.39
N ILE A 257 -25.53 16.14 10.15
CA ILE A 257 -25.38 14.77 9.64
C ILE A 257 -26.57 13.90 10.01
N VAL A 258 -27.32 13.48 8.99
CA VAL A 258 -28.53 12.67 9.19
C VAL A 258 -28.37 11.23 8.67
N PHE A 259 -28.56 10.25 9.56
CA PHE A 259 -28.48 8.83 9.18
C PHE A 259 -29.88 8.24 8.95
N ASP A 260 -29.95 7.11 8.22
CA ASP A 260 -31.21 6.41 7.90
C ASP A 260 -32.06 6.21 9.14
N ASP A 261 -31.33 6.00 10.21
CA ASP A 261 -31.74 5.75 11.56
C ASP A 261 -32.53 6.91 12.20
N ALA A 262 -32.31 8.14 11.71
CA ALA A 262 -32.93 9.36 12.25
C ALA A 262 -34.44 9.55 12.10
N ASP A 263 -34.99 10.42 12.94
CA ASP A 263 -36.39 10.79 12.92
C ASP A 263 -36.48 11.95 11.94
N LEU A 264 -36.88 11.64 10.71
CA LEU A 264 -36.96 12.66 9.64
C LEU A 264 -37.81 13.89 9.91
N ASP A 265 -38.95 13.71 10.57
CA ASP A 265 -39.84 14.83 10.92
C ASP A 265 -39.18 15.77 11.91
N ALA A 266 -38.44 15.20 12.84
CA ALA A 266 -37.72 15.98 13.86
C ALA A 266 -36.57 16.76 13.22
N VAL A 267 -35.96 16.18 12.18
CA VAL A 267 -34.87 16.84 11.46
C VAL A 267 -35.45 18.02 10.70
N ALA A 268 -36.54 17.76 9.97
CA ALA A 268 -37.23 18.78 9.17
C ALA A 268 -37.66 19.98 10.02
N GLN A 269 -38.24 19.71 11.18
CA GLN A 269 -38.68 20.75 12.09
C GLN A 269 -37.49 21.53 12.64
N GLY A 270 -36.41 20.81 12.93
CA GLY A 270 -35.18 21.39 13.45
C GLY A 270 -34.52 22.31 12.44
N VAL A 271 -34.39 21.84 11.20
CA VAL A 271 -33.77 22.64 10.14
C VAL A 271 -34.66 23.85 9.81
N ARG A 272 -35.97 23.67 9.92
CA ARG A 272 -36.93 24.73 9.65
C ARG A 272 -36.69 25.89 10.61
N THR A 273 -36.38 25.56 11.86
CA THR A 273 -36.15 26.56 12.88
C THR A 273 -34.71 27.05 12.90
N PHE A 274 -33.80 26.12 13.13
CA PHE A 274 -32.38 26.42 13.29
C PHE A 274 -31.58 26.78 12.04
N GLY A 275 -32.10 26.48 10.86
CA GLY A 275 -31.39 26.82 9.64
C GLY A 275 -31.81 28.18 9.11
N PHE A 276 -32.92 28.70 9.64
CA PHE A 276 -33.47 29.97 9.19
C PHE A 276 -33.75 30.99 10.31
N TYR A 277 -33.42 30.61 11.55
CA TYR A 277 -33.61 31.51 12.69
C TYR A 277 -32.70 32.70 12.48
N ASN A 278 -33.23 33.89 12.77
CA ASN A 278 -32.49 35.15 12.63
C ASN A 278 -32.03 35.30 11.18
N ALA A 279 -32.88 34.83 10.26
CA ALA A 279 -32.62 34.85 8.80
C ALA A 279 -31.33 34.11 8.40
N GLY A 280 -31.00 33.07 9.18
CA GLY A 280 -29.81 32.26 8.93
C GLY A 280 -28.51 32.99 9.20
N GLN A 281 -28.65 34.19 9.77
CA GLN A 281 -27.51 35.03 10.11
C GLN A 281 -26.98 34.63 11.48
N ASP A 282 -26.45 33.41 11.55
CA ASP A 282 -25.92 32.85 12.79
C ASP A 282 -24.81 31.86 12.48
N CYS A 283 -23.75 31.93 13.28
CA CYS A 283 -22.58 31.07 13.13
C CYS A 283 -22.88 29.56 13.34
N THR A 284 -23.95 29.28 14.09
CA THR A 284 -24.34 27.91 14.38
C THR A 284 -25.51 27.42 13.54
N ALA A 285 -25.97 28.24 12.60
CA ALA A 285 -27.11 27.88 11.75
C ALA A 285 -26.93 26.52 11.06
N ALA A 286 -27.99 25.71 11.11
CA ALA A 286 -28.00 24.38 10.49
C ALA A 286 -28.18 24.60 9.00
N CYS A 287 -27.09 24.92 8.32
CA CYS A 287 -27.12 25.25 6.90
C CYS A 287 -26.52 24.25 5.92
N ARG A 288 -25.78 23.28 6.43
CA ARG A 288 -25.10 22.32 5.61
C ARG A 288 -25.54 20.93 6.04
N ILE A 289 -26.41 20.31 5.26
CA ILE A 289 -26.94 18.99 5.59
C ILE A 289 -26.36 17.83 4.78
N TYR A 290 -25.97 16.78 5.50
CA TYR A 290 -25.47 15.57 4.89
C TYR A 290 -26.50 14.51 5.24
N ALA A 291 -27.25 14.08 4.23
CA ALA A 291 -28.30 13.07 4.42
C ALA A 291 -27.85 11.74 3.86
N GLN A 292 -27.99 10.68 4.64
CA GLN A 292 -27.59 9.36 4.20
C GLN A 292 -28.53 8.89 3.09
N ARG A 293 -27.95 8.26 2.06
CA ARG A 293 -28.67 7.78 0.87
C ARG A 293 -30.06 7.20 1.13
N GLY A 294 -30.16 6.28 2.08
CA GLY A 294 -31.42 5.64 2.43
C GLY A 294 -32.58 6.59 2.66
N ILE A 295 -32.34 7.66 3.41
CA ILE A 295 -33.38 8.65 3.73
C ILE A 295 -33.29 9.97 2.96
N TYR A 296 -32.30 10.08 2.07
CA TYR A 296 -32.07 11.31 1.30
C TYR A 296 -33.32 11.92 0.66
N ASP A 297 -33.90 11.21 -0.31
CA ASP A 297 -35.08 11.67 -1.03
C ASP A 297 -36.26 12.03 -0.14
N ALA A 298 -36.54 11.21 0.86
CA ALA A 298 -37.64 11.45 1.78
C ALA A 298 -37.43 12.74 2.57
N LEU A 299 -36.19 12.96 3.04
CA LEU A 299 -35.84 14.17 3.81
C LEU A 299 -35.93 15.45 2.97
N VAL A 300 -35.48 15.36 1.72
CA VAL A 300 -35.52 16.51 0.81
C VAL A 300 -36.96 16.98 0.64
N GLU A 301 -37.90 16.05 0.50
CA GLU A 301 -39.31 16.41 0.35
C GLU A 301 -39.86 17.03 1.63
N LYS A 302 -39.54 16.43 2.78
CA LYS A 302 -39.99 16.95 4.06
C LYS A 302 -39.46 18.35 4.33
N LEU A 303 -38.19 18.58 4.00
CA LEU A 303 -37.56 19.90 4.16
C LEU A 303 -38.22 20.93 3.27
N GLY A 304 -38.53 20.52 2.04
CA GLY A 304 -39.19 21.39 1.07
C GLY A 304 -40.48 21.93 1.64
N ASN A 305 -41.30 21.04 2.19
CA ASN A 305 -42.58 21.41 2.79
C ASN A 305 -42.41 22.28 4.03
N ALA A 306 -41.44 21.94 4.86
CA ALA A 306 -41.18 22.68 6.09
C ALA A 306 -40.64 24.09 5.84
N VAL A 307 -39.69 24.22 4.92
CA VAL A 307 -39.08 25.52 4.61
C VAL A 307 -40.04 26.48 3.90
N SER A 308 -40.76 25.99 2.89
CA SER A 308 -41.69 26.83 2.13
C SER A 308 -42.86 27.41 2.94
N SER A 309 -43.14 26.83 4.11
CA SER A 309 -44.23 27.31 4.96
C SER A 309 -43.82 28.45 5.90
N LEU A 310 -42.52 28.80 5.92
CA LEU A 310 -42.03 29.89 6.77
C LEU A 310 -42.66 31.21 6.38
N LYS A 311 -43.35 31.84 7.32
CA LYS A 311 -43.98 33.14 7.05
C LYS A 311 -43.06 34.33 7.31
N MET A 312 -42.86 35.06 6.23
CA MET A 312 -42.05 36.26 6.18
C MET A 312 -43.00 37.43 6.36
N GLY A 313 -42.58 38.45 7.10
CA GLY A 313 -43.43 39.62 7.32
C GLY A 313 -42.83 40.66 8.26
N ALA A 314 -43.70 41.54 8.77
CA ALA A 314 -43.31 42.61 9.68
C ALA A 314 -42.80 42.04 11.01
N PRO A 315 -41.63 42.52 11.49
CA PRO A 315 -41.04 42.02 12.73
C PRO A 315 -41.92 42.19 13.96
N GLU A 316 -42.73 43.24 14.00
CA GLU A 316 -43.61 43.47 15.17
C GLU A 316 -44.88 42.62 15.15
N ASP A 317 -45.15 41.95 14.03
CA ASP A 317 -46.32 41.09 13.89
C ASP A 317 -45.98 39.71 14.46
N GLU A 318 -46.80 39.26 15.42
CA GLU A 318 -46.63 37.99 16.14
C GLU A 318 -46.45 36.74 15.26
N SER A 319 -47.12 36.69 14.12
CA SER A 319 -47.04 35.54 13.21
C SER A 319 -45.75 35.42 12.40
N THR A 320 -44.99 36.50 12.28
CA THR A 320 -43.73 36.50 11.51
C THR A 320 -42.65 35.56 12.07
N GLU A 321 -42.22 34.64 11.21
CA GLU A 321 -41.19 33.66 11.56
C GLU A 321 -39.82 34.01 11.01
N LEU A 322 -39.80 34.64 9.84
CA LEU A 322 -38.55 35.03 9.19
C LEU A 322 -38.46 36.52 8.91
N GLY A 323 -37.36 37.12 9.36
CA GLY A 323 -37.12 38.54 9.17
C GLY A 323 -36.18 38.77 7.99
N PRO A 324 -35.77 40.04 7.78
CA PRO A 324 -34.87 40.35 6.68
C PRO A 324 -33.40 40.17 7.05
N LEU A 325 -32.51 40.38 6.09
CA LEU A 325 -31.08 40.31 6.31
C LEU A 325 -30.66 41.65 6.94
N SER A 326 -29.55 41.67 7.65
CA SER A 326 -29.06 42.86 8.35
C SER A 326 -28.88 44.18 7.56
N SER A 327 -28.37 44.10 6.34
CA SER A 327 -28.12 45.30 5.54
C SER A 327 -28.13 45.05 4.03
N LEU A 328 -28.14 46.14 3.27
CA LEU A 328 -28.14 46.10 1.81
C LEU A 328 -26.90 45.38 1.28
N ALA A 329 -25.76 45.64 1.92
CA ALA A 329 -24.48 45.03 1.55
C ALA A 329 -24.52 43.51 1.73
N HIS A 330 -25.09 43.06 2.86
CA HIS A 330 -25.18 41.65 3.14
C HIS A 330 -26.18 40.94 2.23
N LEU A 331 -27.24 41.66 1.85
CA LEU A 331 -28.26 41.12 0.95
C LEU A 331 -27.62 40.79 -0.39
N LYS A 332 -26.66 41.63 -0.79
CA LYS A 332 -25.93 41.46 -2.04
C LYS A 332 -24.99 40.26 -1.99
N ARG A 333 -24.33 40.04 -0.84
CA ARG A 333 -23.42 38.89 -0.70
C ARG A 333 -24.17 37.56 -0.73
N VAL A 334 -25.31 37.53 -0.04
CA VAL A 334 -26.15 36.34 0.00
C VAL A 334 -26.68 36.04 -1.40
N THR A 335 -27.20 37.07 -2.08
CA THR A 335 -27.74 36.90 -3.44
C THR A 335 -26.67 36.32 -4.38
N ALA A 336 -25.45 36.87 -4.30
CA ALA A 336 -24.33 36.41 -5.13
C ALA A 336 -23.98 34.95 -4.87
N ALA A 337 -23.91 34.58 -3.59
CA ALA A 337 -23.59 33.22 -3.18
C ALA A 337 -24.62 32.21 -3.67
N VAL A 338 -25.90 32.61 -3.67
CA VAL A 338 -26.99 31.75 -4.11
C VAL A 338 -27.00 31.65 -5.63
N GLU A 339 -26.68 32.76 -6.31
CA GLU A 339 -26.64 32.76 -7.77
C GLU A 339 -25.55 31.83 -8.30
N GLU A 340 -24.39 31.80 -7.64
CA GLU A 340 -23.28 30.92 -8.03
C GLU A 340 -23.72 29.45 -7.90
N ALA A 341 -24.52 29.17 -6.88
CA ALA A 341 -25.04 27.83 -6.64
C ALA A 341 -26.05 27.42 -7.71
N LYS A 342 -26.97 28.33 -8.06
CA LYS A 342 -27.99 28.05 -9.09
C LYS A 342 -27.34 27.82 -10.46
N ALA A 343 -26.22 28.49 -10.70
CA ALA A 343 -25.48 28.38 -11.96
C ALA A 343 -24.98 26.95 -12.22
N LEU A 344 -24.73 26.20 -11.14
CA LEU A 344 -24.27 24.81 -11.23
C LEU A 344 -25.44 23.93 -11.69
N SER A 345 -25.22 23.24 -12.82
CA SER A 345 -26.21 22.36 -13.44
C SER A 345 -26.85 21.31 -12.52
N HIS A 346 -26.06 20.72 -11.62
CA HIS A 346 -26.55 19.68 -10.71
C HIS A 346 -27.38 20.16 -9.51
N ILE A 347 -27.32 21.46 -9.19
CA ILE A 347 -28.07 22.01 -8.07
C ILE A 347 -29.56 22.15 -8.37
N ARG A 348 -30.39 21.59 -7.49
CA ARG A 348 -31.85 21.69 -7.58
C ARG A 348 -32.38 22.68 -6.56
N VAL A 349 -33.14 23.68 -7.02
CA VAL A 349 -33.72 24.64 -6.09
C VAL A 349 -35.06 24.05 -5.67
N ILE A 350 -35.14 23.59 -4.42
CA ILE A 350 -36.37 23.00 -3.90
C ILE A 350 -37.39 24.07 -3.54
N THR A 351 -36.93 25.14 -2.91
CA THR A 351 -37.79 26.25 -2.52
C THR A 351 -36.99 27.55 -2.44
N GLY A 352 -37.67 28.68 -2.55
CA GLY A 352 -37.02 30.00 -2.51
C GLY A 352 -36.15 30.20 -3.73
N GLY A 353 -34.96 30.73 -3.54
CA GLY A 353 -34.04 30.93 -4.66
C GLY A 353 -33.50 32.33 -4.80
N SER A 354 -34.36 33.34 -4.79
CA SER A 354 -33.90 34.71 -4.95
C SER A 354 -34.52 35.69 -3.95
N GLN A 355 -34.01 36.92 -3.96
CA GLN A 355 -34.51 37.99 -3.07
C GLN A 355 -35.92 38.41 -3.44
N THR A 356 -36.73 38.69 -2.43
CA THR A 356 -38.13 39.10 -2.65
C THR A 356 -38.27 40.60 -2.85
N GLU A 357 -39.21 40.98 -3.72
CA GLU A 357 -39.48 42.38 -4.04
C GLU A 357 -40.10 43.12 -2.88
N GLY A 358 -39.60 44.31 -2.58
CA GLY A 358 -40.12 45.12 -1.49
C GLY A 358 -39.06 46.03 -0.90
N LYS A 359 -39.48 46.92 -0.01
CA LYS A 359 -38.58 47.86 0.65
C LYS A 359 -37.44 47.26 1.48
N GLY A 360 -37.77 46.29 2.34
CA GLY A 360 -36.76 45.65 3.20
C GLY A 360 -35.71 44.82 2.49
N TYR A 361 -34.77 44.28 3.28
CA TYR A 361 -33.69 43.46 2.73
C TYR A 361 -34.06 41.98 2.90
N TYR A 362 -35.26 41.62 2.47
CA TYR A 362 -35.74 40.25 2.59
C TYR A 362 -35.19 39.33 1.51
N PHE A 363 -34.95 38.09 1.91
CA PHE A 363 -34.48 37.06 0.99
C PHE A 363 -35.30 35.82 1.35
N ALA A 364 -35.87 35.18 0.34
CA ALA A 364 -36.70 33.98 0.52
C ALA A 364 -35.94 32.80 1.09
N PRO A 365 -36.57 32.02 2.02
CA PRO A 365 -35.89 30.88 2.61
C PRO A 365 -35.58 29.88 1.48
N THR A 366 -34.30 29.69 1.22
CA THR A 366 -33.84 28.83 0.13
C THR A 366 -33.30 27.46 0.55
N LEU A 367 -33.67 26.44 -0.22
CA LEU A 367 -33.23 25.07 0.00
C LEU A 367 -32.62 24.56 -1.30
N LEU A 368 -31.32 24.26 -1.27
CA LEU A 368 -30.59 23.79 -2.45
C LEU A 368 -30.20 22.32 -2.25
N ALA A 369 -30.73 21.45 -3.10
CA ALA A 369 -30.45 20.01 -3.02
C ALA A 369 -29.44 19.53 -4.05
N ASP A 370 -29.00 18.28 -3.86
CA ASP A 370 -28.03 17.61 -4.75
C ASP A 370 -26.66 18.28 -4.81
N ALA A 371 -26.36 19.07 -3.78
CA ALA A 371 -25.08 19.77 -3.68
C ALA A 371 -23.99 18.75 -3.44
N LYS A 372 -22.81 19.00 -4.00
CA LYS A 372 -21.68 18.11 -3.84
C LYS A 372 -20.65 18.74 -2.89
N GLN A 373 -19.92 17.87 -2.19
CA GLN A 373 -18.90 18.28 -1.23
C GLN A 373 -17.98 19.44 -1.70
N GLU A 374 -17.49 19.35 -2.94
CA GLU A 374 -16.58 20.36 -3.50
C GLU A 374 -17.23 21.71 -3.84
N ASP A 375 -18.55 21.73 -4.02
CA ASP A 375 -19.28 22.97 -4.35
C ASP A 375 -19.04 24.10 -3.35
N ALA A 376 -19.03 25.33 -3.88
CA ALA A 376 -18.81 26.53 -3.06
C ALA A 376 -19.91 26.73 -2.04
N ILE A 377 -21.13 26.32 -2.38
CA ILE A 377 -22.27 26.45 -1.50
C ILE A 377 -22.14 25.60 -0.23
N VAL A 378 -21.30 24.56 -0.31
CA VAL A 378 -21.07 23.66 0.82
C VAL A 378 -19.80 24.05 1.59
N GLN A 379 -18.82 24.60 0.87
CA GLN A 379 -17.55 25.00 1.49
C GLN A 379 -17.54 26.39 2.17
N ARG A 380 -18.03 27.41 1.48
CA ARG A 380 -18.07 28.78 2.01
C ARG A 380 -19.35 29.08 2.79
N GLU A 381 -19.21 29.91 3.83
CA GLU A 381 -20.33 30.30 4.66
C GLU A 381 -21.19 31.31 3.88
N VAL A 382 -22.51 31.13 3.93
CA VAL A 382 -23.42 32.03 3.24
C VAL A 382 -23.96 33.07 4.23
N PHE A 383 -24.21 32.61 5.46
CA PHE A 383 -24.70 33.45 6.57
C PHE A 383 -26.03 34.13 6.17
N GLY A 384 -26.91 33.35 5.55
CA GLY A 384 -28.22 33.80 5.12
C GLY A 384 -29.24 32.69 5.27
N PRO A 385 -30.51 32.93 4.86
CA PRO A 385 -31.51 31.87 4.99
C PRO A 385 -31.40 30.86 3.85
N VAL A 386 -30.26 30.19 3.77
CA VAL A 386 -29.98 29.21 2.73
C VAL A 386 -29.46 27.90 3.33
N VAL A 387 -30.03 26.79 2.89
CA VAL A 387 -29.64 25.46 3.36
C VAL A 387 -29.36 24.53 2.18
N SER A 388 -28.27 23.78 2.26
CA SER A 388 -27.89 22.83 1.22
C SER A 388 -27.96 21.40 1.74
N ILE A 389 -28.29 20.45 0.86
CA ILE A 389 -28.36 19.03 1.23
C ILE A 389 -27.43 18.24 0.32
N THR A 390 -26.61 17.40 0.93
CA THR A 390 -25.66 16.55 0.23
C THR A 390 -25.90 15.11 0.66
N VAL A 391 -25.84 14.18 -0.29
CA VAL A 391 -26.04 12.76 0.03
C VAL A 391 -24.71 12.15 0.47
N PHE A 392 -24.77 11.13 1.32
CA PHE A 392 -23.54 10.40 1.75
C PHE A 392 -23.89 8.93 1.94
N ASP A 393 -22.88 8.09 2.15
CA ASP A 393 -23.09 6.64 2.32
C ASP A 393 -22.70 6.08 3.68
N ASP A 394 -21.40 6.12 4.02
CA ASP A 394 -20.87 5.60 5.29
C ASP A 394 -20.49 6.69 6.31
N GLU A 395 -20.17 6.26 7.54
CA GLU A 395 -19.75 7.19 8.59
C GLU A 395 -18.39 7.77 8.25
N ASP A 396 -17.44 6.88 7.95
CA ASP A 396 -16.06 7.27 7.61
C ASP A 396 -16.06 8.37 6.56
N GLN A 397 -16.91 8.21 5.54
CA GLN A 397 -17.03 9.17 4.46
C GLN A 397 -17.53 10.53 4.96
N VAL A 398 -18.68 10.55 5.63
CA VAL A 398 -19.27 11.80 6.11
C VAL A 398 -18.38 12.46 7.16
N LEU A 399 -17.68 11.66 7.97
CA LEU A 399 -16.77 12.17 8.99
C LEU A 399 -15.60 12.90 8.30
N ARG A 400 -15.02 12.30 7.26
CA ARG A 400 -13.93 12.96 6.52
C ARG A 400 -14.41 14.27 5.93
N TRP A 401 -15.61 14.26 5.32
CA TRP A 401 -16.15 15.48 4.73
C TRP A 401 -16.40 16.58 5.75
N ALA A 402 -17.03 16.22 6.88
CA ALA A 402 -17.30 17.18 7.94
C ALA A 402 -16.03 17.80 8.47
N ASN A 403 -14.98 16.98 8.65
CA ASN A 403 -13.69 17.44 9.16
C ASN A 403 -12.82 18.14 8.12
N ASP A 404 -13.07 17.91 6.84
CA ASP A 404 -12.31 18.58 5.77
C ASP A 404 -12.95 19.94 5.51
N SER A 405 -12.95 20.77 6.56
CA SER A 405 -13.53 22.09 6.52
C SER A 405 -12.65 23.07 7.25
N ARG A 406 -12.63 24.32 6.74
CA ARG A 406 -11.87 25.39 7.36
C ARG A 406 -12.54 25.82 8.66
N TYR A 407 -13.85 25.55 8.74
CA TYR A 407 -14.66 25.89 9.91
C TYR A 407 -14.65 24.77 10.95
N GLY A 408 -15.00 25.11 12.19
CA GLY A 408 -15.05 24.14 13.28
C GLY A 408 -15.78 24.64 14.51
N LEU A 409 -16.90 25.33 14.30
CA LEU A 409 -17.66 25.88 15.42
C LEU A 409 -18.74 24.98 16.04
N ALA A 410 -19.72 24.56 15.24
CA ALA A 410 -20.81 23.71 15.71
C ALA A 410 -21.17 22.64 14.70
N SER A 411 -21.96 21.64 15.14
CA SER A 411 -22.38 20.53 14.31
C SER A 411 -23.44 19.73 15.02
N SER A 412 -24.18 18.91 14.28
CA SER A 412 -25.18 18.04 14.88
C SER A 412 -25.25 16.70 14.15
N VAL A 413 -25.57 15.66 14.91
CA VAL A 413 -25.70 14.32 14.38
C VAL A 413 -27.10 13.84 14.77
N TRP A 414 -27.82 13.36 13.77
CA TRP A 414 -29.18 12.87 13.97
C TRP A 414 -29.18 11.37 13.71
N THR A 415 -29.33 10.60 14.78
CA THR A 415 -29.31 9.14 14.73
C THR A 415 -29.86 8.59 16.03
N GLN A 416 -30.36 7.35 16.00
CA GLN A 416 -30.89 6.72 17.20
C GLN A 416 -29.91 5.74 17.84
N ASP A 417 -28.84 5.41 17.13
CA ASP A 417 -27.82 4.47 17.62
C ASP A 417 -26.91 5.15 18.65
N VAL A 418 -26.91 4.60 19.86
CA VAL A 418 -26.10 5.13 20.97
C VAL A 418 -24.62 5.10 20.60
N GLY A 419 -24.17 3.96 20.07
CA GLY A 419 -22.79 3.76 19.65
C GLY A 419 -22.36 4.81 18.65
N ARG A 420 -23.13 4.93 17.58
CA ARG A 420 -22.84 5.91 16.52
C ARG A 420 -22.80 7.35 17.04
N ALA A 421 -23.78 7.74 17.85
CA ALA A 421 -23.86 9.08 18.40
C ALA A 421 -22.57 9.48 19.11
N HIS A 422 -22.08 8.61 19.99
CA HIS A 422 -20.85 8.87 20.75
C HIS A 422 -19.57 8.72 19.95
N ARG A 423 -19.57 7.77 19.03
CA ARG A 423 -18.42 7.52 18.19
C ARG A 423 -18.13 8.75 17.31
N LEU A 424 -19.18 9.32 16.71
CA LEU A 424 -19.01 10.53 15.87
C LEU A 424 -18.76 11.81 16.62
N SER A 425 -19.48 12.02 17.72
CA SER A 425 -19.30 13.23 18.49
C SER A 425 -17.88 13.31 19.09
N ALA A 426 -17.26 12.15 19.30
CA ALA A 426 -15.90 12.09 19.82
C ALA A 426 -14.88 12.46 18.74
N ARG A 427 -15.23 12.17 17.49
CA ARG A 427 -14.35 12.40 16.35
C ARG A 427 -14.59 13.66 15.51
N LEU A 428 -15.72 14.33 15.70
CA LEU A 428 -15.98 15.57 14.96
C LEU A 428 -15.07 16.69 15.41
N GLN A 429 -14.62 17.48 14.46
CA GLN A 429 -13.72 18.59 14.77
C GLN A 429 -14.49 19.89 14.80
N TYR A 430 -15.43 19.96 15.75
CA TYR A 430 -16.26 21.13 15.98
C TYR A 430 -16.37 21.39 17.46
N GLY A 431 -16.29 22.66 17.84
CA GLY A 431 -16.35 23.03 19.24
C GLY A 431 -17.60 22.59 19.95
N CYS A 432 -18.61 22.25 19.16
CA CYS A 432 -19.88 21.81 19.67
C CYS A 432 -20.55 20.77 18.77
N THR A 433 -21.12 19.75 19.39
CA THR A 433 -21.84 18.71 18.67
C THR A 433 -23.13 18.34 19.39
N TRP A 434 -24.26 18.59 18.73
CA TRP A 434 -25.56 18.26 19.28
C TRP A 434 -25.98 16.92 18.71
N ILE A 435 -26.76 16.17 19.48
CA ILE A 435 -27.26 14.88 19.03
C ILE A 435 -28.79 14.93 19.07
N ASN A 436 -29.40 14.75 17.90
CA ASN A 436 -30.87 14.77 17.75
C ASN A 436 -31.52 16.11 18.10
N THR A 437 -30.75 17.17 17.90
CA THR A 437 -31.18 18.55 18.13
C THR A 437 -30.11 19.42 17.49
N HIS A 438 -30.21 20.75 17.65
CA HIS A 438 -29.23 21.66 17.09
C HIS A 438 -29.51 23.05 17.62
N PHE A 439 -28.49 23.91 17.62
CA PHE A 439 -28.67 25.31 17.98
C PHE A 439 -28.90 25.63 19.46
N MET A 440 -29.06 24.61 20.31
CA MET A 440 -29.31 24.85 21.74
C MET A 440 -28.05 25.28 22.52
N LEU A 441 -28.10 26.47 23.09
CA LEU A 441 -26.99 27.01 23.88
C LEU A 441 -27.43 27.32 25.32
N VAL A 442 -26.51 27.10 26.25
CA VAL A 442 -26.74 27.38 27.67
C VAL A 442 -25.52 28.08 28.26
N SER A 443 -25.77 29.03 29.16
CA SER A 443 -24.72 29.82 29.79
C SER A 443 -23.57 29.03 30.43
N GLU A 444 -23.90 27.86 31.00
CA GLU A 444 -22.90 27.02 31.66
C GLU A 444 -21.91 26.34 30.71
N MET A 445 -22.36 26.05 29.49
CA MET A 445 -21.54 25.37 28.48
C MET A 445 -20.82 26.28 27.49
N PRO A 446 -19.54 25.97 27.18
CA PRO A 446 -18.69 26.74 26.28
C PRO A 446 -19.12 26.73 24.83
N HIS A 447 -18.88 27.86 24.17
CA HIS A 447 -19.22 28.03 22.77
C HIS A 447 -18.02 28.70 22.11
N GLY A 448 -17.35 27.95 21.24
CA GLY A 448 -16.17 28.47 20.56
C GLY A 448 -15.72 27.56 19.45
N GLY A 449 -15.05 28.16 18.47
CA GLY A 449 -14.58 27.41 17.32
C GLY A 449 -13.21 26.78 17.34
N GLN A 450 -12.95 26.08 16.25
CA GLN A 450 -11.72 25.37 15.99
C GLN A 450 -11.29 25.79 14.58
N LYS A 451 -9.99 25.72 14.30
CA LYS A 451 -9.42 26.07 12.98
C LYS A 451 -9.67 27.55 12.63
N GLN A 452 -10.27 27.81 11.47
CA GLN A 452 -10.56 29.19 11.03
C GLN A 452 -11.80 29.82 11.67
N SER A 453 -12.52 29.05 12.50
CA SER A 453 -13.69 29.56 13.21
C SER A 453 -13.22 30.34 14.44
N GLY A 454 -11.92 30.28 14.71
CA GLY A 454 -11.30 30.98 15.82
C GLY A 454 -10.80 30.13 16.97
N TYR A 455 -10.61 30.79 18.09
CA TYR A 455 -10.13 30.20 19.34
C TYR A 455 -10.64 31.06 20.51
N GLY A 456 -10.69 30.46 21.68
CA GLY A 456 -11.21 31.16 22.86
C GLY A 456 -12.70 30.89 22.90
N LYS A 457 -13.29 30.89 24.09
CA LYS A 457 -14.72 30.59 24.20
C LYS A 457 -15.62 31.62 24.85
N ASP A 458 -16.89 31.58 24.45
CA ASP A 458 -17.92 32.46 24.97
C ASP A 458 -18.78 31.61 25.89
N MET A 459 -19.19 32.21 27.02
CA MET A 459 -20.00 31.51 28.04
C MET A 459 -19.18 30.45 28.80
N SER A 460 -19.73 29.94 29.91
CA SER A 460 -19.10 28.92 30.79
C SER A 460 -17.90 29.47 31.57
N LEU A 461 -17.35 28.63 32.46
CA LEU A 461 -16.17 29.00 33.23
C LEU A 461 -14.97 29.19 32.32
N TYR A 462 -14.97 28.49 31.18
CA TYR A 462 -13.88 28.60 30.22
C TYR A 462 -13.87 29.98 29.59
N GLY A 463 -15.07 30.55 29.46
CA GLY A 463 -15.25 31.89 28.89
C GLY A 463 -14.66 32.93 29.81
N LEU A 464 -14.76 32.69 31.11
CA LEU A 464 -14.23 33.60 32.11
C LEU A 464 -12.71 33.48 32.22
N GLU A 465 -12.22 32.26 32.08
CA GLU A 465 -10.79 31.98 32.17
C GLU A 465 -9.98 32.66 31.09
N ASP A 466 -10.59 32.88 29.92
CA ASP A 466 -9.91 33.55 28.81
C ASP A 466 -9.58 35.01 29.11
N TYR A 467 -10.27 35.57 30.11
CA TYR A 467 -10.07 36.96 30.53
C TYR A 467 -9.24 37.10 31.80
N THR A 468 -8.60 36.01 32.19
CA THR A 468 -7.74 35.99 33.37
C THR A 468 -6.32 35.60 32.99
N LEU A 469 -5.40 35.79 33.92
CA LEU A 469 -3.99 35.45 33.74
C LEU A 469 -3.58 34.51 34.86
N VAL A 470 -3.20 33.28 34.51
CA VAL A 470 -2.73 32.32 35.50
C VAL A 470 -1.36 32.82 35.97
N ARG A 471 -1.16 32.88 37.29
CA ARG A 471 0.11 33.35 37.83
C ARG A 471 0.57 32.40 38.92
N HIS A 472 1.87 32.12 38.92
CA HIS A 472 2.46 31.24 39.91
C HIS A 472 3.29 32.02 40.91
N ILE A 473 2.86 31.96 42.16
CA ILE A 473 3.53 32.67 43.25
C ILE A 473 4.18 31.62 44.13
N MET A 474 5.48 31.79 44.37
CA MET A 474 6.24 30.84 45.16
C MET A 474 7.01 31.53 46.27
N VAL A 475 6.67 31.18 47.52
CA VAL A 475 7.30 31.76 48.71
C VAL A 475 8.25 30.78 49.37
N LYS A 476 9.49 31.21 49.60
CA LYS A 476 10.49 30.36 50.24
C LYS A 476 10.39 30.44 51.75
N HIS A 477 10.34 29.29 52.43
CA HIS A 477 10.27 29.29 53.88
C HIS A 477 11.62 29.66 54.47
N GLN B 5 26.96 11.41 10.81
CA GLN B 5 26.19 12.63 10.59
C GLN B 5 24.83 12.34 11.17
N TYR B 6 24.27 13.30 11.91
CA TYR B 6 22.92 13.15 12.51
C TYR B 6 21.83 13.22 11.44
N GLN B 7 20.81 12.41 11.63
CA GLN B 7 19.69 12.31 10.70
C GLN B 7 18.39 12.94 11.22
N LEU B 8 17.41 13.03 10.31
CA LEU B 8 16.10 13.59 10.62
C LEU B 8 15.13 12.45 10.87
N LEU B 9 14.10 12.71 11.67
CA LEU B 9 13.09 11.70 11.94
C LEU B 9 11.81 12.08 11.23
N ILE B 10 11.49 11.33 10.17
CA ILE B 10 10.27 11.55 9.39
C ILE B 10 9.53 10.23 9.23
N ASN B 11 8.28 10.22 9.67
CA ASN B 11 7.38 9.05 9.59
C ASN B 11 8.03 7.75 10.12
N GLY B 12 8.62 7.85 11.31
CA GLY B 12 9.27 6.70 11.98
C GLY B 12 10.56 6.19 11.36
N VAL B 13 11.08 6.94 10.39
CA VAL B 13 12.31 6.57 9.70
C VAL B 13 13.35 7.69 9.81
N LEU B 14 14.61 7.30 9.94
CA LEU B 14 15.72 8.26 10.00
C LEU B 14 16.26 8.48 8.59
N VAL B 15 16.27 9.73 8.14
CA VAL B 15 16.75 10.09 6.80
C VAL B 15 17.71 11.28 6.80
N ASP B 16 18.55 11.36 5.76
CA ASP B 16 19.49 12.46 5.60
C ASP B 16 18.76 13.64 4.99
N GLY B 17 19.07 14.84 5.46
CA GLY B 17 18.45 16.05 4.92
C GLY B 17 18.86 16.27 3.47
N GLU B 18 17.91 16.68 2.65
CA GLU B 18 18.18 16.92 1.22
C GLU B 18 18.57 18.37 0.98
N GLY B 19 18.45 19.21 2.01
CA GLY B 19 18.79 20.62 1.93
C GLY B 19 20.28 20.90 2.02
N GLU B 20 20.63 22.19 2.12
CA GLU B 20 22.05 22.57 2.18
C GLU B 20 22.68 22.31 3.56
N ARG B 21 23.97 21.98 3.53
CA ARG B 21 24.77 21.69 4.72
C ARG B 21 24.91 22.94 5.58
N GLN B 22 24.76 22.75 6.89
CA GLN B 22 24.85 23.86 7.81
C GLN B 22 25.85 23.46 8.90
N SER B 23 26.74 24.36 9.25
CA SER B 23 27.74 24.04 10.27
C SER B 23 27.30 24.40 11.70
N VAL B 24 27.54 23.46 12.62
CA VAL B 24 27.20 23.62 14.03
C VAL B 24 28.48 23.87 14.83
N TYR B 25 28.52 24.99 15.54
CA TYR B 25 29.68 25.41 16.33
C TYR B 25 29.70 25.02 17.81
N ASN B 26 30.91 25.00 18.36
CA ASN B 26 31.15 24.74 19.77
C ASN B 26 31.51 26.13 20.29
N PRO B 27 30.57 26.78 20.99
CA PRO B 27 30.73 28.13 21.52
C PRO B 27 31.91 28.33 22.47
N ALA B 28 32.38 27.26 23.09
CA ALA B 28 33.51 27.34 24.01
C ALA B 28 34.85 27.44 23.28
N THR B 29 34.93 26.82 22.10
CA THR B 29 36.17 26.82 21.31
C THR B 29 36.08 27.67 20.04
N GLY B 30 34.86 28.02 19.62
CA GLY B 30 34.64 28.81 18.42
C GLY B 30 34.81 28.00 17.14
N GLU B 31 35.13 26.71 17.31
CA GLU B 31 35.36 25.75 16.22
C GLU B 31 34.06 25.08 15.79
N VAL B 32 34.06 24.50 14.60
CA VAL B 32 32.90 23.79 14.08
C VAL B 32 32.96 22.34 14.57
N ILE B 33 31.85 21.87 15.14
CA ILE B 33 31.73 20.51 15.65
C ILE B 33 31.44 19.55 14.49
N LEU B 34 30.36 19.84 13.78
CA LEU B 34 29.88 19.04 12.66
C LEU B 34 29.15 19.89 11.63
N GLU B 35 28.79 19.24 10.52
CA GLU B 35 28.07 19.86 9.44
C GLU B 35 26.88 18.93 9.20
N ILE B 36 25.67 19.48 9.30
CA ILE B 36 24.45 18.71 9.12
C ILE B 36 23.63 19.25 7.94
N ALA B 37 23.07 18.34 7.16
CA ALA B 37 22.25 18.72 6.02
C ALA B 37 20.82 19.04 6.46
N GLU B 38 20.34 20.22 6.07
CA GLU B 38 18.98 20.68 6.41
C GLU B 38 17.89 19.87 5.73
N ALA B 39 16.67 20.07 6.20
CA ALA B 39 15.52 19.41 5.62
C ALA B 39 15.15 20.23 4.38
N SER B 40 14.80 19.54 3.30
CA SER B 40 14.40 20.23 2.07
C SER B 40 12.92 20.59 2.22
N PRO B 41 12.43 21.59 1.44
CA PRO B 41 11.01 21.96 1.53
C PRO B 41 10.06 20.77 1.34
N ALA B 42 10.48 19.79 0.53
CA ALA B 42 9.70 18.57 0.26
C ALA B 42 9.66 17.67 1.51
N GLN B 43 10.78 17.62 2.24
CA GLN B 43 10.86 16.82 3.47
C GLN B 43 10.03 17.42 4.60
N VAL B 44 9.95 18.75 4.65
CA VAL B 44 9.15 19.45 5.66
C VAL B 44 7.70 19.11 5.39
N ASP B 45 7.33 19.06 4.10
CA ASP B 45 5.98 18.72 3.70
C ASP B 45 5.73 17.25 4.07
N ALA B 46 6.69 16.37 3.73
CA ALA B 46 6.60 14.94 4.04
C ALA B 46 6.40 14.69 5.54
N ALA B 47 7.07 15.49 6.36
CA ALA B 47 6.96 15.38 7.81
C ALA B 47 5.56 15.75 8.28
N VAL B 48 5.01 16.85 7.75
CA VAL B 48 3.65 17.30 8.11
C VAL B 48 2.61 16.28 7.63
N GLN B 49 2.79 15.74 6.43
CA GLN B 49 1.88 14.74 5.88
C GLN B 49 1.88 13.50 6.78
N ALA B 50 3.08 13.10 7.22
CA ALA B 50 3.25 11.94 8.09
C ALA B 50 2.49 12.13 9.40
N ALA B 51 2.57 13.34 9.95
CA ALA B 51 1.89 13.67 11.19
C ALA B 51 0.38 13.69 10.99
N ASP B 52 -0.06 14.29 9.88
CA ASP B 52 -1.48 14.39 9.55
C ASP B 52 -2.14 13.00 9.42
N ASN B 53 -1.44 12.08 8.77
CA ASN B 53 -1.94 10.70 8.60
C ASN B 53 -1.96 9.94 9.90
N ALA B 54 -0.89 10.10 10.68
CA ALA B 54 -0.75 9.43 11.98
C ALA B 54 -1.79 9.86 13.01
N PHE B 55 -2.32 11.08 12.84
CA PHE B 55 -3.31 11.65 13.77
C PHE B 55 -4.63 10.89 13.90
N ALA B 56 -5.11 10.32 12.80
CA ALA B 56 -6.37 9.57 12.84
C ALA B 56 -6.33 8.48 13.90
N GLU B 57 -5.21 7.75 13.95
CA GLU B 57 -5.02 6.66 14.91
C GLU B 57 -4.58 7.18 16.28
N TRP B 58 -3.55 8.02 16.29
CA TRP B 58 -2.97 8.59 17.53
C TRP B 58 -3.91 9.43 18.39
N GLY B 59 -4.80 10.18 17.73
CA GLY B 59 -5.77 11.02 18.44
C GLY B 59 -6.84 10.23 19.18
N GLN B 60 -6.98 8.94 18.84
CA GLN B 60 -7.98 8.08 19.48
C GLN B 60 -7.39 7.21 20.58
N THR B 61 -6.07 7.28 20.77
CA THR B 61 -5.44 6.48 21.82
C THR B 61 -5.93 6.97 23.18
N THR B 62 -5.90 6.09 24.17
CA THR B 62 -6.33 6.41 25.51
C THR B 62 -5.25 7.20 26.23
N PRO B 63 -5.64 8.04 27.22
CA PRO B 63 -4.62 8.76 27.96
C PRO B 63 -3.60 7.78 28.56
N LYS B 64 -4.07 6.59 28.93
CA LYS B 64 -3.20 5.56 29.50
C LYS B 64 -2.10 5.15 28.52
N ALA B 65 -2.49 4.91 27.27
CA ALA B 65 -1.56 4.51 26.21
C ALA B 65 -0.49 5.58 25.99
N ARG B 66 -0.91 6.84 26.02
CA ARG B 66 0.01 7.96 25.82
C ARG B 66 0.94 8.12 27.01
N ALA B 67 0.41 7.94 28.21
CA ALA B 67 1.19 8.05 29.43
C ALA B 67 2.33 7.02 29.40
N GLU B 68 2.01 5.83 28.90
CA GLU B 68 2.99 4.76 28.79
C GLU B 68 4.12 5.07 27.81
N CYS B 69 3.80 5.80 26.74
CA CYS B 69 4.83 6.19 25.76
C CYS B 69 5.76 7.23 26.40
N LEU B 70 5.18 8.21 27.08
CA LEU B 70 5.96 9.26 27.74
C LEU B 70 6.86 8.71 28.84
N LEU B 71 6.34 7.76 29.63
CA LEU B 71 7.14 7.14 30.69
C LEU B 71 8.29 6.36 30.10
N LYS B 72 8.04 5.72 28.97
CA LYS B 72 9.05 4.92 28.28
C LYS B 72 10.12 5.86 27.69
N LEU B 73 9.69 7.01 27.19
CA LEU B 73 10.60 8.02 26.64
C LEU B 73 11.48 8.61 27.75
N ALA B 74 10.87 8.89 28.91
CA ALA B 74 11.58 9.44 30.06
C ALA B 74 12.69 8.48 30.52
N ASP B 75 12.39 7.18 30.53
CA ASP B 75 13.38 6.16 30.91
C ASP B 75 14.55 6.17 29.97
N SER B 76 14.27 6.25 28.67
CA SER B 76 15.29 6.27 27.64
C SER B 76 16.25 7.45 27.84
N ILE B 77 15.70 8.62 28.17
CA ILE B 77 16.51 9.82 28.39
C ILE B 77 17.35 9.69 29.66
N GLU B 78 16.75 9.16 30.72
CA GLU B 78 17.43 8.97 32.00
C GLU B 78 18.59 8.00 31.90
N GLN B 79 18.40 6.95 31.10
CA GLN B 79 19.42 5.93 30.88
C GLN B 79 20.58 6.47 30.04
N ASN B 80 20.27 7.47 29.22
CA ASN B 80 21.25 8.13 28.35
C ASN B 80 21.60 9.54 28.83
N ALA B 81 21.34 9.80 30.12
CA ALA B 81 21.58 11.10 30.76
C ALA B 81 22.95 11.69 30.47
N LEU B 82 24.00 10.91 30.75
CA LEU B 82 25.37 11.33 30.55
C LEU B 82 25.70 11.76 29.12
N GLU B 83 25.22 10.98 28.13
CA GLU B 83 25.44 11.29 26.71
C GLU B 83 24.78 12.61 26.30
N PHE B 84 23.52 12.79 26.72
CA PHE B 84 22.79 14.04 26.44
C PHE B 84 23.51 15.23 27.08
N ALA B 85 23.99 15.03 28.31
CA ALA B 85 24.70 16.07 29.04
C ALA B 85 25.95 16.53 28.27
N ARG B 86 26.74 15.58 27.76
CA ARG B 86 27.95 15.90 27.01
C ARG B 86 27.62 16.65 25.72
N LEU B 87 26.59 16.19 24.99
CA LEU B 87 26.18 16.88 23.75
C LEU B 87 25.70 18.29 24.01
N GLU B 88 24.79 18.45 24.98
CA GLU B 88 24.22 19.73 25.34
C GLU B 88 25.32 20.71 25.75
N SER B 89 26.27 20.22 26.55
CA SER B 89 27.39 21.01 27.03
C SER B 89 28.34 21.40 25.90
N GLN B 90 28.62 20.46 25.01
CA GLN B 90 29.51 20.68 23.88
C GLN B 90 28.91 21.69 22.88
N ASN B 91 27.61 21.55 22.63
CA ASN B 91 26.91 22.40 21.67
C ASN B 91 26.48 23.78 22.22
N CYS B 92 26.24 23.88 23.52
CA CYS B 92 25.77 25.17 24.09
C CYS B 92 26.78 25.93 24.93
N GLY B 93 27.80 25.23 25.43
CA GLY B 93 28.80 25.87 26.26
C GLY B 93 28.44 25.85 27.74
N LYS B 94 27.31 25.23 28.04
CA LYS B 94 26.81 25.09 29.41
C LYS B 94 27.79 24.25 30.22
N PRO B 95 28.13 24.69 31.45
CA PRO B 95 29.04 23.86 32.25
C PRO B 95 28.41 22.46 32.41
N LEU B 96 29.19 21.43 32.10
CA LEU B 96 28.73 20.04 32.15
C LEU B 96 28.03 19.62 33.43
N HIS B 97 28.60 19.95 34.58
CA HIS B 97 28.02 19.57 35.87
C HIS B 97 26.61 20.12 36.09
N CYS B 98 26.32 21.30 35.55
CA CYS B 98 24.99 21.90 35.66
C CYS B 98 23.97 21.13 34.83
N VAL B 99 24.40 20.67 33.65
CA VAL B 99 23.53 19.91 32.77
C VAL B 99 23.19 18.55 33.40
N ILE B 100 24.19 17.87 33.95
CA ILE B 100 24.01 16.55 34.58
C ILE B 100 23.13 16.61 35.82
N ASN B 101 23.34 17.65 36.64
CA ASN B 101 22.60 17.83 37.90
C ASN B 101 21.28 18.57 37.83
N ASP B 102 21.19 19.60 36.99
CA ASP B 102 19.97 20.41 36.88
C ASP B 102 19.08 20.07 35.69
N GLU B 103 19.58 20.26 34.48
CA GLU B 103 18.81 20.06 33.25
C GLU B 103 18.26 18.67 32.93
N ILE B 104 19.14 17.67 32.81
CA ILE B 104 18.67 16.32 32.48
C ILE B 104 17.58 15.82 33.43
N PRO B 105 17.80 15.87 34.77
CA PRO B 105 16.74 15.43 35.68
C PRO B 105 15.44 16.21 35.49
N ALA B 106 15.54 17.51 35.19
CA ALA B 106 14.37 18.36 34.96
C ALA B 106 13.60 17.88 33.73
N ILE B 107 14.34 17.57 32.65
CA ILE B 107 13.79 17.07 31.40
C ILE B 107 13.05 15.76 31.65
N VAL B 108 13.73 14.82 32.33
CA VAL B 108 13.16 13.54 32.67
C VAL B 108 11.86 13.76 33.47
N ASP B 109 11.92 14.66 34.45
CA ASP B 109 10.77 14.94 35.28
C ASP B 109 9.60 15.51 34.48
N VAL B 110 9.90 16.37 33.50
CA VAL B 110 8.85 16.97 32.66
C VAL B 110 8.06 15.87 31.95
N PHE B 111 8.75 14.91 31.34
CA PHE B 111 8.05 13.82 30.67
C PHE B 111 7.22 13.01 31.65
N ARG B 112 7.79 12.67 32.80
CA ARG B 112 7.04 11.91 33.80
C ARG B 112 5.83 12.68 34.28
N PHE B 113 5.99 13.98 34.52
CA PHE B 113 4.87 14.79 34.96
C PHE B 113 3.73 14.75 33.96
N PHE B 114 4.03 15.02 32.69
CA PHE B 114 2.99 15.00 31.67
C PHE B 114 2.38 13.63 31.43
N ALA B 115 3.15 12.58 31.68
CA ALA B 115 2.65 11.22 31.54
C ALA B 115 1.49 11.08 32.54
N GLY B 116 1.67 11.61 33.73
CA GLY B 116 0.64 11.55 34.77
C GLY B 116 -0.48 12.53 34.48
N ALA B 117 -0.11 13.75 34.10
CA ALA B 117 -1.08 14.82 33.80
C ALA B 117 -2.04 14.44 32.67
N ALA B 118 -1.56 13.66 31.71
CA ALA B 118 -2.37 13.23 30.57
C ALA B 118 -3.67 12.51 30.99
N ARG B 119 -3.64 11.88 32.16
CA ARG B 119 -4.78 11.12 32.67
C ARG B 119 -5.62 11.90 33.69
N CYS B 120 -5.34 13.19 33.88
CA CYS B 120 -6.03 13.99 34.89
C CYS B 120 -6.69 15.28 34.40
N LEU B 121 -7.09 15.32 33.13
CA LEU B 121 -7.71 16.52 32.55
C LEU B 121 -9.03 16.92 33.15
N SER B 122 -9.20 18.22 33.38
CA SER B 122 -10.42 18.80 33.97
C SER B 122 -11.51 19.03 32.93
N GLY B 123 -12.74 18.96 33.41
CA GLY B 123 -13.92 19.19 32.60
C GLY B 123 -14.97 19.77 33.51
N LEU B 124 -16.17 19.97 32.99
CA LEU B 124 -17.25 20.46 33.83
C LEU B 124 -18.13 19.26 34.08
N ALA B 125 -18.92 19.32 35.13
CA ALA B 125 -19.81 18.23 35.46
C ALA B 125 -20.80 18.02 34.34
N ALA B 126 -20.93 16.77 33.90
CA ALA B 126 -21.91 16.46 32.87
C ALA B 126 -23.29 16.51 33.56
N GLY B 127 -24.32 16.90 32.82
CA GLY B 127 -25.65 16.96 33.40
C GLY B 127 -26.67 17.64 32.53
N GLU B 128 -27.83 17.92 33.10
CA GLU B 128 -28.89 18.58 32.38
C GLU B 128 -28.93 20.07 32.67
N TYR B 129 -28.20 20.84 31.86
CA TYR B 129 -28.18 22.30 32.00
C TYR B 129 -29.40 22.90 31.29
N LEU B 130 -29.96 22.09 30.39
CA LEU B 130 -31.16 22.42 29.69
C LEU B 130 -32.07 21.21 29.84
N GLU B 131 -33.29 21.42 30.34
CA GLU B 131 -34.26 20.35 30.54
C GLU B 131 -34.30 19.38 29.36
N GLY B 132 -34.15 18.09 29.66
CA GLY B 132 -34.20 17.04 28.64
C GLY B 132 -33.02 16.92 27.71
N HIS B 133 -31.86 17.43 28.13
CA HIS B 133 -30.64 17.36 27.34
C HIS B 133 -29.43 17.12 28.22
N THR B 134 -28.63 16.09 27.91
CA THR B 134 -27.42 15.83 28.69
C THR B 134 -26.23 16.48 27.98
N SER B 135 -25.54 17.37 28.69
CA SER B 135 -24.36 18.03 28.16
C SER B 135 -23.15 17.44 28.83
N MET B 136 -22.05 17.33 28.09
CA MET B 136 -20.80 16.82 28.66
C MET B 136 -19.67 17.60 28.00
N ILE B 137 -18.51 17.61 28.64
CA ILE B 137 -17.37 18.32 28.09
C ILE B 137 -16.17 17.42 27.96
N ARG B 138 -15.63 17.37 26.74
CA ARG B 138 -14.46 16.57 26.45
C ARG B 138 -13.31 17.44 26.00
N ARG B 139 -12.08 16.98 26.23
CA ARG B 139 -10.88 17.70 25.81
C ARG B 139 -10.16 16.83 24.78
N ASP B 140 -10.35 17.17 23.51
CA ASP B 140 -9.74 16.41 22.42
C ASP B 140 -8.46 17.05 21.88
N PRO B 141 -7.58 16.25 21.23
CA PRO B 141 -6.35 16.82 20.69
C PRO B 141 -6.63 17.83 19.56
N ILE B 142 -5.71 18.76 19.35
CA ILE B 142 -5.83 19.78 18.32
C ILE B 142 -5.58 19.24 16.91
N GLY B 143 -4.56 18.41 16.76
CA GLY B 143 -4.20 17.83 15.47
C GLY B 143 -2.69 17.83 15.29
N VAL B 144 -2.23 18.40 14.18
CA VAL B 144 -0.79 18.49 13.90
C VAL B 144 -0.22 19.76 14.53
N VAL B 145 0.83 19.57 15.35
CA VAL B 145 1.47 20.69 16.03
C VAL B 145 2.91 20.88 15.56
N ALA B 146 3.25 22.14 15.25
CA ALA B 146 4.60 22.50 14.82
C ALA B 146 5.27 23.20 15.99
N SER B 147 6.40 22.64 16.44
CA SER B 147 7.15 23.22 17.55
C SER B 147 8.52 23.74 17.13
N ILE B 148 8.80 24.98 17.51
CA ILE B 148 10.08 25.61 17.21
C ILE B 148 10.79 25.85 18.54
N ALA B 149 11.91 25.14 18.73
CA ALA B 149 12.71 25.25 19.96
C ALA B 149 13.80 26.32 19.83
N PRO B 150 14.10 27.01 20.95
CA PRO B 150 15.15 28.04 20.96
C PRO B 150 16.53 27.44 21.21
N TRP B 151 17.56 28.28 21.17
CA TRP B 151 18.94 27.82 21.37
C TRP B 151 19.49 27.83 22.80
N ASN B 152 18.83 28.53 23.73
CA ASN B 152 19.32 28.61 25.11
C ASN B 152 19.21 27.30 25.90
N TYR B 153 18.06 26.62 25.81
CA TYR B 153 17.86 25.33 26.48
C TYR B 153 17.28 24.36 25.44
N PRO B 154 18.12 23.94 24.47
CA PRO B 154 17.70 23.06 23.35
C PRO B 154 16.86 21.84 23.73
N LEU B 155 17.41 20.96 24.55
CA LEU B 155 16.70 19.74 24.94
C LEU B 155 15.55 20.00 25.91
N MET B 156 15.74 20.92 26.85
CA MET B 156 14.69 21.23 27.84
C MET B 156 13.45 21.82 27.17
N MET B 157 13.65 22.85 26.34
CA MET B 157 12.50 23.45 25.61
C MET B 157 11.87 22.46 24.65
N ALA B 158 12.65 21.51 24.15
CA ALA B 158 12.12 20.49 23.27
C ALA B 158 11.14 19.67 24.11
N ALA B 159 11.55 19.33 25.34
CA ALA B 159 10.73 18.56 26.27
C ALA B 159 9.45 19.33 26.63
N TRP B 160 9.59 20.63 26.91
CA TRP B 160 8.48 21.51 27.25
C TRP B 160 7.44 21.60 26.14
N LYS B 161 7.86 21.35 24.91
CA LYS B 161 6.96 21.39 23.76
C LYS B 161 6.44 20.02 23.33
N LEU B 162 7.26 18.99 23.49
CA LEU B 162 6.86 17.64 23.11
C LEU B 162 5.96 16.98 24.13
N ALA B 163 6.34 17.03 25.39
CA ALA B 163 5.57 16.39 26.46
C ALA B 163 4.07 16.73 26.47
N PRO B 164 3.69 18.02 26.65
CA PRO B 164 2.26 18.30 26.65
C PRO B 164 1.57 17.99 25.32
N ALA B 165 2.21 18.32 24.21
CA ALA B 165 1.64 18.08 22.88
C ALA B 165 1.31 16.61 22.67
N LEU B 166 2.26 15.73 22.97
CA LEU B 166 2.09 14.29 22.81
C LEU B 166 1.10 13.73 23.84
N ALA B 167 1.19 14.21 25.08
CA ALA B 167 0.29 13.76 26.14
C ALA B 167 -1.17 14.07 25.79
N ALA B 168 -1.39 15.22 25.17
CA ALA B 168 -2.74 15.64 24.77
C ALA B 168 -3.27 14.83 23.60
N GLY B 169 -2.39 14.11 22.91
CA GLY B 169 -2.79 13.27 21.77
C GLY B 169 -2.57 13.86 20.39
N ASN B 170 -1.68 14.85 20.31
CA ASN B 170 -1.36 15.49 19.05
C ASN B 170 -0.16 14.83 18.38
N CYS B 171 0.04 15.16 17.11
CA CYS B 171 1.20 14.69 16.36
C CYS B 171 2.08 15.90 16.23
N VAL B 172 3.38 15.71 16.47
CA VAL B 172 4.30 16.84 16.44
C VAL B 172 5.39 16.78 15.37
N VAL B 173 5.72 17.97 14.87
CA VAL B 173 6.81 18.15 13.93
C VAL B 173 7.60 19.25 14.64
N ILE B 174 8.77 18.89 15.16
CA ILE B 174 9.59 19.85 15.90
C ILE B 174 10.91 20.19 15.18
N LYS B 175 11.25 21.47 15.22
CA LYS B 175 12.47 21.97 14.62
C LYS B 175 13.26 22.68 15.71
N PRO B 176 14.44 22.15 16.07
CA PRO B 176 15.25 22.84 17.06
C PRO B 176 15.95 24.01 16.38
N SER B 177 16.65 24.84 17.14
CA SER B 177 17.38 25.96 16.55
C SER B 177 18.53 25.43 15.71
N GLU B 178 18.83 26.09 14.59
CA GLU B 178 19.92 25.63 13.72
C GLU B 178 21.25 25.71 14.46
N ILE B 179 21.33 26.61 15.44
CA ILE B 179 22.50 26.82 16.27
C ILE B 179 22.77 25.60 17.17
N THR B 180 21.70 25.05 17.73
CA THR B 180 21.78 23.92 18.65
C THR B 180 20.86 22.72 18.31
N PRO B 181 21.24 21.88 17.34
CA PRO B 181 20.37 20.77 16.97
C PRO B 181 20.75 19.38 17.50
N LEU B 182 21.99 19.24 17.99
CA LEU B 182 22.52 17.94 18.47
C LEU B 182 21.63 17.11 19.40
N THR B 183 21.20 17.68 20.52
CA THR B 183 20.35 16.94 21.48
C THR B 183 19.01 16.52 20.91
N ALA B 184 18.38 17.39 20.12
CA ALA B 184 17.10 17.09 19.51
C ALA B 184 17.21 15.92 18.54
N LEU B 185 18.27 15.93 17.71
CA LEU B 185 18.49 14.86 16.73
C LEU B 185 18.88 13.54 17.40
N LYS B 186 19.48 13.63 18.59
CA LYS B 186 19.86 12.47 19.38
C LYS B 186 18.58 11.86 19.94
N LEU B 187 17.69 12.73 20.43
CA LEU B 187 16.41 12.31 21.00
C LEU B 187 15.57 11.60 19.95
N ALA B 188 15.66 12.09 18.71
CA ALA B 188 14.94 11.51 17.57
C ALA B 188 15.30 10.05 17.38
N VAL B 189 16.58 9.70 17.59
CA VAL B 189 17.05 8.33 17.44
C VAL B 189 16.41 7.43 18.50
N LEU B 190 16.36 7.92 19.73
CA LEU B 190 15.79 7.15 20.84
C LEU B 190 14.27 7.03 20.80
N ALA B 191 13.60 8.13 20.47
CA ALA B 191 12.14 8.17 20.42
C ALA B 191 11.52 7.56 19.16
N LYS B 192 12.37 7.25 18.18
CA LYS B 192 11.99 6.68 16.90
C LYS B 192 10.92 5.59 17.01
N ASP B 193 11.20 4.58 17.83
CA ASP B 193 10.29 3.43 18.01
C ASP B 193 9.28 3.52 19.16
N ILE B 194 9.43 4.52 20.02
CA ILE B 194 8.54 4.72 21.16
C ILE B 194 7.12 5.14 20.74
N PHE B 195 7.04 5.97 19.70
CA PHE B 195 5.76 6.44 19.19
C PHE B 195 5.49 5.87 17.81
N PRO B 196 4.19 5.75 17.43
CA PRO B 196 3.87 5.23 16.10
C PRO B 196 4.44 6.13 14.99
N PRO B 197 4.83 5.55 13.85
CA PRO B 197 5.41 6.35 12.75
C PRO B 197 4.56 7.59 12.41
N GLY B 198 5.21 8.75 12.38
CA GLY B 198 4.54 10.00 12.06
C GLY B 198 4.08 10.82 13.25
N VAL B 199 3.93 10.17 14.41
CA VAL B 199 3.49 10.88 15.63
C VAL B 199 4.52 11.92 16.08
N LEU B 200 5.80 11.55 15.97
CA LEU B 200 6.92 12.42 16.32
C LEU B 200 7.85 12.60 15.13
N ASN B 201 8.07 13.86 14.75
CA ASN B 201 8.91 14.18 13.61
C ASN B 201 9.92 15.25 14.00
N VAL B 202 11.20 14.97 13.75
CA VAL B 202 12.24 15.93 14.09
C VAL B 202 12.97 16.39 12.84
N LEU B 203 12.87 17.69 12.56
CA LEU B 203 13.52 18.30 11.41
C LEU B 203 14.67 19.19 11.84
N PHE B 204 15.43 19.68 10.87
CA PHE B 204 16.56 20.57 11.11
C PHE B 204 16.74 21.61 10.02
N GLY B 205 17.08 22.84 10.41
CA GLY B 205 17.30 23.93 9.48
C GLY B 205 17.03 25.33 10.02
N ARG B 206 17.42 26.33 9.23
CA ARG B 206 17.25 27.74 9.57
C ARG B 206 15.79 28.14 9.51
N GLY B 207 15.42 29.15 10.30
CA GLY B 207 14.05 29.66 10.35
C GLY B 207 13.52 30.17 9.02
N GLN B 208 14.43 30.59 8.14
CA GLN B 208 14.07 31.12 6.82
C GLN B 208 13.70 30.01 5.82
N THR B 209 14.50 28.93 5.79
CA THR B 209 14.26 27.82 4.86
C THR B 209 13.32 26.72 5.36
N VAL B 210 13.53 26.24 6.57
CA VAL B 210 12.70 25.17 7.13
C VAL B 210 11.54 25.69 7.99
N GLY B 211 11.86 26.56 8.95
CA GLY B 211 10.88 27.14 9.86
C GLY B 211 9.65 27.75 9.23
N ASP B 212 9.86 28.59 8.22
CA ASP B 212 8.75 29.25 7.50
C ASP B 212 7.88 28.28 6.72
N VAL B 213 8.50 27.23 6.14
CA VAL B 213 7.75 26.23 5.38
C VAL B 213 6.86 25.43 6.34
N LEU B 214 7.41 25.12 7.52
CA LEU B 214 6.70 24.37 8.55
C LEU B 214 5.54 25.11 9.19
N THR B 215 5.80 26.32 9.68
CA THR B 215 4.77 27.13 10.35
C THR B 215 3.68 27.62 9.39
N GLY B 216 4.02 27.76 8.11
CA GLY B 216 3.06 28.22 7.12
C GLY B 216 2.27 27.11 6.45
N HIS B 217 2.61 25.85 6.74
CA HIS B 217 1.93 24.71 6.13
C HIS B 217 0.44 24.69 6.48
N GLU B 218 -0.40 24.42 5.49
CA GLU B 218 -1.86 24.39 5.67
C GLU B 218 -2.39 23.36 6.67
N LYS B 219 -1.71 22.23 6.78
CA LYS B 219 -2.13 21.16 7.70
C LYS B 219 -1.68 21.30 9.16
N VAL B 220 -0.87 22.31 9.45
CA VAL B 220 -0.41 22.55 10.81
C VAL B 220 -1.52 23.34 11.50
N ARG B 221 -2.08 22.76 12.57
CA ARG B 221 -3.17 23.41 13.29
C ARG B 221 -2.71 24.38 14.38
N MET B 222 -1.54 24.09 14.97
CA MET B 222 -1.00 24.95 16.03
C MET B 222 0.52 25.08 15.94
N VAL B 223 1.01 26.28 16.29
CA VAL B 223 2.43 26.58 16.28
C VAL B 223 2.86 27.09 17.65
N SER B 224 3.76 26.35 18.32
CA SER B 224 4.27 26.79 19.62
C SER B 224 5.72 27.22 19.46
N LEU B 225 5.99 28.47 19.85
CA LEU B 225 7.29 29.08 19.72
C LEU B 225 7.90 29.64 21.01
N THR B 226 9.23 29.61 21.05
CA THR B 226 10.04 30.16 22.13
C THR B 226 11.22 30.80 21.41
N GLY B 227 11.39 32.09 21.61
CA GLY B 227 12.49 32.84 21.02
C GLY B 227 12.48 34.28 21.46
N SER B 228 12.93 35.17 20.59
CA SER B 228 12.94 36.60 20.88
C SER B 228 11.66 37.26 20.35
N ILE B 229 11.45 38.53 20.72
CA ILE B 229 10.27 39.30 20.28
C ILE B 229 10.29 39.47 18.74
N ALA B 230 11.50 39.51 18.19
CA ALA B 230 11.71 39.67 16.75
C ALA B 230 11.23 38.45 15.94
N THR B 231 11.71 37.25 16.29
CA THR B 231 11.33 36.01 15.60
C THR B 231 9.87 35.61 15.89
N GLY B 232 9.32 36.14 16.99
CA GLY B 232 7.94 35.88 17.38
C GLY B 232 6.95 36.70 16.58
N GLU B 233 7.32 37.94 16.29
CA GLU B 233 6.51 38.88 15.49
C GLU B 233 6.41 38.35 14.06
N HIS B 234 7.53 37.81 13.57
CA HIS B 234 7.64 37.25 12.23
C HIS B 234 6.68 36.06 12.02
N ILE B 235 6.63 35.15 12.96
CA ILE B 235 5.77 33.96 12.88
C ILE B 235 4.28 34.27 13.09
N LEU B 236 3.97 35.20 14.01
CA LEU B 236 2.59 35.57 14.31
C LEU B 236 1.88 36.29 13.14
N ARG B 237 2.65 37.00 12.32
CA ARG B 237 2.10 37.73 11.16
C ARG B 237 2.15 36.87 9.89
N HIS B 238 2.87 35.76 9.98
CA HIS B 238 3.04 34.78 8.89
C HIS B 238 1.89 33.77 8.93
N THR B 239 1.45 33.43 10.14
CA THR B 239 0.35 32.46 10.36
C THR B 239 -1.02 33.14 10.51
N ALA B 240 -1.03 34.47 10.51
CA ALA B 240 -2.25 35.27 10.67
C ALA B 240 -3.40 35.00 9.67
N PRO B 241 -3.07 34.82 8.36
CA PRO B 241 -4.19 34.55 7.42
C PRO B 241 -4.85 33.17 7.59
N ALA B 242 -4.11 32.20 8.13
CA ALA B 242 -4.60 30.85 8.35
C ALA B 242 -5.42 30.70 9.65
N ILE B 243 -5.34 31.73 10.50
CA ILE B 243 -6.06 31.80 11.79
C ILE B 243 -5.68 30.61 12.70
N LYS B 244 -4.39 30.26 12.67
CA LYS B 244 -3.82 29.19 13.46
C LYS B 244 -3.73 29.65 14.91
N ARG B 245 -3.77 28.69 15.84
CA ARG B 245 -3.65 29.05 17.24
C ARG B 245 -2.18 28.95 17.64
N THR B 246 -1.72 29.93 18.42
CA THR B 246 -0.32 30.00 18.82
C THR B 246 -0.08 29.88 20.32
N HIS B 247 1.19 29.63 20.66
CA HIS B 247 1.66 29.48 22.03
C HIS B 247 3.00 30.21 22.00
N MET B 248 3.03 31.41 22.58
CA MET B 248 4.23 32.25 22.58
C MET B 248 5.00 32.40 23.90
N GLU B 249 6.32 32.23 23.79
CA GLU B 249 7.27 32.40 24.90
C GLU B 249 8.33 33.32 24.28
N LEU B 250 8.25 34.61 24.60
CA LEU B 250 9.15 35.57 23.97
C LEU B 250 10.09 36.39 24.88
N GLY B 251 10.81 35.69 25.75
CA GLY B 251 11.76 36.33 26.66
C GLY B 251 11.16 37.24 27.72
N GLY B 252 12.01 37.95 28.43
CA GLY B 252 11.60 38.87 29.48
C GLY B 252 12.74 39.57 30.17
N LYS B 253 12.39 40.56 30.97
CA LYS B 253 13.35 41.34 31.71
C LYS B 253 12.88 41.24 33.17
N ALA B 254 13.17 40.10 33.79
CA ALA B 254 12.74 39.81 35.18
C ALA B 254 13.25 40.79 36.24
N PRO B 255 12.34 41.52 36.90
CA PRO B 255 12.79 42.44 37.92
C PRO B 255 13.03 41.76 39.27
N VAL B 256 14.04 42.23 40.00
CA VAL B 256 14.37 41.70 41.31
C VAL B 256 14.21 42.91 42.23
N ILE B 257 13.13 42.91 43.00
CA ILE B 257 12.82 44.02 43.91
C ILE B 257 13.32 43.73 45.32
N VAL B 258 14.30 44.50 45.78
CA VAL B 258 14.90 44.31 47.10
C VAL B 258 14.58 45.47 48.07
N PHE B 259 13.96 45.14 49.21
CA PHE B 259 13.62 46.14 50.24
C PHE B 259 14.66 46.14 51.36
N ASP B 260 14.73 47.24 52.13
CA ASP B 260 15.68 47.41 53.26
C ASP B 260 15.65 46.21 54.18
N ASP B 261 14.45 45.69 54.28
CA ASP B 261 14.02 44.56 55.06
C ASP B 261 14.68 43.22 54.66
N ALA B 262 15.16 43.12 53.41
CA ALA B 262 15.75 41.89 52.87
C ALA B 262 17.08 41.42 53.43
N ASP B 263 17.35 40.13 53.20
CA ASP B 263 18.60 39.50 53.60
C ASP B 263 19.56 39.72 52.43
N LEU B 264 20.41 40.74 52.56
CA LEU B 264 21.35 41.12 51.47
C LEU B 264 22.28 40.03 50.98
N ASP B 265 22.78 39.19 51.88
CA ASP B 265 23.68 38.09 51.49
C ASP B 265 22.95 37.05 50.65
N ALA B 266 21.68 36.80 50.99
CA ALA B 266 20.85 35.85 50.26
C ALA B 266 20.53 36.40 48.86
N VAL B 267 20.39 37.73 48.75
CA VAL B 267 20.10 38.37 47.48
C VAL B 267 21.34 38.25 46.61
N ALA B 268 22.50 38.59 47.17
CA ALA B 268 23.77 38.53 46.47
C ALA B 268 24.08 37.14 45.93
N GLN B 269 23.84 36.12 46.75
CA GLN B 269 24.08 34.73 46.34
C GLN B 269 23.10 34.34 45.24
N GLY B 270 21.86 34.80 45.37
CA GLY B 270 20.80 34.52 44.41
C GLY B 270 21.10 35.14 43.05
N VAL B 271 21.46 36.42 43.05
CA VAL B 271 21.78 37.12 41.80
C VAL B 271 23.05 36.53 41.17
N ARG B 272 23.98 36.09 42.01
CA ARG B 272 25.22 35.50 41.54
C ARG B 272 24.92 34.25 40.71
N THR B 273 23.93 33.48 41.16
CA THR B 273 23.55 32.25 40.48
C THR B 273 22.55 32.50 39.36
N PHE B 274 21.40 33.06 39.73
CA PHE B 274 20.30 33.25 38.80
C PHE B 274 20.41 34.37 37.77
N GLY B 275 21.33 35.30 37.98
CA GLY B 275 21.49 36.38 37.02
C GLY B 275 22.54 36.06 35.97
N PHE B 276 23.32 35.02 36.24
CA PHE B 276 24.41 34.60 35.35
C PHE B 276 24.38 33.12 34.95
N TYR B 277 23.37 32.39 35.41
CA TYR B 277 23.21 30.99 35.08
C TYR B 277 22.99 30.90 33.58
N ASN B 278 23.66 29.94 32.95
CA ASN B 278 23.54 29.70 31.51
C ASN B 278 23.97 30.98 30.77
N ALA B 279 24.96 31.66 31.33
CA ALA B 279 25.51 32.92 30.79
C ALA B 279 24.44 34.02 30.65
N GLY B 280 23.46 34.00 31.54
CA GLY B 280 22.38 34.98 31.54
C GLY B 280 21.43 34.84 30.35
N GLN B 281 21.64 33.77 29.58
CA GLN B 281 20.84 33.47 28.42
C GLN B 281 19.58 32.72 28.85
N ASP B 282 18.73 33.40 29.60
CA ASP B 282 17.50 32.83 30.12
C ASP B 282 16.44 33.91 30.31
N CYS B 283 15.22 33.58 29.92
CA CYS B 283 14.07 34.49 30.02
C CYS B 283 13.72 34.91 31.45
N THR B 284 14.10 34.08 32.42
CA THR B 284 13.82 34.33 33.82
C THR B 284 15.02 34.86 34.60
N ALA B 285 16.13 35.11 33.90
CA ALA B 285 17.34 35.60 34.55
C ALA B 285 17.11 36.85 35.41
N ALA B 286 17.67 36.84 36.61
CA ALA B 286 17.57 37.95 37.56
C ALA B 286 18.56 39.02 37.08
N CYS B 287 18.12 39.79 36.08
CA CYS B 287 18.99 40.77 35.44
C CYS B 287 18.70 42.24 35.70
N ARG B 288 17.53 42.52 36.26
CA ARG B 288 17.09 43.87 36.49
C ARG B 288 16.77 44.02 37.98
N ILE B 289 17.68 44.67 38.70
CA ILE B 289 17.50 44.84 40.15
C ILE B 289 17.08 46.23 40.59
N TYR B 290 16.06 46.27 41.45
CA TYR B 290 15.58 47.49 42.04
C TYR B 290 15.90 47.36 43.52
N ALA B 291 16.87 48.14 43.98
CA ALA B 291 17.28 48.10 45.39
C ALA B 291 16.79 49.35 46.11
N GLN B 292 16.15 49.15 47.26
CA GLN B 292 15.64 50.28 48.03
C GLN B 292 16.80 51.09 48.58
N ARG B 293 16.66 52.41 48.54
CA ARG B 293 17.68 53.36 48.99
C ARG B 293 18.48 52.96 50.23
N GLY B 294 17.77 52.58 51.29
CA GLY B 294 18.40 52.18 52.55
C GLY B 294 19.51 51.15 52.41
N ILE B 295 19.27 50.11 51.60
CA ILE B 295 20.26 49.04 51.39
C ILE B 295 21.00 49.08 50.05
N TYR B 296 20.71 50.08 49.23
CA TYR B 296 21.31 50.22 47.90
C TYR B 296 22.83 50.05 47.87
N ASP B 297 23.56 50.98 48.49
CA ASP B 297 25.02 50.95 48.52
C ASP B 297 25.62 49.65 49.05
N ALA B 298 25.06 49.14 50.14
CA ALA B 298 25.54 47.89 50.74
C ALA B 298 25.39 46.72 49.77
N LEU B 299 24.24 46.64 49.10
CA LEU B 299 23.95 45.56 48.13
C LEU B 299 24.85 45.62 46.90
N VAL B 300 25.12 46.84 46.41
CA VAL B 300 25.97 47.03 45.24
C VAL B 300 27.37 46.46 45.53
N GLU B 301 27.88 46.69 46.74
CA GLU B 301 29.20 46.18 47.11
C GLU B 301 29.18 44.66 47.22
N LYS B 302 28.15 44.10 47.86
CA LYS B 302 28.02 42.66 48.00
C LYS B 302 27.91 41.97 46.64
N LEU B 303 27.14 42.55 45.73
CA LEU B 303 26.99 42.01 44.38
C LEU B 303 28.30 42.06 43.62
N GLY B 304 29.04 43.15 43.78
CA GLY B 304 30.34 43.32 43.15
C GLY B 304 31.26 42.17 43.51
N ASN B 305 31.34 41.86 44.80
CA ASN B 305 32.17 40.76 45.29
C ASN B 305 31.68 39.39 44.81
N ALA B 306 30.37 39.20 44.82
CA ALA B 306 29.77 37.95 44.40
C ALA B 306 29.92 37.66 42.90
N VAL B 307 29.69 38.68 42.08
CA VAL B 307 29.78 38.54 40.62
C VAL B 307 31.22 38.34 40.13
N SER B 308 32.14 39.16 40.62
CA SER B 308 33.55 39.08 40.19
C SER B 308 34.25 37.75 40.52
N SER B 309 33.68 36.97 41.45
CA SER B 309 34.27 35.69 41.84
C SER B 309 33.83 34.53 40.95
N LEU B 310 32.92 34.78 40.01
CA LEU B 310 32.43 33.74 39.09
C LEU B 310 33.56 33.25 38.22
N LYS B 311 33.84 31.95 38.30
CA LYS B 311 34.89 31.35 37.49
C LYS B 311 34.42 30.89 36.11
N MET B 312 35.07 31.49 35.12
CA MET B 312 34.85 31.26 33.72
C MET B 312 35.88 30.24 33.29
N GLY B 313 35.50 29.30 32.42
CA GLY B 313 36.44 28.28 31.93
C GLY B 313 35.82 27.23 31.03
N ALA B 314 36.54 26.11 30.88
CA ALA B 314 36.09 24.99 30.04
C ALA B 314 34.82 24.35 30.61
N PRO B 315 33.78 24.16 29.77
CA PRO B 315 32.50 23.60 30.21
C PRO B 315 32.61 22.22 30.85
N GLU B 316 33.55 21.40 30.39
CA GLU B 316 33.71 20.06 30.96
C GLU B 316 34.45 20.02 32.30
N ASP B 317 35.03 21.16 32.68
CA ASP B 317 35.77 21.26 33.95
C ASP B 317 34.76 21.57 35.07
N GLU B 318 34.77 20.73 36.09
CA GLU B 318 33.87 20.83 37.26
C GLU B 318 33.79 22.20 37.96
N SER B 319 34.91 22.92 38.02
CA SER B 319 34.96 24.22 38.68
C SER B 319 34.31 25.38 37.91
N THR B 320 34.11 25.21 36.60
CA THR B 320 33.51 26.25 35.76
C THR B 320 32.07 26.60 36.13
N GLU B 321 31.84 27.86 36.44
CA GLU B 321 30.52 28.38 36.82
C GLU B 321 29.84 29.14 35.69
N LEU B 322 30.63 29.81 34.86
CA LEU B 322 30.10 30.57 33.75
C LEU B 322 30.65 30.13 32.41
N GLY B 323 29.75 29.84 31.47
CA GLY B 323 30.12 29.42 30.14
C GLY B 323 30.07 30.58 29.16
N PRO B 324 30.27 30.31 27.85
CA PRO B 324 30.21 31.35 26.86
C PRO B 324 28.79 31.61 26.37
N LEU B 325 28.64 32.61 25.49
CA LEU B 325 27.35 32.92 24.88
C LEU B 325 27.15 31.93 23.74
N SER B 326 25.90 31.70 23.35
CA SER B 326 25.56 30.72 22.30
C SER B 326 26.24 30.81 20.93
N SER B 327 26.43 32.02 20.41
CA SER B 327 27.03 32.20 19.09
C SER B 327 27.73 33.53 18.90
N LEU B 328 28.48 33.65 17.80
CA LEU B 328 29.20 34.86 17.46
C LEU B 328 28.25 36.05 17.28
N ALA B 329 27.11 35.79 16.65
CA ALA B 329 26.09 36.80 16.40
C ALA B 329 25.52 37.34 17.72
N HIS B 330 25.26 36.44 18.68
CA HIS B 330 24.71 36.86 19.97
C HIS B 330 25.76 37.59 20.81
N LEU B 331 27.03 37.21 20.65
CA LEU B 331 28.13 37.86 21.38
C LEU B 331 28.19 39.33 20.96
N LYS B 332 27.90 39.58 19.67
CA LYS B 332 27.90 40.92 19.12
C LYS B 332 26.73 41.75 19.64
N ARG B 333 25.55 41.14 19.80
CA ARG B 333 24.37 41.86 20.32
C ARG B 333 24.55 42.25 21.77
N VAL B 334 25.10 41.33 22.56
CA VAL B 334 25.36 41.57 23.97
C VAL B 334 26.40 42.69 24.12
N THR B 335 27.49 42.60 23.36
CA THR B 335 28.56 43.61 23.40
C THR B 335 27.99 45.00 23.10
N ALA B 336 27.16 45.08 22.06
CA ALA B 336 26.53 46.34 21.65
C ALA B 336 25.64 46.93 22.74
N ALA B 337 24.81 46.06 23.35
CA ALA B 337 23.91 46.47 24.43
C ALA B 337 24.65 47.00 25.65
N VAL B 338 25.80 46.39 25.94
CA VAL B 338 26.62 46.80 27.09
C VAL B 338 27.37 48.09 26.77
N GLU B 339 27.81 48.24 25.53
CA GLU B 339 28.51 49.45 25.10
C GLU B 339 27.60 50.68 25.18
N GLU B 340 26.33 50.52 24.81
CA GLU B 340 25.36 51.61 24.88
C GLU B 340 25.17 52.06 26.33
N ALA B 341 25.21 51.08 27.24
CA ALA B 341 25.06 51.34 28.66
C ALA B 341 26.28 52.09 29.21
N LYS B 342 27.48 51.64 28.84
CA LYS B 342 28.72 52.29 29.30
C LYS B 342 28.82 53.72 28.80
N ALA B 343 28.27 53.99 27.62
CA ALA B 343 28.27 55.32 27.01
C ALA B 343 27.55 56.35 27.88
N LEU B 344 26.56 55.91 28.65
CA LEU B 344 25.79 56.77 29.55
C LEU B 344 26.69 57.17 30.73
N SER B 345 26.87 58.48 30.90
CA SER B 345 27.71 59.07 31.95
C SER B 345 27.41 58.60 33.39
N HIS B 346 26.13 58.40 33.71
CA HIS B 346 25.72 57.99 35.05
C HIS B 346 25.93 56.50 35.39
N ILE B 347 26.14 55.66 34.38
CA ILE B 347 26.34 54.22 34.60
C ILE B 347 27.73 53.90 35.15
N ARG B 348 27.77 53.15 36.26
CA ARG B 348 29.01 52.70 36.88
C ARG B 348 29.23 51.22 36.61
N VAL B 349 30.38 50.88 36.06
CA VAL B 349 30.70 49.48 35.81
C VAL B 349 31.36 48.98 37.09
N ILE B 350 30.64 48.13 37.84
CA ILE B 350 31.16 47.58 39.08
C ILE B 350 32.15 46.45 38.81
N THR B 351 31.81 45.58 37.86
CA THR B 351 32.66 44.45 37.49
C THR B 351 32.39 44.06 36.04
N GLY B 352 33.35 43.39 35.41
CA GLY B 352 33.23 42.96 34.01
C GLY B 352 33.23 44.16 33.10
N GLY B 353 32.35 44.15 32.10
CA GLY B 353 32.26 45.29 31.18
C GLY B 353 32.34 44.93 29.72
N SER B 354 33.36 44.17 29.32
CA SER B 354 33.51 43.81 27.92
C SER B 354 33.82 42.32 27.69
N GLN B 355 33.84 41.92 26.43
CA GLN B 355 34.13 40.54 26.05
C GLN B 355 35.58 40.19 26.33
N THR B 356 35.80 38.95 26.77
CA THR B 356 37.16 38.48 27.10
C THR B 356 37.88 37.89 25.90
N GLU B 357 39.20 38.11 25.86
CA GLU B 357 40.06 37.60 24.78
C GLU B 357 40.20 36.09 24.88
N GLY B 358 40.06 35.43 23.74
CA GLY B 358 40.13 33.98 23.68
C GLY B 358 39.31 33.43 22.52
N LYS B 359 39.46 32.13 22.26
CA LYS B 359 38.76 31.47 21.16
C LYS B 359 37.23 31.47 21.23
N GLY B 360 36.67 31.14 22.40
CA GLY B 360 35.22 31.07 22.57
C GLY B 360 34.48 32.39 22.51
N TYR B 361 33.15 32.32 22.69
CA TYR B 361 32.32 33.53 22.67
C TYR B 361 32.04 33.94 24.11
N TYR B 362 33.09 34.06 24.91
CA TYR B 362 32.97 34.45 26.30
C TYR B 362 32.78 35.94 26.50
N PHE B 363 31.97 36.28 27.50
CA PHE B 363 31.71 37.66 27.86
C PHE B 363 31.77 37.67 29.38
N ALA B 364 32.54 38.60 29.93
CA ALA B 364 32.72 38.73 31.38
C ALA B 364 31.42 39.06 32.13
N PRO B 365 31.22 38.45 33.32
CA PRO B 365 29.99 38.75 34.08
C PRO B 365 30.00 40.23 34.45
N THR B 366 29.05 40.97 33.89
CA THR B 366 28.97 42.41 34.07
C THR B 366 27.87 42.88 35.04
N LEU B 367 28.24 43.86 35.87
CA LEU B 367 27.33 44.47 36.83
C LEU B 367 27.34 45.97 36.61
N LEU B 368 26.21 46.52 36.20
CA LEU B 368 26.07 47.94 35.91
C LEU B 368 25.18 48.59 36.96
N ALA B 369 25.76 49.52 37.72
CA ALA B 369 25.03 50.22 38.79
C ALA B 369 24.59 51.62 38.40
N ASP B 370 23.75 52.22 39.25
CA ASP B 370 23.22 53.57 39.08
C ASP B 370 22.37 53.76 37.84
N ALA B 371 21.86 52.65 37.31
CA ALA B 371 21.01 52.67 36.12
C ALA B 371 19.68 53.31 36.46
N LYS B 372 19.11 54.03 35.52
CA LYS B 372 17.83 54.69 35.74
C LYS B 372 16.73 54.00 34.95
N GLN B 373 15.51 54.06 35.48
CA GLN B 373 14.34 53.42 34.87
C GLN B 373 14.22 53.58 33.35
N GLU B 374 14.43 54.79 32.84
CA GLU B 374 14.33 55.10 31.40
C GLU B 374 15.45 54.53 30.53
N ASP B 375 16.60 54.20 31.13
CA ASP B 375 17.76 53.65 30.39
C ASP B 375 17.42 52.40 29.59
N ALA B 376 18.07 52.25 28.44
CA ALA B 376 17.87 51.11 27.55
C ALA B 376 18.28 49.80 28.22
N ILE B 377 19.30 49.86 29.08
CA ILE B 377 19.81 48.69 29.78
C ILE B 377 18.77 48.10 30.74
N VAL B 378 17.81 48.93 31.15
CA VAL B 378 16.75 48.50 32.08
C VAL B 378 15.48 48.12 31.32
N GLN B 379 15.24 48.77 30.19
CA GLN B 379 14.04 48.50 29.38
C GLN B 379 14.13 47.31 28.41
N ARG B 380 15.21 47.24 27.64
CA ARG B 380 15.40 46.16 26.65
C ARG B 380 16.13 44.96 27.23
N GLU B 381 15.77 43.77 26.76
CA GLU B 381 16.36 42.53 27.22
C GLU B 381 17.77 42.41 26.63
N VAL B 382 18.73 42.01 27.45
CA VAL B 382 20.12 41.85 26.97
C VAL B 382 20.37 40.38 26.67
N PHE B 383 19.81 39.50 27.51
CA PHE B 383 19.89 38.04 27.36
C PHE B 383 21.37 37.60 27.36
N GLY B 384 22.14 38.18 28.28
CA GLY B 384 23.56 37.89 28.45
C GLY B 384 23.94 37.96 29.92
N PRO B 385 25.22 37.76 30.26
CA PRO B 385 25.62 37.80 31.67
C PRO B 385 25.78 39.24 32.16
N VAL B 386 24.69 40.00 32.11
CA VAL B 386 24.67 41.41 32.50
C VAL B 386 23.54 41.68 33.48
N VAL B 387 23.86 42.37 34.57
CA VAL B 387 22.89 42.73 35.59
C VAL B 387 22.97 44.22 35.90
N SER B 388 21.81 44.87 35.98
CA SER B 388 21.73 46.30 36.29
C SER B 388 21.06 46.52 37.65
N ILE B 389 21.47 47.58 38.36
CA ILE B 389 20.88 47.91 39.67
C ILE B 389 20.35 49.33 39.61
N THR B 390 19.10 49.50 40.06
CA THR B 390 18.44 50.79 40.09
C THR B 390 17.94 51.04 41.51
N VAL B 391 18.09 52.27 42.00
CA VAL B 391 17.63 52.61 43.33
C VAL B 391 16.14 52.97 43.29
N PHE B 392 15.42 52.74 44.39
CA PHE B 392 14.01 53.13 44.48
C PHE B 392 13.71 53.55 45.92
N ASP B 393 12.52 54.11 46.16
CA ASP B 393 12.15 54.59 47.49
C ASP B 393 10.96 53.86 48.13
N ASP B 394 9.77 54.00 47.53
CA ASP B 394 8.50 53.40 48.02
C ASP B 394 8.05 52.18 47.21
N GLU B 395 7.03 51.47 47.72
CA GLU B 395 6.46 50.32 47.03
C GLU B 395 5.72 50.78 45.78
N ASP B 396 4.83 51.76 45.94
CA ASP B 396 4.05 52.31 44.84
C ASP B 396 4.93 52.65 43.65
N GLN B 397 6.07 53.28 43.94
CA GLN B 397 7.04 53.66 42.93
C GLN B 397 7.60 52.45 42.19
N VAL B 398 8.20 51.51 42.94
CA VAL B 398 8.82 50.32 42.34
C VAL B 398 7.78 49.46 41.62
N LEU B 399 6.55 49.41 42.15
CA LEU B 399 5.47 48.64 41.55
C LEU B 399 5.13 49.24 40.17
N ARG B 400 5.00 50.58 40.10
CA ARG B 400 4.73 51.23 38.82
C ARG B 400 5.84 50.94 37.82
N TRP B 401 7.10 51.04 38.26
CA TRP B 401 8.23 50.77 37.38
C TRP B 401 8.26 49.33 36.87
N ALA B 402 8.06 48.39 37.78
CA ALA B 402 8.06 46.96 37.42
C ALA B 402 6.96 46.67 36.40
N ASN B 403 5.78 47.25 36.60
CA ASN B 403 4.64 47.06 35.71
C ASN B 403 4.70 47.87 34.42
N ASP B 404 5.48 48.94 34.40
CA ASP B 404 5.63 49.75 33.18
C ASP B 404 6.70 49.11 32.31
N SER B 405 6.43 47.87 31.91
CA SER B 405 7.35 47.09 31.10
C SER B 405 6.58 46.32 30.04
N ARG B 406 7.22 46.17 28.88
CA ARG B 406 6.65 45.41 27.78
C ARG B 406 6.65 43.93 28.11
N TYR B 407 7.58 43.54 29.00
CA TYR B 407 7.74 42.16 29.42
C TYR B 407 6.83 41.83 30.62
N GLY B 408 6.59 40.54 30.85
CA GLY B 408 5.76 40.09 31.97
C GLY B 408 5.89 38.60 32.26
N LEU B 409 7.11 38.07 32.20
CA LEU B 409 7.33 36.64 32.41
C LEU B 409 7.58 36.20 33.87
N ALA B 410 8.63 36.73 34.50
CA ALA B 410 8.97 36.38 35.87
C ALA B 410 9.43 37.58 36.68
N SER B 411 9.50 37.42 38.00
CA SER B 411 9.91 38.49 38.90
C SER B 411 10.12 37.93 40.29
N SER B 412 10.82 38.68 41.14
CA SER B 412 11.03 38.25 42.52
C SER B 412 11.03 39.46 43.45
N VAL B 413 10.56 39.23 44.67
CA VAL B 413 10.51 40.25 45.70
C VAL B 413 11.26 39.69 46.90
N TRP B 414 12.20 40.48 47.40
CA TRP B 414 13.02 40.09 48.54
C TRP B 414 12.68 41.01 49.69
N THR B 415 12.00 40.45 50.68
CA THR B 415 11.56 41.19 51.87
C THR B 415 11.14 40.20 52.94
N GLN B 416 11.16 40.63 54.20
CA GLN B 416 10.75 39.77 55.31
C GLN B 416 9.33 40.03 55.79
N ASP B 417 8.73 41.13 55.32
CA ASP B 417 7.37 41.52 55.71
C ASP B 417 6.34 40.67 54.97
N VAL B 418 5.54 39.93 55.74
CA VAL B 418 4.49 39.03 55.19
C VAL B 418 3.49 39.85 54.37
N GLY B 419 3.05 40.97 54.94
CA GLY B 419 2.10 41.87 54.30
C GLY B 419 2.62 42.33 52.96
N ARG B 420 3.82 42.90 52.95
CA ARG B 420 4.44 43.40 51.73
C ARG B 420 4.61 42.31 50.66
N ALA B 421 5.10 41.15 51.06
CA ALA B 421 5.31 40.03 50.13
C ALA B 421 4.05 39.70 49.34
N HIS B 422 2.92 39.56 50.05
CA HIS B 422 1.65 39.23 49.41
C HIS B 422 0.98 40.38 48.69
N ARG B 423 1.16 41.58 49.21
CA ARG B 423 0.58 42.77 48.61
C ARG B 423 1.21 43.01 47.23
N LEU B 424 2.53 42.87 47.12
CA LEU B 424 3.22 43.05 45.83
C LEU B 424 3.04 41.91 44.85
N SER B 425 3.11 40.68 45.33
CA SER B 425 2.95 39.53 44.45
C SER B 425 1.55 39.49 43.83
N ALA B 426 0.58 40.07 44.53
CA ALA B 426 -0.80 40.14 44.03
C ALA B 426 -0.93 41.18 42.93
N ARG B 427 -0.10 42.21 43.00
CA ARG B 427 -0.14 43.33 42.06
C ARG B 427 0.88 43.34 40.93
N LEU B 428 1.90 42.49 41.00
CA LEU B 428 2.89 42.43 39.92
C LEU B 428 2.30 41.82 38.66
N GLN B 429 2.67 42.38 37.53
CA GLN B 429 2.16 41.93 36.24
C GLN B 429 3.18 41.01 35.56
N TYR B 430 3.45 39.89 36.23
CA TYR B 430 4.38 38.88 35.76
C TYR B 430 3.80 37.51 36.00
N GLY B 431 3.95 36.63 35.02
CA GLY B 431 3.40 35.28 35.10
C GLY B 431 3.89 34.50 36.30
N CYS B 432 4.99 34.98 36.87
CA CYS B 432 5.60 34.33 38.01
C CYS B 432 6.25 35.33 38.97
N THR B 433 6.05 35.12 40.27
CA THR B 433 6.66 35.97 41.29
C THR B 433 7.20 35.13 42.43
N TRP B 434 8.51 35.16 42.61
CA TRP B 434 9.15 34.43 43.69
C TRP B 434 9.35 35.39 44.85
N ILE B 435 9.33 34.85 46.06
CA ILE B 435 9.54 35.66 47.25
C ILE B 435 10.75 35.10 48.00
N ASN B 436 11.79 35.93 48.14
CA ASN B 436 13.03 35.54 48.83
C ASN B 436 13.80 34.40 48.15
N THR B 437 13.63 34.33 46.83
CA THR B 437 14.30 33.36 45.97
C THR B 437 14.05 33.82 44.54
N HIS B 438 14.49 33.04 43.56
CA HIS B 438 14.29 33.41 42.16
C HIS B 438 14.71 32.23 41.31
N PHE B 439 14.18 32.17 40.09
CA PHE B 439 14.59 31.16 39.12
C PHE B 439 14.12 29.71 39.38
N MET B 440 13.49 29.44 40.52
CA MET B 440 13.02 28.08 40.84
C MET B 440 11.77 27.66 40.08
N LEU B 441 11.90 26.60 39.27
CA LEU B 441 10.77 26.06 38.50
C LEU B 441 10.49 24.61 38.86
N VAL B 442 9.21 24.24 38.82
CA VAL B 442 8.75 22.87 39.10
C VAL B 442 7.72 22.48 38.05
N SER B 443 7.77 21.20 37.64
CA SER B 443 6.87 20.66 36.61
C SER B 443 5.38 20.89 36.86
N GLU B 444 4.96 20.87 38.13
CA GLU B 444 3.55 21.05 38.49
C GLU B 444 3.03 22.47 38.29
N MET B 445 3.92 23.45 38.42
CA MET B 445 3.55 24.88 38.30
C MET B 445 3.80 25.50 36.92
N PRO B 446 2.84 26.32 36.44
CA PRO B 446 2.88 26.98 35.13
C PRO B 446 3.97 28.03 34.98
N HIS B 447 4.50 28.13 33.77
CA HIS B 447 5.53 29.08 33.42
C HIS B 447 5.12 29.70 32.09
N GLY B 448 4.79 30.98 32.13
CA GLY B 448 4.36 31.69 30.93
C GLY B 448 4.27 33.18 31.15
N GLY B 449 4.42 33.93 30.08
CA GLY B 449 4.40 35.38 30.14
C GLY B 449 3.09 36.11 29.97
N GLN B 450 3.20 37.43 30.12
CA GLN B 450 2.13 38.39 30.01
C GLN B 450 2.64 39.49 29.08
N LYS B 451 1.72 40.18 28.41
CA LYS B 451 2.05 41.28 27.49
C LYS B 451 2.90 40.80 26.30
N GLN B 452 4.06 41.43 26.08
CA GLN B 452 4.95 41.04 24.97
C GLN B 452 5.83 39.82 25.25
N SER B 453 5.73 39.26 26.46
CA SER B 453 6.47 38.04 26.81
C SER B 453 5.73 36.83 26.26
N GLY B 454 4.53 37.07 25.74
CA GLY B 454 3.71 36.01 25.15
C GLY B 454 2.46 35.64 25.91
N TYR B 455 1.95 34.45 25.59
CA TYR B 455 0.74 33.86 26.16
C TYR B 455 0.84 32.35 26.03
N GLY B 456 0.09 31.63 26.85
CA GLY B 456 0.13 30.17 26.84
C GLY B 456 1.20 29.77 27.83
N LYS B 457 1.06 28.59 28.44
CA LYS B 457 2.03 28.18 29.44
C LYS B 457 2.77 26.85 29.23
N ASP B 458 3.97 26.80 29.79
CA ASP B 458 4.82 25.61 29.73
C ASP B 458 4.75 24.96 31.10
N MET B 459 4.69 23.63 31.13
CA MET B 459 4.58 22.86 32.38
C MET B 459 3.19 23.01 33.03
N SER B 460 2.90 22.16 34.02
CA SER B 460 1.61 22.12 34.76
C SER B 460 0.44 21.62 33.92
N LEU B 461 -0.73 21.47 34.56
CA LEU B 461 -1.94 21.06 33.86
C LEU B 461 -2.36 22.11 32.84
N TYR B 462 -2.01 23.37 33.12
CA TYR B 462 -2.35 24.47 32.21
C TYR B 462 -1.58 24.33 30.91
N GLY B 463 -0.37 23.77 31.02
CA GLY B 463 0.50 23.54 29.88
C GLY B 463 -0.08 22.48 28.96
N LEU B 464 -0.75 21.51 29.55
CA LEU B 464 -1.38 20.43 28.80
C LEU B 464 -2.68 20.90 28.17
N GLU B 465 -3.40 21.75 28.87
CA GLU B 465 -4.69 22.29 28.40
C GLU B 465 -4.54 23.12 27.13
N ASP B 466 -3.39 23.77 26.95
CA ASP B 466 -3.15 24.59 25.77
C ASP B 466 -3.07 23.76 24.49
N TYR B 467 -2.85 22.45 24.65
CA TYR B 467 -2.76 21.52 23.51
C TYR B 467 -4.02 20.68 23.31
N THR B 468 -5.10 21.09 23.98
CA THR B 468 -6.38 20.40 23.87
C THR B 468 -7.44 21.36 23.36
N LEU B 469 -8.59 20.80 22.98
CA LEU B 469 -9.72 21.58 22.50
C LEU B 469 -10.92 21.23 23.35
N VAL B 470 -11.46 22.22 24.07
CA VAL B 470 -12.65 22.02 24.88
C VAL B 470 -13.82 21.85 23.89
N ARG B 471 -14.62 20.81 24.08
CA ARG B 471 -15.75 20.56 23.19
C ARG B 471 -16.99 20.25 24.00
N HIS B 472 -18.11 20.81 23.56
CA HIS B 472 -19.38 20.60 24.22
C HIS B 472 -20.28 19.69 23.43
N ILE B 473 -20.60 18.54 24.02
CA ILE B 473 -21.47 17.56 23.41
C ILE B 473 -22.78 17.55 24.17
N MET B 474 -23.88 17.71 23.45
CA MET B 474 -25.19 17.77 24.04
C MET B 474 -26.15 16.78 23.38
N VAL B 475 -26.64 15.83 24.17
CA VAL B 475 -27.56 14.80 23.70
C VAL B 475 -28.99 15.05 24.18
N LYS B 476 -29.94 15.07 23.27
CA LYS B 476 -31.34 15.30 23.63
C LYS B 476 -32.02 13.99 24.02
N HIS B 477 -32.71 13.98 25.16
CA HIS B 477 -33.41 12.76 25.59
C HIS B 477 -34.64 12.54 24.76
N GLN C 5 -47.66 32.66 67.75
CA GLN C 5 -47.64 31.17 67.39
C GLN C 5 -47.09 30.71 65.98
N TYR C 6 -45.78 30.42 65.96
CA TYR C 6 -45.12 30.01 64.75
C TYR C 6 -45.45 28.59 64.35
N GLN C 7 -45.55 28.38 63.04
CA GLN C 7 -45.89 27.09 62.45
C GLN C 7 -44.73 26.37 61.79
N LEU C 8 -44.97 25.11 61.42
CA LEU C 8 -43.99 24.28 60.75
C LEU C 8 -44.27 24.26 59.26
N LEU C 9 -43.23 24.04 58.46
CA LEU C 9 -43.40 23.96 57.02
C LEU C 9 -43.25 22.51 56.58
N ILE C 10 -44.36 21.90 56.20
CA ILE C 10 -44.38 20.52 55.71
C ILE C 10 -45.13 20.45 54.39
N ASN C 11 -44.45 19.95 53.38
CA ASN C 11 -44.99 19.77 52.02
C ASN C 11 -45.68 21.05 51.48
N GLY C 12 -44.97 22.18 51.59
CA GLY C 12 -45.46 23.48 51.11
C GLY C 12 -46.61 24.10 51.87
N VAL C 13 -46.95 23.51 53.00
CA VAL C 13 -48.07 23.99 53.84
C VAL C 13 -47.58 24.28 55.25
N LEU C 14 -48.13 25.33 55.86
CA LEU C 14 -47.80 25.69 57.23
C LEU C 14 -48.79 25.02 58.17
N VAL C 15 -48.29 24.25 59.13
CA VAL C 15 -49.12 23.53 60.10
C VAL C 15 -48.64 23.67 61.54
N ASP C 16 -49.55 23.50 62.49
CA ASP C 16 -49.23 23.58 63.92
C ASP C 16 -48.65 22.26 64.35
N GLY C 17 -47.62 22.31 65.21
CA GLY C 17 -47.00 21.09 65.72
C GLY C 17 -47.98 20.31 66.58
N GLU C 18 -47.98 19.00 66.44
CA GLU C 18 -48.87 18.13 67.21
C GLU C 18 -48.20 17.67 68.50
N GLY C 19 -46.91 17.94 68.62
CA GLY C 19 -46.12 17.55 69.79
C GLY C 19 -46.31 18.46 71.00
N GLU C 20 -45.45 18.26 72.00
CA GLU C 20 -45.49 19.04 73.24
C GLU C 20 -45.03 20.48 73.10
N ARG C 21 -45.67 21.39 73.83
CA ARG C 21 -45.31 22.80 73.82
C ARG C 21 -43.95 23.02 74.48
N GLN C 22 -43.12 23.85 73.85
CA GLN C 22 -41.79 24.12 74.34
C GLN C 22 -41.62 25.61 74.43
N SER C 23 -41.07 26.10 75.54
CA SER C 23 -40.90 27.54 75.73
C SER C 23 -39.55 28.08 75.21
N VAL C 24 -39.62 29.19 74.49
CA VAL C 24 -38.46 29.86 73.91
C VAL C 24 -38.17 31.13 74.72
N TYR C 25 -36.95 31.20 75.25
CA TYR C 25 -36.50 32.32 76.08
C TYR C 25 -35.77 33.46 75.40
N ASN C 26 -35.78 34.62 76.06
CA ASN C 26 -35.06 35.81 75.63
C ASN C 26 -33.90 35.86 76.61
N PRO C 27 -32.71 35.46 76.16
CA PRO C 27 -31.50 35.40 76.99
C PRO C 27 -31.09 36.71 77.65
N ALA C 28 -31.51 37.84 77.09
CA ALA C 28 -31.16 39.14 77.67
C ALA C 28 -32.03 39.49 78.88
N THR C 29 -33.28 39.00 78.90
CA THR C 29 -34.19 39.27 80.00
C THR C 29 -34.49 38.05 80.88
N GLY C 30 -34.16 36.86 80.37
CA GLY C 30 -34.41 35.60 81.09
C GLY C 30 -35.88 35.18 81.08
N GLU C 31 -36.70 36.00 80.42
CA GLU C 31 -38.14 35.80 80.28
C GLU C 31 -38.48 34.92 79.08
N VAL C 32 -39.67 34.35 79.08
CA VAL C 32 -40.13 33.50 77.98
C VAL C 32 -40.77 34.41 76.93
N ILE C 33 -40.34 34.25 75.68
CA ILE C 33 -40.86 35.02 74.55
C ILE C 33 -42.19 34.43 74.08
N LEU C 34 -42.13 33.14 73.73
CA LEU C 34 -43.25 32.38 73.21
C LEU C 34 -43.17 30.92 73.60
N GLU C 35 -44.24 30.20 73.28
CA GLU C 35 -44.34 28.76 73.52
C GLU C 35 -44.75 28.19 72.16
N ILE C 36 -43.93 27.28 71.65
CA ILE C 36 -44.17 26.68 70.33
C ILE C 36 -44.38 25.17 70.48
N ALA C 37 -45.35 24.64 69.73
CA ALA C 37 -45.63 23.21 69.75
C ALA C 37 -44.69 22.47 68.82
N GLU C 38 -44.00 21.45 69.35
CA GLU C 38 -43.07 20.62 68.59
C GLU C 38 -43.74 19.77 67.52
N ALA C 39 -42.92 19.24 66.63
CA ALA C 39 -43.40 18.35 65.59
C ALA C 39 -43.61 16.98 66.23
N SER C 40 -44.69 16.31 65.88
CA SER C 40 -44.97 14.98 66.41
C SER C 40 -44.18 13.98 65.56
N PRO C 41 -43.91 12.76 66.10
CA PRO C 41 -43.18 11.75 65.31
C PRO C 41 -43.82 11.48 63.94
N ALA C 42 -45.14 11.60 63.86
CA ALA C 42 -45.90 11.40 62.61
C ALA C 42 -45.63 12.54 61.62
N GLN C 43 -45.50 13.77 62.14
CA GLN C 43 -45.19 14.94 61.31
C GLN C 43 -43.77 14.92 60.78
N VAL C 44 -42.83 14.39 61.56
CA VAL C 44 -41.44 14.26 61.15
C VAL C 44 -41.40 13.28 59.99
N ASP C 45 -42.20 12.21 60.09
CA ASP C 45 -42.31 11.21 59.04
C ASP C 45 -42.94 11.86 57.81
N ALA C 46 -44.03 12.60 58.02
CA ALA C 46 -44.74 13.32 56.94
C ALA C 46 -43.80 14.26 56.19
N ALA C 47 -42.91 14.93 56.92
CA ALA C 47 -41.95 15.86 56.34
C ALA C 47 -40.94 15.12 55.45
N VAL C 48 -40.44 13.98 55.94
CA VAL C 48 -39.48 13.17 55.17
C VAL C 48 -40.14 12.58 53.93
N GLN C 49 -41.39 12.12 54.07
CA GLN C 49 -42.14 11.57 52.94
C GLN C 49 -42.33 12.65 51.88
N ALA C 50 -42.65 13.86 52.33
CA ALA C 50 -42.86 15.00 51.45
C ALA C 50 -41.60 15.31 50.63
N ALA C 51 -40.45 15.25 51.30
CA ALA C 51 -39.17 15.49 50.66
C ALA C 51 -38.84 14.38 49.68
N ASP C 52 -39.08 13.14 50.08
CA ASP C 52 -38.80 11.97 49.26
C ASP C 52 -39.59 12.01 47.94
N ASN C 53 -40.88 12.39 48.03
CA ASN C 53 -41.74 12.48 46.85
C ASN C 53 -41.33 13.64 45.95
N ALA C 54 -41.01 14.77 46.56
CA ALA C 54 -40.61 15.97 45.84
C ALA C 54 -39.30 15.82 45.07
N PHE C 55 -38.46 14.89 45.53
CA PHE C 55 -37.13 14.65 44.93
C PHE C 55 -37.14 14.18 43.47
N ALA C 56 -38.11 13.38 43.09
CA ALA C 56 -38.20 12.88 41.72
C ALA C 56 -38.19 14.04 40.73
N GLU C 57 -38.97 15.08 41.02
CA GLU C 57 -39.08 16.25 40.16
C GLU C 57 -37.94 17.24 40.39
N TRP C 58 -37.70 17.58 41.66
CA TRP C 58 -36.66 18.54 42.05
C TRP C 58 -35.22 18.17 41.68
N GLY C 59 -34.90 16.87 41.74
CA GLY C 59 -33.57 16.39 41.39
C GLY C 59 -33.25 16.50 39.91
N GLN C 60 -34.28 16.69 39.08
CA GLN C 60 -34.10 16.82 37.63
C GLN C 60 -34.09 18.26 37.15
N THR C 61 -34.32 19.20 38.06
CA THR C 61 -34.29 20.61 37.67
C THR C 61 -32.88 20.99 37.25
N THR C 62 -32.79 22.02 36.40
CA THR C 62 -31.51 22.48 35.91
C THR C 62 -30.84 23.35 36.96
N PRO C 63 -29.48 23.41 36.96
CA PRO C 63 -28.82 24.30 37.90
C PRO C 63 -29.34 25.72 37.77
N LYS C 64 -29.71 26.12 36.56
CA LYS C 64 -30.25 27.46 36.31
C LYS C 64 -31.54 27.69 37.12
N ALA C 65 -32.44 26.72 37.05
CA ALA C 65 -33.73 26.79 37.77
C ALA C 65 -33.51 26.93 39.28
N ARG C 66 -32.55 26.17 39.81
CA ARG C 66 -32.24 26.20 41.23
C ARG C 66 -31.58 27.50 41.63
N ALA C 67 -30.70 28.02 40.79
CA ALA C 67 -30.02 29.29 41.03
C ALA C 67 -31.06 30.39 41.17
N GLU C 68 -32.08 30.34 40.32
CA GLU C 68 -33.16 31.31 40.33
C GLU C 68 -33.98 31.27 41.62
N CYS C 69 -34.15 30.09 42.19
CA CYS C 69 -34.88 29.95 43.45
C CYS C 69 -34.07 30.56 44.59
N LEU C 70 -32.77 30.25 44.63
CA LEU C 70 -31.87 30.78 45.64
C LEU C 70 -31.74 32.30 45.59
N LEU C 71 -31.66 32.86 44.38
CA LEU C 71 -31.58 34.32 44.22
C LEU C 71 -32.85 34.96 44.69
N LYS C 72 -33.97 34.31 44.44
CA LYS C 72 -35.30 34.80 44.83
C LYS C 72 -35.42 34.74 46.36
N LEU C 73 -34.88 33.69 46.95
CA LEU C 73 -34.88 33.53 48.41
C LEU C 73 -34.01 34.60 49.08
N ALA C 74 -32.85 34.86 48.49
CA ALA C 74 -31.92 35.88 48.98
C ALA C 74 -32.58 37.26 49.01
N ASP C 75 -33.33 37.58 47.94
CA ASP C 75 -34.05 38.85 47.84
C ASP C 75 -35.07 38.99 48.96
N SER C 76 -35.81 37.91 49.19
CA SER C 76 -36.82 37.86 50.23
C SER C 76 -36.23 38.17 51.60
N ILE C 77 -35.06 37.59 51.89
CA ILE C 77 -34.37 37.80 53.17
C ILE C 77 -33.88 39.24 53.28
N GLU C 78 -33.30 39.75 52.20
CA GLU C 78 -32.75 41.10 52.17
C GLU C 78 -33.84 42.16 52.37
N GLN C 79 -35.01 41.91 51.80
CA GLN C 79 -36.16 42.80 51.89
C GLN C 79 -36.76 42.77 53.30
N ASN C 80 -36.56 41.66 53.99
CA ASN C 80 -37.04 41.46 55.36
C ASN C 80 -35.90 41.47 56.38
N ALA C 81 -34.77 42.06 55.99
CA ALA C 81 -33.56 42.16 56.82
C ALA C 81 -33.83 42.62 58.24
N LEU C 82 -34.48 43.77 58.37
CA LEU C 82 -34.78 44.37 59.67
C LEU C 82 -35.59 43.45 60.60
N GLU C 83 -36.61 42.77 60.06
CA GLU C 83 -37.45 41.84 60.85
C GLU C 83 -36.64 40.66 61.36
N PHE C 84 -35.83 40.06 60.48
CA PHE C 84 -34.96 38.95 60.87
C PHE C 84 -33.97 39.38 61.94
N ALA C 85 -33.42 40.59 61.77
CA ALA C 85 -32.48 41.15 62.72
C ALA C 85 -33.08 41.25 64.11
N ARG C 86 -34.30 41.77 64.21
CA ARG C 86 -35.01 41.92 65.50
C ARG C 86 -35.27 40.55 66.13
N LEU C 87 -35.74 39.58 65.35
CA LEU C 87 -35.98 38.23 65.87
C LEU C 87 -34.72 37.55 66.37
N GLU C 88 -33.66 37.57 65.55
CA GLU C 88 -32.39 36.96 65.88
C GLU C 88 -31.82 37.58 67.14
N SER C 89 -31.91 38.91 67.25
CA SER C 89 -31.42 39.64 68.41
C SER C 89 -32.23 39.34 69.66
N GLN C 90 -33.55 39.28 69.51
CA GLN C 90 -34.47 39.00 70.61
C GLN C 90 -34.27 37.57 71.14
N ASN C 91 -34.13 36.63 70.23
CA ASN C 91 -33.98 35.21 70.58
C ASN C 91 -32.56 34.79 71.01
N CYS C 92 -31.52 35.47 70.52
CA CYS C 92 -30.14 35.08 70.85
C CYS C 92 -29.40 35.99 71.80
N GLY C 93 -29.86 37.24 71.91
CA GLY C 93 -29.21 38.22 72.77
C GLY C 93 -28.11 38.98 72.06
N LYS C 94 -27.93 38.67 70.77
CA LYS C 94 -26.93 39.32 69.93
C LYS C 94 -27.24 40.80 69.82
N PRO C 95 -26.22 41.67 69.96
CA PRO C 95 -26.49 43.11 69.80
C PRO C 95 -27.12 43.34 68.43
N LEU C 96 -28.25 44.04 68.41
CA LEU C 96 -29.02 44.31 67.18
C LEU C 96 -28.18 44.88 66.03
N HIS C 97 -27.34 45.88 66.31
CA HIS C 97 -26.53 46.51 65.26
C HIS C 97 -25.59 45.52 64.55
N CYS C 98 -25.09 44.52 65.29
CA CYS C 98 -24.20 43.51 64.70
C CYS C 98 -24.97 42.61 63.75
N VAL C 99 -26.21 42.28 64.10
CA VAL C 99 -27.04 41.42 63.26
C VAL C 99 -27.39 42.13 61.96
N ILE C 100 -27.78 43.41 62.05
CA ILE C 100 -28.14 44.21 60.87
C ILE C 100 -26.97 44.42 59.93
N ASN C 101 -25.80 44.71 60.50
CA ASN C 101 -24.57 45.00 59.72
C ASN C 101 -23.71 43.81 59.32
N ASP C 102 -23.59 42.81 60.19
CA ASP C 102 -22.75 41.64 59.90
C ASP C 102 -23.49 40.41 59.41
N GLU C 103 -24.37 39.86 60.25
CA GLU C 103 -25.09 38.62 59.95
C GLU C 103 -26.05 38.58 58.77
N ILE C 104 -27.06 39.44 58.75
CA ILE C 104 -28.01 39.44 57.64
C ILE C 104 -27.33 39.54 56.26
N PRO C 105 -26.45 40.56 56.05
CA PRO C 105 -25.78 40.62 54.75
C PRO C 105 -24.98 39.36 54.43
N ALA C 106 -24.37 38.75 55.44
CA ALA C 106 -23.60 37.51 55.26
C ALA C 106 -24.52 36.38 54.79
N ILE C 107 -25.69 36.27 55.42
CA ILE C 107 -26.72 35.26 55.10
C ILE C 107 -27.16 35.45 53.65
N VAL C 108 -27.51 36.69 53.31
CA VAL C 108 -27.93 37.03 51.95
C VAL C 108 -26.83 36.64 50.96
N ASP C 109 -25.58 36.97 51.29
CA ASP C 109 -24.45 36.65 50.44
C ASP C 109 -24.28 35.14 50.26
N VAL C 110 -24.49 34.37 51.32
CA VAL C 110 -24.36 32.91 51.24
C VAL C 110 -25.31 32.35 50.18
N PHE C 111 -26.58 32.77 50.21
CA PHE C 111 -27.53 32.31 49.21
C PHE C 111 -27.13 32.71 47.81
N ARG C 112 -26.73 33.97 47.62
CA ARG C 112 -26.30 34.45 46.31
C ARG C 112 -25.08 33.68 45.83
N PHE C 113 -24.12 33.42 46.72
CA PHE C 113 -22.95 32.66 46.34
C PHE C 113 -23.31 31.29 45.81
N PHE C 114 -24.11 30.55 46.58
CA PHE C 114 -24.51 29.22 46.13
C PHE C 114 -25.37 29.20 44.88
N ALA C 115 -26.13 30.28 44.67
CA ALA C 115 -26.94 30.40 43.48
C ALA C 115 -26.00 30.35 42.27
N GLY C 116 -24.86 31.04 42.39
CA GLY C 116 -23.88 31.08 41.33
C GLY C 116 -23.10 29.76 41.26
N ALA C 117 -22.67 29.29 42.43
CA ALA C 117 -21.90 28.05 42.54
C ALA C 117 -22.63 26.84 41.96
N ALA C 118 -23.96 26.82 42.09
CA ALA C 118 -24.77 25.72 41.58
C ALA C 118 -24.55 25.41 40.10
N ARG C 119 -24.16 26.45 39.34
CA ARG C 119 -23.95 26.32 37.90
C ARG C 119 -22.47 26.15 37.50
N CYS C 120 -21.59 25.95 38.49
CA CYS C 120 -20.16 25.81 38.22
C CYS C 120 -19.47 24.55 38.74
N LEU C 121 -20.22 23.47 38.88
CA LEU C 121 -19.65 22.20 39.40
C LEU C 121 -18.59 21.57 38.51
N SER C 122 -17.52 21.09 39.14
CA SER C 122 -16.39 20.46 38.43
C SER C 122 -16.62 19.00 38.11
N GLY C 123 -15.98 18.56 37.03
CA GLY C 123 -16.06 17.18 36.58
C GLY C 123 -14.73 16.85 35.95
N LEU C 124 -14.60 15.66 35.41
CA LEU C 124 -13.39 15.29 34.73
C LEU C 124 -13.72 15.33 33.26
N ALA C 125 -12.70 15.46 32.42
CA ALA C 125 -12.90 15.51 31.00
C ALA C 125 -13.55 14.22 30.52
N ALA C 126 -14.62 14.34 29.75
CA ALA C 126 -15.26 13.17 29.18
C ALA C 126 -14.33 12.68 28.05
N GLY C 127 -14.29 11.39 27.81
CA GLY C 127 -13.44 10.87 26.75
C GLY C 127 -13.31 9.37 26.74
N GLU C 128 -12.38 8.88 25.93
CA GLU C 128 -12.14 7.45 25.84
C GLU C 128 -10.98 7.01 26.69
N TYR C 129 -11.26 6.65 27.93
CA TYR C 129 -10.23 6.18 28.84
C TYR C 129 -9.99 4.69 28.60
N LEU C 130 -10.98 4.07 27.97
CA LEU C 130 -10.92 2.69 27.56
C LEU C 130 -11.32 2.67 26.11
N GLU C 131 -10.48 2.10 25.25
CA GLU C 131 -10.73 2.04 23.80
C GLU C 131 -12.18 1.66 23.50
N GLY C 132 -12.83 2.46 22.67
CA GLY C 132 -14.21 2.22 22.25
C GLY C 132 -15.29 2.44 23.28
N HIS C 133 -15.02 3.26 24.29
CA HIS C 133 -15.99 3.57 25.34
C HIS C 133 -15.87 5.03 25.75
N THR C 134 -16.99 5.77 25.73
CA THR C 134 -16.97 7.15 26.18
C THR C 134 -17.40 7.21 27.65
N SER C 135 -16.53 7.76 28.49
CA SER C 135 -16.83 7.91 29.91
C SER C 135 -17.09 9.36 30.18
N MET C 136 -18.01 9.65 31.10
CA MET C 136 -18.31 11.02 31.48
C MET C 136 -18.57 11.02 32.97
N ILE C 137 -18.43 12.19 33.58
CA ILE C 137 -18.68 12.29 35.02
C ILE C 137 -19.70 13.36 35.32
N ARG C 138 -20.75 12.95 36.04
CA ARG C 138 -21.81 13.85 36.44
C ARG C 138 -21.89 13.96 37.95
N ARG C 139 -22.39 15.10 38.43
CA ARG C 139 -22.57 15.31 39.87
C ARG C 139 -24.06 15.46 40.14
N ASP C 140 -24.68 14.39 40.61
CA ASP C 140 -26.11 14.38 40.88
C ASP C 140 -26.44 14.59 42.35
N PRO C 141 -27.68 15.04 42.66
CA PRO C 141 -28.05 15.24 44.05
C PRO C 141 -28.08 13.92 44.85
N ILE C 142 -27.90 14.01 46.16
CA ILE C 142 -27.90 12.85 47.04
C ILE C 142 -29.31 12.30 47.29
N GLY C 143 -30.27 13.19 47.53
CA GLY C 143 -31.65 12.80 47.79
C GLY C 143 -32.23 13.65 48.90
N VAL C 144 -32.77 13.00 49.93
CA VAL C 144 -33.35 13.69 51.07
C VAL C 144 -32.25 13.99 52.11
N VAL C 145 -32.13 15.26 52.48
CA VAL C 145 -31.13 15.70 53.44
C VAL C 145 -31.76 16.25 54.71
N ALA C 146 -31.27 15.77 55.85
CA ALA C 146 -31.73 16.22 57.16
C ALA C 146 -30.68 17.15 57.73
N SER C 147 -31.08 18.38 58.03
CA SER C 147 -30.17 19.38 58.58
C SER C 147 -30.53 19.79 60.00
N ILE C 148 -29.54 19.76 60.88
CA ILE C 148 -29.72 20.15 62.28
C ILE C 148 -28.87 21.40 62.51
N ALA C 149 -29.54 22.52 62.77
CA ALA C 149 -28.87 23.81 63.02
C ALA C 149 -28.60 24.03 64.51
N PRO C 150 -27.47 24.69 64.84
CA PRO C 150 -27.11 24.97 66.22
C PRO C 150 -27.75 26.28 66.71
N TRP C 151 -27.54 26.59 67.99
CA TRP C 151 -28.14 27.80 68.58
C TRP C 151 -27.33 29.09 68.55
N ASN C 152 -26.03 29.01 68.26
CA ASN C 152 -25.17 30.20 68.25
C ASN C 152 -25.47 31.19 67.10
N TYR C 153 -25.62 30.66 65.89
CA TYR C 153 -25.95 31.47 64.71
C TYR C 153 -27.11 30.76 64.00
N PRO C 154 -28.32 30.83 64.59
CA PRO C 154 -29.53 30.16 64.09
C PRO C 154 -29.81 30.34 62.60
N LEU C 155 -30.00 31.57 62.16
CA LEU C 155 -30.30 31.82 60.76
C LEU C 155 -29.11 31.62 59.82
N MET C 156 -27.91 32.00 60.26
CA MET C 156 -26.72 31.85 59.42
C MET C 156 -26.40 30.37 59.16
N MET C 157 -26.37 29.55 60.22
CA MET C 157 -26.14 28.12 60.05
C MET C 157 -27.24 27.44 59.25
N ALA C 158 -28.45 28.00 59.33
CA ALA C 158 -29.56 27.47 58.55
C ALA C 158 -29.21 27.70 57.08
N ALA C 159 -28.70 28.89 56.78
CA ALA C 159 -28.30 29.27 55.43
C ALA C 159 -27.16 28.38 54.93
N TRP C 160 -26.16 28.15 55.79
CA TRP C 160 -25.01 27.30 55.49
C TRP C 160 -25.41 25.86 55.16
N LYS C 161 -26.56 25.43 55.66
CA LYS C 161 -27.06 24.08 55.40
C LYS C 161 -28.08 24.01 54.29
N LEU C 162 -28.89 25.04 54.13
CA LEU C 162 -29.91 25.06 53.10
C LEU C 162 -29.36 25.40 51.72
N ALA C 163 -28.57 26.46 51.64
CA ALA C 163 -28.01 26.90 50.37
C ALA C 163 -27.32 25.80 49.54
N PRO C 164 -26.24 25.17 50.07
CA PRO C 164 -25.61 24.13 49.25
C PRO C 164 -26.52 22.94 48.96
N ALA C 165 -27.27 22.49 49.97
CA ALA C 165 -28.16 21.35 49.81
C ALA C 165 -29.18 21.56 48.68
N LEU C 166 -29.83 22.73 48.69
CA LEU C 166 -30.83 23.06 47.68
C LEU C 166 -30.18 23.33 46.32
N ALA C 167 -29.04 24.02 46.32
CA ALA C 167 -28.32 24.31 45.08
C ALA C 167 -27.91 23.02 44.37
N ALA C 168 -27.51 22.02 45.14
CA ALA C 168 -27.11 20.72 44.60
C ALA C 168 -28.28 19.91 44.04
N GLY C 169 -29.51 20.31 44.39
CA GLY C 169 -30.71 19.64 43.93
C GLY C 169 -31.34 18.64 44.88
N ASN C 170 -31.03 18.77 46.16
CA ASN C 170 -31.58 17.89 47.19
C ASN C 170 -32.84 18.47 47.80
N CYS C 171 -33.57 17.64 48.54
CA CYS C 171 -34.75 18.08 49.27
C CYS C 171 -34.32 18.08 50.72
N VAL C 172 -34.67 19.15 51.43
CA VAL C 172 -34.23 19.29 52.80
C VAL C 172 -35.34 19.31 53.86
N VAL C 173 -35.02 18.73 55.00
CA VAL C 173 -35.86 18.74 56.18
C VAL C 173 -34.90 19.29 57.23
N ILE C 174 -35.12 20.53 57.65
CA ILE C 174 -34.25 21.18 58.61
C ILE C 174 -34.92 21.42 59.96
N LYS C 175 -34.16 21.19 61.02
CA LYS C 175 -34.61 21.38 62.39
C LYS C 175 -33.65 22.34 63.06
N PRO C 176 -34.12 23.54 63.41
CA PRO C 176 -33.23 24.47 64.13
C PRO C 176 -33.15 24.02 65.59
N SER C 177 -32.29 24.65 66.38
CA SER C 177 -32.17 24.30 67.79
C SER C 177 -33.46 24.68 68.51
N GLU C 178 -33.88 23.88 69.49
CA GLU C 178 -35.09 24.18 70.23
C GLU C 178 -34.95 25.51 70.98
N ILE C 179 -33.72 25.84 71.32
CA ILE C 179 -33.38 27.08 72.02
C ILE C 179 -33.66 28.32 71.14
N THR C 180 -33.31 28.21 69.86
CA THR C 180 -33.45 29.32 68.91
C THR C 180 -34.17 28.95 67.60
N PRO C 181 -35.51 28.87 67.63
CA PRO C 181 -36.23 28.51 66.40
C PRO C 181 -36.90 29.64 65.61
N LEU C 182 -37.04 30.81 66.23
CA LEU C 182 -37.73 31.96 65.62
C LEU C 182 -37.37 32.33 64.17
N THR C 183 -36.08 32.59 63.91
CA THR C 183 -35.66 32.96 62.55
C THR C 183 -35.90 31.88 61.51
N ALA C 184 -35.67 30.62 61.88
CA ALA C 184 -35.88 29.51 60.97
C ALA C 184 -37.35 29.36 60.59
N LEU C 185 -38.24 29.49 61.58
CA LEU C 185 -39.68 29.39 61.35
C LEU C 185 -40.22 30.60 60.55
N LYS C 186 -39.53 31.73 60.68
CA LYS C 186 -39.87 32.95 59.94
C LYS C 186 -39.47 32.73 58.49
N LEU C 187 -38.29 32.15 58.28
CA LEU C 187 -37.76 31.84 56.95
C LEU C 187 -38.69 30.89 56.22
N ALA C 188 -39.25 29.94 56.98
CA ALA C 188 -40.19 28.95 56.45
C ALA C 188 -41.40 29.62 55.80
N VAL C 189 -41.88 30.71 56.40
CA VAL C 189 -43.03 31.45 55.88
C VAL C 189 -42.68 32.09 54.53
N LEU C 190 -41.49 32.67 54.44
CA LEU C 190 -41.05 33.32 53.22
C LEU C 190 -40.68 32.38 52.09
N ALA C 191 -39.98 31.30 52.44
CA ALA C 191 -39.52 30.31 51.45
C ALA C 191 -40.61 29.31 51.01
N LYS C 192 -41.75 29.34 51.70
CA LYS C 192 -42.89 28.46 51.45
C LYS C 192 -43.20 28.27 49.97
N ASP C 193 -43.38 29.38 49.26
CA ASP C 193 -43.73 29.39 47.84
C ASP C 193 -42.58 29.47 46.84
N ILE C 194 -41.37 29.73 47.33
CA ILE C 194 -40.19 29.84 46.48
C ILE C 194 -39.77 28.48 45.89
N PHE C 195 -39.91 27.42 46.67
CA PHE C 195 -39.56 26.08 46.23
C PHE C 195 -40.82 25.21 46.11
N PRO C 196 -40.77 24.16 45.26
CA PRO C 196 -41.93 23.27 45.12
C PRO C 196 -42.27 22.60 46.45
N PRO C 197 -43.57 22.32 46.69
CA PRO C 197 -43.98 21.65 47.93
C PRO C 197 -43.15 20.40 48.24
N GLY C 198 -42.61 20.34 49.46
CA GLY C 198 -41.80 19.20 49.89
C GLY C 198 -40.30 19.37 49.74
N VAL C 199 -39.86 20.28 48.87
CA VAL C 199 -38.43 20.54 48.64
C VAL C 199 -37.77 21.11 49.90
N LEU C 200 -38.48 21.99 50.59
CA LEU C 200 -38.01 22.60 51.84
C LEU C 200 -39.01 22.34 52.96
N ASN C 201 -38.52 21.74 54.03
CA ASN C 201 -39.34 21.40 55.18
C ASN C 201 -38.69 21.90 56.45
N VAL C 202 -39.42 22.67 57.24
CA VAL C 202 -38.89 23.20 58.48
C VAL C 202 -39.67 22.65 59.68
N LEU C 203 -38.96 21.91 60.52
CA LEU C 203 -39.54 21.31 61.72
C LEU C 203 -39.02 22.01 62.97
N PHE C 204 -39.59 21.66 64.11
CA PHE C 204 -39.19 22.23 65.40
C PHE C 204 -39.30 21.21 66.54
N GLY C 205 -38.31 21.23 67.44
CA GLY C 205 -38.29 20.33 68.58
C GLY C 205 -36.92 19.99 69.14
N ARG C 206 -36.94 19.32 70.30
CA ARG C 206 -35.72 18.90 71.00
C ARG C 206 -35.06 17.75 70.24
N GLY C 207 -33.75 17.64 70.41
CA GLY C 207 -32.97 16.59 69.74
C GLY C 207 -33.38 15.17 70.12
N GLN C 208 -33.99 15.01 71.29
CA GLN C 208 -34.43 13.71 71.79
C GLN C 208 -35.74 13.25 71.14
N THR C 209 -36.70 14.16 71.01
CA THR C 209 -38.02 13.83 70.43
C THR C 209 -38.11 13.97 68.90
N VAL C 210 -37.66 15.09 68.36
CA VAL C 210 -37.75 15.33 66.92
C VAL C 210 -36.47 14.95 66.17
N GLY C 211 -35.32 15.45 66.65
CA GLY C 211 -34.02 15.19 66.05
C GLY C 211 -33.70 13.72 65.78
N ASP C 212 -33.91 12.88 66.78
CA ASP C 212 -33.63 11.44 66.66
C ASP C 212 -34.55 10.73 65.66
N VAL C 213 -35.81 11.16 65.59
CA VAL C 213 -36.77 10.56 64.65
C VAL C 213 -36.36 10.93 63.23
N LEU C 214 -35.91 12.17 63.05
CA LEU C 214 -35.48 12.69 61.75
C LEU C 214 -34.20 12.06 61.22
N THR C 215 -33.15 12.08 62.04
CA THR C 215 -31.85 11.53 61.64
C THR C 215 -31.86 10.01 61.49
N GLY C 216 -32.76 9.34 62.21
CA GLY C 216 -32.85 7.89 62.13
C GLY C 216 -33.79 7.37 61.08
N HIS C 217 -34.52 8.27 60.41
CA HIS C 217 -35.47 7.87 59.37
C HIS C 217 -34.77 7.16 58.21
N GLU C 218 -35.38 6.07 57.74
CA GLU C 218 -34.81 5.26 56.65
C GLU C 218 -34.64 5.98 55.31
N LYS C 219 -35.52 6.93 55.02
CA LYS C 219 -35.46 7.67 53.75
C LYS C 219 -34.52 8.88 53.71
N VAL C 220 -33.91 9.21 54.85
CA VAL C 220 -32.95 10.31 54.92
C VAL C 220 -31.62 9.76 54.42
N ARG C 221 -31.09 10.32 53.35
CA ARG C 221 -29.83 9.84 52.77
C ARG C 221 -28.59 10.47 53.40
N MET C 222 -28.72 11.72 53.85
CA MET C 222 -27.61 12.44 54.46
C MET C 222 -28.04 13.29 55.64
N VAL C 223 -27.17 13.38 56.65
CA VAL C 223 -27.42 14.18 57.85
C VAL C 223 -26.27 15.17 58.06
N SER C 224 -26.57 16.47 58.01
CA SER C 224 -25.56 17.49 58.26
C SER C 224 -25.84 18.15 59.61
N LEU C 225 -24.83 18.09 60.47
CA LEU C 225 -24.91 18.63 61.83
C LEU C 225 -23.83 19.64 62.21
N THR C 226 -24.24 20.55 63.09
CA THR C 226 -23.40 21.57 63.68
C THR C 226 -23.83 21.63 65.14
N GLY C 227 -22.90 21.35 66.04
CA GLY C 227 -23.17 21.35 67.48
C GLY C 227 -21.90 21.05 68.26
N SER C 228 -22.07 20.41 69.41
CA SER C 228 -20.94 20.05 70.25
C SER C 228 -20.47 18.63 69.93
N ILE C 229 -19.32 18.24 70.48
CA ILE C 229 -18.75 16.90 70.29
C ILE C 229 -19.69 15.84 70.88
N ALA C 230 -20.42 16.22 71.93
CA ALA C 230 -21.38 15.35 72.62
C ALA C 230 -22.58 14.98 71.75
N THR C 231 -23.27 15.99 71.19
CA THR C 231 -24.45 15.76 70.33
C THR C 231 -24.06 15.16 68.97
N GLY C 232 -22.79 15.33 68.60
CA GLY C 232 -22.25 14.80 67.34
C GLY C 232 -21.97 13.31 67.42
N GLU C 233 -21.46 12.88 68.58
CA GLU C 233 -21.15 11.48 68.85
C GLU C 233 -22.45 10.66 68.88
N HIS C 234 -23.49 11.28 69.47
CA HIS C 234 -24.81 10.68 69.60
C HIS C 234 -25.44 10.37 68.25
N ILE C 235 -25.39 11.33 67.31
CA ILE C 235 -25.96 11.16 65.97
C ILE C 235 -25.15 10.21 65.08
N LEU C 236 -23.82 10.26 65.19
CA LEU C 236 -22.95 9.42 64.36
C LEU C 236 -23.07 7.91 64.68
N ARG C 237 -23.40 7.59 65.93
CA ARG C 237 -23.56 6.20 66.37
C ARG C 237 -25.02 5.73 66.24
N HIS C 238 -25.91 6.70 66.00
CA HIS C 238 -27.34 6.48 65.83
C HIS C 238 -27.64 6.16 64.35
N THR C 239 -26.89 6.79 63.45
CA THR C 239 -27.04 6.61 61.99
C THR C 239 -26.08 5.56 61.42
N ALA C 240 -25.21 5.03 62.26
CA ALA C 240 -24.21 4.03 61.87
C ALA C 240 -24.74 2.74 61.20
N PRO C 241 -25.86 2.17 61.71
CA PRO C 241 -26.37 0.96 61.03
C PRO C 241 -26.95 1.18 59.62
N ALA C 242 -27.42 2.41 59.37
CA ALA C 242 -28.01 2.78 58.07
C ALA C 242 -26.96 3.16 57.02
N ILE C 243 -25.72 3.34 57.47
CA ILE C 243 -24.55 3.71 56.65
C ILE C 243 -24.81 5.02 55.86
N LYS C 244 -25.43 5.96 56.55
CA LYS C 244 -25.75 7.28 56.01
C LYS C 244 -24.49 8.10 55.92
N ARG C 245 -24.44 9.05 54.99
CA ARG C 245 -23.27 9.91 54.89
C ARG C 245 -23.53 11.16 55.74
N THR C 246 -22.50 11.59 56.47
CA THR C 246 -22.61 12.73 57.37
C THR C 246 -21.72 13.93 57.00
N HIS C 247 -22.04 15.07 57.61
CA HIS C 247 -21.35 16.33 57.44
C HIS C 247 -21.30 16.89 58.86
N MET C 248 -20.13 16.81 59.48
CA MET C 248 -19.96 17.26 60.87
C MET C 248 -19.18 18.56 61.10
N GLU C 249 -19.75 19.42 61.94
CA GLU C 249 -19.16 20.69 62.36
C GLU C 249 -19.32 20.63 63.89
N LEU C 250 -18.25 20.28 64.57
CA LEU C 250 -18.33 20.08 66.03
C LEU C 250 -17.45 20.96 66.93
N GLY C 251 -17.52 22.28 66.72
CA GLY C 251 -16.76 23.24 67.52
C GLY C 251 -15.25 23.16 67.38
N GLY C 252 -14.56 23.91 68.23
CA GLY C 252 -13.11 23.97 68.22
C GLY C 252 -12.53 24.88 69.28
N LYS C 253 -11.22 24.77 69.46
CA LYS C 253 -10.52 25.62 70.44
C LYS C 253 -9.40 26.26 69.59
N ALA C 254 -9.79 27.28 68.83
CA ALA C 254 -8.88 28.02 67.93
C ALA C 254 -7.67 28.66 68.61
N PRO C 255 -6.45 28.21 68.25
CA PRO C 255 -5.27 28.80 68.86
C PRO C 255 -4.86 30.12 68.17
N VAL C 256 -4.34 31.05 68.96
CA VAL C 256 -3.86 32.32 68.47
C VAL C 256 -2.40 32.35 68.86
N ILE C 257 -1.52 32.14 67.87
CA ILE C 257 -0.08 32.09 68.11
C ILE C 257 0.56 33.45 67.84
N VAL C 258 1.09 34.07 68.88
CA VAL C 258 1.71 35.39 68.79
C VAL C 258 3.23 35.37 69.03
N PHE C 259 4.00 35.83 68.05
CA PHE C 259 5.47 35.90 68.16
C PHE C 259 5.93 37.30 68.54
N ASP C 260 7.15 37.41 69.08
CA ASP C 260 7.75 38.70 69.51
C ASP C 260 7.63 39.75 68.43
N ASP C 261 7.74 39.23 67.23
CA ASP C 261 7.69 39.89 65.95
C ASP C 261 6.34 40.59 65.65
N ALA C 262 5.26 40.13 66.30
CA ALA C 262 3.89 40.65 66.07
C ALA C 262 3.58 42.07 66.51
N ASP C 263 2.51 42.60 65.93
CA ASP C 263 1.98 43.93 66.26
C ASP C 263 1.03 43.71 67.43
N LEU C 264 1.52 43.95 68.65
CA LEU C 264 0.73 43.72 69.87
C LEU C 264 -0.63 44.42 69.95
N ASP C 265 -0.69 45.67 69.47
CA ASP C 265 -1.95 46.43 69.51
C ASP C 265 -2.99 45.81 68.57
N ALA C 266 -2.52 45.30 67.42
CA ALA C 266 -3.39 44.65 66.45
C ALA C 266 -3.91 43.32 67.00
N VAL C 267 -3.09 42.64 67.81
CA VAL C 267 -3.48 41.37 68.41
C VAL C 267 -4.55 41.66 69.45
N ALA C 268 -4.28 42.64 70.31
CA ALA C 268 -5.20 43.05 71.37
C ALA C 268 -6.57 43.43 70.83
N GLN C 269 -6.58 44.22 69.77
CA GLN C 269 -7.83 44.65 69.14
C GLN C 269 -8.56 43.47 68.52
N GLY C 270 -7.79 42.56 67.93
CA GLY C 270 -8.32 41.35 67.31
C GLY C 270 -8.96 40.42 68.31
N VAL C 271 -8.25 40.16 69.41
CA VAL C 271 -8.77 39.27 70.46
C VAL C 271 -9.97 39.92 71.14
N ARG C 272 -9.97 41.25 71.25
CA ARG C 272 -11.06 41.99 71.87
C ARG C 272 -12.34 41.74 71.09
N THR C 273 -12.23 41.69 69.76
CA THR C 273 -13.38 41.48 68.90
C THR C 273 -13.69 40.01 68.70
N PHE C 274 -12.72 39.29 68.16
CA PHE C 274 -12.89 37.89 67.80
C PHE C 274 -12.93 36.84 68.91
N GLY C 275 -12.48 37.22 70.11
CA GLY C 275 -12.49 36.27 71.21
C GLY C 275 -13.77 36.41 72.03
N PHE C 276 -14.50 37.51 71.81
CA PHE C 276 -15.71 37.80 72.56
C PHE C 276 -16.94 38.12 71.71
N TYR C 277 -16.79 38.05 70.39
CA TYR C 277 -17.90 38.32 69.48
C TYR C 277 -18.94 37.23 69.72
N ASN C 278 -20.21 37.63 69.75
CA ASN C 278 -21.32 36.72 69.96
C ASN C 278 -21.15 36.01 71.30
N ALA C 279 -20.60 36.74 72.27
CA ALA C 279 -20.32 36.24 73.64
C ALA C 279 -19.39 35.03 73.65
N GLY C 280 -18.48 34.98 72.68
CA GLY C 280 -17.51 33.89 72.55
C GLY C 280 -18.14 32.57 72.16
N GLN C 281 -19.43 32.61 71.85
CA GLN C 281 -20.20 31.45 71.44
C GLN C 281 -20.00 31.22 69.94
N ASP C 282 -18.76 30.89 69.58
CA ASP C 282 -18.40 30.65 68.18
C ASP C 282 -17.25 29.65 68.10
N CYS C 283 -17.36 28.73 67.14
CA CYS C 283 -16.36 27.68 66.93
C CYS C 283 -14.97 28.21 66.54
N THR C 284 -14.94 29.41 65.96
CA THR C 284 -13.70 30.03 65.52
C THR C 284 -13.18 31.11 66.47
N ALA C 285 -13.84 31.29 67.60
CA ALA C 285 -13.44 32.29 68.59
C ALA C 285 -11.97 32.20 68.97
N ALA C 286 -11.30 33.34 68.99
CA ALA C 286 -9.89 33.46 69.37
C ALA C 286 -9.83 33.35 70.88
N CYS C 287 -9.90 32.12 71.38
CA CYS C 287 -9.98 31.88 72.82
C CYS C 287 -8.76 31.26 73.50
N ARG C 288 -7.84 30.77 72.71
CA ARG C 288 -6.66 30.10 73.21
C ARG C 288 -5.44 30.83 72.64
N ILE C 289 -4.79 31.65 73.46
CA ILE C 289 -3.62 32.39 73.02
C ILE C 289 -2.27 31.84 73.51
N TYR C 290 -1.34 31.73 72.57
CA TYR C 290 0.02 31.31 72.86
C TYR C 290 0.87 32.53 72.54
N ALA C 291 1.40 33.16 73.58
CA ALA C 291 2.22 34.35 73.42
C ALA C 291 3.69 34.02 73.68
N GLN C 292 4.56 34.43 72.77
CA GLN C 292 5.98 34.15 72.91
C GLN C 292 6.53 34.96 74.09
N ARG C 293 7.41 34.32 74.87
CA ARG C 293 8.00 34.90 76.07
C ARG C 293 8.36 36.39 76.00
N GLY C 294 9.07 36.77 74.95
CA GLY C 294 9.51 38.15 74.74
C GLY C 294 8.40 39.18 74.88
N ILE C 295 7.24 38.91 74.27
CA ILE C 295 6.10 39.85 74.32
C ILE C 295 4.96 39.44 75.25
N TYR C 296 5.12 38.32 75.94
CA TYR C 296 4.09 37.79 76.85
C TYR C 296 3.48 38.83 77.81
N ASP C 297 4.29 39.33 78.73
CA ASP C 297 3.85 40.32 79.72
C ASP C 297 3.20 41.57 79.13
N ALA C 298 3.80 42.11 78.08
CA ALA C 298 3.26 43.30 77.42
C ALA C 298 1.88 43.04 76.84
N LEU C 299 1.71 41.87 76.19
CA LEU C 299 0.42 41.49 75.58
C LEU C 299 -0.67 41.25 76.61
N VAL C 300 -0.31 40.63 77.74
CA VAL C 300 -1.26 40.36 78.81
C VAL C 300 -1.85 41.68 79.32
N GLU C 301 -1.02 42.71 79.47
CA GLU C 301 -1.49 44.01 79.92
C GLU C 301 -2.40 44.67 78.88
N LYS C 302 -1.99 44.61 77.61
CA LYS C 302 -2.78 45.20 76.53
C LYS C 302 -4.14 44.52 76.41
N LEU C 303 -4.17 43.19 76.54
CA LEU C 303 -5.41 42.41 76.49
C LEU C 303 -6.32 42.77 77.65
N GLY C 304 -5.73 42.94 78.83
CA GLY C 304 -6.46 43.30 80.03
C GLY C 304 -7.24 44.59 79.79
N ASN C 305 -6.57 45.60 79.26
CA ASN C 305 -7.18 46.89 78.96
C ASN C 305 -8.26 46.79 77.88
N ALA C 306 -7.97 46.02 76.84
CA ALA C 306 -8.89 45.84 75.73
C ALA C 306 -10.16 45.09 76.10
N VAL C 307 -10.00 43.99 76.84
CA VAL C 307 -11.14 43.15 77.26
C VAL C 307 -12.06 43.85 78.26
N SER C 308 -11.48 44.46 79.30
CA SER C 308 -12.26 45.13 80.34
C SER C 308 -13.11 46.31 79.85
N SER C 309 -12.79 46.85 78.68
CA SER C 309 -13.53 47.99 78.13
C SER C 309 -14.77 47.57 77.33
N LEU C 310 -14.97 46.27 77.13
CA LEU C 310 -16.14 45.77 76.40
C LEU C 310 -17.42 46.12 77.13
N LYS C 311 -18.29 46.85 76.44
CA LYS C 311 -19.58 47.24 77.02
C LYS C 311 -20.69 46.22 76.87
N MET C 312 -21.17 45.78 78.01
CA MET C 312 -22.23 44.80 78.14
C MET C 312 -23.51 45.59 78.35
N GLY C 313 -24.61 45.14 77.75
CA GLY C 313 -25.89 45.84 77.90
C GLY C 313 -27.02 45.28 77.08
N ALA C 314 -28.07 46.09 76.93
CA ALA C 314 -29.27 45.73 76.16
C ALA C 314 -28.92 45.53 74.68
N PRO C 315 -29.37 44.40 74.09
CA PRO C 315 -29.09 44.11 72.68
C PRO C 315 -29.58 45.16 71.70
N GLU C 316 -30.69 45.82 72.00
CA GLU C 316 -31.23 46.84 71.08
C GLU C 316 -30.52 48.20 71.20
N ASP C 317 -29.66 48.35 72.21
CA ASP C 317 -28.93 49.59 72.43
C ASP C 317 -27.65 49.55 71.57
N GLU C 318 -27.50 50.59 70.75
CA GLU C 318 -26.38 50.74 69.80
C GLU C 318 -24.97 50.57 70.37
N SER C 319 -24.75 51.02 71.60
CA SER C 319 -23.44 50.94 72.25
C SER C 319 -23.03 49.53 72.74
N THR C 320 -23.99 48.62 72.88
CA THR C 320 -23.71 47.26 73.36
C THR C 320 -22.79 46.44 72.46
N GLU C 321 -21.68 45.98 73.01
CA GLU C 321 -20.69 45.18 72.29
C GLU C 321 -20.78 43.69 72.63
N LEU C 322 -21.16 43.40 73.87
CA LEU C 322 -21.26 42.02 74.35
C LEU C 322 -22.64 41.69 74.87
N GLY C 323 -23.20 40.60 74.36
CA GLY C 323 -24.53 40.14 74.75
C GLY C 323 -24.42 39.02 75.77
N PRO C 324 -25.57 38.41 76.11
CA PRO C 324 -25.55 37.31 77.07
C PRO C 324 -25.28 35.96 76.39
N LEU C 325 -25.19 34.91 77.20
CA LEU C 325 -25.01 33.56 76.70
C LEU C 325 -26.39 33.06 76.25
N SER C 326 -26.42 32.08 75.36
CA SER C 326 -27.66 31.56 74.79
C SER C 326 -28.77 31.07 75.74
N SER C 327 -28.40 30.38 76.82
CA SER C 327 -29.39 29.84 77.76
C SER C 327 -28.86 29.64 79.17
N LEU C 328 -29.78 29.36 80.09
CA LEU C 328 -29.45 29.13 81.50
C LEU C 328 -28.50 27.93 81.65
N ALA C 329 -28.76 26.88 80.86
CA ALA C 329 -27.96 25.66 80.88
C ALA C 329 -26.52 25.96 80.44
N HIS C 330 -26.36 26.76 79.40
CA HIS C 330 -25.03 27.09 78.89
C HIS C 330 -24.29 28.04 79.85
N LEU C 331 -25.04 28.91 80.53
CA LEU C 331 -24.46 29.82 81.50
C LEU C 331 -23.81 29.02 82.62
N LYS C 332 -24.45 27.90 82.98
CA LYS C 332 -23.95 27.00 84.01
C LYS C 332 -22.69 26.26 83.57
N ARG C 333 -22.61 25.84 82.30
CA ARG C 333 -21.43 25.16 81.78
C ARG C 333 -20.22 26.06 81.74
N VAL C 334 -20.44 27.30 81.29
CA VAL C 334 -19.38 28.30 81.20
C VAL C 334 -18.87 28.62 82.61
N THR C 335 -19.79 28.87 83.54
CA THR C 335 -19.43 29.19 84.93
C THR C 335 -18.57 28.08 85.52
N ALA C 336 -18.97 26.83 85.31
CA ALA C 336 -18.26 25.65 85.82
C ALA C 336 -16.84 25.56 85.25
N ALA C 337 -16.72 25.76 83.94
CA ALA C 337 -15.43 25.72 83.24
C ALA C 337 -14.47 26.80 83.74
N VAL C 338 -15.01 27.97 84.05
CA VAL C 338 -14.21 29.08 84.55
C VAL C 338 -13.82 28.85 86.01
N GLU C 339 -14.73 28.27 86.78
CA GLU C 339 -14.45 27.99 88.19
C GLU C 339 -13.34 26.97 88.35
N GLU C 340 -13.30 25.95 87.48
CA GLU C 340 -12.24 24.93 87.50
C GLU C 340 -10.89 25.58 87.21
N ALA C 341 -10.90 26.57 86.33
CA ALA C 341 -9.69 27.30 85.96
C ALA C 341 -9.19 28.16 87.13
N LYS C 342 -10.11 28.89 87.79
CA LYS C 342 -9.74 29.72 88.94
C LYS C 342 -9.19 28.90 90.10
N ALA C 343 -9.68 27.67 90.23
CA ALA C 343 -9.26 26.75 91.29
C ALA C 343 -7.76 26.44 91.21
N LEU C 344 -7.20 26.47 90.00
CA LEU C 344 -5.79 26.22 89.77
C LEU C 344 -4.97 27.40 90.29
N SER C 345 -4.06 27.11 91.22
CA SER C 345 -3.20 28.12 91.88
C SER C 345 -2.42 29.04 90.93
N HIS C 346 -1.93 28.49 89.81
CA HIS C 346 -1.15 29.27 88.84
C HIS C 346 -1.94 30.21 87.91
N ILE C 347 -3.25 30.02 87.82
CA ILE C 347 -4.09 30.86 86.96
C ILE C 347 -4.34 32.24 87.55
N ARG C 348 -4.07 33.28 86.75
CA ARG C 348 -4.32 34.67 87.14
C ARG C 348 -5.54 35.21 86.40
N VAL C 349 -6.51 35.74 87.14
CA VAL C 349 -7.68 36.32 86.51
C VAL C 349 -7.32 37.79 86.26
N ILE C 350 -7.12 38.14 85.00
CA ILE C 350 -6.77 39.51 84.62
C ILE C 350 -7.99 40.42 84.65
N THR C 351 -9.11 39.93 84.12
CA THR C 351 -10.36 40.68 84.08
C THR C 351 -11.54 39.73 84.06
N GLY C 352 -12.71 40.22 84.48
CA GLY C 352 -13.93 39.41 84.54
C GLY C 352 -13.79 38.34 85.60
N GLY C 353 -14.22 37.11 85.28
CA GLY C 353 -14.11 36.03 86.23
C GLY C 353 -15.37 35.25 86.51
N SER C 354 -16.45 35.96 86.83
CA SER C 354 -17.71 35.29 87.13
C SER C 354 -18.92 35.92 86.46
N GLN C 355 -20.07 35.25 86.58
CA GLN C 355 -21.33 35.72 86.01
C GLN C 355 -21.81 36.98 86.72
N THR C 356 -22.37 37.90 85.92
CA THR C 356 -22.86 39.18 86.45
C THR C 356 -24.30 39.10 86.94
N GLU C 357 -24.59 39.85 88.00
CA GLU C 357 -25.92 39.90 88.62
C GLU C 357 -26.90 40.60 87.71
N GLY C 358 -28.08 40.01 87.56
CA GLY C 358 -29.12 40.56 86.71
C GLY C 358 -30.02 39.48 86.13
N LYS C 359 -31.09 39.90 85.48
CA LYS C 359 -32.06 38.98 84.88
C LYS C 359 -31.52 38.05 83.77
N GLY C 360 -30.79 38.61 82.83
CA GLY C 360 -30.24 37.85 81.71
C GLY C 360 -29.17 36.82 82.05
N TYR C 361 -28.70 36.10 81.04
CA TYR C 361 -27.67 35.09 81.22
C TYR C 361 -26.30 35.68 80.85
N TYR C 362 -26.01 36.84 81.43
CA TYR C 362 -24.75 37.51 81.16
C TYR C 362 -23.57 36.95 81.93
N PHE C 363 -22.41 36.94 81.29
CA PHE C 363 -21.19 36.47 81.90
C PHE C 363 -20.15 37.51 81.48
N ALA C 364 -19.38 38.00 82.46
CA ALA C 364 -18.33 39.00 82.23
C ALA C 364 -17.21 38.51 81.32
N PRO C 365 -16.71 39.39 80.42
CA PRO C 365 -15.62 38.98 79.53
C PRO C 365 -14.40 38.64 80.39
N THR C 366 -14.02 37.38 80.39
CA THR C 366 -12.93 36.87 81.22
C THR C 366 -11.61 36.61 80.47
N LEU C 367 -10.52 36.99 81.11
CA LEU C 367 -9.18 36.78 80.60
C LEU C 367 -8.36 36.06 81.66
N LEU C 368 -7.94 34.83 81.34
CA LEU C 368 -7.17 34.01 82.26
C LEU C 368 -5.74 33.86 81.76
N ALA C 369 -4.79 34.37 82.54
CA ALA C 369 -3.37 34.30 82.17
C ALA C 369 -2.60 33.21 82.90
N ASP C 370 -1.37 32.98 82.45
CA ASP C 370 -0.44 31.99 83.01
C ASP C 370 -0.93 30.55 82.92
N ALA C 371 -1.87 30.31 82.01
CA ALA C 371 -2.42 28.98 81.78
C ALA C 371 -1.35 28.08 81.17
N LYS C 372 -1.38 26.82 81.54
CA LYS C 372 -0.40 25.86 81.01
C LYS C 372 -1.07 24.91 80.03
N GLN C 373 -0.30 24.44 79.05
CA GLN C 373 -0.77 23.54 78.00
C GLN C 373 -1.68 22.39 78.49
N GLU C 374 -1.30 21.74 79.61
CA GLU C 374 -2.09 20.62 80.14
C GLU C 374 -3.42 21.00 80.81
N ASP C 375 -3.57 22.27 81.22
CA ASP C 375 -4.79 22.75 81.89
C ASP C 375 -6.05 22.51 81.06
N ALA C 376 -7.15 22.24 81.77
CA ALA C 376 -8.45 21.99 81.14
C ALA C 376 -8.96 23.21 80.38
N ILE C 377 -8.63 24.39 80.88
CA ILE C 377 -9.05 25.65 80.25
C ILE C 377 -8.44 25.84 78.86
N VAL C 378 -7.33 25.16 78.60
CA VAL C 378 -6.63 25.23 77.31
C VAL C 378 -7.02 24.06 76.40
N GLN C 379 -7.32 22.90 77.01
CA GLN C 379 -7.69 21.70 76.24
C GLN C 379 -9.16 21.60 75.81
N ARG C 380 -10.08 21.84 76.75
CA ARG C 380 -11.53 21.76 76.46
C ARG C 380 -12.10 23.10 75.99
N GLU C 381 -13.09 23.02 75.11
CA GLU C 381 -13.77 24.20 74.58
C GLU C 381 -14.68 24.78 75.65
N VAL C 382 -14.65 26.09 75.81
CA VAL C 382 -15.50 26.74 76.81
C VAL C 382 -16.75 27.30 76.12
N PHE C 383 -16.57 27.81 74.90
CA PHE C 383 -17.66 28.35 74.07
C PHE C 383 -18.38 29.48 74.81
N GLY C 384 -17.61 30.35 75.44
CA GLY C 384 -18.13 31.50 76.19
C GLY C 384 -17.18 32.67 76.06
N PRO C 385 -17.47 33.80 76.73
CA PRO C 385 -16.57 34.96 76.61
C PRO C 385 -15.35 34.80 77.52
N VAL C 386 -14.56 33.76 77.27
CA VAL C 386 -13.38 33.45 78.06
C VAL C 386 -12.16 33.23 77.16
N VAL C 387 -11.05 33.86 77.51
CA VAL C 387 -9.80 33.75 76.75
C VAL C 387 -8.65 33.42 77.69
N SER C 388 -7.81 32.47 77.28
CA SER C 388 -6.65 32.07 78.07
C SER C 388 -5.35 32.42 77.34
N ILE C 389 -4.30 32.73 78.09
CA ILE C 389 -3.00 33.07 77.51
C ILE C 389 -1.95 32.13 78.09
N THR C 390 -1.15 31.54 77.21
CA THR C 390 -0.09 30.61 77.58
C THR C 390 1.21 31.12 76.97
N VAL C 391 2.30 31.04 77.72
CA VAL C 391 3.60 31.49 77.22
C VAL C 391 4.27 30.34 76.44
N PHE C 392 5.09 30.68 75.46
CA PHE C 392 5.85 29.67 74.70
C PHE C 392 7.22 30.24 74.33
N ASP C 393 8.11 29.41 73.80
CA ASP C 393 9.47 29.85 73.44
C ASP C 393 9.81 29.77 71.95
N ASP C 394 9.84 28.57 71.39
CA ASP C 394 10.16 28.31 69.97
C ASP C 394 8.97 27.94 69.10
N GLU C 395 9.17 27.88 67.78
CA GLU C 395 8.12 27.50 66.85
C GLU C 395 7.77 26.04 67.02
N ASP C 396 8.80 25.18 66.98
CA ASP C 396 8.63 23.73 67.12
C ASP C 396 7.75 23.41 68.31
N GLN C 397 8.01 24.09 69.43
CA GLN C 397 7.26 23.90 70.65
C GLN C 397 5.79 24.27 70.48
N VAL C 398 5.52 25.50 70.05
CA VAL C 398 4.15 25.98 69.90
C VAL C 398 3.39 25.18 68.82
N LEU C 399 4.12 24.75 67.79
CA LEU C 399 3.52 23.96 66.71
C LEU C 399 3.06 22.60 67.28
N ARG C 400 3.91 21.94 68.09
CA ARG C 400 3.52 20.68 68.71
C ARG C 400 2.30 20.86 69.59
N TRP C 401 2.28 21.93 70.40
CA TRP C 401 1.14 22.19 71.28
C TRP C 401 -0.15 22.44 70.51
N ALA C 402 -0.07 23.28 69.47
CA ALA C 402 -1.24 23.59 68.66
C ALA C 402 -1.81 22.34 68.01
N ASN C 403 -0.92 21.47 67.51
CA ASN C 403 -1.32 20.22 66.86
C ASN C 403 -1.72 19.10 67.82
N ASP C 404 -1.28 19.18 69.07
CA ASP C 404 -1.65 18.17 70.07
C ASP C 404 -3.00 18.56 70.66
N SER C 405 -4.00 18.61 69.79
CA SER C 405 -5.35 18.97 70.15
C SER C 405 -6.36 18.10 69.44
N ARG C 406 -7.46 17.82 70.11
CA ARG C 406 -8.55 17.03 69.56
C ARG C 406 -9.29 17.85 68.49
N TYR C 407 -9.20 19.17 68.63
CA TYR C 407 -9.83 20.10 67.71
C TYR C 407 -8.93 20.43 66.51
N GLY C 408 -9.54 20.92 65.43
CA GLY C 408 -8.81 21.29 64.23
C GLY C 408 -9.61 22.15 63.26
N LEU C 409 -10.36 23.11 63.79
CA LEU C 409 -11.20 23.97 62.93
C LEU C 409 -10.53 25.24 62.37
N ALA C 410 -10.07 26.12 63.26
CA ALA C 410 -9.45 27.38 62.86
C ALA C 410 -8.25 27.72 63.73
N SER C 411 -7.45 28.68 63.27
CA SER C 411 -6.25 29.12 63.99
C SER C 411 -5.72 30.38 63.34
N SER C 412 -4.86 31.09 64.07
CA SER C 412 -4.23 32.29 63.53
C SER C 412 -2.80 32.42 64.03
N VAL C 413 -1.96 32.99 63.19
CA VAL C 413 -0.56 33.23 63.50
C VAL C 413 -0.31 34.72 63.30
N TRP C 414 0.26 35.34 64.32
CA TRP C 414 0.57 36.77 64.30
C TRP C 414 2.06 36.92 64.31
N THR C 415 2.62 37.34 63.18
CA THR C 415 4.05 37.52 62.99
C THR C 415 4.29 38.34 61.73
N GLN C 416 5.45 38.99 61.66
CA GLN C 416 5.79 39.80 60.48
C GLN C 416 6.73 39.07 59.52
N ASP C 417 7.29 37.95 59.96
CA ASP C 417 8.24 37.17 59.16
C ASP C 417 7.50 36.35 58.11
N VAL C 418 7.80 36.62 56.84
CA VAL C 418 7.17 35.93 55.69
C VAL C 418 7.42 34.43 55.78
N GLY C 419 8.68 34.08 56.03
CA GLY C 419 9.10 32.68 56.15
C GLY C 419 8.30 31.96 57.21
N ARG C 420 8.31 32.51 58.42
CA ARG C 420 7.58 31.92 59.54
C ARG C 420 6.07 31.77 59.27
N ALA C 421 5.45 32.81 58.72
CA ALA C 421 4.01 32.79 58.43
C ALA C 421 3.64 31.60 57.56
N HIS C 422 4.38 31.38 56.47
CA HIS C 422 4.12 30.27 55.56
C HIS C 422 4.54 28.91 56.07
N ARG C 423 5.63 28.89 56.82
CA ARG C 423 6.15 27.66 57.37
C ARG C 423 5.14 27.07 58.37
N LEU C 424 4.57 27.91 59.24
CA LEU C 424 3.56 27.46 60.22
C LEU C 424 2.20 27.16 59.64
N SER C 425 1.73 28.01 58.73
CA SER C 425 0.42 27.79 58.14
C SER C 425 0.38 26.50 57.32
N ALA C 426 1.54 26.09 56.81
CA ALA C 426 1.65 24.84 56.04
C ALA C 426 1.59 23.62 56.97
N ARG C 427 2.05 23.81 58.20
CA ARG C 427 2.13 22.72 59.17
C ARG C 427 1.03 22.64 60.23
N LEU C 428 0.22 23.69 60.37
CA LEU C 428 -0.87 23.66 61.36
C LEU C 428 -1.96 22.69 60.94
N GLN C 429 -2.50 21.98 61.90
CA GLN C 429 -3.53 21.00 61.64
C GLN C 429 -4.91 21.56 61.98
N TYR C 430 -5.26 22.60 61.22
CA TYR C 430 -6.52 23.32 61.35
C TYR C 430 -7.05 23.59 59.96
N GLY C 431 -8.36 23.43 59.79
CA GLY C 431 -9.00 23.65 58.50
C GLY C 431 -8.80 25.07 57.98
N CYS C 432 -8.43 25.96 58.87
CA CYS C 432 -8.23 27.35 58.54
C CYS C 432 -7.12 27.99 59.35
N THR C 433 -6.30 28.81 58.69
CA THR C 433 -5.22 29.54 59.36
C THR C 433 -5.14 30.97 58.84
N TRP C 434 -5.40 31.93 59.72
CA TRP C 434 -5.32 33.34 59.38
C TRP C 434 -3.94 33.83 59.78
N ILE C 435 -3.43 34.82 59.06
CA ILE C 435 -2.14 35.42 59.37
C ILE C 435 -2.36 36.91 59.62
N ASN C 436 -2.03 37.35 60.84
CA ASN C 436 -2.18 38.75 61.25
C ASN C 436 -3.63 39.26 61.24
N THR C 437 -4.54 38.33 61.48
CA THR C 437 -5.98 38.59 61.56
C THR C 437 -6.61 37.31 62.13
N HIS C 438 -7.93 37.27 62.22
CA HIS C 438 -8.61 36.09 62.75
C HIS C 438 -10.10 36.27 62.52
N PHE C 439 -10.83 35.15 62.48
CA PHE C 439 -12.29 35.18 62.40
C PHE C 439 -12.90 35.62 61.06
N MET C 440 -12.08 36.05 60.09
CA MET C 440 -12.62 36.50 58.80
C MET C 440 -13.05 35.35 57.89
N LEU C 441 -14.34 35.33 57.54
CA LEU C 441 -14.90 34.32 56.66
C LEU C 441 -15.52 34.96 55.42
N VAL C 442 -15.40 34.26 54.31
CA VAL C 442 -15.97 34.68 53.03
C VAL C 442 -16.66 33.49 52.36
N SER C 443 -17.78 33.76 51.71
CA SER C 443 -18.58 32.72 51.03
C SER C 443 -17.81 31.84 50.05
N GLU C 444 -16.82 32.40 49.37
CA GLU C 444 -16.02 31.66 48.38
C GLU C 444 -15.08 30.63 49.00
N MET C 445 -14.61 30.89 50.22
CA MET C 445 -13.65 30.01 50.91
C MET C 445 -14.27 29.03 51.90
N PRO C 446 -13.77 27.77 51.89
CA PRO C 446 -14.25 26.68 52.74
C PRO C 446 -14.01 26.86 54.23
N HIS C 447 -14.96 26.36 55.02
CA HIS C 447 -14.88 26.41 56.46
C HIS C 447 -15.28 25.05 56.98
N GLY C 448 -14.32 24.35 57.58
CA GLY C 448 -14.57 23.02 58.10
C GLY C 448 -13.41 22.52 58.93
N GLY C 449 -13.72 21.63 59.85
CA GLY C 449 -12.72 21.09 60.76
C GLY C 449 -11.97 19.83 60.36
N GLN C 450 -11.04 19.48 61.25
CA GLN C 450 -10.16 18.34 61.15
C GLN C 450 -10.25 17.63 62.50
N LYS C 451 -9.99 16.32 62.51
CA LYS C 451 -10.02 15.50 63.74
C LYS C 451 -11.42 15.48 64.38
N GLN C 452 -11.51 15.83 65.66
CA GLN C 452 -12.81 15.84 66.36
C GLN C 452 -13.69 17.07 66.08
N SER C 453 -13.16 18.01 65.29
CA SER C 453 -13.93 19.20 64.91
C SER C 453 -14.87 18.84 63.77
N GLY C 454 -14.72 17.63 63.24
CA GLY C 454 -15.56 17.11 62.17
C GLY C 454 -14.89 16.94 60.83
N TYR C 455 -15.74 16.87 59.80
CA TYR C 455 -15.35 16.70 58.40
C TYR C 455 -16.45 17.27 57.53
N GLY C 456 -16.12 17.61 56.29
CA GLY C 456 -17.10 18.21 55.38
C GLY C 456 -17.00 19.71 55.58
N LYS C 457 -17.29 20.48 54.54
CA LYS C 457 -17.17 21.93 54.64
C LYS C 457 -18.41 22.78 54.36
N ASP C 458 -18.42 23.94 55.01
CA ASP C 458 -19.49 24.93 54.85
C ASP C 458 -18.94 26.04 53.97
N MET C 459 -19.78 26.55 53.06
CA MET C 459 -19.38 27.60 52.11
C MET C 459 -18.41 27.06 51.03
N SER C 460 -18.19 27.87 49.98
CA SER C 460 -17.31 27.54 48.83
C SER C 460 -17.87 26.42 47.94
N LEU C 461 -17.17 26.16 46.83
CA LEU C 461 -17.56 25.09 45.91
C LEU C 461 -17.44 23.73 46.60
N TYR C 462 -16.53 23.63 47.58
CA TYR C 462 -16.33 22.39 48.31
C TYR C 462 -17.55 22.09 49.16
N GLY C 463 -18.20 23.16 49.63
CA GLY C 463 -19.41 23.05 50.43
C GLY C 463 -20.55 22.49 49.63
N LEU C 464 -20.59 22.83 48.33
CA LEU C 464 -21.62 22.35 47.44
C LEU C 464 -21.36 20.91 47.02
N GLU C 465 -20.09 20.58 46.84
CA GLU C 465 -19.67 19.23 46.42
C GLU C 465 -20.05 18.16 47.44
N ASP C 466 -20.08 18.54 48.72
CA ASP C 466 -20.45 17.60 49.79
C ASP C 466 -21.90 17.13 49.68
N TYR C 467 -22.71 17.89 48.95
CA TYR C 467 -24.14 17.57 48.75
C TYR C 467 -24.43 16.95 47.39
N THR C 468 -23.38 16.54 46.69
CA THR C 468 -23.51 15.90 45.38
C THR C 468 -22.90 14.50 45.40
N LEU C 469 -23.18 13.74 44.35
CA LEU C 469 -22.67 12.38 44.19
C LEU C 469 -21.96 12.29 42.87
N VAL C 470 -20.66 12.02 42.90
CA VAL C 470 -19.89 11.83 41.68
C VAL C 470 -20.36 10.50 41.06
N ARG C 471 -20.66 10.52 39.77
CA ARG C 471 -21.14 9.31 39.09
C ARG C 471 -20.42 9.15 37.77
N HIS C 472 -20.05 7.91 37.48
CA HIS C 472 -19.35 7.58 36.26
C HIS C 472 -20.24 6.84 35.28
N ILE C 473 -20.48 7.48 34.13
CA ILE C 473 -21.30 6.91 33.09
C ILE C 473 -20.40 6.56 31.92
N MET C 474 -20.49 5.31 31.47
CA MET C 474 -19.65 4.83 30.39
C MET C 474 -20.48 4.18 29.29
N VAL C 475 -20.39 4.76 28.09
CA VAL C 475 -21.11 4.28 26.91
C VAL C 475 -20.18 3.56 25.93
N LYS C 476 -20.54 2.34 25.56
CA LYS C 476 -19.72 1.58 24.61
C LYS C 476 -20.10 1.92 23.18
N HIS C 477 -19.09 2.20 22.34
CA HIS C 477 -19.36 2.52 20.93
C HIS C 477 -19.74 1.27 20.17
N GLN D 5 7.46 -18.69 57.02
CA GLN D 5 6.23 -18.10 57.56
C GLN D 5 6.30 -16.65 57.19
N TYR D 6 5.20 -16.08 56.73
CA TYR D 6 5.13 -14.66 56.36
C TYR D 6 5.12 -13.76 57.59
N GLN D 7 5.81 -12.64 57.47
CA GLN D 7 5.97 -11.67 58.55
C GLN D 7 5.16 -10.39 58.37
N LEU D 8 5.15 -9.59 59.44
CA LEU D 8 4.43 -8.32 59.46
C LEU D 8 5.43 -7.20 59.21
N LEU D 9 4.95 -6.10 58.65
CA LEU D 9 5.80 -4.94 58.40
C LEU D 9 5.44 -3.83 59.37
N ILE D 10 6.33 -3.60 60.34
CA ILE D 10 6.15 -2.55 61.34
C ILE D 10 7.41 -1.70 61.42
N ASN D 11 7.23 -0.39 61.20
CA ASN D 11 8.31 0.60 61.23
C ASN D 11 9.55 0.19 60.41
N GLY D 12 9.30 -0.22 59.16
CA GLY D 12 10.36 -0.62 58.21
C GLY D 12 11.08 -1.93 58.52
N VAL D 13 10.57 -2.67 59.50
CA VAL D 13 11.15 -3.94 59.91
C VAL D 13 10.12 -5.07 59.80
N LEU D 14 10.59 -6.25 59.39
CA LEU D 14 9.73 -7.43 59.29
C LEU D 14 9.82 -8.21 60.60
N VAL D 15 8.66 -8.44 61.23
CA VAL D 15 8.58 -9.17 62.51
C VAL D 15 7.50 -10.25 62.53
N ASP D 16 7.68 -11.24 63.40
CA ASP D 16 6.70 -12.31 63.55
C ASP D 16 5.60 -11.83 64.47
N GLY D 17 4.36 -12.20 64.15
CA GLY D 17 3.22 -11.82 64.98
C GLY D 17 3.29 -12.47 66.35
N GLU D 18 2.96 -11.71 67.38
CA GLU D 18 2.99 -12.22 68.75
C GLU D 18 1.63 -12.81 69.15
N GLY D 19 0.63 -12.61 68.30
CA GLY D 19 -0.72 -13.11 68.55
C GLY D 19 -0.91 -14.58 68.24
N GLU D 20 -2.17 -15.02 68.24
CA GLU D 20 -2.52 -16.41 67.98
C GLU D 20 -2.36 -16.83 66.52
N ARG D 21 -1.94 -18.08 66.30
CA ARG D 21 -1.79 -18.62 64.95
C ARG D 21 -3.12 -18.80 64.27
N GLN D 22 -3.18 -18.42 62.99
CA GLN D 22 -4.40 -18.49 62.23
C GLN D 22 -4.12 -19.25 60.96
N SER D 23 -4.99 -20.19 60.61
CA SER D 23 -4.77 -20.98 59.39
C SER D 23 -5.40 -20.36 58.13
N VAL D 24 -4.62 -20.35 57.05
CA VAL D 24 -5.04 -19.81 55.76
C VAL D 24 -5.32 -20.98 54.80
N TYR D 25 -6.54 -21.03 54.29
CA TYR D 25 -6.99 -22.10 53.39
C TYR D 25 -6.87 -21.85 51.89
N ASN D 26 -6.86 -22.95 51.14
CA ASN D 26 -6.83 -22.94 49.69
C ASN D 26 -8.26 -23.36 49.34
N PRO D 27 -9.10 -22.40 48.94
CA PRO D 27 -10.51 -22.62 48.63
C PRO D 27 -10.78 -23.66 47.53
N ALA D 28 -9.80 -23.91 46.67
CA ALA D 28 -9.97 -24.88 45.60
C ALA D 28 -9.82 -26.32 46.09
N THR D 29 -8.99 -26.52 47.12
CA THR D 29 -8.76 -27.86 47.68
C THR D 29 -9.35 -28.05 49.08
N GLY D 30 -9.71 -26.96 49.73
CA GLY D 30 -10.28 -27.00 51.08
C GLY D 30 -9.23 -27.28 52.16
N GLU D 31 -7.98 -27.43 51.71
CA GLU D 31 -6.83 -27.71 52.56
C GLU D 31 -6.19 -26.43 53.11
N VAL D 32 -5.42 -26.57 54.18
CA VAL D 32 -4.73 -25.42 54.77
C VAL D 32 -3.39 -25.24 54.06
N ILE D 33 -3.13 -24.02 53.62
CA ILE D 33 -1.89 -23.66 52.93
C ILE D 33 -0.78 -23.44 53.96
N LEU D 34 -1.03 -22.52 54.87
CA LEU D 34 -0.09 -22.13 55.91
C LEU D 34 -0.80 -21.67 57.18
N GLU D 35 0.00 -21.41 58.21
CA GLU D 35 -0.47 -20.93 59.48
C GLU D 35 0.35 -19.70 59.79
N ILE D 36 -0.31 -18.56 59.98
CA ILE D 36 0.38 -17.30 60.25
C ILE D 36 -0.01 -16.76 61.62
N ALA D 37 0.96 -16.21 62.34
CA ALA D 37 0.73 -15.65 63.65
C ALA D 37 0.22 -14.21 63.53
N GLU D 38 -0.92 -13.93 64.17
CA GLU D 38 -1.53 -12.59 64.15
C GLU D 38 -0.72 -11.55 64.89
N ALA D 39 -1.09 -10.29 64.67
CA ALA D 39 -0.45 -9.19 65.35
C ALA D 39 -1.06 -9.11 66.74
N SER D 40 -0.22 -8.86 67.75
CA SER D 40 -0.71 -8.74 69.11
C SER D 40 -1.21 -7.30 69.29
N PRO D 41 -2.09 -7.05 70.29
CA PRO D 41 -2.58 -5.69 70.54
C PRO D 41 -1.45 -4.66 70.68
N ALA D 42 -0.32 -5.09 71.24
CA ALA D 42 0.86 -4.23 71.43
C ALA D 42 1.52 -3.89 70.09
N GLN D 43 1.54 -4.86 69.18
CA GLN D 43 2.10 -4.67 67.83
C GLN D 43 1.24 -3.74 66.98
N VAL D 44 -0.08 -3.81 67.16
CA VAL D 44 -1.01 -2.94 66.43
C VAL D 44 -0.76 -1.52 66.89
N ASP D 45 -0.51 -1.36 68.19
CA ASP D 45 -0.21 -0.06 68.77
C ASP D 45 1.14 0.42 68.21
N ALA D 46 2.14 -0.48 68.23
CA ALA D 46 3.48 -0.18 67.71
C ALA D 46 3.44 0.28 66.26
N ALA D 47 2.56 -0.34 65.46
CA ALA D 47 2.39 0.00 64.06
C ALA D 47 1.83 1.42 63.90
N VAL D 48 0.81 1.75 64.70
CA VAL D 48 0.18 3.07 64.66
C VAL D 48 1.17 4.15 65.15
N GLN D 49 1.93 3.83 66.20
CA GLN D 49 2.94 4.77 66.71
C GLN D 49 3.99 5.05 65.64
N ALA D 50 4.40 3.98 64.95
CA ALA D 50 5.40 4.08 63.87
C ALA D 50 4.91 5.01 62.77
N ALA D 51 3.63 4.89 62.41
CA ALA D 51 3.02 5.71 61.38
C ALA D 51 2.91 7.15 61.85
N ASP D 52 2.50 7.34 63.09
CA ASP D 52 2.33 8.67 63.67
C ASP D 52 3.65 9.45 63.69
N ASN D 53 4.75 8.78 64.05
CA ASN D 53 6.08 9.40 64.08
C ASN D 53 6.58 9.71 62.69
N ALA D 54 6.38 8.77 61.77
CA ALA D 54 6.82 8.91 60.39
C ALA D 54 6.12 10.04 59.63
N PHE D 55 4.91 10.39 60.09
CA PHE D 55 4.10 11.45 59.44
C PHE D 55 4.71 12.85 59.42
N ALA D 56 5.41 13.22 60.48
CA ALA D 56 6.04 14.54 60.55
C ALA D 56 6.92 14.79 59.31
N GLU D 57 7.72 13.79 58.96
CA GLU D 57 8.63 13.87 57.82
C GLU D 57 7.92 13.59 56.49
N TRP D 58 7.18 12.49 56.45
CA TRP D 58 6.46 12.05 55.23
C TRP D 58 5.39 13.01 54.70
N GLY D 59 4.69 13.69 55.61
CA GLY D 59 3.65 14.65 55.23
C GLY D 59 4.20 15.90 54.57
N GLN D 60 5.51 16.14 54.72
CA GLN D 60 6.15 17.32 54.12
C GLN D 60 6.86 17.02 52.82
N THR D 61 6.88 15.76 52.41
CA THR D 61 7.52 15.39 51.15
C THR D 61 6.75 16.03 49.99
N THR D 62 7.43 16.26 48.88
CA THR D 62 6.82 16.86 47.71
C THR D 62 6.02 15.81 46.95
N PRO D 63 4.98 16.24 46.20
CA PRO D 63 4.24 15.27 45.43
C PRO D 63 5.17 14.49 44.49
N LYS D 64 6.24 15.15 44.02
CA LYS D 64 7.21 14.51 43.14
C LYS D 64 7.89 13.33 43.84
N ALA D 65 8.32 13.54 45.08
CA ALA D 65 8.99 12.51 45.87
C ALA D 65 8.08 11.30 46.08
N ARG D 66 6.80 11.57 46.33
CA ARG D 66 5.82 10.51 46.55
C ARG D 66 5.52 9.75 45.27
N ALA D 67 5.43 10.48 44.16
CA ALA D 67 5.18 9.90 42.85
C ALA D 67 6.28 8.89 42.53
N GLU D 68 7.52 9.27 42.87
CA GLU D 68 8.68 8.42 42.63
C GLU D 68 8.66 7.13 43.44
N CYS D 69 8.09 7.18 44.64
CA CYS D 69 7.97 5.98 45.48
C CYS D 69 6.94 5.03 44.87
N LEU D 70 5.80 5.59 44.47
CA LEU D 70 4.73 4.81 43.86
C LEU D 70 5.14 4.16 42.55
N LEU D 71 5.90 4.89 41.72
CA LEU D 71 6.39 4.36 40.45
C LEU D 71 7.34 3.22 40.69
N LYS D 72 8.16 3.37 41.74
CA LYS D 72 9.15 2.38 42.11
C LYS D 72 8.44 1.12 42.65
N LEU D 73 7.36 1.33 43.38
CA LEU D 73 6.56 0.23 43.93
C LEU D 73 5.86 -0.54 42.80
N ALA D 74 5.33 0.21 41.82
CA ALA D 74 4.65 -0.38 40.66
C ALA D 74 5.60 -1.29 39.89
N ASP D 75 6.85 -0.84 39.71
CA ASP D 75 7.88 -1.62 39.01
C ASP D 75 8.14 -2.93 39.72
N SER D 76 8.26 -2.85 41.05
CA SER D 76 8.51 -4.01 41.89
C SER D 76 7.42 -5.07 41.71
N ILE D 77 6.16 -4.61 41.68
CA ILE D 77 5.02 -5.52 41.50
C ILE D 77 5.01 -6.14 40.10
N GLU D 78 5.29 -5.32 39.09
CA GLU D 78 5.29 -5.76 37.70
C GLU D 78 6.38 -6.80 37.44
N GLN D 79 7.54 -6.62 38.10
CA GLN D 79 8.67 -7.53 37.97
C GLN D 79 8.40 -8.85 38.67
N ASN D 80 7.52 -8.80 39.68
CA ASN D 80 7.12 -9.97 40.46
C ASN D 80 5.68 -10.41 40.15
N ALA D 81 5.18 -9.99 38.98
CA ALA D 81 3.83 -10.29 38.52
C ALA D 81 3.42 -11.76 38.66
N LEU D 82 4.24 -12.64 38.09
CA LEU D 82 3.99 -14.07 38.10
C LEU D 82 3.84 -14.66 39.52
N GLU D 83 4.73 -14.25 40.44
CA GLU D 83 4.69 -14.73 41.84
C GLU D 83 3.40 -14.30 42.54
N PHE D 84 3.03 -13.02 42.38
CA PHE D 84 1.79 -12.50 42.97
C PHE D 84 0.59 -13.24 42.40
N ALA D 85 0.62 -13.50 41.10
CA ALA D 85 -0.46 -14.21 40.42
C ALA D 85 -0.68 -15.59 41.02
N ARG D 86 0.42 -16.34 41.24
CA ARG D 86 0.33 -17.68 41.83
C ARG D 86 -0.21 -17.64 43.25
N LEU D 87 0.28 -16.70 44.06
CA LEU D 87 -0.22 -16.57 45.44
C LEU D 87 -1.71 -16.20 45.50
N GLU D 88 -2.10 -15.19 44.72
CA GLU D 88 -3.48 -14.73 44.68
C GLU D 88 -4.40 -15.85 44.24
N SER D 89 -3.98 -16.60 43.22
CA SER D 89 -4.75 -17.72 42.68
C SER D 89 -4.86 -18.87 43.69
N GLN D 90 -3.74 -19.17 44.36
CA GLN D 90 -3.69 -20.24 45.34
C GLN D 90 -4.56 -19.93 46.57
N ASN D 91 -4.49 -18.68 47.03
CA ASN D 91 -5.22 -18.22 48.22
C ASN D 91 -6.70 -17.88 47.96
N CYS D 92 -7.05 -17.45 46.75
CA CYS D 92 -8.46 -17.06 46.47
C CYS D 92 -9.26 -18.02 45.61
N GLY D 93 -8.57 -18.86 44.85
CA GLY D 93 -9.25 -19.81 43.98
C GLY D 93 -9.52 -19.23 42.60
N LYS D 94 -9.08 -18.00 42.39
CA LYS D 94 -9.22 -17.29 41.13
C LYS D 94 -8.45 -18.03 40.04
N PRO D 95 -9.07 -18.23 38.86
CA PRO D 95 -8.33 -18.90 37.79
C PRO D 95 -7.04 -18.11 37.52
N LEU D 96 -5.91 -18.81 37.52
CA LEU D 96 -4.59 -18.21 37.33
C LEU D 96 -4.46 -17.26 36.13
N HIS D 97 -4.95 -17.69 34.97
CA HIS D 97 -4.86 -16.89 33.75
C HIS D 97 -5.55 -15.52 33.87
N CYS D 98 -6.63 -15.45 34.64
CA CYS D 98 -7.36 -14.18 34.86
C CYS D 98 -6.53 -13.23 35.71
N VAL D 99 -5.83 -13.78 36.71
CA VAL D 99 -5.01 -12.97 37.61
C VAL D 99 -3.82 -12.38 36.83
N ILE D 100 -3.16 -13.21 36.01
CA ILE D 100 -2.01 -12.78 35.21
C ILE D 100 -2.38 -11.73 34.18
N ASN D 101 -3.51 -11.92 33.51
CA ASN D 101 -3.98 -11.03 32.44
C ASN D 101 -4.81 -9.82 32.87
N ASP D 102 -5.68 -9.99 33.87
CA ASP D 102 -6.55 -8.90 34.31
C ASP D 102 -6.08 -8.16 35.56
N GLU D 103 -6.01 -8.87 36.69
CA GLU D 103 -5.65 -8.27 37.98
C GLU D 103 -4.28 -7.61 38.16
N ILE D 104 -3.21 -8.37 37.96
CA ILE D 104 -1.86 -7.81 38.15
C ILE D 104 -1.65 -6.52 37.33
N PRO D 105 -1.91 -6.55 36.00
CA PRO D 105 -1.72 -5.31 35.22
C PRO D 105 -2.58 -4.15 35.76
N ALA D 106 -3.79 -4.46 36.24
CA ALA D 106 -4.69 -3.44 36.79
C ALA D 106 -4.06 -2.83 38.05
N ILE D 107 -3.52 -3.67 38.92
CA ILE D 107 -2.85 -3.27 40.17
C ILE D 107 -1.68 -2.35 39.84
N VAL D 108 -0.83 -2.80 38.91
CA VAL D 108 0.32 -2.02 38.47
C VAL D 108 -0.15 -0.65 37.95
N ASP D 109 -1.20 -0.67 37.13
CA ASP D 109 -1.74 0.57 36.58
C ASP D 109 -2.25 1.52 37.66
N VAL D 110 -2.90 0.97 38.70
CA VAL D 110 -3.42 1.79 39.79
C VAL D 110 -2.30 2.59 40.45
N PHE D 111 -1.18 1.93 40.76
CA PHE D 111 -0.06 2.64 41.36
C PHE D 111 0.49 3.72 40.44
N ARG D 112 0.67 3.39 39.16
CA ARG D 112 1.17 4.36 38.19
C ARG D 112 0.21 5.54 38.07
N PHE D 113 -1.09 5.26 38.02
CA PHE D 113 -2.07 6.32 37.93
C PHE D 113 -1.95 7.30 39.08
N PHE D 114 -1.96 6.76 40.31
CA PHE D 114 -1.85 7.63 41.48
C PHE D 114 -0.52 8.37 41.59
N ALA D 115 0.54 7.77 41.04
CA ALA D 115 1.84 8.40 41.05
C ALA D 115 1.70 9.72 40.26
N GLY D 116 0.98 9.67 39.15
CA GLY D 116 0.75 10.85 38.33
C GLY D 116 -0.25 11.79 38.97
N ALA D 117 -1.35 11.21 39.47
CA ALA D 117 -2.43 11.98 40.10
C ALA D 117 -1.94 12.80 41.31
N ALA D 118 -0.96 12.27 42.03
CA ALA D 118 -0.41 12.94 43.20
C ALA D 118 0.09 14.37 42.91
N ARG D 119 0.50 14.61 41.68
CA ARG D 119 1.04 15.90 41.26
C ARG D 119 0.01 16.79 40.53
N CYS D 120 -1.26 16.39 40.53
CA CYS D 120 -2.31 17.14 39.84
C CYS D 120 -3.54 17.55 40.67
N LEU D 121 -3.36 17.72 41.98
CA LEU D 121 -4.48 18.11 42.85
C LEU D 121 -5.08 19.48 42.56
N SER D 122 -6.41 19.55 42.60
CA SER D 122 -7.16 20.78 42.35
C SER D 122 -7.27 21.67 43.58
N GLY D 123 -7.40 22.96 43.30
CA GLY D 123 -7.57 23.97 44.34
C GLY D 123 -8.42 25.06 43.77
N LEU D 124 -8.63 26.12 44.53
CA LEU D 124 -9.39 27.25 44.02
C LEU D 124 -8.36 28.32 43.77
N ALA D 125 -8.71 29.28 42.93
CA ALA D 125 -7.79 30.35 42.60
C ALA D 125 -7.47 31.15 43.85
N ALA D 126 -6.19 31.37 44.11
CA ALA D 126 -5.77 32.18 45.24
C ALA D 126 -6.08 33.63 44.83
N GLY D 127 -6.41 34.47 45.79
CA GLY D 127 -6.68 35.87 45.49
C GLY D 127 -7.28 36.64 46.64
N GLU D 128 -7.76 37.84 46.34
CA GLU D 128 -8.36 38.68 47.36
C GLU D 128 -9.87 38.59 47.33
N TYR D 129 -10.42 37.66 48.11
CA TYR D 129 -11.86 37.49 48.20
C TYR D 129 -12.41 38.48 49.22
N LEU D 130 -11.51 38.99 50.05
CA LEU D 130 -11.81 39.99 51.04
C LEU D 130 -10.74 41.05 50.87
N GLU D 131 -11.15 42.30 50.65
CA GLU D 131 -10.22 43.42 50.46
C GLU D 131 -9.05 43.37 51.43
N GLY D 132 -7.84 43.44 50.89
CA GLY D 132 -6.62 43.43 51.69
C GLY D 132 -6.22 42.13 52.35
N HIS D 133 -6.70 41.01 51.82
CA HIS D 133 -6.38 39.69 52.36
C HIS D 133 -6.20 38.68 51.23
N THR D 134 -5.07 37.98 51.21
CA THR D 134 -4.84 36.95 50.20
C THR D 134 -5.24 35.59 50.77
N SER D 135 -6.18 34.93 50.09
CA SER D 135 -6.64 33.61 50.51
C SER D 135 -6.07 32.60 49.53
N MET D 136 -5.71 31.43 50.03
CA MET D 136 -5.21 30.36 49.17
C MET D 136 -5.76 29.06 49.71
N ILE D 137 -5.79 28.04 48.86
CA ILE D 137 -6.28 26.74 49.28
C ILE D 137 -5.27 25.65 49.04
N ARG D 138 -4.95 24.93 50.10
CA ARG D 138 -4.01 23.82 50.02
C ARG D 138 -4.70 22.52 50.38
N ARG D 139 -4.17 21.42 49.84
CA ARG D 139 -4.68 20.08 50.14
C ARG D 139 -3.57 19.32 50.86
N ASP D 140 -3.68 19.24 52.18
CA ASP D 140 -2.68 18.55 52.99
C ASP D 140 -3.10 17.13 53.36
N PRO D 141 -2.12 16.25 53.69
CA PRO D 141 -2.49 14.89 54.10
C PRO D 141 -3.29 14.87 55.40
N ILE D 142 -4.09 13.81 55.59
CA ILE D 142 -4.91 13.66 56.79
C ILE D 142 -4.09 13.26 58.02
N GLY D 143 -3.17 12.33 57.85
CA GLY D 143 -2.33 11.85 58.95
C GLY D 143 -2.17 10.34 58.87
N VAL D 144 -2.49 9.65 59.95
CA VAL D 144 -2.40 8.19 59.98
C VAL D 144 -3.70 7.58 59.48
N VAL D 145 -3.59 6.71 58.47
CA VAL D 145 -4.74 6.05 57.87
C VAL D 145 -4.72 4.53 58.11
N ALA D 146 -5.86 4.00 58.56
CA ALA D 146 -6.02 2.59 58.79
C ALA D 146 -6.85 2.02 57.66
N SER D 147 -6.29 1.05 56.93
CA SER D 147 -6.98 0.43 55.80
C SER D 147 -7.30 -1.04 56.06
N ILE D 148 -8.55 -1.41 55.82
CA ILE D 148 -9.01 -2.78 55.98
C ILE D 148 -9.40 -3.29 54.59
N ALA D 149 -8.64 -4.27 54.10
CA ALA D 149 -8.89 -4.88 52.80
C ALA D 149 -9.83 -6.09 52.88
N PRO D 150 -10.67 -6.30 51.86
CA PRO D 150 -11.60 -7.43 51.82
C PRO D 150 -10.93 -8.68 51.24
N TRP D 151 -11.66 -9.78 51.24
CA TRP D 151 -11.14 -11.06 50.74
C TRP D 151 -11.36 -11.38 49.26
N ASN D 152 -12.27 -10.66 48.59
CA ASN D 152 -12.55 -10.94 47.17
C ASN D 152 -11.42 -10.58 46.20
N TYR D 153 -10.83 -9.40 46.35
CA TYR D 153 -9.70 -8.96 45.53
C TYR D 153 -8.63 -8.43 46.49
N PRO D 154 -7.96 -9.35 47.23
CA PRO D 154 -6.94 -9.02 48.25
C PRO D 154 -5.89 -7.99 47.84
N LEU D 155 -5.12 -8.29 46.80
CA LEU D 155 -4.07 -7.40 46.36
C LEU D 155 -4.58 -6.15 45.66
N MET D 156 -5.64 -6.29 44.86
CA MET D 156 -6.19 -5.13 44.14
C MET D 156 -6.78 -4.10 45.10
N MET D 157 -7.62 -4.54 46.04
CA MET D 157 -8.18 -3.62 47.05
C MET D 157 -7.09 -3.02 47.94
N ALA D 158 -6.00 -3.76 48.13
CA ALA D 158 -4.88 -3.26 48.92
C ALA D 158 -4.32 -2.07 48.14
N ALA D 159 -4.19 -2.24 46.82
CA ALA D 159 -3.68 -1.19 45.93
C ALA D 159 -4.61 0.03 45.94
N TRP D 160 -5.91 -0.22 45.86
CA TRP D 160 -6.94 0.82 45.87
C TRP D 160 -6.92 1.65 47.16
N LYS D 161 -6.40 1.07 48.24
CA LYS D 161 -6.32 1.75 49.51
C LYS D 161 -4.96 2.36 49.80
N LEU D 162 -3.89 1.71 49.32
CA LEU D 162 -2.54 2.20 49.56
C LEU D 162 -2.16 3.34 48.62
N ALA D 163 -2.40 3.15 47.33
CA ALA D 163 -2.04 4.15 46.32
C ALA D 163 -2.51 5.59 46.64
N PRO D 164 -3.84 5.83 46.74
CA PRO D 164 -4.24 7.20 47.03
C PRO D 164 -3.75 7.71 48.40
N ALA D 165 -3.83 6.86 49.42
CA ALA D 165 -3.40 7.25 50.77
C ALA D 165 -1.95 7.71 50.80
N LEU D 166 -1.06 6.92 50.20
CA LEU D 166 0.37 7.24 50.14
C LEU D 166 0.64 8.44 49.23
N ALA D 167 -0.05 8.49 48.08
CA ALA D 167 0.12 9.59 47.13
C ALA D 167 -0.24 10.92 47.78
N ALA D 168 -1.28 10.92 48.61
CA ALA D 168 -1.74 12.11 49.31
C ALA D 168 -0.79 12.56 50.41
N GLY D 169 0.12 11.67 50.81
CA GLY D 169 1.12 11.98 51.84
C GLY D 169 0.80 11.48 53.23
N ASN D 170 -0.06 10.48 53.32
CA ASN D 170 -0.45 9.89 54.59
C ASN D 170 0.43 8.70 54.93
N CYS D 171 0.36 8.26 56.18
CA CYS D 171 1.06 7.06 56.63
C CYS D 171 -0.04 6.03 56.80
N VAL D 172 0.22 4.83 56.31
CA VAL D 172 -0.81 3.78 56.37
C VAL D 172 -0.45 2.55 57.19
N VAL D 173 -1.49 2.02 57.83
CA VAL D 173 -1.42 0.78 58.58
C VAL D 173 -2.56 -0.02 57.92
N ILE D 174 -2.19 -1.03 57.16
CA ILE D 174 -3.18 -1.84 56.44
C ILE D 174 -3.28 -3.27 56.97
N LYS D 175 -4.51 -3.76 57.08
CA LYS D 175 -4.80 -5.11 57.53
C LYS D 175 -5.61 -5.79 56.44
N PRO D 176 -5.05 -6.83 55.80
CA PRO D 176 -5.83 -7.55 54.80
C PRO D 176 -6.80 -8.47 55.53
N SER D 177 -7.69 -9.13 54.79
CA SER D 177 -8.63 -10.06 55.42
C SER D 177 -7.85 -11.27 55.95
N GLU D 178 -8.28 -11.81 57.09
CA GLU D 178 -7.60 -12.97 57.67
C GLU D 178 -7.67 -14.17 56.73
N ILE D 179 -8.73 -14.19 55.92
CA ILE D 179 -8.97 -15.23 54.93
C ILE D 179 -7.91 -15.22 53.82
N THR D 180 -7.56 -14.01 53.37
CA THR D 180 -6.60 -13.83 52.27
C THR D 180 -5.46 -12.83 52.57
N PRO D 181 -4.43 -13.27 53.32
CA PRO D 181 -3.34 -12.34 53.65
C PRO D 181 -2.04 -12.48 52.84
N LEU D 182 -1.89 -13.59 52.13
CA LEU D 182 -0.65 -13.89 51.37
C LEU D 182 -0.07 -12.78 50.49
N THR D 183 -0.87 -12.26 49.56
CA THR D 183 -0.39 -11.18 48.66
C THR D 183 0.02 -9.91 49.38
N ALA D 184 -0.77 -9.52 50.39
CA ALA D 184 -0.48 -8.32 51.16
C ALA D 184 0.85 -8.44 51.91
N LEU D 185 1.07 -9.60 52.53
CA LEU D 185 2.31 -9.85 53.29
C LEU D 185 3.53 -9.97 52.35
N LYS D 186 3.28 -10.39 51.11
CA LYS D 186 4.32 -10.50 50.09
C LYS D 186 4.69 -9.09 49.66
N LEU D 187 3.68 -8.24 49.48
CA LEU D 187 3.87 -6.84 49.09
C LEU D 187 4.69 -6.11 50.15
N ALA D 188 4.43 -6.44 51.41
CA ALA D 188 5.12 -5.85 52.54
C ALA D 188 6.63 -6.05 52.44
N VAL D 189 7.04 -7.23 51.97
CA VAL D 189 8.47 -7.56 51.81
C VAL D 189 9.11 -6.67 50.75
N LEU D 190 8.40 -6.47 49.64
CA LEU D 190 8.91 -5.65 48.53
C LEU D 190 8.89 -4.16 48.82
N ALA D 191 7.81 -3.68 49.43
CA ALA D 191 7.65 -2.25 49.74
C ALA D 191 8.43 -1.77 50.97
N LYS D 192 8.97 -2.73 51.73
CA LYS D 192 9.74 -2.49 52.95
C LYS D 192 10.69 -1.30 52.85
N ASP D 193 11.56 -1.32 51.84
CA ASP D 193 12.58 -0.27 51.64
C ASP D 193 12.19 0.89 50.71
N ILE D 194 11.07 0.77 50.01
CA ILE D 194 10.60 1.79 49.08
C ILE D 194 10.13 3.06 49.81
N PHE D 195 9.50 2.88 50.97
CA PHE D 195 9.01 4.01 51.76
C PHE D 195 9.79 4.13 53.06
N PRO D 196 9.86 5.35 53.65
CA PRO D 196 10.58 5.52 54.91
C PRO D 196 9.95 4.67 56.02
N PRO D 197 10.76 4.18 56.97
CA PRO D 197 10.23 3.33 58.06
C PRO D 197 9.01 3.96 58.75
N GLY D 198 7.93 3.19 58.85
CA GLY D 198 6.70 3.66 59.49
C GLY D 198 5.65 4.20 58.53
N VAL D 199 6.05 4.61 57.33
CA VAL D 199 5.10 5.16 56.34
C VAL D 199 4.11 4.08 55.89
N LEU D 200 4.60 2.85 55.72
CA LEU D 200 3.78 1.71 55.33
C LEU D 200 3.90 0.59 56.35
N ASN D 201 2.76 0.17 56.89
CA ASN D 201 2.71 -0.87 57.89
C ASN D 201 1.69 -1.91 57.51
N VAL D 202 2.11 -3.17 57.49
CA VAL D 202 1.20 -4.26 57.13
C VAL D 202 1.04 -5.22 58.30
N LEU D 203 -0.20 -5.31 58.79
CA LEU D 203 -0.55 -6.19 59.90
C LEU D 203 -1.40 -7.35 59.41
N PHE D 204 -1.64 -8.32 60.30
CA PHE D 204 -2.46 -9.48 59.99
C PHE D 204 -3.28 -9.95 61.20
N GLY D 205 -4.53 -10.36 60.92
CA GLY D 205 -5.42 -10.85 61.98
C GLY D 205 -6.90 -10.67 61.72
N ARG D 206 -7.71 -11.29 62.58
CA ARG D 206 -9.16 -11.24 62.51
C ARG D 206 -9.66 -9.86 62.90
N GLY D 207 -10.82 -9.48 62.36
CA GLY D 207 -11.45 -8.19 62.64
C GLY D 207 -11.76 -7.95 64.12
N GLN D 208 -11.93 -9.03 64.87
CA GLN D 208 -12.25 -8.96 66.30
C GLN D 208 -11.02 -8.64 67.16
N THR D 209 -9.89 -9.29 66.88
CA THR D 209 -8.66 -9.08 67.64
C THR D 209 -7.76 -7.94 67.16
N VAL D 210 -7.48 -7.91 65.85
CA VAL D 210 -6.59 -6.88 65.30
C VAL D 210 -7.34 -5.66 64.75
N GLY D 211 -8.34 -5.92 63.90
CA GLY D 211 -9.14 -4.87 63.28
C GLY D 211 -9.73 -3.86 64.23
N ASP D 212 -10.35 -4.32 65.31
CA ASP D 212 -10.95 -3.43 66.30
C ASP D 212 -9.94 -2.58 67.07
N VAL D 213 -8.77 -3.15 67.34
CA VAL D 213 -7.71 -2.42 68.04
C VAL D 213 -7.18 -1.31 67.14
N LEU D 214 -7.04 -1.63 65.85
CA LEU D 214 -6.55 -0.67 64.85
C LEU D 214 -7.50 0.47 64.56
N THR D 215 -8.75 0.16 64.23
CA THR D 215 -9.75 1.17 63.91
C THR D 215 -10.15 2.03 65.11
N GLY D 216 -10.01 1.49 66.31
CA GLY D 216 -10.37 2.21 67.51
C GLY D 216 -9.24 3.02 68.12
N HIS D 217 -8.04 2.88 67.57
CA HIS D 217 -6.86 3.58 68.09
C HIS D 217 -7.04 5.10 68.00
N GLU D 218 -6.67 5.81 69.07
CA GLU D 218 -6.82 7.27 69.14
C GLU D 218 -6.01 8.07 68.09
N LYS D 219 -4.87 7.54 67.67
CA LYS D 219 -4.03 8.23 66.69
C LYS D 219 -4.38 8.00 65.22
N VAL D 220 -5.35 7.12 64.96
CA VAL D 220 -5.79 6.86 63.59
C VAL D 220 -6.78 7.96 63.23
N ARG D 221 -6.46 8.75 62.21
CA ARG D 221 -7.31 9.86 61.80
C ARG D 221 -8.42 9.45 60.82
N MET D 222 -8.15 8.44 60.00
CA MET D 222 -9.13 7.97 59.03
C MET D 222 -9.11 6.45 58.88
N VAL D 223 -10.28 5.88 58.64
CA VAL D 223 -10.46 4.44 58.44
C VAL D 223 -11.16 4.17 57.11
N SER D 224 -10.48 3.51 56.18
CA SER D 224 -11.08 3.16 54.90
C SER D 224 -11.34 1.65 54.86
N LEU D 225 -12.60 1.31 54.65
CA LEU D 225 -13.07 -0.06 54.62
C LEU D 225 -13.79 -0.50 53.35
N THR D 226 -13.64 -1.80 53.06
CA THR D 226 -14.29 -2.49 51.96
C THR D 226 -14.69 -3.84 52.55
N GLY D 227 -15.99 -4.12 52.54
CA GLY D 227 -16.51 -5.38 53.06
C GLY D 227 -18.01 -5.46 52.85
N SER D 228 -18.69 -6.15 53.78
CA SER D 228 -20.13 -6.29 53.72
C SER D 228 -20.79 -5.19 54.56
N ILE D 229 -22.12 -5.07 54.45
CA ILE D 229 -22.89 -4.07 55.22
C ILE D 229 -22.79 -4.37 56.72
N ALA D 230 -22.63 -5.65 57.07
CA ALA D 230 -22.50 -6.11 58.46
C ALA D 230 -21.20 -5.62 59.12
N THR D 231 -20.06 -5.89 58.50
CA THR D 231 -18.74 -5.47 59.04
C THR D 231 -18.54 -3.96 58.96
N GLY D 232 -19.30 -3.30 58.08
CA GLY D 232 -19.25 -1.86 57.90
C GLY D 232 -20.00 -1.12 58.99
N GLU D 233 -21.13 -1.68 59.40
CA GLU D 233 -21.97 -1.12 60.47
C GLU D 233 -21.22 -1.18 61.79
N HIS D 234 -20.49 -2.30 61.98
CA HIS D 234 -19.71 -2.56 63.18
C HIS D 234 -18.61 -1.52 63.39
N ILE D 235 -17.86 -1.21 62.32
CA ILE D 235 -16.77 -0.23 62.38
C ILE D 235 -17.25 1.23 62.49
N LEU D 236 -18.34 1.55 61.80
CA LEU D 236 -18.88 2.91 61.81
C LEU D 236 -19.44 3.34 63.17
N ARG D 237 -19.93 2.38 63.95
CA ARG D 237 -20.48 2.64 65.29
C ARG D 237 -19.40 2.51 66.38
N HIS D 238 -18.26 1.93 65.98
CA HIS D 238 -17.11 1.72 66.84
C HIS D 238 -16.22 2.97 66.85
N THR D 239 -16.14 3.64 65.71
CA THR D 239 -15.33 4.85 65.52
C THR D 239 -16.13 6.15 65.71
N ALA D 240 -17.44 6.00 65.93
CA ALA D 240 -18.36 7.13 66.12
C ALA D 240 -18.02 8.13 67.26
N PRO D 241 -17.58 7.63 68.45
CA PRO D 241 -17.23 8.60 69.51
C PRO D 241 -15.97 9.44 69.23
N ALA D 242 -15.06 8.91 68.42
CA ALA D 242 -13.81 9.60 68.06
C ALA D 242 -13.97 10.61 66.93
N ILE D 243 -15.13 10.55 66.26
CA ILE D 243 -15.50 11.45 65.14
C ILE D 243 -14.46 11.37 64.00
N LYS D 244 -14.02 10.15 63.74
CA LYS D 244 -13.06 9.83 62.69
C LYS D 244 -13.76 9.94 61.35
N ARG D 245 -12.99 10.24 60.30
CA ARG D 245 -13.59 10.28 58.97
C ARG D 245 -13.43 8.90 58.33
N THR D 246 -14.48 8.46 57.65
CA THR D 246 -14.48 7.15 57.01
C THR D 246 -14.60 7.16 55.49
N HIS D 247 -14.29 6.00 54.89
CA HIS D 247 -14.34 5.78 53.47
C HIS D 247 -14.93 4.38 53.36
N MET D 248 -16.22 4.31 52.99
CA MET D 248 -16.94 3.02 52.93
C MET D 248 -17.24 2.47 51.53
N GLU D 249 -16.96 1.18 51.36
CA GLU D 249 -17.23 0.42 50.15
C GLU D 249 -17.92 -0.83 50.70
N LEU D 250 -19.24 -0.86 50.62
CA LEU D 250 -20.01 -1.96 51.22
C LEU D 250 -20.88 -2.82 50.30
N GLY D 251 -20.30 -3.30 49.21
CA GLY D 251 -21.01 -4.15 48.27
C GLY D 251 -22.15 -3.48 47.51
N GLY D 252 -22.91 -4.30 46.78
CA GLY D 252 -24.03 -3.82 45.99
C GLY D 252 -24.75 -4.91 45.25
N LYS D 253 -25.91 -4.56 44.70
CA LYS D 253 -26.72 -5.49 43.95
C LYS D 253 -26.94 -4.78 42.60
N ALA D 254 -25.91 -4.80 41.77
CA ALA D 254 -25.93 -4.14 40.45
C ALA D 254 -27.04 -4.59 39.50
N PRO D 255 -27.96 -3.66 39.13
CA PRO D 255 -29.01 -4.05 38.23
C PRO D 255 -28.57 -4.00 36.76
N VAL D 256 -29.11 -4.92 35.96
CA VAL D 256 -28.81 -4.98 34.54
C VAL D 256 -30.17 -4.81 33.89
N ILE D 257 -30.39 -3.62 33.33
CA ILE D 257 -31.68 -3.30 32.69
C ILE D 257 -31.63 -3.53 31.19
N VAL D 258 -32.39 -4.50 30.72
CA VAL D 258 -32.41 -4.87 29.30
C VAL D 258 -33.75 -4.53 28.62
N PHE D 259 -33.69 -3.72 27.56
CA PHE D 259 -34.90 -3.33 26.80
C PHE D 259 -35.03 -4.18 25.52
N ASP D 260 -36.25 -4.25 24.96
CA ASP D 260 -36.54 -5.02 23.73
C ASP D 260 -35.54 -4.74 22.64
N ASP D 261 -35.14 -3.48 22.66
CA ASP D 261 -34.22 -2.80 21.79
C ASP D 261 -32.79 -3.37 21.83
N ALA D 262 -32.42 -4.02 22.94
CA ALA D 262 -31.06 -4.56 23.16
C ALA D 262 -30.60 -5.74 22.30
N ASP D 263 -29.29 -5.91 22.24
CA ASP D 263 -28.64 -7.00 21.54
C ASP D 263 -28.57 -8.15 22.55
N LEU D 264 -29.53 -9.07 22.46
CA LEU D 264 -29.62 -10.21 23.40
C LEU D 264 -28.38 -11.08 23.55
N ASP D 265 -27.68 -11.36 22.44
CA ASP D 265 -26.47 -12.17 22.48
C ASP D 265 -25.36 -11.47 23.23
N ALA D 266 -25.27 -10.15 23.09
CA ALA D 266 -24.27 -9.34 23.78
C ALA D 266 -24.57 -9.29 25.26
N VAL D 267 -25.86 -9.31 25.63
CA VAL D 267 -26.26 -9.29 27.03
C VAL D 267 -25.89 -10.64 27.65
N ALA D 268 -26.25 -11.72 26.96
CA ALA D 268 -25.97 -13.08 27.41
C ALA D 268 -24.47 -13.32 27.64
N GLN D 269 -23.65 -12.86 26.71
CA GLN D 269 -22.21 -13.00 26.82
C GLN D 269 -21.66 -12.16 27.97
N GLY D 270 -22.24 -10.98 28.14
CA GLY D 270 -21.86 -10.06 29.21
C GLY D 270 -22.18 -10.62 30.57
N VAL D 271 -23.40 -11.12 30.75
CA VAL D 271 -23.83 -11.69 32.03
C VAL D 271 -23.03 -12.97 32.32
N ARG D 272 -22.68 -13.71 31.27
CA ARG D 272 -21.92 -14.94 31.40
C ARG D 272 -20.56 -14.64 32.04
N THR D 273 -19.97 -13.51 31.64
CA THR D 273 -18.67 -13.10 32.15
C THR D 273 -18.78 -12.32 33.44
N PHE D 274 -19.49 -11.19 33.38
CA PHE D 274 -19.59 -10.27 34.50
C PHE D 274 -20.49 -10.66 35.68
N GLY D 275 -21.35 -11.64 35.48
CA GLY D 275 -22.23 -12.06 36.57
C GLY D 275 -21.62 -13.21 37.35
N PHE D 276 -20.58 -13.84 36.77
CA PHE D 276 -19.93 -14.99 37.37
C PHE D 276 -18.41 -14.88 37.50
N TYR D 277 -17.85 -13.73 37.11
CA TYR D 277 -16.41 -13.50 37.21
C TYR D 277 -16.07 -13.50 38.68
N ASN D 278 -14.96 -14.15 39.02
CA ASN D 278 -14.46 -14.24 40.39
C ASN D 278 -15.54 -14.90 41.27
N ALA D 279 -16.25 -15.87 40.66
CA ALA D 279 -17.35 -16.61 41.30
C ALA D 279 -18.48 -15.72 41.82
N GLY D 280 -18.69 -14.60 41.11
CA GLY D 280 -19.73 -13.64 41.47
C GLY D 280 -19.46 -12.89 42.75
N GLN D 281 -18.25 -13.10 43.28
CA GLN D 281 -17.81 -12.45 44.50
C GLN D 281 -17.23 -11.07 44.17
N ASP D 282 -18.11 -10.20 43.70
CA ASP D 282 -17.74 -8.85 43.30
C ASP D 282 -18.93 -7.90 43.49
N CYS D 283 -18.62 -6.72 44.03
CA CYS D 283 -19.63 -5.68 44.29
C CYS D 283 -20.34 -5.17 43.03
N THR D 284 -19.67 -5.28 41.89
CA THR D 284 -20.22 -4.82 40.62
C THR D 284 -20.79 -5.94 39.74
N ALA D 285 -20.81 -7.17 40.27
CA ALA D 285 -21.32 -8.31 39.53
C ALA D 285 -22.73 -8.08 38.96
N ALA D 286 -22.90 -8.43 37.69
CA ALA D 286 -24.18 -8.30 36.98
C ALA D 286 -25.05 -9.45 37.48
N CYS D 287 -25.65 -9.28 38.65
CA CYS D 287 -26.44 -10.33 39.29
C CYS D 287 -27.95 -10.16 39.34
N ARG D 288 -28.40 -8.96 39.04
CA ARG D 288 -29.81 -8.64 39.12
C ARG D 288 -30.25 -8.12 37.76
N ILE D 289 -30.95 -8.96 37.01
CA ILE D 289 -31.41 -8.57 35.66
C ILE D 289 -32.88 -8.23 35.56
N TYR D 290 -33.16 -7.10 34.91
CA TYR D 290 -34.51 -6.67 34.64
C TYR D 290 -34.64 -6.73 33.12
N ALA D 291 -35.42 -7.69 32.64
CA ALA D 291 -35.61 -7.88 31.21
C ALA D 291 -37.00 -7.42 30.81
N GLN D 292 -37.08 -6.60 29.76
CA GLN D 292 -38.36 -6.09 29.31
C GLN D 292 -39.17 -7.24 28.70
N ARG D 293 -40.47 -7.25 28.99
CA ARG D 293 -41.40 -8.29 28.56
C ARG D 293 -41.19 -8.84 27.16
N GLY D 294 -41.07 -7.94 26.18
CA GLY D 294 -40.86 -8.33 24.78
C GLY D 294 -39.74 -9.34 24.55
N ILE D 295 -38.59 -9.11 25.20
CA ILE D 295 -37.43 -9.99 25.04
C ILE D 295 -37.15 -10.93 26.21
N TYR D 296 -38.00 -10.87 27.24
CA TYR D 296 -37.83 -11.68 28.45
C TYR D 296 -37.54 -13.17 28.19
N ASP D 297 -38.51 -13.88 27.63
CA ASP D 297 -38.39 -15.31 27.35
C ASP D 297 -37.18 -15.69 26.50
N ALA D 298 -36.91 -14.90 25.45
CA ALA D 298 -35.78 -15.16 24.58
C ALA D 298 -34.45 -15.04 25.34
N LEU D 299 -34.34 -14.00 26.18
CA LEU D 299 -33.12 -13.75 26.98
C LEU D 299 -32.88 -14.83 28.03
N VAL D 300 -33.96 -15.31 28.66
CA VAL D 300 -33.86 -16.36 29.67
C VAL D 300 -33.25 -17.61 29.06
N GLU D 301 -33.67 -17.95 27.84
CA GLU D 301 -33.13 -19.14 27.16
C GLU D 301 -31.66 -18.94 26.80
N LYS D 302 -31.32 -17.77 26.27
CA LYS D 302 -29.94 -17.46 25.90
C LYS D 302 -29.02 -17.49 27.12
N LEU D 303 -29.48 -16.94 28.23
CA LEU D 303 -28.71 -16.94 29.48
C LEU D 303 -28.49 -18.35 30.00
N GLY D 304 -29.54 -19.18 29.90
CA GLY D 304 -29.48 -20.57 30.32
C GLY D 304 -28.35 -21.28 29.62
N ASN D 305 -28.28 -21.13 28.30
CA ASN D 305 -27.23 -21.76 27.49
C ASN D 305 -25.85 -21.20 27.81
N ALA D 306 -25.76 -19.89 27.99
CA ALA D 306 -24.50 -19.22 28.29
C ALA D 306 -23.93 -19.58 29.66
N VAL D 307 -24.79 -19.57 30.68
CA VAL D 307 -24.37 -19.87 32.05
C VAL D 307 -23.97 -21.33 32.25
N SER D 308 -24.79 -22.26 31.76
CA SER D 308 -24.51 -23.69 31.92
C SER D 308 -23.21 -24.19 31.26
N SER D 309 -22.68 -23.42 30.32
CA SER D 309 -21.44 -23.80 29.63
C SER D 309 -20.16 -23.37 30.38
N LEU D 310 -20.31 -22.64 31.48
CA LEU D 310 -19.16 -22.20 32.27
C LEU D 310 -18.40 -23.37 32.85
N LYS D 311 -17.13 -23.50 32.49
CA LYS D 311 -16.32 -24.60 33.00
C LYS D 311 -15.63 -24.31 34.33
N MET D 312 -15.98 -25.15 35.28
CA MET D 312 -15.49 -25.13 36.63
C MET D 312 -14.31 -26.11 36.69
N GLY D 313 -13.26 -25.75 37.42
CA GLY D 313 -12.11 -26.64 37.54
C GLY D 313 -10.96 -26.06 38.35
N ALA D 314 -9.78 -26.67 38.18
CA ALA D 314 -8.56 -26.25 38.88
C ALA D 314 -8.13 -24.85 38.44
N PRO D 315 -7.84 -23.96 39.42
CA PRO D 315 -7.44 -22.58 39.12
C PRO D 315 -6.20 -22.45 38.24
N GLU D 316 -5.26 -23.38 38.37
CA GLU D 316 -4.03 -23.32 37.57
C GLU D 316 -4.21 -23.84 36.13
N ASP D 317 -5.36 -24.45 35.86
CA ASP D 317 -5.66 -24.99 34.53
C ASP D 317 -6.24 -23.86 33.67
N GLU D 318 -5.60 -23.64 32.52
CA GLU D 318 -5.96 -22.57 31.56
C GLU D 318 -7.43 -22.50 31.13
N SER D 319 -8.08 -23.66 31.00
CA SER D 319 -9.48 -23.71 30.57
C SER D 319 -10.51 -23.32 31.63
N THR D 320 -10.13 -23.31 32.90
CA THR D 320 -11.05 -22.95 34.00
C THR D 320 -11.57 -21.52 33.94
N GLU D 321 -12.91 -21.40 33.90
CA GLU D 321 -13.58 -20.11 33.84
C GLU D 321 -14.15 -19.68 35.18
N LEU D 322 -14.60 -20.65 35.97
CA LEU D 322 -15.19 -20.38 37.27
C LEU D 322 -14.47 -21.09 38.40
N GLY D 323 -14.09 -20.31 39.40
CA GLY D 323 -13.39 -20.83 40.58
C GLY D 323 -14.35 -21.05 41.73
N PRO D 324 -13.82 -21.41 42.91
CA PRO D 324 -14.68 -21.64 44.06
C PRO D 324 -14.96 -20.35 44.83
N LEU D 325 -15.78 -20.45 45.87
CA LEU D 325 -16.08 -19.32 46.74
C LEU D 325 -14.92 -19.18 47.72
N SER D 326 -14.73 -18.00 48.28
CA SER D 326 -13.61 -17.71 49.19
C SER D 326 -13.39 -18.61 50.42
N SER D 327 -14.47 -19.00 51.09
CA SER D 327 -14.35 -19.82 52.31
C SER D 327 -15.58 -20.69 52.59
N LEU D 328 -15.42 -21.61 53.54
CA LEU D 328 -16.50 -22.51 53.96
C LEU D 328 -17.70 -21.72 54.50
N ALA D 329 -17.42 -20.67 55.25
CA ALA D 329 -18.44 -19.81 55.84
C ALA D 329 -19.26 -19.10 54.75
N HIS D 330 -18.57 -18.60 53.73
CA HIS D 330 -19.26 -17.91 52.63
C HIS D 330 -20.06 -18.89 51.76
N LEU D 331 -19.56 -20.12 51.63
CA LEU D 331 -20.23 -21.15 50.86
C LEU D 331 -21.59 -21.44 51.49
N LYS D 332 -21.62 -21.38 52.82
CA LYS D 332 -22.84 -21.61 53.60
C LYS D 332 -23.84 -20.46 53.44
N ARG D 333 -23.36 -19.21 53.38
CA ARG D 333 -24.25 -18.05 53.20
C ARG D 333 -24.88 -18.05 51.82
N VAL D 334 -24.08 -18.37 50.81
CA VAL D 334 -24.57 -18.43 49.42
C VAL D 334 -25.61 -19.55 49.30
N THR D 335 -25.30 -20.73 49.84
CA THR D 335 -26.21 -21.88 49.79
C THR D 335 -27.56 -21.51 50.42
N ALA D 336 -27.52 -20.86 51.59
CA ALA D 336 -28.72 -20.43 52.31
C ALA D 336 -29.55 -19.45 51.50
N ALA D 337 -28.90 -18.46 50.89
CA ALA D 337 -29.57 -17.44 50.08
C ALA D 337 -30.25 -18.05 48.85
N VAL D 338 -29.62 -19.08 48.27
CA VAL D 338 -30.18 -19.75 47.09
C VAL D 338 -31.33 -20.66 47.50
N GLU D 339 -31.20 -21.29 48.66
CA GLU D 339 -32.26 -22.17 49.15
C GLU D 339 -33.55 -21.40 49.46
N GLU D 340 -33.41 -20.18 50.01
CA GLU D 340 -34.58 -19.33 50.29
C GLU D 340 -35.29 -18.97 48.99
N ALA D 341 -34.50 -18.77 47.92
CA ALA D 341 -35.03 -18.44 46.62
C ALA D 341 -35.79 -19.63 46.01
N LYS D 342 -35.19 -20.83 46.09
CA LYS D 342 -35.83 -22.04 45.55
C LYS D 342 -37.13 -22.36 46.27
N ALA D 343 -37.20 -22.02 47.56
CA ALA D 343 -38.39 -22.24 48.39
C ALA D 343 -39.62 -21.53 47.85
N LEU D 344 -39.40 -20.38 47.18
CA LEU D 344 -40.49 -19.59 46.59
C LEU D 344 -41.03 -20.31 45.37
N SER D 345 -42.34 -20.58 45.41
CA SER D 345 -43.07 -21.30 44.35
C SER D 345 -42.88 -20.78 42.92
N HIS D 346 -42.84 -19.46 42.77
CA HIS D 346 -42.71 -18.82 41.45
C HIS D 346 -41.30 -18.81 40.84
N ILE D 347 -40.28 -19.08 41.65
CA ILE D 347 -38.89 -19.10 41.15
C ILE D 347 -38.57 -20.34 40.34
N ARG D 348 -38.04 -20.14 39.12
CA ARG D 348 -37.62 -21.22 38.25
C ARG D 348 -36.10 -21.31 38.22
N VAL D 349 -35.57 -22.50 38.52
CA VAL D 349 -34.12 -22.68 38.46
C VAL D 349 -33.80 -23.10 37.02
N ILE D 350 -33.20 -22.19 36.27
CA ILE D 350 -32.86 -22.47 34.86
C ILE D 350 -31.61 -23.35 34.77
N THR D 351 -30.60 -23.06 35.58
CA THR D 351 -29.37 -23.84 35.60
C THR D 351 -28.72 -23.74 36.98
N GLY D 352 -27.86 -24.72 37.31
CA GLY D 352 -27.19 -24.76 38.60
C GLY D 352 -28.19 -25.03 39.71
N GLY D 353 -28.06 -24.32 40.82
CA GLY D 353 -28.99 -24.50 41.93
C GLY D 353 -28.36 -24.78 43.28
N SER D 354 -27.47 -25.76 43.34
CA SER D 354 -26.83 -26.09 44.61
C SER D 354 -25.31 -26.26 44.50
N GLN D 355 -24.67 -26.43 45.66
CA GLN D 355 -23.22 -26.61 45.74
C GLN D 355 -22.79 -27.96 45.14
N THR D 356 -21.66 -27.95 44.45
CA THR D 356 -21.14 -29.16 43.80
C THR D 356 -20.26 -30.00 44.74
N GLU D 357 -20.36 -31.31 44.58
CA GLU D 357 -19.61 -32.28 45.39
C GLU D 357 -18.13 -32.24 45.09
N GLY D 358 -17.32 -32.22 46.15
CA GLY D 358 -15.87 -32.18 46.01
C GLY D 358 -15.21 -31.48 47.18
N LYS D 359 -13.88 -31.54 47.20
CA LYS D 359 -13.08 -30.92 48.27
C LYS D 359 -13.23 -29.39 48.42
N GLY D 360 -13.14 -28.67 47.31
CA GLY D 360 -13.23 -27.20 47.33
C GLY D 360 -14.57 -26.61 47.72
N TYR D 361 -14.64 -25.29 47.78
CA TYR D 361 -15.88 -24.59 48.13
C TYR D 361 -16.58 -24.13 46.85
N TYR D 362 -16.75 -25.06 45.91
CA TYR D 362 -17.40 -24.75 44.65
C TYR D 362 -18.91 -24.70 44.75
N PHE D 363 -19.50 -23.79 43.98
CA PHE D 363 -20.94 -23.64 43.92
C PHE D 363 -21.23 -23.46 42.43
N ALA D 364 -22.20 -24.23 41.93
CA ALA D 364 -22.59 -24.20 40.51
C ALA D 364 -23.16 -22.86 40.07
N PRO D 365 -22.80 -22.40 38.84
CA PRO D 365 -23.33 -21.12 38.37
C PRO D 365 -24.85 -21.23 38.27
N THR D 366 -25.54 -20.47 39.10
CA THR D 366 -27.00 -20.52 39.18
C THR D 366 -27.73 -19.33 38.51
N LEU D 367 -28.81 -19.67 37.81
CA LEU D 367 -29.66 -18.70 37.15
C LEU D 367 -31.10 -18.91 37.62
N LEU D 368 -31.64 -17.91 38.30
CA LEU D 368 -32.99 -17.97 38.84
C LEU D 368 -33.90 -17.01 38.08
N ALA D 369 -34.91 -17.56 37.41
CA ALA D 369 -35.85 -16.76 36.62
C ALA D 369 -37.19 -16.53 37.32
N ASP D 370 -37.98 -15.64 36.73
CA ASP D 370 -39.33 -15.28 37.22
C ASP D 370 -39.34 -14.66 38.61
N ALA D 371 -38.19 -14.12 39.02
CA ALA D 371 -38.06 -13.47 40.32
C ALA D 371 -38.86 -12.18 40.32
N LYS D 372 -39.44 -11.84 41.46
CA LYS D 372 -40.23 -10.64 41.58
C LYS D 372 -39.49 -9.59 42.42
N GLN D 373 -39.75 -8.32 42.14
CA GLN D 373 -39.11 -7.20 42.83
C GLN D 373 -38.99 -7.34 44.35
N GLU D 374 -40.07 -7.78 45.01
CA GLU D 374 -40.09 -7.93 46.47
C GLU D 374 -39.27 -9.10 47.03
N ASP D 375 -38.96 -10.09 46.18
CA ASP D 375 -38.20 -11.28 46.60
C ASP D 375 -36.86 -10.95 47.22
N ALA D 376 -36.45 -11.77 48.19
CA ALA D 376 -35.18 -11.60 48.89
C ALA D 376 -33.98 -11.75 47.95
N ILE D 377 -34.13 -12.61 46.95
CA ILE D 377 -33.08 -12.86 45.98
C ILE D 377 -32.77 -11.63 45.12
N VAL D 378 -33.72 -10.72 45.03
CA VAL D 378 -33.57 -9.49 44.25
C VAL D 378 -33.15 -8.32 45.14
N GLN D 379 -33.59 -8.33 46.41
CA GLN D 379 -33.26 -7.26 47.35
C GLN D 379 -31.91 -7.38 48.06
N ARG D 380 -31.61 -8.56 48.60
CA ARG D 380 -30.35 -8.79 49.31
C ARG D 380 -29.22 -9.26 48.39
N GLU D 381 -28.00 -8.86 48.72
CA GLU D 381 -26.82 -9.24 47.95
C GLU D 381 -26.48 -10.69 48.28
N VAL D 382 -26.16 -11.47 47.24
CA VAL D 382 -25.80 -12.87 47.44
C VAL D 382 -24.28 -13.01 47.45
N PHE D 383 -23.63 -12.23 46.59
CA PHE D 383 -22.16 -12.18 46.47
C PHE D 383 -21.61 -13.58 46.14
N GLY D 384 -22.29 -14.26 45.22
CA GLY D 384 -21.92 -15.60 44.76
C GLY D 384 -22.23 -15.73 43.28
N PRO D 385 -22.00 -16.93 42.70
CA PRO D 385 -22.28 -17.10 41.28
C PRO D 385 -23.78 -17.34 41.04
N VAL D 386 -24.59 -16.36 41.40
CA VAL D 386 -26.05 -16.43 41.27
C VAL D 386 -26.59 -15.19 40.56
N VAL D 387 -27.46 -15.41 39.58
CA VAL D 387 -28.08 -14.34 38.81
C VAL D 387 -29.60 -14.53 38.75
N SER D 388 -30.33 -13.46 38.98
CA SER D 388 -31.79 -13.48 38.92
C SER D 388 -32.32 -12.63 37.77
N ILE D 389 -33.46 -13.03 37.19
CA ILE D 389 -34.06 -12.29 36.09
C ILE D 389 -35.48 -11.92 36.47
N THR D 390 -35.84 -10.66 36.29
CA THR D 390 -37.15 -10.13 36.61
C THR D 390 -37.70 -9.45 35.36
N VAL D 391 -38.98 -9.64 35.08
CA VAL D 391 -39.61 -9.03 33.91
C VAL D 391 -40.08 -7.61 34.28
N PHE D 392 -40.10 -6.71 33.29
CA PHE D 392 -40.62 -5.34 33.51
C PHE D 392 -41.33 -4.87 32.25
N ASP D 393 -42.01 -3.73 32.31
CA ASP D 393 -42.75 -3.20 31.16
C ASP D 393 -42.25 -1.85 30.63
N ASP D 394 -42.36 -0.80 31.42
CA ASP D 394 -41.93 0.57 31.06
C ASP D 394 -40.65 1.04 31.74
N GLU D 395 -40.13 2.20 31.30
CA GLU D 395 -38.93 2.78 31.89
C GLU D 395 -39.22 3.26 33.29
N ASP D 396 -40.27 4.05 33.45
CA ASP D 396 -40.67 4.58 34.77
C ASP D 396 -40.71 3.50 35.81
N GLN D 397 -41.29 2.35 35.43
CA GLN D 397 -41.40 1.20 36.32
C GLN D 397 -40.04 0.66 36.71
N VAL D 398 -39.21 0.30 35.73
CA VAL D 398 -37.90 -0.28 36.00
C VAL D 398 -36.98 0.72 36.74
N LEU D 399 -37.14 2.01 36.42
CA LEU D 399 -36.35 3.06 37.08
C LEU D 399 -36.71 3.11 38.57
N ARG D 400 -38.01 3.09 38.89
CA ARG D 400 -38.44 3.08 40.29
C ARG D 400 -37.89 1.86 41.02
N TRP D 401 -37.97 0.69 40.39
CA TRP D 401 -37.46 -0.54 40.99
C TRP D 401 -35.95 -0.49 41.24
N ALA D 402 -35.20 -0.05 40.23
CA ALA D 402 -33.75 0.04 40.34
C ALA D 402 -33.35 0.99 41.48
N ASN D 403 -34.05 2.12 41.58
CA ASN D 403 -33.79 3.12 42.62
C ASN D 403 -34.33 2.76 44.00
N ASP D 404 -35.32 1.87 44.06
CA ASP D 404 -35.88 1.44 45.35
C ASP D 404 -35.00 0.31 45.89
N SER D 405 -33.74 0.64 46.12
CA SER D 405 -32.75 -0.30 46.61
C SER D 405 -31.86 0.35 47.64
N ARG D 406 -31.43 -0.45 48.62
CA ARG D 406 -30.53 0.01 49.66
C ARG D 406 -29.13 0.22 49.07
N TYR D 407 -28.86 -0.48 47.98
CA TYR D 407 -27.57 -0.41 47.30
C TYR D 407 -27.55 0.70 46.24
N GLY D 408 -26.35 1.11 45.84
CA GLY D 408 -26.17 2.15 44.84
C GLY D 408 -24.77 2.23 44.28
N LEU D 409 -24.15 1.09 44.02
CA LEU D 409 -22.77 1.08 43.53
C LEU D 409 -22.58 1.11 42.00
N ALA D 410 -23.13 0.12 41.30
CA ALA D 410 -23.01 0.04 39.84
C ALA D 410 -24.31 -0.42 39.19
N SER D 411 -24.39 -0.25 37.87
CA SER D 411 -25.57 -0.63 37.11
C SER D 411 -25.27 -0.55 35.62
N SER D 412 -26.09 -1.19 34.81
CA SER D 412 -25.93 -1.14 33.37
C SER D 412 -27.27 -1.12 32.67
N VAL D 413 -27.31 -0.43 31.53
CA VAL D 413 -28.51 -0.34 30.71
C VAL D 413 -28.14 -0.84 29.33
N TRP D 414 -28.93 -1.76 28.82
CA TRP D 414 -28.71 -2.35 27.51
C TRP D 414 -29.85 -1.92 26.61
N THR D 415 -29.55 -1.04 25.67
CA THR D 415 -30.53 -0.48 24.73
C THR D 415 -29.79 0.20 23.58
N GLN D 416 -30.46 0.32 22.44
CA GLN D 416 -29.87 0.98 21.29
C GLN D 416 -30.33 2.42 21.13
N ASP D 417 -31.37 2.81 21.86
CA ASP D 417 -31.93 4.16 21.79
C ASP D 417 -31.04 5.16 22.53
N VAL D 418 -30.51 6.15 21.80
CA VAL D 418 -29.63 7.17 22.36
C VAL D 418 -30.34 7.94 23.46
N GLY D 419 -31.58 8.35 23.17
CA GLY D 419 -32.42 9.10 24.12
C GLY D 419 -32.58 8.34 25.42
N ARG D 420 -33.05 7.09 25.31
CA ARG D 420 -33.25 6.24 26.47
C ARG D 420 -31.97 6.02 27.30
N ALA D 421 -30.86 5.72 26.62
CA ALA D 421 -29.59 5.50 27.29
C ALA D 421 -29.21 6.64 28.21
N HIS D 422 -29.28 7.88 27.70
CA HIS D 422 -28.94 9.07 28.48
C HIS D 422 -29.98 9.47 29.50
N ARG D 423 -31.24 9.26 29.17
CA ARG D 423 -32.34 9.60 30.05
C ARG D 423 -32.26 8.74 31.33
N LEU D 424 -32.00 7.44 31.18
CA LEU D 424 -31.88 6.55 32.35
C LEU D 424 -30.58 6.69 33.14
N SER D 425 -29.47 6.83 32.42
CA SER D 425 -28.19 6.96 33.11
C SER D 425 -28.14 8.24 33.95
N ALA D 426 -28.90 9.25 33.55
CA ALA D 426 -28.98 10.51 34.28
C ALA D 426 -29.79 10.36 35.56
N ARG D 427 -30.76 9.44 35.53
CA ARG D 427 -31.68 9.22 36.63
C ARG D 427 -31.39 8.03 37.56
N LEU D 428 -30.50 7.13 37.17
CA LEU D 428 -30.16 6.00 38.03
C LEU D 428 -29.39 6.44 39.26
N GLN D 429 -29.70 5.82 40.38
CA GLN D 429 -29.04 6.17 41.64
C GLN D 429 -27.96 5.15 41.98
N TYR D 430 -26.97 5.13 41.10
CA TYR D 430 -25.81 4.24 41.20
C TYR D 430 -24.57 5.03 40.86
N GLY D 431 -23.51 4.82 41.62
CA GLY D 431 -22.26 5.51 41.41
C GLY D 431 -21.68 5.30 40.02
N CYS D 432 -22.16 4.27 39.35
CA CYS D 432 -21.69 3.93 38.03
C CYS D 432 -22.79 3.33 37.15
N THR D 433 -22.82 3.75 35.88
CA THR D 433 -23.80 3.22 34.94
C THR D 433 -23.14 2.96 33.58
N TRP D 434 -23.11 1.69 33.18
CA TRP D 434 -22.56 1.31 31.90
C TRP D 434 -23.69 1.19 30.90
N ILE D 435 -23.39 1.44 29.64
CA ILE D 435 -24.40 1.34 28.58
C ILE D 435 -23.90 0.34 27.55
N ASN D 436 -24.65 -0.75 27.37
CA ASN D 436 -24.31 -1.83 26.43
C ASN D 436 -23.01 -2.56 26.76
N THR D 437 -22.69 -2.59 28.05
CA THR D 437 -21.52 -3.28 28.60
C THR D 437 -21.72 -3.31 30.10
N HIS D 438 -20.74 -3.80 30.86
CA HIS D 438 -20.85 -3.87 32.31
C HIS D 438 -19.51 -4.27 32.86
N PHE D 439 -19.27 -3.94 34.13
CA PHE D 439 -18.06 -4.38 34.83
C PHE D 439 -16.73 -3.72 34.42
N MET D 440 -16.73 -2.90 33.37
CA MET D 440 -15.49 -2.24 32.92
C MET D 440 -15.03 -1.08 33.81
N LEU D 441 -13.85 -1.21 34.38
CA LEU D 441 -13.27 -0.18 35.26
C LEU D 441 -11.94 0.32 34.74
N VAL D 442 -11.66 1.59 34.95
CA VAL D 442 -10.40 2.23 34.55
C VAL D 442 -9.91 3.13 35.68
N SER D 443 -8.58 3.16 35.87
CA SER D 443 -7.95 3.94 36.94
C SER D 443 -8.34 5.42 36.99
N GLU D 444 -8.57 6.02 35.83
CA GLU D 444 -8.93 7.45 35.75
C GLU D 444 -10.34 7.77 36.27
N MET D 445 -11.25 6.81 36.15
CA MET D 445 -12.65 7.00 36.57
C MET D 445 -12.98 6.48 37.97
N PRO D 446 -13.79 7.25 38.72
CA PRO D 446 -14.19 6.94 40.11
C PRO D 446 -15.11 5.73 40.23
N HIS D 447 -14.93 5.02 41.34
CA HIS D 447 -15.70 3.84 41.65
C HIS D 447 -16.10 3.94 43.11
N GLY D 448 -17.38 4.13 43.34
CA GLY D 448 -17.89 4.28 44.70
C GLY D 448 -19.40 4.24 44.74
N GLY D 449 -19.92 3.82 45.89
CA GLY D 449 -21.35 3.69 46.07
C GLY D 449 -22.13 4.88 46.59
N GLN D 450 -23.44 4.66 46.65
CA GLN D 450 -24.44 5.59 47.09
C GLN D 450 -25.31 4.81 48.09
N LYS D 451 -25.94 5.53 49.02
CA LYS D 451 -26.82 4.94 50.05
C LYS D 451 -26.05 3.96 50.96
N GLN D 452 -26.53 2.72 51.08
CA GLN D 452 -25.88 1.71 51.93
C GLN D 452 -24.66 1.04 51.30
N SER D 453 -24.35 1.38 50.05
CA SER D 453 -23.18 0.86 49.36
C SER D 453 -21.93 1.62 49.82
N GLY D 454 -22.18 2.69 50.59
CA GLY D 454 -21.12 3.52 51.14
C GLY D 454 -21.00 4.92 50.57
N TYR D 455 -19.82 5.49 50.79
CA TYR D 455 -19.47 6.84 50.36
C TYR D 455 -17.95 6.91 50.21
N GLY D 456 -17.47 7.86 49.42
CA GLY D 456 -16.04 7.97 49.16
C GLY D 456 -15.74 7.11 47.95
N LYS D 457 -14.72 7.47 47.19
CA LYS D 457 -14.40 6.72 45.98
C LYS D 457 -13.01 6.12 45.84
N ASP D 458 -12.95 5.02 45.08
CA ASP D 458 -11.70 4.33 44.78
C ASP D 458 -11.33 4.70 43.36
N MET D 459 -10.03 4.90 43.12
CA MET D 459 -9.51 5.30 41.80
C MET D 459 -9.89 6.75 41.44
N SER D 460 -9.27 7.29 40.39
CA SER D 460 -9.47 8.67 39.88
C SER D 460 -8.93 9.75 40.83
N LEU D 461 -8.99 11.00 40.38
CA LEU D 461 -8.55 12.14 41.21
C LEU D 461 -9.44 12.28 42.44
N TYR D 462 -10.70 11.84 42.31
CA TYR D 462 -11.64 11.90 43.42
C TYR D 462 -11.22 10.95 44.53
N GLY D 463 -10.59 9.85 44.13
CA GLY D 463 -10.10 8.84 45.05
C GLY D 463 -8.95 9.39 45.87
N LEU D 464 -8.15 10.26 45.26
CA LEU D 464 -7.02 10.86 45.93
C LEU D 464 -7.47 11.99 46.85
N GLU D 465 -8.50 12.72 46.43
CA GLU D 465 -9.04 13.83 47.20
C GLU D 465 -9.61 13.41 48.53
N ASP D 466 -10.13 12.19 48.61
CA ASP D 466 -10.71 11.66 49.85
C ASP D 466 -9.66 11.47 50.94
N TYR D 467 -8.38 11.43 50.55
CA TYR D 467 -7.26 11.27 51.49
C TYR D 467 -6.52 12.56 51.77
N THR D 468 -7.13 13.68 51.37
CA THR D 468 -6.55 15.00 51.61
C THR D 468 -7.50 15.85 52.44
N LEU D 469 -6.99 16.98 52.93
CA LEU D 469 -7.76 17.92 53.73
C LEU D 469 -7.69 19.28 53.09
N VAL D 470 -8.83 19.79 52.65
CA VAL D 470 -8.90 21.13 52.07
C VAL D 470 -8.66 22.11 53.23
N ARG D 471 -7.75 23.07 53.03
CA ARG D 471 -7.44 24.03 54.07
C ARG D 471 -7.39 25.42 53.49
N HIS D 472 -7.96 26.37 54.24
CA HIS D 472 -8.00 27.76 53.79
C HIS D 472 -7.04 28.61 54.58
N ILE D 473 -6.05 29.17 53.89
CA ILE D 473 -5.05 30.03 54.50
C ILE D 473 -5.30 31.44 54.00
N MET D 474 -5.42 32.38 54.93
CA MET D 474 -5.69 33.76 54.61
C MET D 474 -4.69 34.71 55.26
N VAL D 475 -3.94 35.43 54.42
CA VAL D 475 -2.92 36.37 54.87
C VAL D 475 -3.38 37.82 54.71
N LYS D 476 -3.31 38.60 55.78
CA LYS D 476 -3.72 40.00 55.73
C LYS D 476 -2.57 40.88 55.26
N HIS D 477 -2.83 41.75 54.28
CA HIS D 477 -1.78 42.65 53.78
C HIS D 477 -1.52 43.75 54.78
N GLN E 5 38.31 -39.70 -73.63
CA GLN E 5 37.07 -39.02 -74.26
C GLN E 5 35.72 -38.87 -73.44
N TYR E 6 35.66 -37.79 -72.69
CA TYR E 6 34.50 -37.51 -71.85
C TYR E 6 33.33 -36.99 -72.65
N GLN E 7 32.13 -37.44 -72.27
CA GLN E 7 30.89 -37.05 -72.93
C GLN E 7 30.02 -36.09 -72.11
N LEU E 8 28.99 -35.57 -72.76
CA LEU E 8 28.04 -34.66 -72.14
C LEU E 8 26.79 -35.44 -71.75
N LEU E 9 26.08 -34.96 -70.73
CA LEU E 9 24.85 -35.60 -70.30
C LEU E 9 23.67 -34.72 -70.70
N ILE E 10 22.93 -35.17 -71.71
CA ILE E 10 21.74 -34.46 -72.19
C ILE E 10 20.56 -35.42 -72.26
N ASN E 11 19.49 -35.07 -71.56
CA ASN E 11 18.25 -35.84 -71.51
C ASN E 11 18.47 -37.35 -71.21
N GLY E 12 19.26 -37.62 -70.17
CA GLY E 12 19.58 -38.98 -69.72
C GLY E 12 20.47 -39.81 -70.63
N VAL E 13 21.03 -39.16 -71.64
CA VAL E 13 21.90 -39.83 -72.61
C VAL E 13 23.27 -39.14 -72.65
N LEU E 14 24.32 -39.94 -72.83
CA LEU E 14 25.68 -39.43 -72.95
C LEU E 14 25.99 -39.22 -74.45
N VAL E 15 26.37 -38.00 -74.81
CA VAL E 15 26.68 -37.65 -76.19
C VAL E 15 27.98 -36.86 -76.34
N ASP E 16 28.58 -36.94 -77.53
CA ASP E 16 29.81 -36.21 -77.83
C ASP E 16 29.43 -34.79 -78.21
N GLY E 17 30.24 -33.83 -77.76
CA GLY E 17 30.00 -32.42 -78.08
C GLY E 17 30.18 -32.18 -79.56
N GLU E 18 29.30 -31.37 -80.14
CA GLU E 18 29.36 -31.06 -81.57
C GLU E 18 30.20 -29.81 -81.81
N GLY E 19 30.57 -29.11 -80.73
CA GLY E 19 31.38 -27.90 -80.82
C GLY E 19 32.86 -28.15 -81.02
N GLU E 20 33.65 -27.09 -80.92
CA GLU E 20 35.09 -27.14 -81.09
C GLU E 20 35.83 -27.84 -79.94
N ARG E 21 36.91 -28.55 -80.28
CA ARG E 21 37.74 -29.24 -79.30
C ARG E 21 38.47 -28.24 -78.42
N GLN E 22 38.49 -28.50 -77.12
CA GLN E 22 39.12 -27.64 -76.17
C GLN E 22 40.09 -28.45 -75.35
N SER E 23 41.30 -27.95 -75.16
CA SER E 23 42.30 -28.71 -74.40
C SER E 23 42.30 -28.42 -72.90
N VAL E 24 42.37 -29.50 -72.12
CA VAL E 24 42.38 -29.44 -70.65
C VAL E 24 43.79 -29.73 -70.15
N TYR E 25 44.35 -28.77 -69.40
CA TYR E 25 45.72 -28.87 -68.86
C TYR E 25 45.87 -29.45 -67.46
N ASN E 26 47.08 -29.93 -67.19
CA ASN E 26 47.48 -30.44 -65.89
C ASN E 26 48.40 -29.33 -65.37
N PRO E 27 47.89 -28.50 -64.45
CA PRO E 27 48.62 -27.37 -63.89
C PRO E 27 49.95 -27.70 -63.21
N ALA E 28 50.12 -28.94 -62.78
CA ALA E 28 51.36 -29.36 -62.13
C ALA E 28 52.48 -29.61 -63.13
N THR E 29 52.12 -30.06 -64.34
CA THR E 29 53.11 -30.35 -65.38
C THR E 29 53.08 -29.37 -66.55
N GLY E 30 52.00 -28.59 -66.65
CA GLY E 30 51.84 -27.61 -67.73
C GLY E 30 51.48 -28.26 -69.07
N GLU E 31 51.35 -29.58 -69.04
CA GLU E 31 51.02 -30.42 -70.20
C GLU E 31 49.51 -30.55 -70.38
N VAL E 32 49.10 -30.93 -71.58
CA VAL E 32 47.68 -31.13 -71.89
C VAL E 32 47.33 -32.58 -71.51
N ILE E 33 46.26 -32.73 -70.73
CA ILE E 33 45.78 -34.04 -70.29
C ILE E 33 44.94 -34.68 -71.41
N LEU E 34 43.91 -33.96 -71.84
CA LEU E 34 42.97 -34.41 -72.84
C LEU E 34 42.42 -33.23 -73.65
N GLU E 35 41.63 -33.58 -74.65
CA GLU E 35 40.97 -32.64 -75.52
C GLU E 35 39.52 -33.07 -75.54
N ILE E 36 38.62 -32.16 -75.14
CA ILE E 36 37.18 -32.46 -75.11
C ILE E 36 36.42 -31.56 -76.06
N ALA E 37 35.44 -32.12 -76.75
CA ALA E 37 34.62 -31.35 -77.67
C ALA E 37 33.50 -30.63 -76.90
N GLU E 38 33.40 -29.31 -77.11
CA GLU E 38 32.38 -28.48 -76.47
C GLU E 38 30.97 -28.77 -76.94
N ALA E 39 30.00 -28.25 -76.21
CA ALA E 39 28.61 -28.40 -76.57
C ALA E 39 28.33 -27.36 -77.65
N SER E 40 27.58 -27.74 -78.67
CA SER E 40 27.22 -26.81 -79.74
C SER E 40 26.03 -25.99 -79.25
N PRO E 41 25.79 -24.80 -79.84
CA PRO E 41 24.64 -23.98 -79.44
C PRO E 41 23.30 -24.76 -79.48
N ALA E 42 23.19 -25.71 -80.41
CA ALA E 42 22.00 -26.55 -80.56
C ALA E 42 21.86 -27.53 -79.40
N GLN E 43 23.01 -28.05 -78.92
CA GLN E 43 23.03 -28.98 -77.79
C GLN E 43 22.70 -28.29 -76.47
N VAL E 44 23.11 -27.03 -76.34
CA VAL E 44 22.81 -26.24 -75.14
C VAL E 44 21.30 -26.03 -75.09
N ASP E 45 20.72 -25.78 -76.27
CA ASP E 45 19.27 -25.61 -76.40
C ASP E 45 18.60 -26.94 -76.06
N ALA E 46 19.10 -28.03 -76.64
CA ALA E 46 18.58 -29.39 -76.40
C ALA E 46 18.58 -29.74 -74.91
N ALA E 47 19.64 -29.32 -74.22
CA ALA E 47 19.77 -29.57 -72.78
C ALA E 47 18.70 -28.82 -71.98
N VAL E 48 18.49 -27.54 -72.34
CA VAL E 48 17.47 -26.71 -71.66
C VAL E 48 16.06 -27.24 -71.96
N GLN E 49 15.81 -27.66 -73.20
CA GLN E 49 14.52 -28.23 -73.58
C GLN E 49 14.26 -29.50 -72.79
N ALA E 50 15.29 -30.32 -72.65
CA ALA E 50 15.20 -31.58 -71.90
C ALA E 50 14.81 -31.32 -70.44
N ALA E 51 15.41 -30.29 -69.85
CA ALA E 51 15.13 -29.92 -68.47
C ALA E 51 13.73 -29.36 -68.35
N ASP E 52 13.32 -28.52 -69.29
CA ASP E 52 12.00 -27.91 -69.30
C ASP E 52 10.89 -28.97 -69.36
N ASN E 53 11.07 -29.99 -70.21
CA ASN E 53 10.10 -31.08 -70.34
C ASN E 53 10.06 -31.96 -69.11
N ALA E 54 11.24 -32.26 -68.56
CA ALA E 54 11.36 -33.11 -67.38
C ALA E 54 10.76 -32.50 -66.13
N PHE E 55 10.66 -31.17 -66.10
CA PHE E 55 10.13 -30.43 -64.94
C PHE E 55 8.68 -30.72 -64.58
N ALA E 56 7.82 -30.94 -65.57
CA ALA E 56 6.41 -31.23 -65.32
C ALA E 56 6.27 -32.40 -64.34
N GLU E 57 7.04 -33.47 -64.58
CA GLU E 57 7.01 -34.65 -63.74
C GLU E 57 7.85 -34.51 -62.48
N TRP E 58 9.10 -34.07 -62.65
CA TRP E 58 10.06 -33.89 -61.54
C TRP E 58 9.64 -32.91 -60.45
N GLY E 59 8.99 -31.82 -60.84
CA GLY E 59 8.51 -30.81 -59.89
C GLY E 59 7.40 -31.29 -58.97
N GLN E 60 6.75 -32.40 -59.34
CA GLN E 60 5.66 -32.96 -58.56
C GLN E 60 6.10 -34.13 -57.68
N THR E 61 7.36 -34.53 -57.78
CA THR E 61 7.86 -35.63 -56.97
C THR E 61 7.84 -35.19 -55.49
N THR E 62 7.74 -36.17 -54.60
CA THR E 62 7.71 -35.91 -53.18
C THR E 62 9.12 -35.63 -52.67
N PRO E 63 9.25 -34.85 -51.57
CA PRO E 63 10.57 -34.62 -51.02
C PRO E 63 11.26 -35.96 -50.71
N LYS E 64 10.47 -36.97 -50.33
CA LYS E 64 11.00 -38.29 -50.04
C LYS E 64 11.70 -38.90 -51.25
N ALA E 65 11.03 -38.83 -52.41
CA ALA E 65 11.56 -39.36 -53.66
C ALA E 65 12.88 -38.69 -54.03
N ARG E 66 12.95 -37.37 -53.83
CA ARG E 66 14.13 -36.59 -54.14
C ARG E 66 15.27 -36.92 -53.18
N ALA E 67 14.94 -37.07 -51.91
CA ALA E 67 15.91 -37.42 -50.88
C ALA E 67 16.60 -38.73 -51.23
N GLU E 68 15.79 -39.68 -51.73
CA GLU E 68 16.29 -40.98 -52.12
C GLU E 68 17.26 -40.93 -53.30
N CYS E 69 17.03 -39.99 -54.21
CA CYS E 69 17.94 -39.83 -55.35
C CYS E 69 19.27 -39.28 -54.88
N LEU E 70 19.22 -38.25 -54.02
CA LEU E 70 20.42 -37.62 -53.49
C LEU E 70 21.26 -38.59 -52.64
N LEU E 71 20.59 -39.42 -51.83
CA LEU E 71 21.29 -40.40 -51.00
C LEU E 71 21.98 -41.42 -51.88
N LYS E 72 21.31 -41.79 -52.97
CA LYS E 72 21.82 -42.77 -53.92
C LYS E 72 23.03 -42.18 -54.66
N LEU E 73 22.95 -40.89 -54.97
CA LEU E 73 24.04 -40.17 -55.65
C LEU E 73 25.26 -40.07 -54.74
N ALA E 74 25.02 -39.76 -53.46
CA ALA E 74 26.07 -39.65 -52.46
C ALA E 74 26.85 -40.96 -52.33
N ASP E 75 26.12 -42.09 -52.34
CA ASP E 75 26.73 -43.42 -52.24
C ASP E 75 27.64 -43.67 -53.43
N SER E 76 27.14 -43.32 -54.62
CA SER E 76 27.88 -43.50 -55.86
C SER E 76 29.23 -42.75 -55.81
N ILE E 77 29.20 -41.52 -55.29
CA ILE E 77 30.41 -40.70 -55.18
C ILE E 77 31.38 -41.29 -54.15
N GLU E 78 30.84 -41.73 -53.02
CA GLU E 78 31.65 -42.30 -51.94
C GLU E 78 32.35 -43.59 -52.37
N GLN E 79 31.64 -44.39 -53.18
CA GLN E 79 32.16 -45.66 -53.69
C GLN E 79 33.25 -45.40 -54.74
N ASN E 80 33.17 -44.26 -55.41
CA ASN E 80 34.13 -43.85 -56.42
C ASN E 80 35.05 -42.73 -55.95
N ALA E 81 35.15 -42.57 -54.62
CA ALA E 81 35.97 -41.55 -53.98
C ALA E 81 37.39 -41.42 -54.55
N LEU E 82 38.11 -42.55 -54.57
CA LEU E 82 39.49 -42.59 -55.05
C LEU E 82 39.64 -42.09 -56.49
N GLU E 83 38.75 -42.50 -57.39
CA GLU E 83 38.77 -42.08 -58.80
C GLU E 83 38.57 -40.58 -58.95
N PHE E 84 37.56 -40.04 -58.24
CA PHE E 84 37.30 -38.60 -58.26
C PHE E 84 38.50 -37.83 -57.71
N ALA E 85 39.11 -38.36 -56.65
CA ALA E 85 40.27 -37.74 -56.03
C ALA E 85 41.43 -37.61 -57.04
N ARG E 86 41.71 -38.69 -57.78
CA ARG E 86 42.77 -38.67 -58.79
C ARG E 86 42.49 -37.67 -59.90
N LEU E 87 41.25 -37.65 -60.40
CA LEU E 87 40.89 -36.68 -61.45
C LEU E 87 40.99 -35.23 -60.99
N GLU E 88 40.41 -34.95 -59.82
CA GLU E 88 40.42 -33.60 -59.25
C GLU E 88 41.85 -33.13 -59.04
N SER E 89 42.70 -34.02 -58.52
CA SER E 89 44.11 -33.73 -58.27
C SER E 89 44.89 -33.51 -59.55
N GLN E 90 44.63 -34.35 -60.55
CA GLN E 90 45.30 -34.28 -61.84
C GLN E 90 44.94 -33.00 -62.58
N ASN E 91 43.65 -32.65 -62.56
CA ASN E 91 43.13 -31.49 -63.26
C ASN E 91 43.32 -30.15 -62.53
N CYS E 92 43.40 -30.15 -61.20
CA CYS E 92 43.55 -28.89 -60.44
C CYS E 92 44.91 -28.64 -59.82
N GLY E 93 45.68 -29.71 -59.62
CA GLY E 93 46.99 -29.58 -59.01
C GLY E 93 46.94 -29.71 -57.49
N LYS E 94 45.74 -29.94 -56.97
CA LYS E 94 45.49 -30.12 -55.55
C LYS E 94 46.26 -31.35 -55.05
N PRO E 95 46.96 -31.24 -53.91
CA PRO E 95 47.65 -32.42 -53.38
C PRO E 95 46.61 -33.54 -53.19
N LEU E 96 46.89 -34.72 -53.75
CA LEU E 96 46.01 -35.87 -53.69
C LEU E 96 45.43 -36.21 -52.31
N HIS E 97 46.31 -36.25 -51.31
CA HIS E 97 45.88 -36.60 -49.94
C HIS E 97 44.82 -35.66 -49.37
N CYS E 98 44.87 -34.37 -49.76
CA CYS E 98 43.89 -33.39 -49.30
C CYS E 98 42.52 -33.65 -49.92
N VAL E 99 42.52 -34.04 -51.20
CA VAL E 99 41.29 -34.34 -51.90
C VAL E 99 40.60 -35.57 -51.31
N ILE E 100 41.38 -36.63 -51.05
CA ILE E 100 40.86 -37.87 -50.48
C ILE E 100 40.30 -37.68 -49.06
N ASN E 101 41.03 -36.91 -48.25
CA ASN E 101 40.66 -36.67 -46.85
C ASN E 101 39.70 -35.52 -46.57
N ASP E 102 39.85 -34.41 -47.29
CA ASP E 102 39.00 -33.24 -47.07
C ASP E 102 37.83 -33.08 -48.02
N GLU E 103 38.13 -32.90 -49.31
CA GLU E 103 37.11 -32.65 -50.34
C GLU E 103 36.04 -33.72 -50.61
N ILE E 104 36.46 -34.92 -51.00
CA ILE E 104 35.48 -35.97 -51.29
C ILE E 104 34.47 -36.20 -50.15
N PRO E 105 34.96 -36.41 -48.90
CA PRO E 105 34.00 -36.59 -47.81
C PRO E 105 33.05 -35.41 -47.65
N ALA E 106 33.56 -34.18 -47.87
CA ALA E 106 32.75 -32.97 -47.77
C ALA E 106 31.63 -32.99 -48.83
N ILE E 107 32.01 -33.36 -50.06
CA ILE E 107 31.08 -33.47 -51.20
C ILE E 107 29.98 -34.48 -50.87
N VAL E 108 30.39 -35.67 -50.43
CA VAL E 108 29.48 -36.73 -50.04
C VAL E 108 28.52 -36.20 -48.96
N ASP E 109 29.08 -35.52 -47.96
CA ASP E 109 28.27 -34.97 -46.89
C ASP E 109 27.24 -33.95 -47.38
N VAL E 110 27.65 -33.11 -48.35
CA VAL E 110 26.74 -32.10 -48.89
C VAL E 110 25.49 -32.75 -49.47
N PHE E 111 25.68 -33.80 -50.28
CA PHE E 111 24.52 -34.50 -50.85
C PHE E 111 23.64 -35.11 -49.77
N ARG E 112 24.26 -35.78 -48.78
CA ARG E 112 23.49 -36.37 -47.70
C ARG E 112 22.73 -35.31 -46.91
N PHE E 113 23.39 -34.17 -46.65
CA PHE E 113 22.72 -33.10 -45.93
C PHE E 113 21.48 -32.63 -46.65
N PHE E 114 21.61 -32.31 -47.93
CA PHE E 114 20.45 -31.85 -48.70
C PHE E 114 19.37 -32.90 -48.87
N ALA E 115 19.76 -34.17 -48.87
CA ALA E 115 18.78 -35.24 -48.97
C ALA E 115 17.85 -35.12 -47.76
N GLY E 116 18.43 -34.84 -46.59
CA GLY E 116 17.66 -34.69 -45.37
C GLY E 116 16.92 -33.37 -45.36
N ALA E 117 17.62 -32.29 -45.72
CA ALA E 117 17.05 -30.95 -45.76
C ALA E 117 15.82 -30.83 -46.66
N ALA E 118 15.81 -31.59 -47.75
CA ALA E 118 14.70 -31.58 -48.70
C ALA E 118 13.34 -31.87 -48.05
N ARG E 119 13.36 -32.62 -46.96
CA ARG E 119 12.14 -33.00 -46.25
C ARG E 119 11.82 -32.13 -45.02
N CYS E 120 12.58 -31.05 -44.84
CA CYS E 120 12.40 -30.17 -43.67
C CYS E 120 12.16 -28.69 -43.98
N LEU E 121 11.56 -28.38 -45.12
CA LEU E 121 11.27 -26.99 -45.49
C LEU E 121 10.26 -26.31 -44.58
N SER E 122 10.55 -25.04 -44.26
CA SER E 122 9.70 -24.21 -43.40
C SER E 122 8.54 -23.58 -44.14
N GLY E 123 7.49 -23.33 -43.38
CA GLY E 123 6.28 -22.67 -43.87
C GLY E 123 5.73 -21.88 -42.72
N LEU E 124 4.61 -21.21 -42.94
CA LEU E 124 3.97 -20.49 -41.87
C LEU E 124 2.77 -21.34 -41.50
N ALA E 125 2.24 -21.14 -40.31
CA ALA E 125 1.09 -21.89 -39.86
C ALA E 125 -0.09 -21.62 -40.78
N ALA E 126 -0.72 -22.68 -41.25
CA ALA E 126 -1.90 -22.52 -42.09
C ALA E 126 -3.03 -22.11 -41.14
N GLY E 127 -3.97 -21.30 -41.61
CA GLY E 127 -5.07 -20.90 -40.75
C GLY E 127 -5.93 -19.82 -41.34
N GLU E 128 -6.81 -19.26 -40.51
CA GLU E 128 -7.69 -18.20 -40.96
C GLU E 128 -7.16 -16.84 -40.57
N TYR E 129 -6.37 -16.24 -41.45
CA TYR E 129 -5.83 -14.90 -41.22
C TYR E 129 -6.87 -13.87 -41.61
N LEU E 130 -7.83 -14.31 -42.42
CA LEU E 130 -8.95 -13.51 -42.84
C LEU E 130 -10.18 -14.37 -42.60
N GLU E 131 -11.14 -13.84 -41.84
CA GLU E 131 -12.37 -14.57 -41.50
C GLU E 131 -12.94 -15.32 -42.71
N GLY E 132 -13.18 -16.61 -42.52
CA GLY E 132 -13.77 -17.46 -43.55
C GLY E 132 -12.89 -17.83 -44.74
N HIS E 133 -11.57 -17.77 -44.54
CA HIS E 133 -10.61 -18.12 -45.58
C HIS E 133 -9.41 -18.86 -44.99
N THR E 134 -9.09 -20.03 -45.53
CA THR E 134 -7.92 -20.77 -45.05
C THR E 134 -6.72 -20.45 -45.95
N SER E 135 -5.66 -19.93 -45.34
CA SER E 135 -4.44 -19.61 -46.07
C SER E 135 -3.40 -20.64 -45.71
N MET E 136 -2.55 -20.99 -46.67
CA MET E 136 -1.47 -21.94 -46.42
C MET E 136 -0.28 -21.48 -47.23
N ILE E 137 0.91 -21.94 -46.86
CA ILE E 137 2.11 -21.56 -47.58
C ILE E 137 2.89 -22.77 -48.03
N ARG E 138 3.16 -22.82 -49.33
CA ARG E 138 3.94 -23.91 -49.90
C ARG E 138 5.21 -23.38 -50.52
N ARG E 139 6.24 -24.23 -50.58
CA ARG E 139 7.51 -23.91 -51.21
C ARG E 139 7.68 -24.83 -52.42
N ASP E 140 7.40 -24.28 -53.59
CA ASP E 140 7.50 -25.04 -54.83
C ASP E 140 8.80 -24.78 -55.59
N PRO E 141 9.21 -25.73 -56.46
CA PRO E 141 10.44 -25.52 -57.22
C PRO E 141 10.33 -24.33 -58.20
N ILE E 142 11.48 -23.74 -58.54
CA ILE E 142 11.52 -22.60 -59.45
C ILE E 142 11.31 -23.01 -60.92
N GLY E 143 11.93 -24.11 -61.34
CA GLY E 143 11.81 -24.59 -62.72
C GLY E 143 13.17 -25.05 -63.22
N VAL E 144 13.58 -24.53 -64.37
CA VAL E 144 14.87 -24.89 -64.96
C VAL E 144 15.96 -23.99 -64.39
N VAL E 145 17.01 -24.61 -63.84
CA VAL E 145 18.13 -23.89 -63.25
C VAL E 145 19.44 -24.12 -64.02
N ALA E 146 20.14 -23.03 -64.31
CA ALA E 146 21.42 -23.08 -64.99
C ALA E 146 22.50 -22.81 -63.95
N SER E 147 23.42 -23.76 -63.81
CA SER E 147 24.52 -23.63 -62.85
C SER E 147 25.87 -23.53 -63.53
N ILE E 148 26.65 -22.52 -63.15
CA ILE E 148 27.98 -22.32 -63.67
C ILE E 148 28.98 -22.52 -62.52
N ALA E 149 29.78 -23.57 -62.62
CA ALA E 149 30.78 -23.91 -61.61
C ALA E 149 32.14 -23.26 -61.89
N PRO E 150 32.87 -22.87 -60.82
CA PRO E 150 34.19 -22.26 -60.97
C PRO E 150 35.30 -23.31 -61.06
N TRP E 151 36.53 -22.85 -61.29
CA TRP E 151 37.67 -23.76 -61.42
C TRP E 151 38.44 -24.13 -60.15
N ASN E 152 38.26 -23.38 -59.06
CA ASN E 152 38.99 -23.67 -57.82
C ASN E 152 38.60 -24.97 -57.11
N TYR E 153 37.30 -25.22 -56.98
CA TYR E 153 36.77 -26.46 -56.38
C TYR E 153 35.70 -27.01 -57.32
N PRO E 154 36.13 -27.54 -58.48
CA PRO E 154 35.24 -28.07 -59.53
C PRO E 154 34.12 -28.99 -59.05
N LEU E 155 34.46 -30.10 -58.42
CA LEU E 155 33.45 -31.04 -57.97
C LEU E 155 32.66 -30.56 -56.75
N MET E 156 33.33 -29.88 -55.82
CA MET E 156 32.65 -29.40 -54.62
C MET E 156 31.61 -28.33 -54.95
N MET E 157 31.98 -27.33 -55.74
CA MET E 157 31.02 -26.29 -56.17
C MET E 157 29.91 -26.87 -57.03
N ALA E 158 30.21 -27.95 -57.74
CA ALA E 158 29.19 -28.62 -58.54
C ALA E 158 28.15 -29.16 -57.57
N ALA E 159 28.64 -29.77 -56.47
CA ALA E 159 27.79 -30.34 -55.43
C ALA E 159 26.95 -29.25 -54.76
N TRP E 160 27.59 -28.13 -54.45
CA TRP E 160 26.94 -26.97 -53.81
C TRP E 160 25.82 -26.39 -54.67
N LYS E 161 25.88 -26.61 -55.97
CA LYS E 161 24.86 -26.12 -56.89
C LYS E 161 23.83 -27.15 -57.27
N LEU E 162 24.25 -28.41 -57.36
CA LEU E 162 23.32 -29.48 -57.72
C LEU E 162 22.44 -29.94 -56.58
N ALA E 163 23.05 -30.18 -55.42
CA ALA E 163 22.32 -30.67 -54.26
C ALA E 163 21.06 -29.86 -53.90
N PRO E 164 21.21 -28.56 -53.56
CA PRO E 164 19.99 -27.82 -53.22
C PRO E 164 19.00 -27.69 -54.37
N ALA E 165 19.50 -27.43 -55.58
CA ALA E 165 18.64 -27.29 -56.75
C ALA E 165 17.77 -28.52 -56.98
N LEU E 166 18.39 -29.70 -56.96
CA LEU E 166 17.69 -30.97 -57.17
C LEU E 166 16.78 -31.31 -55.98
N ALA E 167 17.27 -31.06 -54.77
CA ALA E 167 16.49 -31.32 -53.56
C ALA E 167 15.19 -30.51 -53.55
N ALA E 168 15.27 -29.27 -54.04
CA ALA E 168 14.12 -28.37 -54.11
C ALA E 168 13.12 -28.80 -55.19
N GLY E 169 13.54 -29.67 -56.09
CA GLY E 169 12.67 -30.16 -57.15
C GLY E 169 12.82 -29.49 -58.52
N ASN E 170 13.97 -28.86 -58.73
CA ASN E 170 14.26 -28.19 -59.99
C ASN E 170 14.99 -29.10 -60.95
N CYS E 171 15.06 -28.70 -62.22
CA CYS E 171 15.82 -29.43 -63.24
C CYS E 171 17.03 -28.57 -63.49
N VAL E 172 18.19 -29.20 -63.54
CA VAL E 172 19.43 -28.45 -63.70
C VAL E 172 20.22 -28.74 -64.98
N VAL E 173 20.84 -27.68 -65.48
CA VAL E 173 21.74 -27.75 -66.62
C VAL E 173 22.98 -27.07 -66.03
N ILE E 174 24.03 -27.87 -65.79
CA ILE E 174 25.26 -27.35 -65.21
C ILE E 174 26.45 -27.36 -66.17
N LYS E 175 27.23 -26.29 -66.13
CA LYS E 175 28.42 -26.14 -66.96
C LYS E 175 29.59 -25.90 -66.03
N PRO E 176 30.55 -26.84 -65.97
CA PRO E 176 31.72 -26.59 -65.14
C PRO E 176 32.65 -25.63 -65.88
N SER E 177 33.73 -25.19 -65.23
CA SER E 177 34.68 -24.30 -65.90
C SER E 177 35.40 -25.08 -67.01
N GLU E 178 35.69 -24.40 -68.12
CA GLU E 178 36.37 -25.09 -69.24
C GLU E 178 37.76 -25.55 -68.80
N ILE E 179 38.33 -24.85 -67.82
CA ILE E 179 39.63 -25.17 -67.26
C ILE E 179 39.61 -26.52 -66.52
N THR E 180 38.54 -26.76 -65.76
CA THR E 180 38.39 -27.97 -64.96
C THR E 180 37.06 -28.72 -65.15
N PRO E 181 36.94 -29.50 -66.23
CA PRO E 181 35.68 -30.21 -66.46
C PRO E 181 35.64 -31.70 -66.12
N LEU E 182 36.80 -32.31 -65.92
CA LEU E 182 36.92 -33.76 -65.67
C LEU E 182 35.98 -34.37 -64.61
N THR E 183 36.01 -33.86 -63.39
CA THR E 183 35.15 -34.38 -62.31
C THR E 183 33.66 -34.24 -62.59
N ALA E 184 33.26 -33.11 -63.16
CA ALA E 184 31.86 -32.87 -63.48
C ALA E 184 31.35 -33.86 -64.53
N LEU E 185 32.17 -34.10 -65.57
CA LEU E 185 31.80 -35.02 -66.64
C LEU E 185 31.82 -36.48 -66.16
N LYS E 186 32.62 -36.76 -65.12
CA LYS E 186 32.70 -38.07 -64.51
C LYS E 186 31.42 -38.28 -63.71
N LEU E 187 31.00 -37.25 -62.98
CA LEU E 187 29.78 -37.27 -62.17
C LEU E 187 28.57 -37.51 -63.05
N ALA E 188 28.60 -36.92 -64.25
CA ALA E 188 27.53 -37.07 -65.23
C ALA E 188 27.30 -38.53 -65.59
N VAL E 189 28.38 -39.31 -65.69
CA VAL E 189 28.30 -40.73 -66.02
C VAL E 189 27.60 -41.49 -64.90
N LEU E 190 27.93 -41.16 -63.66
CA LEU E 190 27.36 -41.84 -62.50
C LEU E 190 25.92 -41.44 -62.21
N ALA E 191 25.63 -40.15 -62.31
CA ALA E 191 24.28 -39.62 -62.02
C ALA E 191 23.28 -39.81 -63.17
N LYS E 192 23.78 -40.25 -64.32
CA LYS E 192 22.98 -40.49 -65.53
C LYS E 192 21.65 -41.21 -65.23
N ASP E 193 21.74 -42.34 -64.53
CA ASP E 193 20.57 -43.18 -64.21
C ASP E 193 19.86 -42.89 -62.89
N ILE E 194 20.49 -42.11 -62.03
CA ILE E 194 19.95 -41.77 -60.72
C ILE E 194 18.72 -40.87 -60.81
N PHE E 195 18.73 -39.93 -61.75
CA PHE E 195 17.63 -39.00 -61.94
C PHE E 195 16.92 -39.27 -63.26
N PRO E 196 15.62 -38.89 -63.36
CA PRO E 196 14.90 -39.09 -64.62
C PRO E 196 15.55 -38.30 -65.77
N PRO E 197 15.47 -38.83 -67.01
CA PRO E 197 16.06 -38.13 -68.15
C PRO E 197 15.67 -36.65 -68.23
N GLY E 198 16.67 -35.78 -68.34
CA GLY E 198 16.43 -34.35 -68.42
C GLY E 198 16.52 -33.58 -67.12
N VAL E 199 16.37 -34.28 -65.99
CA VAL E 199 16.43 -33.64 -64.67
C VAL E 199 17.84 -33.08 -64.39
N LEU E 200 18.86 -33.82 -64.81
CA LEU E 200 20.26 -33.42 -64.66
C LEU E 200 20.94 -33.42 -66.01
N ASN E 201 21.51 -32.27 -66.36
CA ASN E 201 22.19 -32.09 -67.64
C ASN E 201 23.56 -31.49 -67.41
N VAL E 202 24.58 -32.13 -67.96
CA VAL E 202 25.95 -31.64 -67.80
C VAL E 202 26.55 -31.28 -69.16
N LEU E 203 26.86 -30.00 -69.32
CA LEU E 203 27.46 -29.49 -70.54
C LEU E 203 28.90 -29.10 -70.32
N PHE E 204 29.60 -28.78 -71.41
CA PHE E 204 30.99 -28.37 -71.36
C PHE E 204 31.33 -27.30 -72.41
N GLY E 205 32.15 -26.33 -72.03
CA GLY E 205 32.57 -25.26 -72.92
C GLY E 205 32.93 -23.95 -72.25
N ARG E 206 33.48 -23.04 -73.06
CA ARG E 206 33.90 -21.71 -72.62
C ARG E 206 32.69 -20.84 -72.34
N GLY E 207 32.86 -19.87 -71.44
CA GLY E 207 31.79 -18.95 -71.05
C GLY E 207 31.24 -18.13 -72.20
N GLN E 208 32.06 -17.91 -73.24
CA GLN E 208 31.64 -17.14 -74.41
C GLN E 208 30.73 -17.92 -75.36
N THR E 209 31.08 -19.17 -75.62
CA THR E 209 30.30 -20.01 -76.55
C THR E 209 29.15 -20.80 -75.92
N VAL E 210 29.40 -21.48 -74.81
CA VAL E 210 28.36 -22.28 -74.14
C VAL E 210 27.65 -21.52 -73.02
N GLY E 211 28.42 -20.94 -72.10
CA GLY E 211 27.89 -20.19 -70.96
C GLY E 211 26.86 -19.14 -71.28
N ASP E 212 27.17 -18.28 -72.25
CA ASP E 212 26.25 -17.20 -72.65
C ASP E 212 24.97 -17.71 -73.29
N VAL E 213 25.05 -18.81 -74.04
CA VAL E 213 23.87 -19.40 -74.68
C VAL E 213 22.96 -19.98 -73.61
N LEU E 214 23.56 -20.61 -72.59
CA LEU E 214 22.84 -21.22 -71.48
C LEU E 214 22.16 -20.22 -70.56
N THR E 215 22.92 -19.25 -70.06
CA THR E 215 22.38 -18.24 -69.14
C THR E 215 21.38 -17.28 -69.80
N GLY E 216 21.51 -17.10 -71.11
CA GLY E 216 20.60 -16.21 -71.83
C GLY E 216 19.37 -16.89 -72.38
N HIS E 217 19.28 -18.21 -72.26
CA HIS E 217 18.14 -18.99 -72.78
C HIS E 217 16.84 -18.55 -72.10
N GLU E 218 15.79 -18.38 -72.90
CA GLU E 218 14.47 -17.94 -72.41
C GLU E 218 13.80 -18.86 -71.37
N LYS E 219 14.05 -20.17 -71.48
CA LYS E 219 13.46 -21.14 -70.56
C LYS E 219 14.18 -21.36 -69.23
N VAL E 220 15.34 -20.73 -69.07
CA VAL E 220 16.10 -20.84 -67.82
C VAL E 220 15.49 -19.82 -66.84
N ARG E 221 14.97 -20.31 -65.73
CA ARG E 221 14.33 -19.45 -64.73
C ARG E 221 15.31 -18.84 -63.73
N MET E 222 16.38 -19.56 -63.42
CA MET E 222 17.37 -19.11 -62.46
C MET E 222 18.80 -19.46 -62.87
N VAL E 223 19.73 -18.57 -62.56
CA VAL E 223 21.15 -18.76 -62.86
C VAL E 223 21.98 -18.61 -61.58
N SER E 224 22.66 -19.69 -61.17
CA SER E 224 23.51 -19.64 -59.98
C SER E 224 24.97 -19.71 -60.41
N LEU E 225 25.72 -18.68 -60.03
CA LEU E 225 27.11 -18.53 -60.39
C LEU E 225 28.10 -18.38 -59.23
N THR E 226 29.32 -18.87 -59.49
CA THR E 226 30.45 -18.77 -58.58
C THR E 226 31.64 -18.47 -59.49
N GLY E 227 32.28 -17.33 -59.25
CA GLY E 227 33.46 -16.93 -60.02
C GLY E 227 34.03 -15.64 -59.49
N SER E 228 34.61 -14.85 -60.38
CA SER E 228 35.17 -13.55 -60.01
C SER E 228 34.12 -12.46 -60.20
N ILE E 229 34.43 -11.25 -59.71
CA ILE E 229 33.53 -10.09 -59.84
C ILE E 229 33.32 -9.73 -61.32
N ALA E 230 34.36 -10.00 -62.12
CA ALA E 230 34.34 -9.73 -63.57
C ALA E 230 33.33 -10.60 -64.33
N THR E 231 33.42 -11.92 -64.17
CA THR E 231 32.52 -12.88 -64.84
C THR E 231 31.09 -12.80 -64.28
N GLY E 232 30.97 -12.28 -63.06
CA GLY E 232 29.68 -12.13 -62.38
C GLY E 232 28.91 -10.92 -62.90
N GLU E 233 29.63 -9.84 -63.18
CA GLU E 233 29.07 -8.60 -63.72
C GLU E 233 28.54 -8.85 -65.14
N HIS E 234 29.28 -9.66 -65.89
CA HIS E 234 28.96 -10.03 -67.26
C HIS E 234 27.61 -10.77 -67.35
N ILE E 235 27.42 -11.76 -66.48
CA ILE E 235 26.19 -12.56 -66.46
C ILE E 235 24.97 -11.81 -65.91
N LEU E 236 25.19 -10.98 -64.90
CA LEU E 236 24.10 -10.21 -64.27
C LEU E 236 23.49 -9.14 -65.19
N ARG E 237 24.30 -8.61 -66.12
CA ARG E 237 23.84 -7.60 -67.07
C ARG E 237 23.35 -8.24 -68.38
N HIS E 238 23.64 -9.54 -68.53
CA HIS E 238 23.25 -10.34 -69.68
C HIS E 238 21.85 -10.92 -69.46
N THR E 239 21.53 -11.26 -68.21
CA THR E 239 20.23 -11.82 -67.82
C THR E 239 19.24 -10.76 -67.32
N ALA E 240 19.70 -9.52 -67.23
CA ALA E 240 18.89 -8.38 -66.75
C ALA E 240 17.56 -8.12 -67.50
N PRO E 241 17.55 -8.22 -68.86
CA PRO E 241 16.26 -7.97 -69.55
C PRO E 241 15.20 -9.06 -69.33
N ALA E 242 15.64 -10.28 -69.02
CA ALA E 242 14.74 -11.42 -68.79
C ALA E 242 14.18 -11.46 -67.36
N ILE E 243 14.76 -10.63 -66.48
CA ILE E 243 14.36 -10.50 -65.06
C ILE E 243 14.45 -11.86 -64.33
N LYS E 244 15.52 -12.60 -64.65
CA LYS E 244 15.83 -13.89 -64.07
C LYS E 244 16.32 -13.68 -62.65
N ARG E 245 16.11 -14.68 -61.79
CA ARG E 245 16.61 -14.56 -60.42
C ARG E 245 17.99 -15.20 -60.37
N THR E 246 18.90 -14.55 -59.64
CA THR E 246 20.28 -15.02 -59.55
C THR E 246 20.75 -15.42 -58.16
N HIS E 247 21.88 -16.12 -58.12
CA HIS E 247 22.51 -16.61 -56.90
C HIS E 247 23.99 -16.37 -57.16
N MET E 248 24.54 -15.34 -56.53
CA MET E 248 25.95 -14.95 -56.74
C MET E 248 26.94 -15.26 -55.61
N GLU E 249 28.08 -15.84 -56.01
CA GLU E 249 29.21 -16.15 -55.12
C GLU E 249 30.39 -15.56 -55.89
N LEU E 250 30.84 -14.38 -55.48
CA LEU E 250 31.89 -13.69 -56.22
C LEU E 250 33.21 -13.37 -55.48
N GLY E 251 33.78 -14.38 -54.84
CA GLY E 251 35.06 -14.22 -54.12
C GLY E 251 35.00 -13.32 -52.90
N GLY E 252 36.18 -13.03 -52.35
CA GLY E 252 36.31 -12.20 -51.17
C GLY E 252 37.73 -12.01 -50.70
N LYS E 253 37.93 -11.06 -49.78
CA LYS E 253 39.23 -10.78 -49.23
C LYS E 253 39.03 -10.90 -47.71
N ALA E 254 38.97 -12.15 -47.24
CA ALA E 254 38.76 -12.48 -45.82
C ALA E 254 39.76 -11.87 -44.85
N PRO E 255 39.31 -10.99 -43.94
CA PRO E 255 40.24 -10.41 -42.98
C PRO E 255 40.47 -11.33 -41.78
N VAL E 256 41.68 -11.31 -41.26
CA VAL E 256 42.05 -12.10 -40.09
C VAL E 256 42.49 -11.05 -39.08
N ILE E 257 41.64 -10.80 -38.09
CA ILE E 257 41.92 -9.80 -37.05
C ILE E 257 42.53 -10.45 -35.81
N VAL E 258 43.78 -10.09 -35.53
CA VAL E 258 44.50 -10.65 -34.39
C VAL E 258 44.80 -9.61 -33.30
N PHE E 259 44.33 -9.87 -32.08
CA PHE E 259 44.56 -8.97 -30.93
C PHE E 259 45.72 -9.47 -30.06
N ASP E 260 46.31 -8.57 -29.26
CA ASP E 260 47.45 -8.90 -28.37
C ASP E 260 47.18 -10.14 -27.55
N ASP E 261 45.91 -10.25 -27.22
CA ASP E 261 45.26 -11.26 -26.45
C ASP E 261 45.33 -12.68 -27.08
N ALA E 262 45.50 -12.75 -28.39
CA ALA E 262 45.53 -14.02 -29.15
C ALA E 262 46.69 -14.97 -28.93
N ASP E 263 46.47 -16.24 -29.30
CA ASP E 263 47.48 -17.29 -29.23
C ASP E 263 48.21 -17.22 -30.56
N LEU E 264 49.37 -16.57 -30.56
CA LEU E 264 50.17 -16.37 -31.79
C LEU E 264 50.55 -17.61 -32.58
N ASP E 265 50.89 -18.69 -31.87
CA ASP E 265 51.26 -19.95 -32.53
C ASP E 265 50.07 -20.57 -33.25
N ALA E 266 48.88 -20.44 -32.65
CA ALA E 266 47.65 -20.95 -33.24
C ALA E 266 47.27 -20.14 -34.48
N VAL E 267 47.59 -18.84 -34.46
CA VAL E 267 47.30 -17.96 -35.59
C VAL E 267 48.23 -18.35 -36.74
N ALA E 268 49.52 -18.48 -36.42
CA ALA E 268 50.56 -18.85 -37.39
C ALA E 268 50.24 -20.17 -38.09
N GLN E 269 49.83 -21.17 -37.31
CA GLN E 269 49.48 -22.46 -37.85
C GLN E 269 48.24 -22.39 -38.71
N GLY E 270 47.28 -21.58 -38.28
CA GLY E 270 46.03 -21.35 -39.00
C GLY E 270 46.27 -20.68 -40.34
N VAL E 271 47.05 -19.61 -40.34
CA VAL E 271 47.34 -18.89 -41.57
C VAL E 271 48.19 -19.75 -42.51
N ARG E 272 49.04 -20.60 -41.94
CA ARG E 272 49.90 -21.50 -42.71
C ARG E 272 49.02 -22.44 -43.53
N THR E 273 47.94 -22.90 -42.93
CA THR E 273 47.03 -23.82 -43.59
C THR E 273 45.99 -23.10 -44.43
N PHE E 274 45.20 -22.27 -43.77
CA PHE E 274 44.08 -21.58 -44.41
C PHE E 274 44.37 -20.42 -45.35
N GLY E 275 45.59 -19.90 -45.31
CA GLY E 275 45.94 -18.80 -46.21
C GLY E 275 46.59 -19.30 -47.48
N PHE E 276 46.99 -20.58 -47.46
CA PHE E 276 47.68 -21.19 -48.60
C PHE E 276 47.08 -22.51 -49.07
N TYR E 277 45.97 -22.93 -48.46
CA TYR E 277 45.29 -24.15 -48.85
C TYR E 277 44.78 -23.95 -50.25
N ASN E 278 44.94 -24.99 -51.09
CA ASN E 278 44.50 -24.96 -52.48
C ASN E 278 45.18 -23.80 -53.21
N ALA E 279 46.44 -23.56 -52.83
CA ALA E 279 47.27 -22.47 -53.37
C ALA E 279 46.65 -21.08 -53.21
N GLY E 280 45.90 -20.92 -52.12
CA GLY E 280 45.24 -19.64 -51.81
C GLY E 280 44.12 -19.30 -52.76
N GLN E 281 43.78 -20.25 -53.63
CA GLN E 281 42.72 -20.10 -54.60
C GLN E 281 41.39 -20.46 -53.97
N ASP E 282 40.99 -19.66 -52.99
CA ASP E 282 39.75 -19.86 -52.25
C ASP E 282 39.20 -18.52 -51.77
N CYS E 283 37.88 -18.38 -51.89
CA CYS E 283 37.16 -17.18 -51.49
C CYS E 283 37.26 -16.87 -49.98
N THR E 284 37.48 -17.90 -49.18
CA THR E 284 37.58 -17.77 -47.74
C THR E 284 39.02 -17.77 -47.22
N ALA E 285 40.00 -17.82 -48.12
CA ALA E 285 41.40 -17.84 -47.73
C ALA E 285 41.78 -16.70 -46.78
N ALA E 286 42.52 -17.07 -45.72
CA ALA E 286 42.98 -16.12 -44.71
C ALA E 286 44.16 -15.38 -45.32
N CYS E 287 43.86 -14.39 -46.16
CA CYS E 287 44.88 -13.64 -46.90
C CYS E 287 45.17 -12.21 -46.47
N ARG E 288 44.30 -11.65 -45.65
CA ARG E 288 44.42 -10.28 -45.23
C ARG E 288 44.45 -10.25 -43.72
N ILE E 289 45.64 -10.04 -43.16
CA ILE E 289 45.80 -10.04 -41.70
C ILE E 289 45.98 -8.65 -41.08
N TYR E 290 45.21 -8.41 -40.02
CA TYR E 290 45.31 -7.19 -39.25
C TYR E 290 45.83 -7.62 -37.89
N ALA E 291 47.07 -7.28 -37.60
CA ALA E 291 47.70 -7.66 -36.32
C ALA E 291 47.82 -6.43 -35.43
N GLN E 292 47.39 -6.57 -34.18
CA GLN E 292 47.44 -5.47 -33.24
C GLN E 292 48.90 -5.16 -32.90
N ARG E 293 49.22 -3.88 -32.82
CA ARG E 293 50.58 -3.39 -32.55
C ARG E 293 51.41 -4.20 -31.56
N GLY E 294 50.83 -4.47 -30.40
CA GLY E 294 51.50 -5.24 -29.35
C GLY E 294 52.13 -6.53 -29.81
N ILE E 295 51.39 -7.32 -30.60
CA ILE E 295 51.88 -8.61 -31.09
C ILE E 295 52.32 -8.63 -32.57
N TYR E 296 52.24 -7.48 -33.23
CA TYR E 296 52.61 -7.37 -34.65
C TYR E 296 53.94 -8.01 -35.03
N ASP E 297 55.04 -7.47 -34.52
CA ASP E 297 56.38 -7.96 -34.82
C ASP E 297 56.59 -9.44 -34.54
N ALA E 298 56.09 -9.90 -33.38
CA ALA E 298 56.22 -11.30 -33.00
C ALA E 298 55.49 -12.22 -33.98
N LEU E 299 54.28 -11.82 -34.39
CA LEU E 299 53.46 -12.61 -35.34
C LEU E 299 54.08 -12.66 -36.73
N VAL E 300 54.66 -11.55 -37.18
CA VAL E 300 55.30 -11.48 -38.50
C VAL E 300 56.43 -12.51 -38.56
N GLU E 301 57.21 -12.62 -37.49
CA GLU E 301 58.31 -13.59 -37.46
C GLU E 301 57.78 -15.02 -37.45
N LYS E 302 56.76 -15.28 -36.64
CA LYS E 302 56.15 -16.62 -36.57
C LYS E 302 55.56 -17.04 -37.91
N LEU E 303 54.88 -16.11 -38.58
CA LEU E 303 54.30 -16.38 -39.91
C LEU E 303 55.38 -16.67 -40.93
N GLY E 304 56.48 -15.91 -40.86
CA GLY E 304 57.60 -16.09 -41.75
C GLY E 304 58.11 -17.51 -41.69
N ASN E 305 58.32 -18.01 -40.48
CA ASN E 305 58.79 -19.38 -40.26
C ASN E 305 57.79 -20.43 -40.70
N ALA E 306 56.51 -20.19 -40.41
CA ALA E 306 55.44 -21.11 -40.78
C ALA E 306 55.21 -21.21 -42.28
N VAL E 307 55.17 -20.06 -42.97
CA VAL E 307 54.94 -20.03 -44.41
C VAL E 307 56.11 -20.60 -45.22
N SER E 308 57.34 -20.21 -44.89
CA SER E 308 58.52 -20.69 -45.63
C SER E 308 58.74 -22.20 -45.56
N SER E 309 58.14 -22.87 -44.58
CA SER E 309 58.32 -24.33 -44.44
C SER E 309 57.33 -25.15 -45.28
N LEU E 310 56.40 -24.48 -45.97
CA LEU E 310 55.43 -25.16 -46.82
C LEU E 310 56.13 -25.87 -47.96
N LYS E 311 55.94 -27.19 -48.03
CA LYS E 311 56.56 -27.97 -49.10
C LYS E 311 55.72 -28.08 -50.36
N MET E 312 56.33 -27.58 -51.43
CA MET E 312 55.76 -27.53 -52.75
C MET E 312 56.29 -28.75 -53.49
N GLY E 313 55.45 -29.39 -54.31
CA GLY E 313 55.88 -30.58 -55.04
C GLY E 313 54.79 -31.25 -55.86
N ALA E 314 55.03 -32.50 -56.23
CA ALA E 314 54.09 -33.30 -57.02
C ALA E 314 52.81 -33.56 -56.23
N PRO E 315 51.63 -33.30 -56.85
CA PRO E 315 50.34 -33.49 -56.17
C PRO E 315 50.09 -34.91 -55.67
N GLU E 316 50.60 -35.91 -56.38
CA GLU E 316 50.38 -37.31 -55.96
C GLU E 316 51.32 -37.76 -54.83
N ASP E 317 52.31 -36.94 -54.51
CA ASP E 317 53.26 -37.24 -53.44
C ASP E 317 52.66 -36.79 -52.10
N GLU E 318 52.58 -37.73 -51.16
CA GLU E 318 52.00 -37.52 -49.82
C GLU E 318 52.51 -36.30 -49.02
N SER E 319 53.80 -35.99 -49.16
CA SER E 319 54.42 -34.88 -48.44
C SER E 319 54.06 -33.47 -48.97
N THR E 320 53.57 -33.38 -50.20
CA THR E 320 53.21 -32.09 -50.81
C THR E 320 52.08 -31.36 -50.09
N GLU E 321 52.37 -30.14 -49.66
CA GLU E 321 51.41 -29.28 -48.96
C GLU E 321 50.82 -28.20 -49.85
N LEU E 322 51.62 -27.71 -50.79
CA LEU E 322 51.20 -26.64 -51.69
C LEU E 322 51.28 -27.04 -53.16
N GLY E 323 50.18 -26.88 -53.87
CA GLY E 323 50.12 -27.18 -55.29
C GLY E 323 50.28 -25.95 -56.14
N PRO E 324 50.12 -26.08 -57.47
CA PRO E 324 50.27 -24.93 -58.35
C PRO E 324 48.97 -24.15 -58.51
N LEU E 325 49.02 -23.04 -59.25
CA LEU E 325 47.84 -22.25 -59.55
C LEU E 325 47.09 -22.95 -60.68
N SER E 326 45.80 -22.70 -60.80
CA SER E 326 44.94 -23.34 -61.80
C SER E 326 45.34 -23.29 -63.28
N SER E 327 45.84 -22.14 -63.74
CA SER E 327 46.21 -21.98 -65.15
C SER E 327 47.29 -20.93 -65.39
N LEU E 328 47.82 -20.93 -66.61
CA LEU E 328 48.85 -19.98 -67.03
C LEU E 328 48.36 -18.53 -66.90
N ALA E 329 47.10 -18.32 -67.29
CA ALA E 329 46.46 -17.00 -67.22
C ALA E 329 46.37 -16.50 -65.78
N HIS E 330 45.99 -17.39 -64.86
CA HIS E 330 45.88 -17.00 -63.46
C HIS E 330 47.25 -16.77 -62.81
N LEU E 331 48.25 -17.52 -63.27
CA LEU E 331 49.62 -17.37 -62.78
C LEU E 331 50.11 -15.96 -63.09
N LYS E 332 49.69 -15.46 -64.25
CA LYS E 332 50.06 -14.11 -64.71
C LYS E 332 49.37 -13.03 -63.87
N ARG E 333 48.10 -13.24 -63.51
CA ARG E 333 47.37 -12.26 -62.68
C ARG E 333 47.95 -12.16 -61.28
N VAL E 334 48.28 -13.31 -60.70
CA VAL E 334 48.87 -13.37 -59.37
C VAL E 334 50.23 -12.69 -59.39
N THR E 335 51.06 -13.02 -60.38
CA THR E 335 52.40 -12.43 -60.50
C THR E 335 52.31 -10.90 -60.58
N ALA E 336 51.38 -10.39 -61.40
CA ALA E 336 51.16 -8.96 -61.57
C ALA E 336 50.75 -8.28 -60.27
N ALA E 337 49.81 -8.91 -59.54
CA ALA E 337 49.32 -8.37 -58.27
C ALA E 337 50.42 -8.30 -57.21
N VAL E 338 51.33 -9.29 -57.23
CA VAL E 338 52.44 -9.33 -56.28
C VAL E 338 53.51 -8.32 -56.66
N GLU E 339 53.74 -8.15 -57.97
CA GLU E 339 54.71 -7.18 -58.44
C GLU E 339 54.32 -5.75 -58.08
N GLU E 340 53.03 -5.44 -58.17
CA GLU E 340 52.53 -4.10 -57.81
C GLU E 340 52.79 -3.84 -56.31
N ALA E 341 52.66 -4.89 -55.50
CA ALA E 341 52.88 -4.80 -54.08
C ALA E 341 54.36 -4.58 -53.76
N LYS E 342 55.24 -5.33 -54.42
CA LYS E 342 56.70 -5.20 -54.22
C LYS E 342 57.20 -3.82 -54.62
N ALA E 343 56.55 -3.22 -55.62
CA ALA E 343 56.90 -1.89 -56.13
C ALA E 343 56.77 -0.81 -55.05
N LEU E 344 55.85 -1.02 -54.11
CA LEU E 344 55.62 -0.08 -53.00
C LEU E 344 56.80 -0.16 -52.03
N SER E 345 57.43 0.99 -51.82
CA SER E 345 58.59 1.13 -50.93
C SER E 345 58.44 0.56 -49.51
N HIS E 346 57.26 0.73 -48.93
CA HIS E 346 56.99 0.28 -47.55
C HIS E 346 56.73 -1.22 -47.38
N ILE E 347 56.44 -1.93 -48.47
CA ILE E 347 56.18 -3.36 -48.40
C ILE E 347 57.44 -4.20 -48.19
N ARG E 348 57.41 -5.06 -47.18
CA ARG E 348 58.53 -5.98 -46.88
C ARG E 348 58.16 -7.39 -47.29
N VAL E 349 59.00 -8.02 -48.10
CA VAL E 349 58.74 -9.39 -48.51
C VAL E 349 59.41 -10.27 -47.46
N ILE E 350 58.60 -10.92 -46.63
CA ILE E 350 59.12 -11.78 -45.57
C ILE E 350 59.57 -13.13 -46.13
N THR E 351 58.77 -13.70 -47.03
CA THR E 351 59.09 -14.97 -47.67
C THR E 351 58.43 -15.06 -49.05
N GLY E 352 58.97 -15.91 -49.91
CA GLY E 352 58.45 -16.08 -51.27
C GLY E 352 58.70 -14.83 -52.09
N GLY E 353 57.71 -14.40 -52.86
CA GLY E 353 57.84 -13.19 -53.66
C GLY E 353 57.53 -13.34 -55.13
N SER E 354 58.12 -14.33 -55.78
CA SER E 354 57.87 -14.51 -57.21
C SER E 354 57.58 -15.96 -57.61
N GLN E 355 57.22 -16.16 -58.87
CA GLN E 355 56.92 -17.49 -59.41
C GLN E 355 58.18 -18.35 -59.50
N THR E 356 58.04 -19.63 -59.19
CA THR E 356 59.16 -20.57 -59.21
C THR E 356 59.39 -21.18 -60.59
N GLU E 357 60.66 -21.41 -60.92
CA GLU E 357 61.08 -22.02 -62.19
C GLU E 357 60.67 -23.48 -62.25
N GLY E 358 60.10 -23.87 -63.38
CA GLY E 358 59.66 -25.26 -63.58
C GLY E 358 58.51 -25.34 -64.55
N LYS E 359 58.16 -26.56 -64.94
CA LYS E 359 57.05 -26.81 -65.88
C LYS E 359 55.67 -26.32 -65.43
N GLY E 360 55.28 -26.63 -64.20
CA GLY E 360 53.96 -26.24 -63.68
C GLY E 360 53.74 -24.75 -63.47
N TYR E 361 52.53 -24.41 -63.02
CA TYR E 361 52.18 -23.01 -62.76
C TYR E 361 52.33 -22.72 -61.26
N TYR E 362 53.50 -23.07 -60.72
CA TYR E 362 53.77 -22.86 -59.31
C TYR E 362 54.15 -21.43 -58.98
N PHE E 363 53.72 -20.99 -57.80
CA PHE E 363 54.05 -19.67 -57.30
C PHE E 363 54.39 -19.89 -55.84
N ALA E 364 55.52 -19.35 -55.40
CA ALA E 364 56.01 -19.48 -54.02
C ALA E 364 55.09 -18.86 -52.99
N PRO E 365 54.89 -19.53 -51.83
CA PRO E 365 54.02 -18.96 -50.80
C PRO E 365 54.61 -17.63 -50.33
N THR E 366 53.90 -16.55 -50.61
CA THR E 366 54.36 -15.20 -50.31
C THR E 366 53.70 -14.54 -49.10
N LEU E 367 54.53 -13.87 -48.31
CA LEU E 367 54.08 -13.13 -47.13
C LEU E 367 54.59 -11.69 -47.24
N LEU E 368 53.65 -10.76 -47.35
CA LEU E 368 53.99 -9.34 -47.49
C LEU E 368 53.60 -8.58 -46.22
N ALA E 369 54.59 -8.01 -45.55
CA ALA E 369 54.35 -7.27 -44.31
C ALA E 369 54.37 -5.76 -44.49
N ASP E 370 53.96 -5.05 -43.44
CA ASP E 370 53.90 -3.59 -43.38
C ASP E 370 52.96 -2.96 -44.41
N ALA E 371 52.01 -3.75 -44.89
CA ALA E 371 51.02 -3.29 -45.85
C ALA E 371 50.09 -2.30 -45.17
N LYS E 372 49.64 -1.31 -45.92
CA LYS E 372 48.75 -0.29 -45.38
C LYS E 372 47.34 -0.48 -45.95
N GLN E 373 46.33 -0.09 -45.16
CA GLN E 373 44.92 -0.22 -45.53
C GLN E 373 44.58 0.19 -46.97
N GLU E 374 45.12 1.32 -47.44
CA GLU E 374 44.86 1.84 -48.78
C GLU E 374 45.52 1.05 -49.93
N ASP E 375 46.58 0.28 -49.62
CA ASP E 375 47.30 -0.51 -50.63
C ASP E 375 46.41 -1.45 -51.42
N ALA E 376 46.75 -1.64 -52.69
CA ALA E 376 46.01 -2.52 -53.60
C ALA E 376 46.05 -3.97 -53.13
N ILE E 377 47.17 -4.36 -52.51
CA ILE E 377 47.35 -5.72 -52.02
C ILE E 377 46.37 -6.06 -50.88
N VAL E 378 45.85 -5.04 -50.22
CA VAL E 378 44.91 -5.21 -49.11
C VAL E 378 43.46 -5.04 -49.59
N GLN E 379 43.25 -4.20 -50.61
CA GLN E 379 41.91 -3.94 -51.14
C GLN E 379 41.41 -4.96 -52.17
N ARG E 380 42.23 -5.29 -53.17
CA ARG E 380 41.84 -6.23 -54.23
C ARG E 380 42.19 -7.68 -53.88
N GLU E 381 41.36 -8.60 -54.34
CA GLU E 381 41.56 -10.02 -54.11
C GLU E 381 42.69 -10.50 -55.00
N VAL E 382 43.59 -11.32 -54.45
CA VAL E 382 44.71 -11.85 -55.23
C VAL E 382 44.38 -13.26 -55.70
N PHE E 383 43.70 -14.02 -54.83
CA PHE E 383 43.25 -15.38 -55.11
C PHE E 383 44.45 -16.28 -55.47
N GLY E 384 45.53 -16.12 -54.70
CA GLY E 384 46.77 -16.88 -54.88
C GLY E 384 47.41 -17.13 -53.53
N PRO E 385 48.58 -17.79 -53.50
CA PRO E 385 49.23 -18.07 -52.22
C PRO E 385 49.97 -16.84 -51.69
N VAL E 386 49.22 -15.78 -51.45
CA VAL E 386 49.78 -14.51 -50.96
C VAL E 386 49.01 -14.01 -49.74
N VAL E 387 49.75 -13.62 -48.71
CA VAL E 387 49.17 -13.11 -47.47
C VAL E 387 49.83 -11.79 -47.08
N SER E 388 49.01 -10.81 -46.70
CA SER E 388 49.50 -9.51 -46.28
C SER E 388 49.20 -9.27 -44.79
N ILE E 389 50.07 -8.51 -44.12
CA ILE E 389 49.88 -8.20 -42.69
C ILE E 389 49.89 -6.69 -42.53
N THR E 390 48.89 -6.18 -41.82
CA THR E 390 48.73 -4.76 -41.55
C THR E 390 48.62 -4.57 -40.04
N VAL E 391 49.27 -3.54 -39.51
CA VAL E 391 49.22 -3.27 -38.08
C VAL E 391 47.97 -2.43 -37.77
N PHE E 392 47.43 -2.57 -36.56
CA PHE E 392 46.29 -1.76 -36.12
C PHE E 392 46.42 -1.47 -34.62
N ASP E 393 45.57 -0.60 -34.10
CA ASP E 393 45.62 -0.23 -32.68
C ASP E 393 44.39 -0.61 -31.85
N ASP E 394 43.24 -0.03 -32.15
CA ASP E 394 41.96 -0.27 -31.46
C ASP E 394 40.96 -1.11 -32.23
N GLU E 395 39.87 -1.52 -31.56
CA GLU E 395 38.81 -2.29 -32.21
C GLU E 395 38.08 -1.44 -33.21
N ASP E 396 37.63 -0.26 -32.77
CA ASP E 396 36.90 0.67 -33.65
C ASP E 396 37.61 0.89 -34.96
N GLN E 397 38.93 1.04 -34.88
CA GLN E 397 39.77 1.24 -36.05
C GLN E 397 39.73 0.03 -36.98
N VAL E 398 40.09 -1.14 -36.46
CA VAL E 398 40.13 -2.36 -37.27
C VAL E 398 38.75 -2.74 -37.80
N LEU E 399 37.71 -2.45 -37.02
CA LEU E 399 36.34 -2.73 -37.43
C LEU E 399 35.97 -1.87 -38.64
N ARG E 400 36.31 -0.57 -38.59
CA ARG E 400 36.05 0.32 -39.73
C ARG E 400 36.78 -0.17 -40.96
N TRP E 401 38.05 -0.54 -40.81
CA TRP E 401 38.84 -1.04 -41.93
C TRP E 401 38.27 -2.32 -42.54
N ALA E 402 37.92 -3.28 -41.67
CA ALA E 402 37.36 -4.54 -42.13
C ALA E 402 36.05 -4.33 -42.90
N ASN E 403 35.22 -3.42 -42.39
CA ASN E 403 33.92 -3.10 -43.04
C ASN E 403 34.03 -2.18 -44.24
N ASP E 404 35.13 -1.43 -44.36
CA ASP E 404 35.32 -0.55 -45.52
C ASP E 404 35.93 -1.39 -46.66
N SER E 405 35.18 -2.40 -47.07
CA SER E 405 35.58 -3.31 -48.11
C SER E 405 34.42 -3.63 -49.03
N ARG E 406 34.74 -3.84 -50.31
CA ARG E 406 33.75 -4.20 -51.31
C ARG E 406 33.30 -5.64 -51.09
N TYR E 407 34.18 -6.42 -50.45
CA TYR E 407 33.91 -7.83 -50.16
C TYR E 407 33.19 -8.00 -48.81
N GLY E 408 32.56 -9.16 -48.63
CA GLY E 408 31.85 -9.46 -47.39
C GLY E 408 31.50 -10.93 -47.24
N LEU E 409 32.42 -11.82 -47.60
CA LEU E 409 32.16 -13.25 -47.52
C LEU E 409 32.50 -13.94 -46.20
N ALA E 410 33.77 -13.89 -45.79
CA ALA E 410 34.21 -14.53 -44.54
C ALA E 410 35.22 -13.67 -43.78
N SER E 411 35.47 -14.02 -42.53
CA SER E 411 36.39 -13.29 -41.67
C SER E 411 36.64 -14.08 -40.40
N SER E 412 37.71 -13.73 -39.68
CA SER E 412 38.01 -14.38 -38.42
C SER E 412 38.59 -13.40 -37.42
N VAL E 413 38.31 -13.63 -36.15
CA VAL E 413 38.80 -12.81 -35.06
C VAL E 413 39.52 -13.75 -34.10
N TRP E 414 40.76 -13.39 -33.76
CA TRP E 414 41.58 -14.17 -32.86
C TRP E 414 41.80 -13.36 -31.61
N THR E 415 41.14 -13.79 -30.52
CA THR E 415 41.21 -13.12 -29.23
C THR E 415 40.68 -14.07 -28.15
N GLN E 416 41.07 -13.85 -26.91
CA GLN E 416 40.60 -14.67 -25.79
C GLN E 416 39.49 -14.00 -25.00
N ASP E 417 39.24 -12.72 -25.24
CA ASP E 417 38.20 -11.96 -24.55
C ASP E 417 36.82 -12.31 -25.08
N VAL E 418 35.96 -12.84 -24.20
CA VAL E 418 34.59 -13.24 -24.55
C VAL E 418 33.81 -12.04 -25.09
N GLY E 419 33.91 -10.93 -24.36
CA GLY E 419 33.23 -9.69 -24.72
C GLY E 419 33.61 -9.24 -26.12
N ARG E 420 34.92 -9.10 -26.34
CA ARG E 420 35.43 -8.67 -27.64
C ARG E 420 35.01 -9.60 -28.79
N ALA E 421 35.13 -10.92 -28.58
CA ALA E 421 34.76 -11.90 -29.61
C ALA E 421 33.35 -11.68 -30.12
N HIS E 422 32.39 -11.55 -29.20
CA HIS E 422 30.98 -11.34 -29.56
C HIS E 422 30.65 -9.96 -30.05
N ARG E 423 31.32 -8.97 -29.49
CA ARG E 423 31.10 -7.59 -29.87
C ARG E 423 31.51 -7.37 -31.34
N LEU E 424 32.65 -7.93 -31.75
CA LEU E 424 33.11 -7.81 -33.14
C LEU E 424 32.36 -8.68 -34.13
N SER E 425 32.09 -9.93 -33.76
CA SER E 425 31.38 -10.82 -34.66
C SER E 425 29.96 -10.31 -34.96
N ALA E 426 29.41 -9.55 -34.03
CA ALA E 426 28.07 -8.97 -34.20
C ALA E 426 28.11 -7.79 -35.17
N ARG E 427 29.25 -7.12 -35.21
CA ARG E 427 29.41 -5.93 -36.03
C ARG E 427 30.14 -6.09 -37.38
N LEU E 428 30.80 -7.24 -37.59
CA LEU E 428 31.50 -7.46 -38.86
C LEU E 428 30.51 -7.64 -40.00
N GLN E 429 30.85 -7.09 -41.15
CA GLN E 429 29.97 -7.18 -42.31
C GLN E 429 30.49 -8.24 -43.27
N TYR E 430 30.44 -9.46 -42.78
CA TYR E 430 30.88 -10.67 -43.48
C TYR E 430 29.87 -11.75 -43.21
N GLY E 431 29.53 -12.51 -44.25
CA GLY E 431 28.57 -13.59 -44.14
C GLY E 431 28.97 -14.64 -43.13
N CYS E 432 30.25 -14.65 -42.78
CA CYS E 432 30.79 -15.60 -41.85
C CYS E 432 31.92 -15.02 -41.00
N THR E 433 31.91 -15.35 -39.71
CA THR E 433 32.96 -14.90 -38.80
C THR E 433 33.37 -16.03 -37.86
N TRP E 434 34.62 -16.46 -37.97
CA TRP E 434 35.16 -17.50 -37.11
C TRP E 434 35.88 -16.84 -35.96
N ILE E 435 35.90 -17.49 -34.82
CA ILE E 435 36.60 -16.99 -33.65
C ILE E 435 37.65 -18.03 -33.24
N ASN E 436 38.92 -17.61 -33.26
CA ASN E 436 40.07 -18.46 -32.90
C ASN E 436 40.25 -19.68 -33.81
N THR E 437 39.83 -19.52 -35.06
CA THR E 437 39.94 -20.53 -36.11
C THR E 437 39.61 -19.81 -37.40
N HIS E 438 39.55 -20.54 -38.52
CA HIS E 438 39.24 -19.94 -39.80
C HIS E 438 39.04 -21.05 -40.80
N PHE E 439 38.31 -20.77 -41.88
CA PHE E 439 38.16 -21.71 -42.99
C PHE E 439 37.26 -22.93 -42.72
N MET E 440 36.80 -23.13 -41.49
CA MET E 440 35.96 -24.30 -41.19
C MET E 440 34.53 -24.18 -41.68
N LEU E 441 34.12 -25.10 -42.55
CA LEU E 441 32.76 -25.11 -43.10
C LEU E 441 32.02 -26.41 -42.78
N VAL E 442 30.73 -26.29 -42.54
CA VAL E 442 29.87 -27.45 -42.25
C VAL E 442 28.58 -27.31 -43.07
N SER E 443 28.11 -28.45 -43.57
CA SER E 443 26.90 -28.53 -44.40
C SER E 443 25.66 -27.86 -43.81
N GLU E 444 25.50 -27.92 -42.48
CA GLU E 444 24.34 -27.33 -41.82
C GLU E 444 24.32 -25.81 -41.80
N MET E 445 25.50 -25.20 -41.81
CA MET E 445 25.64 -23.74 -41.75
C MET E 445 25.83 -23.06 -43.11
N PRO E 446 25.15 -21.91 -43.30
CA PRO E 446 25.17 -21.12 -44.55
C PRO E 446 26.51 -20.48 -44.86
N HIS E 447 26.80 -20.41 -46.15
CA HIS E 447 28.03 -19.81 -46.66
C HIS E 447 27.64 -18.93 -47.83
N GLY E 448 27.78 -17.64 -47.65
CA GLY E 448 27.42 -16.67 -48.68
C GLY E 448 27.91 -15.28 -48.33
N GLY E 449 28.11 -14.49 -49.38
CA GLY E 449 28.62 -13.14 -49.21
C GLY E 449 27.63 -12.01 -49.04
N GLN E 450 28.22 -10.85 -48.82
CA GLN E 450 27.54 -9.59 -48.61
C GLN E 450 28.23 -8.60 -49.55
N LYS E 451 27.50 -7.55 -49.95
CA LYS E 451 28.03 -6.50 -50.86
C LYS E 451 28.42 -7.08 -52.23
N GLN E 452 29.67 -6.83 -52.66
CA GLN E 452 30.15 -7.33 -53.96
C GLN E 452 30.56 -8.81 -53.97
N SER E 453 30.50 -9.46 -52.80
CA SER E 453 30.82 -10.88 -52.69
C SER E 453 29.62 -11.70 -53.15
N GLY E 454 28.50 -11.00 -53.38
CA GLY E 454 27.28 -11.64 -53.86
C GLY E 454 26.12 -11.66 -52.88
N TYR E 455 25.19 -12.55 -53.17
CA TYR E 455 23.97 -12.77 -52.39
C TYR E 455 23.50 -14.20 -52.63
N GLY E 456 22.71 -14.73 -51.71
CA GLY E 456 22.22 -16.10 -51.80
C GLY E 456 23.26 -16.96 -51.11
N LYS E 457 22.83 -18.09 -50.57
CA LYS E 457 23.77 -18.95 -49.84
C LYS E 457 23.94 -20.40 -50.29
N ASP E 458 25.14 -20.92 -50.03
CA ASP E 458 25.49 -22.30 -50.33
C ASP E 458 25.44 -23.06 -49.02
N MET E 459 24.93 -24.29 -49.06
CA MET E 459 24.78 -25.14 -47.87
C MET E 459 23.67 -24.64 -46.93
N SER E 460 23.29 -25.47 -45.95
CA SER E 460 22.23 -25.18 -44.95
C SER E 460 20.82 -25.14 -45.55
N LEU E 461 19.82 -25.00 -44.68
CA LEU E 461 18.43 -24.90 -45.12
C LEU E 461 18.22 -23.63 -45.94
N TYR E 462 19.03 -22.60 -45.66
CA TYR E 462 18.94 -21.34 -46.38
C TYR E 462 19.36 -21.53 -47.83
N GLY E 463 20.29 -22.46 -48.03
CA GLY E 463 20.80 -22.80 -49.35
C GLY E 463 19.72 -23.45 -50.19
N LEU E 464 18.87 -24.24 -49.54
CA LEU E 464 17.80 -24.94 -50.20
C LEU E 464 16.64 -23.97 -50.50
N GLU E 465 16.40 -23.04 -49.59
CA GLU E 465 15.32 -22.07 -49.74
C GLU E 465 15.50 -21.16 -50.94
N ASP E 466 16.76 -20.89 -51.32
CA ASP E 466 17.06 -20.04 -52.47
C ASP E 466 16.59 -20.66 -53.79
N TYR E 467 16.36 -21.98 -53.78
CA TYR E 467 15.91 -22.71 -54.96
C TYR E 467 14.42 -23.05 -54.93
N THR E 468 13.70 -22.41 -54.02
CA THR E 468 12.26 -22.62 -53.89
C THR E 468 11.51 -21.30 -54.08
N LEU E 469 10.20 -21.39 -54.23
CA LEU E 469 9.34 -20.24 -54.40
C LEU E 469 8.24 -20.28 -53.36
N VAL E 470 8.23 -19.29 -52.47
CA VAL E 470 7.19 -19.19 -51.45
C VAL E 470 5.89 -18.83 -52.17
N ARG E 471 4.81 -19.55 -51.89
CA ARG E 471 3.54 -19.30 -52.54
C ARG E 471 2.42 -19.31 -51.51
N HIS E 472 1.49 -18.38 -51.68
CA HIS E 472 0.36 -18.25 -50.77
C HIS E 472 -0.92 -18.71 -51.42
N ILE E 473 -1.51 -19.76 -50.85
CA ILE E 473 -2.76 -20.31 -51.35
C ILE E 473 -3.83 -20.01 -50.32
N MET E 474 -4.93 -19.41 -50.78
CA MET E 474 -6.02 -19.02 -49.92
C MET E 474 -7.36 -19.55 -50.43
N VAL E 475 -8.00 -20.40 -49.62
CA VAL E 475 -9.28 -21.01 -49.95
C VAL E 475 -10.42 -20.39 -49.16
N LYS E 476 -11.46 -19.93 -49.85
CA LYS E 476 -12.61 -19.33 -49.19
C LYS E 476 -13.61 -20.39 -48.76
N HIS E 477 -14.06 -20.34 -47.50
CA HIS E 477 -15.03 -21.32 -47.02
C HIS E 477 -16.40 -21.02 -47.59
N GLN F 5 3.17 23.87 -50.62
CA GLN F 5 4.64 23.48 -50.79
C GLN F 5 5.28 22.37 -49.87
N TYR F 6 5.20 21.13 -50.34
CA TYR F 6 5.72 19.99 -49.62
C TYR F 6 7.25 19.93 -49.72
N GLN F 7 7.88 19.51 -48.62
CA GLN F 7 9.32 19.40 -48.52
C GLN F 7 9.84 17.97 -48.52
N LEU F 8 11.17 17.85 -48.61
CA LEU F 8 11.85 16.57 -48.61
C LEU F 8 12.39 16.30 -47.23
N LEU F 9 12.55 15.03 -46.88
CA LEU F 9 13.11 14.66 -45.59
C LEU F 9 14.52 14.10 -45.78
N ILE F 10 15.51 14.89 -45.38
CA ILE F 10 16.91 14.49 -45.46
C ILE F 10 17.59 14.71 -44.11
N ASN F 11 18.17 13.63 -43.58
CA ASN F 11 18.89 13.63 -42.31
C ASN F 11 18.09 14.30 -41.16
N GLY F 12 16.83 13.89 -41.02
CA GLY F 12 15.94 14.40 -39.96
C GLY F 12 15.47 15.84 -40.10
N VAL F 13 15.77 16.45 -41.24
CA VAL F 13 15.40 17.84 -41.52
C VAL F 13 14.56 17.93 -42.79
N LEU F 14 13.58 18.84 -42.78
CA LEU F 14 12.74 19.07 -43.94
C LEU F 14 13.34 20.21 -44.77
N VAL F 15 13.61 19.94 -46.05
CA VAL F 15 14.21 20.92 -46.95
C VAL F 15 13.51 21.00 -48.30
N ASP F 16 13.64 22.16 -48.96
CA ASP F 16 13.04 22.37 -50.29
C ASP F 16 13.95 21.76 -51.33
N GLY F 17 13.36 21.12 -52.34
CA GLY F 17 14.14 20.53 -53.42
C GLY F 17 14.87 21.58 -54.22
N GLU F 18 16.12 21.30 -54.58
CA GLU F 18 16.92 22.25 -55.36
C GLU F 18 16.77 22.01 -56.86
N GLY F 19 16.10 20.91 -57.21
CA GLY F 19 15.89 20.54 -58.61
C GLY F 19 14.76 21.29 -59.28
N GLU F 20 14.39 20.84 -60.48
CA GLU F 20 13.33 21.45 -61.27
C GLU F 20 11.93 21.22 -60.73
N ARG F 21 11.06 22.23 -60.86
CA ARG F 21 9.66 22.14 -60.42
C ARG F 21 8.89 21.15 -61.27
N GLN F 22 8.09 20.32 -60.62
CA GLN F 22 7.31 19.32 -61.31
C GLN F 22 5.86 19.50 -60.89
N SER F 23 4.94 19.48 -61.85
CA SER F 23 3.53 19.63 -61.51
C SER F 23 2.81 18.30 -61.22
N VAL F 24 2.02 18.30 -60.15
CA VAL F 24 1.25 17.13 -59.71
C VAL F 24 -0.22 17.36 -60.04
N TYR F 25 -0.79 16.46 -60.83
CA TYR F 25 -2.19 16.54 -61.28
C TYR F 25 -3.24 15.80 -60.44
N ASN F 26 -4.48 16.26 -60.60
CA ASN F 26 -5.64 15.64 -59.98
C ASN F 26 -6.31 14.94 -61.15
N PRO F 27 -6.16 13.61 -61.23
CA PRO F 27 -6.68 12.79 -62.32
C PRO F 27 -8.19 12.87 -62.53
N ALA F 28 -8.94 13.25 -61.51
CA ALA F 28 -10.39 13.36 -61.63
C ALA F 28 -10.82 14.65 -62.34
N THR F 29 -10.02 15.71 -62.19
CA THR F 29 -10.34 17.00 -62.82
C THR F 29 -9.39 17.38 -63.95
N GLY F 30 -8.24 16.70 -64.03
CA GLY F 30 -7.25 16.97 -65.07
C GLY F 30 -6.44 18.23 -64.80
N GLU F 31 -6.77 18.89 -63.68
CA GLU F 31 -6.13 20.13 -63.24
C GLU F 31 -4.88 19.87 -62.40
N VAL F 32 -4.03 20.87 -62.27
CA VAL F 32 -2.81 20.74 -61.48
C VAL F 32 -3.13 21.11 -60.03
N ILE F 33 -2.74 20.23 -59.11
CA ILE F 33 -2.97 20.44 -57.67
C ILE F 33 -1.89 21.37 -57.11
N LEU F 34 -0.64 20.97 -57.30
CA LEU F 34 0.52 21.69 -56.81
C LEU F 34 1.73 21.51 -57.72
N GLU F 35 2.78 22.25 -57.40
CA GLU F 35 4.04 22.20 -58.12
C GLU F 35 5.09 21.97 -57.03
N ILE F 36 5.85 20.89 -57.14
CA ILE F 36 6.87 20.55 -56.15
C ILE F 36 8.25 20.52 -56.79
N ALA F 37 9.24 21.06 -56.08
CA ALA F 37 10.61 21.08 -56.57
C ALA F 37 11.29 19.74 -56.27
N GLU F 38 11.87 19.12 -57.31
CA GLU F 38 12.59 17.85 -57.20
C GLU F 38 13.86 17.93 -56.39
N ALA F 39 14.39 16.77 -56.03
CA ALA F 39 15.64 16.69 -55.31
C ALA F 39 16.75 16.87 -56.34
N SER F 40 17.78 17.62 -55.99
CA SER F 40 18.91 17.82 -56.88
C SER F 40 19.84 16.62 -56.72
N PRO F 41 20.71 16.34 -57.73
CA PRO F 41 21.66 15.22 -57.60
C PRO F 41 22.50 15.28 -56.32
N ALA F 42 22.79 16.49 -55.84
CA ALA F 42 23.57 16.71 -54.62
C ALA F 42 22.76 16.31 -53.38
N GLN F 43 21.44 16.59 -53.41
CA GLN F 43 20.54 16.23 -52.31
C GLN F 43 20.31 14.72 -52.22
N VAL F 44 20.30 14.04 -53.37
CA VAL F 44 20.13 12.59 -53.43
C VAL F 44 21.37 11.97 -52.78
N ASP F 45 22.53 12.57 -53.06
CA ASP F 45 23.79 12.12 -52.48
C ASP F 45 23.74 12.38 -50.97
N ALA F 46 23.33 13.59 -50.58
CA ALA F 46 23.20 13.98 -49.17
C ALA F 46 22.29 13.02 -48.40
N ALA F 47 21.21 12.58 -49.04
CA ALA F 47 20.27 11.65 -48.43
C ALA F 47 20.91 10.29 -48.19
N VAL F 48 21.65 9.80 -49.17
CA VAL F 48 22.35 8.50 -49.06
C VAL F 48 23.45 8.57 -47.99
N GLN F 49 24.18 9.69 -47.96
CA GLN F 49 25.24 9.89 -46.97
C GLN F 49 24.64 9.88 -45.57
N ALA F 50 23.49 10.54 -45.43
CA ALA F 50 22.78 10.63 -44.16
C ALA F 50 22.38 9.24 -43.65
N ALA F 51 21.91 8.40 -44.58
CA ALA F 51 21.51 7.04 -44.26
C ALA F 51 22.71 6.20 -43.89
N ASP F 52 23.79 6.34 -44.67
CA ASP F 52 25.01 5.59 -44.43
C ASP F 52 25.61 5.86 -43.04
N ASN F 53 25.61 7.13 -42.63
CA ASN F 53 26.12 7.53 -41.31
C ASN F 53 25.22 7.05 -40.19
N ALA F 54 23.91 7.16 -40.40
CA ALA F 54 22.92 6.76 -39.41
C ALA F 54 22.91 5.26 -39.14
N PHE F 55 23.37 4.48 -40.12
CA PHE F 55 23.39 3.01 -40.02
C PHE F 55 24.25 2.41 -38.90
N ALA F 56 25.38 3.04 -38.60
CA ALA F 56 26.25 2.56 -37.54
C ALA F 56 25.49 2.40 -36.23
N GLU F 57 24.69 3.41 -35.90
CA GLU F 57 23.90 3.42 -34.67
C GLU F 57 22.61 2.63 -34.80
N TRP F 58 21.85 2.90 -35.87
CA TRP F 58 20.55 2.26 -36.14
C TRP F 58 20.59 0.74 -36.33
N GLY F 59 21.66 0.23 -36.94
CA GLY F 59 21.82 -1.20 -37.17
C GLY F 59 22.07 -2.00 -35.89
N GLN F 60 22.43 -1.31 -34.81
CA GLN F 60 22.69 -1.96 -33.52
C GLN F 60 21.50 -1.88 -32.57
N THR F 61 20.45 -1.18 -32.96
CA THR F 61 19.27 -1.08 -32.10
C THR F 61 18.63 -2.46 -31.95
N THR F 62 17.94 -2.67 -30.85
CA THR F 62 17.28 -3.92 -30.57
C THR F 62 15.99 -4.03 -31.38
N PRO F 63 15.54 -5.26 -31.69
CA PRO F 63 14.28 -5.39 -32.40
C PRO F 63 13.15 -4.69 -31.63
N LYS F 64 13.26 -4.68 -30.29
CA LYS F 64 12.25 -4.03 -29.45
C LYS F 64 12.19 -2.52 -29.74
N ALA F 65 13.36 -1.89 -29.82
CA ALA F 65 13.46 -0.45 -30.08
C ALA F 65 12.84 -0.09 -31.43
N ARG F 66 13.08 -0.94 -32.43
CA ARG F 66 12.56 -0.73 -33.77
C ARG F 66 11.05 -0.94 -33.82
N ALA F 67 10.58 -1.96 -33.11
CA ALA F 67 9.15 -2.27 -33.04
C ALA F 67 8.41 -1.06 -32.47
N GLU F 68 9.00 -0.42 -31.47
CA GLU F 68 8.42 0.75 -30.83
C GLU F 68 8.32 1.95 -31.76
N CYS F 69 9.27 2.08 -32.69
CA CYS F 69 9.23 3.17 -33.66
C CYS F 69 8.10 2.93 -34.65
N LEU F 70 8.00 1.69 -35.14
CA LEU F 70 6.96 1.32 -36.09
C LEU F 70 5.56 1.45 -35.50
N LEU F 71 5.39 1.06 -34.24
CA LEU F 71 4.08 1.17 -33.57
C LEU F 71 3.71 2.62 -33.42
N LYS F 72 4.71 3.46 -33.13
CA LYS F 72 4.51 4.89 -32.95
C LYS F 72 4.15 5.52 -34.29
N LEU F 73 4.77 5.05 -35.37
CA LEU F 73 4.49 5.53 -36.72
C LEU F 73 3.06 5.15 -37.15
N ALA F 74 2.68 3.92 -36.83
CA ALA F 74 1.33 3.40 -37.14
C ALA F 74 0.26 4.26 -36.47
N ASP F 75 0.49 4.64 -35.20
CA ASP F 75 -0.43 5.48 -34.45
C ASP F 75 -0.60 6.83 -35.12
N SER F 76 0.52 7.41 -35.53
CA SER F 76 0.54 8.71 -36.20
C SER F 76 -0.32 8.68 -37.46
N ILE F 77 -0.20 7.61 -38.25
CA ILE F 77 -0.97 7.47 -39.49
C ILE F 77 -2.46 7.28 -39.18
N GLU F 78 -2.77 6.47 -38.19
CA GLU F 78 -4.15 6.19 -37.80
C GLU F 78 -4.87 7.43 -37.30
N GLN F 79 -4.13 8.27 -36.57
CA GLN F 79 -4.66 9.52 -36.01
C GLN F 79 -4.88 10.56 -37.12
N ASN F 80 -4.11 10.43 -38.20
CA ASN F 80 -4.21 11.31 -39.36
C ASN F 80 -4.84 10.61 -40.57
N ALA F 81 -5.58 9.53 -40.30
CA ALA F 81 -6.26 8.72 -41.32
C ALA F 81 -7.03 9.53 -42.35
N LEU F 82 -7.94 10.38 -41.86
CA LEU F 82 -8.80 11.21 -42.71
C LEU F 82 -8.00 12.11 -43.66
N GLU F 83 -6.95 12.76 -43.16
CA GLU F 83 -6.10 13.64 -43.98
C GLU F 83 -5.39 12.87 -45.10
N PHE F 84 -4.81 11.73 -44.76
CA PHE F 84 -4.15 10.88 -45.75
C PHE F 84 -5.14 10.40 -46.80
N ALA F 85 -6.35 10.05 -46.35
CA ALA F 85 -7.41 9.59 -47.24
C ALA F 85 -7.75 10.66 -48.28
N ARG F 86 -7.90 11.91 -47.84
CA ARG F 86 -8.22 13.03 -48.74
C ARG F 86 -7.10 13.27 -49.74
N LEU F 87 -5.85 13.26 -49.28
CA LEU F 87 -4.70 13.44 -50.19
C LEU F 87 -4.59 12.34 -51.22
N GLU F 88 -4.65 11.09 -50.76
CA GLU F 88 -4.55 9.92 -51.63
C GLU F 88 -5.66 9.94 -52.68
N SER F 89 -6.87 10.28 -52.25
CA SER F 89 -8.03 10.37 -53.14
C SER F 89 -7.89 11.50 -54.15
N GLN F 90 -7.42 12.66 -53.68
CA GLN F 90 -7.24 13.84 -54.52
C GLN F 90 -6.16 13.62 -55.57
N ASN F 91 -5.05 13.00 -55.16
CA ASN F 91 -3.91 12.75 -56.03
C ASN F 91 -4.04 11.53 -56.95
N CYS F 92 -4.80 10.51 -56.54
CA CYS F 92 -4.95 9.30 -57.37
C CYS F 92 -6.27 9.10 -58.07
N GLY F 93 -7.31 9.77 -57.57
CA GLY F 93 -8.65 9.65 -58.17
C GLY F 93 -9.44 8.51 -57.55
N LYS F 94 -8.84 7.85 -56.56
CA LYS F 94 -9.46 6.74 -55.85
C LYS F 94 -10.70 7.24 -55.11
N PRO F 95 -11.83 6.51 -55.21
CA PRO F 95 -13.02 6.95 -54.46
C PRO F 95 -12.66 7.08 -52.98
N LEU F 96 -12.95 8.24 -52.39
CA LEU F 96 -12.63 8.54 -50.99
C LEU F 96 -13.04 7.47 -49.98
N HIS F 97 -14.27 6.97 -50.09
CA HIS F 97 -14.76 5.96 -49.15
C HIS F 97 -13.93 4.67 -49.14
N CYS F 98 -13.37 4.30 -50.29
CA CYS F 98 -12.52 3.11 -50.39
C CYS F 98 -11.20 3.31 -49.68
N VAL F 99 -10.65 4.53 -49.78
CA VAL F 99 -9.39 4.86 -49.13
C VAL F 99 -9.55 4.83 -47.60
N ILE F 100 -10.63 5.44 -47.10
CA ILE F 100 -10.91 5.51 -45.67
C ILE F 100 -11.16 4.12 -45.07
N ASN F 101 -11.92 3.28 -45.79
CA ASN F 101 -12.30 1.95 -45.32
C ASN F 101 -11.32 0.81 -45.63
N ASP F 102 -10.71 0.83 -46.81
CA ASP F 102 -9.79 -0.24 -47.21
C ASP F 102 -8.30 0.07 -47.03
N GLU F 103 -7.81 1.07 -47.74
CA GLU F 103 -6.39 1.44 -47.73
C GLU F 103 -5.73 1.89 -46.43
N ILE F 104 -6.23 2.96 -45.83
CA ILE F 104 -5.63 3.46 -44.59
C ILE F 104 -5.51 2.37 -43.51
N PRO F 105 -6.62 1.66 -43.18
CA PRO F 105 -6.49 0.61 -42.18
C PRO F 105 -5.46 -0.47 -42.56
N ALA F 106 -5.37 -0.78 -43.86
CA ALA F 106 -4.40 -1.76 -44.35
C ALA F 106 -2.97 -1.28 -44.10
N ILE F 107 -2.72 0.00 -44.40
CA ILE F 107 -1.43 0.66 -44.20
C ILE F 107 -1.05 0.60 -42.72
N VAL F 108 -1.98 1.02 -41.87
CA VAL F 108 -1.77 0.99 -40.43
C VAL F 108 -1.43 -0.44 -39.98
N ASP F 109 -2.19 -1.41 -40.49
CA ASP F 109 -1.96 -2.80 -40.14
C ASP F 109 -0.57 -3.29 -40.57
N VAL F 110 -0.12 -2.86 -41.74
CA VAL F 110 1.19 -3.27 -42.25
C VAL F 110 2.28 -2.86 -41.26
N PHE F 111 2.25 -1.60 -40.80
CA PHE F 111 3.25 -1.16 -39.83
C PHE F 111 3.18 -1.95 -38.54
N ARG F 112 1.96 -2.15 -38.02
CA ARG F 112 1.80 -2.92 -36.79
C ARG F 112 2.30 -4.36 -36.96
N PHE F 113 1.99 -4.96 -38.11
CA PHE F 113 2.45 -6.32 -38.36
C PHE F 113 3.97 -6.40 -38.30
N PHE F 114 4.64 -5.54 -39.05
CA PHE F 114 6.10 -5.57 -39.05
C PHE F 114 6.73 -5.20 -37.71
N ALA F 115 6.03 -4.39 -36.93
CA ALA F 115 6.52 -4.04 -35.61
C ALA F 115 6.63 -5.34 -34.80
N GLY F 116 5.65 -6.21 -34.94
CA GLY F 116 5.64 -7.48 -34.25
C GLY F 116 6.62 -8.45 -34.88
N ALA F 117 6.60 -8.53 -36.21
CA ALA F 117 7.47 -9.42 -36.97
C ALA F 117 8.96 -9.17 -36.71
N ALA F 118 9.32 -7.92 -36.47
CA ALA F 118 10.71 -7.53 -36.20
C ALA F 118 11.34 -8.32 -35.04
N ARG F 119 10.51 -8.75 -34.10
CA ARG F 119 10.98 -9.48 -32.92
C ARG F 119 10.82 -11.00 -33.02
N CYS F 120 10.47 -11.50 -34.21
CA CYS F 120 10.24 -12.94 -34.41
C CYS F 120 11.03 -13.60 -35.53
N LEU F 121 12.21 -13.06 -35.84
CA LEU F 121 13.05 -13.62 -36.91
C LEU F 121 13.57 -15.03 -36.63
N SER F 122 13.54 -15.86 -37.67
CA SER F 122 13.97 -17.27 -37.59
C SER F 122 15.47 -17.43 -37.75
N GLY F 123 15.98 -18.47 -37.14
CA GLY F 123 17.40 -18.81 -37.19
C GLY F 123 17.48 -20.31 -37.09
N LEU F 124 18.69 -20.83 -37.06
CA LEU F 124 18.86 -22.26 -36.92
C LEU F 124 19.33 -22.46 -35.50
N ALA F 125 19.16 -23.67 -34.98
CA ALA F 125 19.59 -23.98 -33.64
C ALA F 125 21.09 -23.79 -33.54
N ALA F 126 21.53 -23.06 -32.52
CA ALA F 126 22.94 -22.89 -32.28
C ALA F 126 23.43 -24.22 -31.68
N GLY F 127 24.67 -24.60 -31.95
CA GLY F 127 25.20 -25.84 -31.40
C GLY F 127 26.52 -26.25 -31.98
N GLU F 128 26.93 -27.48 -31.68
CA GLU F 128 28.19 -28.00 -32.18
C GLU F 128 27.98 -28.87 -33.41
N TYR F 129 28.04 -28.24 -34.57
CA TYR F 129 27.91 -28.96 -35.83
C TYR F 129 29.26 -29.55 -36.23
N LEU F 130 30.30 -29.00 -35.63
CA LEU F 130 31.65 -29.47 -35.79
C LEU F 130 32.21 -29.60 -34.39
N GLU F 131 32.72 -30.78 -34.06
CA GLU F 131 33.30 -31.05 -32.72
C GLU F 131 34.16 -29.89 -32.22
N GLY F 132 33.85 -29.42 -31.02
CA GLY F 132 34.60 -28.35 -30.37
C GLY F 132 34.42 -26.95 -30.93
N HIS F 133 33.30 -26.71 -31.61
CA HIS F 133 33.01 -25.39 -32.17
C HIS F 133 31.53 -25.07 -32.04
N THR F 134 31.20 -23.92 -31.46
CA THR F 134 29.80 -23.51 -31.34
C THR F 134 29.44 -22.60 -32.52
N SER F 135 28.44 -22.99 -33.30
CA SER F 135 27.99 -22.19 -34.43
C SER F 135 26.66 -21.57 -34.06
N MET F 136 26.41 -20.36 -34.53
CA MET F 136 25.13 -19.69 -34.29
C MET F 136 24.78 -18.92 -35.54
N ILE F 137 23.51 -18.60 -35.71
CA ILE F 137 23.08 -17.84 -36.87
C ILE F 137 22.33 -16.58 -36.49
N ARG F 138 22.80 -15.46 -37.00
CA ARG F 138 22.17 -14.17 -36.77
C ARG F 138 21.66 -13.56 -38.04
N ARG F 139 20.64 -12.72 -37.94
CA ARG F 139 20.07 -12.02 -39.10
C ARG F 139 20.31 -10.53 -38.89
N ASP F 140 21.33 -10.01 -39.56
CA ASP F 140 21.68 -8.59 -39.44
C ASP F 140 21.14 -7.74 -40.60
N PRO F 141 20.99 -6.42 -40.36
CA PRO F 141 20.50 -5.56 -41.44
C PRO F 141 21.47 -5.48 -42.63
N ILE F 142 20.94 -5.18 -43.80
CA ILE F 142 21.76 -5.08 -45.02
C ILE F 142 22.58 -3.79 -45.07
N GLY F 143 21.97 -2.67 -44.69
CA GLY F 143 22.65 -1.38 -44.71
C GLY F 143 21.72 -0.30 -45.24
N VAL F 144 22.16 0.43 -46.26
CA VAL F 144 21.35 1.49 -46.86
C VAL F 144 20.45 0.90 -47.95
N VAL F 145 19.16 1.15 -47.83
CA VAL F 145 18.17 0.66 -48.79
C VAL F 145 17.49 1.79 -49.56
N ALA F 146 17.44 1.64 -50.88
CA ALA F 146 16.77 2.61 -51.74
C ALA F 146 15.44 2.01 -52.19
N SER F 147 14.36 2.70 -51.88
CA SER F 147 13.02 2.24 -52.25
C SER F 147 12.34 3.15 -53.26
N ILE F 148 11.81 2.54 -54.33
CA ILE F 148 11.09 3.26 -55.37
C ILE F 148 9.64 2.79 -55.33
N ALA F 149 8.73 3.70 -54.97
CA ALA F 149 7.30 3.40 -54.91
C ALA F 149 6.57 3.71 -56.23
N PRO F 150 5.55 2.92 -56.57
CA PRO F 150 4.77 3.12 -57.80
C PRO F 150 3.62 4.10 -57.59
N TRP F 151 2.90 4.42 -58.67
CA TRP F 151 1.80 5.39 -58.59
C TRP F 151 0.40 4.87 -58.29
N ASN F 152 0.19 3.56 -58.42
CA ASN F 152 -1.15 2.98 -58.18
C ASN F 152 -1.61 3.01 -56.72
N TYR F 153 -0.73 2.62 -55.80
CA TYR F 153 -1.04 2.65 -54.35
C TYR F 153 0.15 3.35 -53.67
N PRO F 154 0.27 4.67 -53.86
CA PRO F 154 1.37 5.49 -53.33
C PRO F 154 1.74 5.27 -51.87
N LEU F 155 0.80 5.49 -50.96
CA LEU F 155 1.07 5.33 -49.54
C LEU F 155 1.20 3.87 -49.11
N MET F 156 0.39 2.99 -49.67
CA MET F 156 0.43 1.57 -49.29
C MET F 156 1.76 0.93 -49.70
N MET F 157 2.18 1.12 -50.95
CA MET F 157 3.48 0.59 -51.40
C MET F 157 4.65 1.21 -50.64
N ALA F 158 4.46 2.45 -50.18
CA ALA F 158 5.48 3.10 -49.40
C ALA F 158 5.61 2.31 -48.10
N ALA F 159 4.46 1.95 -47.53
CA ALA F 159 4.41 1.18 -46.28
C ALA F 159 5.04 -0.21 -46.47
N TRP F 160 4.70 -0.86 -47.59
CA TRP F 160 5.24 -2.18 -47.95
C TRP F 160 6.76 -2.19 -48.08
N LYS F 161 7.33 -1.04 -48.37
CA LYS F 161 8.78 -0.91 -48.52
C LYS F 161 9.49 -0.37 -47.29
N LEU F 162 8.82 0.52 -46.56
CA LEU F 162 9.41 1.09 -45.35
C LEU F 162 9.35 0.16 -44.15
N ALA F 163 8.18 -0.41 -43.89
CA ALA F 163 7.98 -1.28 -42.74
C ALA F 163 9.04 -2.40 -42.61
N PRO F 164 9.14 -3.33 -43.59
CA PRO F 164 10.14 -4.39 -43.40
C PRO F 164 11.58 -3.86 -43.36
N ALA F 165 11.91 -2.90 -44.23
CA ALA F 165 13.26 -2.36 -44.27
C ALA F 165 13.68 -1.78 -42.92
N LEU F 166 12.83 -0.95 -42.33
CA LEU F 166 13.09 -0.33 -41.04
C LEU F 166 13.07 -1.35 -39.91
N ALA F 167 12.11 -2.27 -39.95
CA ALA F 167 12.00 -3.31 -38.93
C ALA F 167 13.26 -4.17 -38.87
N ALA F 168 13.84 -4.45 -40.04
CA ALA F 168 15.05 -5.24 -40.16
C ALA F 168 16.30 -4.50 -39.65
N GLY F 169 16.18 -3.19 -39.49
CA GLY F 169 17.28 -2.37 -39.00
C GLY F 169 18.09 -1.63 -40.04
N ASN F 170 17.51 -1.44 -41.22
CA ASN F 170 18.16 -0.74 -42.31
C ASN F 170 17.82 0.73 -42.30
N CYS F 171 18.57 1.52 -43.07
CA CYS F 171 18.30 2.94 -43.24
C CYS F 171 17.74 3.06 -44.64
N VAL F 172 16.66 3.81 -44.78
CA VAL F 172 16.00 3.91 -46.07
C VAL F 172 15.98 5.32 -46.70
N VAL F 173 16.07 5.32 -48.02
CA VAL F 173 15.95 6.52 -48.82
C VAL F 173 14.87 6.09 -49.80
N ILE F 174 13.67 6.67 -49.66
CA ILE F 174 12.55 6.32 -50.52
C ILE F 174 12.12 7.46 -51.46
N LYS F 175 11.80 7.09 -52.69
CA LYS F 175 11.36 8.03 -53.70
C LYS F 175 10.00 7.54 -54.20
N PRO F 176 8.93 8.31 -53.94
CA PRO F 176 7.63 7.91 -54.48
C PRO F 176 7.58 8.27 -55.97
N SER F 177 6.52 7.86 -56.66
CA SER F 177 6.39 8.21 -58.08
C SER F 177 6.18 9.71 -58.22
N GLU F 178 6.75 10.30 -59.27
CA GLU F 178 6.59 11.73 -59.49
C GLU F 178 5.12 12.10 -59.69
N ILE F 179 4.35 11.14 -60.21
CA ILE F 179 2.94 11.29 -60.47
C ILE F 179 2.15 11.45 -59.15
N THR F 180 2.52 10.66 -58.15
CA THR F 180 1.83 10.65 -56.85
C THR F 180 2.76 10.79 -55.63
N PRO F 181 3.21 12.02 -55.32
CA PRO F 181 4.11 12.17 -54.17
C PRO F 181 3.50 12.71 -52.87
N LEU F 182 2.29 13.26 -52.95
CA LEU F 182 1.62 13.89 -51.79
C LEU F 182 1.61 13.11 -50.48
N THR F 183 1.08 11.88 -50.49
CA THR F 183 1.03 11.07 -49.26
C THR F 183 2.39 10.74 -48.67
N ALA F 184 3.36 10.43 -49.53
CA ALA F 184 4.71 10.11 -49.08
C ALA F 184 5.37 11.31 -48.40
N LEU F 185 5.21 12.49 -48.99
CA LEU F 185 5.79 13.72 -48.43
C LEU F 185 5.08 14.15 -47.14
N LYS F 186 3.81 13.75 -47.01
CA LYS F 186 3.02 14.04 -45.82
C LYS F 186 3.54 13.12 -44.71
N LEU F 187 3.79 11.86 -45.05
CA LEU F 187 4.30 10.86 -44.13
C LEU F 187 5.67 11.29 -43.58
N ALA F 188 6.46 11.90 -44.46
CA ALA F 188 7.79 12.40 -44.11
C ALA F 188 7.72 13.40 -42.97
N VAL F 189 6.70 14.24 -42.97
CA VAL F 189 6.51 15.25 -41.92
C VAL F 189 6.23 14.58 -40.58
N LEU F 190 5.39 13.55 -40.60
CA LEU F 190 5.01 12.84 -39.38
C LEU F 190 6.12 11.93 -38.84
N ALA F 191 6.80 11.22 -39.73
CA ALA F 191 7.87 10.30 -39.34
C ALA F 191 9.22 10.97 -39.03
N LYS F 192 9.31 12.26 -39.33
CA LYS F 192 10.50 13.08 -39.13
C LYS F 192 11.20 12.81 -37.80
N ASP F 193 10.45 12.92 -36.70
CA ASP F 193 10.99 12.74 -35.34
C ASP F 193 10.90 11.33 -34.75
N ILE F 194 10.16 10.44 -35.40
CA ILE F 194 9.97 9.07 -34.94
C ILE F 194 11.26 8.25 -35.05
N PHE F 195 12.03 8.48 -36.10
CA PHE F 195 13.29 7.76 -36.31
C PHE F 195 14.48 8.70 -36.17
N PRO F 196 15.67 8.16 -35.81
CA PRO F 196 16.86 9.02 -35.69
C PRO F 196 17.21 9.67 -37.03
N PRO F 197 17.76 10.89 -37.00
CA PRO F 197 18.12 11.59 -38.24
C PRO F 197 18.92 10.72 -39.21
N GLY F 198 18.46 10.64 -40.46
CA GLY F 198 19.12 9.85 -41.48
C GLY F 198 18.58 8.45 -41.68
N VAL F 199 17.88 7.90 -40.69
CA VAL F 199 17.31 6.55 -40.78
C VAL F 199 16.22 6.48 -41.87
N LEU F 200 15.41 7.54 -41.95
CA LEU F 200 14.35 7.64 -42.95
C LEU F 200 14.53 8.91 -43.78
N ASN F 201 14.62 8.72 -45.09
CA ASN F 201 14.83 9.83 -46.02
C ASN F 201 13.80 9.76 -47.14
N VAL F 202 13.08 10.85 -47.35
CA VAL F 202 12.07 10.89 -48.40
C VAL F 202 12.43 11.93 -49.45
N LEU F 203 12.65 11.46 -50.67
CA LEU F 203 13.00 12.31 -51.79
C LEU F 203 11.84 12.39 -52.79
N PHE F 204 11.97 13.26 -53.78
CA PHE F 204 10.97 13.43 -54.82
C PHE F 204 11.59 13.75 -56.18
N GLY F 205 11.02 13.16 -57.24
CA GLY F 205 11.51 13.38 -58.59
C GLY F 205 11.26 12.27 -59.58
N ARG F 206 11.53 12.57 -60.85
CA ARG F 206 11.37 11.64 -61.96
C ARG F 206 12.45 10.56 -61.91
N GLY F 207 12.12 9.39 -62.45
CA GLY F 207 13.05 8.25 -62.47
C GLY F 207 14.35 8.51 -63.21
N GLN F 208 14.32 9.46 -64.13
CA GLN F 208 15.49 9.82 -64.94
C GLN F 208 16.47 10.72 -64.18
N THR F 209 15.96 11.71 -63.46
CA THR F 209 16.80 12.65 -62.71
C THR F 209 17.17 12.22 -61.28
N VAL F 210 16.17 11.80 -60.51
CA VAL F 210 16.40 11.39 -59.12
C VAL F 210 16.61 9.89 -58.96
N GLY F 211 15.68 9.10 -59.50
CA GLY F 211 15.72 7.64 -59.42
C GLY F 211 17.04 6.99 -59.81
N ASP F 212 17.58 7.38 -60.97
CA ASP F 212 18.84 6.83 -61.46
C ASP F 212 20.05 7.19 -60.59
N VAL F 213 20.04 8.40 -60.04
CA VAL F 213 21.13 8.85 -59.17
C VAL F 213 21.11 8.05 -57.86
N LEU F 214 19.90 7.80 -57.37
CA LEU F 214 19.69 7.03 -56.13
C LEU F 214 20.04 5.55 -56.24
N THR F 215 19.48 4.88 -57.24
CA THR F 215 19.73 3.45 -57.44
C THR F 215 21.16 3.13 -57.86
N GLY F 216 21.82 4.09 -58.50
CA GLY F 216 23.19 3.89 -58.94
C GLY F 216 24.25 4.29 -57.95
N HIS F 217 23.83 4.88 -56.82
CA HIS F 217 24.77 5.34 -55.79
C HIS F 217 25.57 4.16 -55.22
N GLU F 218 26.88 4.35 -55.05
CA GLU F 218 27.78 3.32 -54.54
C GLU F 218 27.47 2.82 -53.11
N LYS F 219 26.95 3.70 -52.27
CA LYS F 219 26.63 3.33 -50.88
C LYS F 219 25.27 2.64 -50.66
N VAL F 220 24.47 2.54 -51.70
CA VAL F 220 23.17 1.87 -51.60
C VAL F 220 23.44 0.37 -51.74
N ARG F 221 23.09 -0.40 -50.72
CA ARG F 221 23.33 -1.84 -50.72
C ARG F 221 22.21 -2.65 -51.38
N MET F 222 20.98 -2.14 -51.28
CA MET F 222 19.83 -2.82 -51.86
C MET F 222 18.82 -1.84 -52.47
N VAL F 223 18.19 -2.27 -53.56
CA VAL F 223 17.18 -1.48 -54.26
C VAL F 223 15.88 -2.29 -54.39
N SER F 224 14.81 -1.80 -53.77
CA SER F 224 13.50 -2.46 -53.89
C SER F 224 12.59 -1.61 -54.76
N LEU F 225 12.11 -2.23 -55.84
CA LEU F 225 11.25 -1.58 -56.81
C LEU F 225 9.90 -2.25 -57.08
N THR F 226 8.93 -1.40 -57.41
CA THR F 226 7.59 -1.78 -57.78
C THR F 226 7.23 -0.86 -58.94
N GLY F 227 6.97 -1.45 -60.10
CA GLY F 227 6.63 -0.70 -61.31
C GLY F 227 6.30 -1.63 -62.45
N SER F 228 6.60 -1.20 -63.66
CA SER F 228 6.34 -1.99 -64.86
C SER F 228 7.59 -2.79 -65.22
N ILE F 229 7.45 -3.72 -66.17
CA ILE F 229 8.56 -4.55 -66.66
C ILE F 229 9.64 -3.67 -67.32
N ALA F 230 9.19 -2.56 -67.91
CA ALA F 230 10.07 -1.60 -68.58
C ALA F 230 11.02 -0.88 -67.61
N THR F 231 10.46 -0.25 -66.56
CA THR F 231 11.26 0.48 -65.57
C THR F 231 12.09 -0.48 -64.68
N GLY F 232 11.67 -1.74 -64.62
CA GLY F 232 12.36 -2.77 -63.86
C GLY F 232 13.61 -3.28 -64.55
N GLU F 233 13.52 -3.41 -65.88
CA GLU F 233 14.63 -3.86 -66.72
C GLU F 233 15.74 -2.81 -66.70
N HIS F 234 15.32 -1.55 -66.71
CA HIS F 234 16.21 -0.40 -66.70
C HIS F 234 17.07 -0.35 -65.44
N ILE F 235 16.45 -0.54 -64.27
CA ILE F 235 17.15 -0.52 -62.98
C ILE F 235 18.04 -1.75 -62.75
N LEU F 236 17.58 -2.92 -63.18
CA LEU F 236 18.33 -4.17 -62.99
C LEU F 236 19.65 -4.22 -63.81
N ARG F 237 19.67 -3.54 -64.95
CA ARG F 237 20.86 -3.50 -65.81
C ARG F 237 21.75 -2.28 -65.47
N HIS F 238 21.19 -1.38 -64.67
CA HIS F 238 21.87 -0.17 -64.21
C HIS F 238 22.68 -0.46 -62.94
N THR F 239 22.14 -1.35 -62.10
CA THR F 239 22.78 -1.75 -60.84
C THR F 239 23.61 -3.03 -60.96
N ALA F 240 23.60 -3.64 -62.14
CA ALA F 240 24.33 -4.88 -62.43
C ALA F 240 25.85 -4.86 -62.18
N PRO F 241 26.56 -3.76 -62.54
CA PRO F 241 28.01 -3.76 -62.26
C PRO F 241 28.38 -3.68 -60.77
N ALA F 242 27.49 -3.10 -59.96
CA ALA F 242 27.71 -2.96 -58.51
C ALA F 242 27.36 -4.23 -57.72
N ILE F 243 26.69 -5.17 -58.38
CA ILE F 243 26.27 -6.46 -57.80
C ILE F 243 25.38 -6.26 -56.55
N LYS F 244 24.50 -5.28 -56.66
CA LYS F 244 23.54 -4.92 -55.62
C LYS F 244 22.45 -5.97 -55.57
N ARG F 245 21.84 -6.16 -54.41
CA ARG F 245 20.74 -7.11 -54.32
C ARG F 245 19.44 -6.35 -54.56
N THR F 246 18.53 -6.96 -55.30
CA THR F 246 17.26 -6.33 -55.65
C THR F 246 16.02 -7.06 -55.12
N HIS F 247 14.89 -6.34 -55.15
CA HIS F 247 13.60 -6.82 -54.70
C HIS F 247 12.66 -6.26 -55.77
N MET F 248 12.20 -7.13 -56.68
CA MET F 248 11.34 -6.72 -57.79
C MET F 248 9.86 -7.12 -57.71
N GLU F 249 9.00 -6.14 -58.00
CA GLU F 249 7.54 -6.30 -58.06
C GLU F 249 7.21 -5.62 -59.39
N LEU F 250 7.01 -6.43 -60.44
CA LEU F 250 6.80 -5.88 -61.78
C LEU F 250 5.48 -6.20 -62.49
N GLY F 251 4.37 -5.96 -61.79
CA GLY F 251 3.04 -6.21 -62.35
C GLY F 251 2.70 -7.65 -62.63
N GLY F 252 1.56 -7.84 -63.30
CA GLY F 252 1.11 -9.18 -63.65
C GLY F 252 -0.20 -9.18 -64.42
N LYS F 253 -0.54 -10.34 -64.97
CA LYS F 253 -1.77 -10.50 -65.72
C LYS F 253 -2.45 -11.68 -65.04
N ALA F 254 -3.07 -11.41 -63.88
CA ALA F 254 -3.74 -12.43 -63.05
C ALA F 254 -4.86 -13.19 -63.76
N PRO F 255 -4.69 -14.52 -63.92
CA PRO F 255 -5.76 -15.28 -64.58
C PRO F 255 -6.87 -15.67 -63.60
N VAL F 256 -8.09 -15.70 -64.11
CA VAL F 256 -9.25 -16.08 -63.32
C VAL F 256 -9.80 -17.30 -64.06
N ILE F 257 -9.57 -18.48 -63.48
CA ILE F 257 -10.01 -19.73 -64.10
C ILE F 257 -11.36 -20.17 -63.54
N VAL F 258 -12.38 -20.18 -64.39
CA VAL F 258 -13.73 -20.55 -64.00
C VAL F 258 -14.20 -21.87 -64.63
N PHE F 259 -14.56 -22.84 -63.80
CA PHE F 259 -15.06 -24.15 -64.27
C PHE F 259 -16.60 -24.20 -64.23
N ASP F 260 -17.20 -25.11 -65.00
CA ASP F 260 -18.67 -25.30 -65.07
C ASP F 260 -19.29 -25.38 -63.69
N ASP F 261 -18.49 -25.97 -62.83
CA ASP F 261 -18.72 -26.25 -61.45
C ASP F 261 -18.90 -24.99 -60.56
N ALA F 262 -18.36 -23.86 -61.01
CA ALA F 262 -18.38 -22.59 -60.26
C ALA F 262 -19.72 -21.89 -60.06
N ASP F 263 -19.75 -21.02 -59.05
CA ASP F 263 -20.91 -20.20 -58.73
C ASP F 263 -20.77 -18.95 -59.59
N LEU F 264 -21.48 -18.92 -60.72
CA LEU F 264 -21.39 -17.82 -61.68
C LEU F 264 -21.69 -16.42 -61.13
N ASP F 265 -22.68 -16.30 -60.25
CA ASP F 265 -23.02 -15.01 -59.65
C ASP F 265 -21.89 -14.48 -58.77
N ALA F 266 -21.22 -15.39 -58.05
CA ALA F 266 -20.11 -15.05 -57.19
C ALA F 266 -18.89 -14.62 -58.02
N VAL F 267 -18.74 -15.21 -59.21
CA VAL F 267 -17.64 -14.87 -60.10
C VAL F 267 -17.90 -13.47 -60.64
N ALA F 268 -19.12 -13.25 -61.12
CA ALA F 268 -19.53 -11.95 -61.68
C ALA F 268 -19.34 -10.82 -60.69
N GLN F 269 -19.76 -11.04 -59.45
CA GLN F 269 -19.62 -10.02 -58.40
C GLN F 269 -18.14 -9.78 -58.08
N GLY F 270 -17.36 -10.86 -58.08
CA GLY F 270 -15.94 -10.79 -57.82
C GLY F 270 -15.19 -10.02 -58.89
N VAL F 271 -15.46 -10.34 -60.15
CA VAL F 271 -14.81 -9.65 -61.27
C VAL F 271 -15.25 -8.19 -61.32
N ARG F 272 -16.51 -7.93 -60.93
CA ARG F 272 -17.05 -6.58 -60.92
C ARG F 272 -16.23 -5.71 -59.97
N THR F 273 -15.84 -6.29 -58.83
CA THR F 273 -15.07 -5.58 -57.82
C THR F 273 -13.58 -5.61 -58.10
N PHE F 274 -13.04 -6.82 -58.15
CA PHE F 274 -11.60 -7.04 -58.28
C PHE F 274 -10.96 -6.79 -59.66
N GLY F 275 -11.77 -6.73 -60.69
CA GLY F 275 -11.22 -6.49 -62.02
C GLY F 275 -11.23 -5.01 -62.36
N PHE F 276 -11.96 -4.23 -61.58
CA PHE F 276 -12.09 -2.80 -61.81
C PHE F 276 -11.79 -1.92 -60.60
N TYR F 277 -11.39 -2.53 -59.49
CA TYR F 277 -11.03 -1.80 -58.28
C TYR F 277 -9.81 -0.96 -58.61
N ASN F 278 -9.82 0.29 -58.14
CA ASN F 278 -8.72 1.23 -58.36
C ASN F 278 -8.50 1.41 -59.88
N ALA F 279 -9.62 1.38 -60.61
CA ALA F 279 -9.65 1.51 -62.07
C ALA F 279 -8.81 0.45 -62.79
N GLY F 280 -8.74 -0.73 -62.19
CA GLY F 280 -7.98 -1.86 -62.74
C GLY F 280 -6.49 -1.66 -62.71
N GLN F 281 -6.07 -0.57 -62.06
CA GLN F 281 -4.66 -0.23 -61.93
C GLN F 281 -4.07 -0.96 -60.74
N ASP F 282 -4.02 -2.29 -60.86
CA ASP F 282 -3.51 -3.16 -59.81
C ASP F 282 -2.87 -4.41 -60.41
N CYS F 283 -1.74 -4.80 -59.85
CA CYS F 283 -0.99 -5.99 -60.31
C CYS F 283 -1.77 -7.30 -60.12
N THR F 284 -2.70 -7.31 -59.18
CA THR F 284 -3.50 -8.50 -58.89
C THR F 284 -4.91 -8.44 -59.47
N ALA F 285 -5.21 -7.41 -60.24
CA ALA F 285 -6.53 -7.25 -60.85
C ALA F 285 -6.98 -8.48 -61.64
N ALA F 286 -8.24 -8.89 -61.41
CA ALA F 286 -8.84 -10.03 -62.08
C ALA F 286 -9.20 -9.56 -63.49
N CYS F 287 -8.19 -9.53 -64.37
CA CYS F 287 -8.37 -9.00 -65.72
C CYS F 287 -8.36 -10.00 -66.88
N ARG F 288 -7.94 -11.22 -66.60
CA ARG F 288 -7.79 -12.23 -67.62
C ARG F 288 -8.62 -13.44 -67.18
N ILE F 289 -9.78 -13.61 -67.79
CA ILE F 289 -10.68 -14.71 -67.43
C ILE F 289 -10.71 -15.86 -68.42
N TYR F 290 -10.59 -17.07 -67.88
CA TYR F 290 -10.68 -18.29 -68.65
C TYR F 290 -11.95 -18.97 -68.17
N ALA F 291 -12.97 -18.98 -69.00
CA ALA F 291 -14.25 -19.59 -68.65
C ALA F 291 -14.42 -20.91 -69.40
N GLN F 292 -14.80 -21.96 -68.67
CA GLN F 292 -14.97 -23.26 -69.28
C GLN F 292 -16.21 -23.22 -70.19
N ARG F 293 -16.09 -23.86 -71.36
CA ARG F 293 -17.14 -23.88 -72.38
C ARG F 293 -18.57 -23.99 -71.88
N GLY F 294 -18.82 -24.95 -70.99
CA GLY F 294 -20.15 -25.17 -70.42
C GLY F 294 -20.82 -23.92 -69.87
N ILE F 295 -20.08 -23.12 -69.11
CA ILE F 295 -20.63 -21.89 -68.51
C ILE F 295 -20.21 -20.59 -69.17
N TYR F 296 -19.42 -20.69 -70.25
CA TYR F 296 -18.91 -19.51 -70.96
C TYR F 296 -19.97 -18.44 -71.28
N ASP F 297 -20.92 -18.78 -72.14
CA ASP F 297 -21.98 -17.87 -72.56
C ASP F 297 -22.78 -17.25 -71.40
N ALA F 298 -23.14 -18.08 -70.43
CA ALA F 298 -23.89 -17.60 -69.27
C ALA F 298 -23.10 -16.57 -68.47
N LEU F 299 -21.80 -16.84 -68.27
CA LEU F 299 -20.91 -15.94 -67.51
C LEU F 299 -20.68 -14.61 -68.23
N VAL F 300 -20.53 -14.67 -69.55
CA VAL F 300 -20.32 -13.46 -70.35
C VAL F 300 -21.51 -12.51 -70.17
N GLU F 301 -22.73 -13.04 -70.16
CA GLU F 301 -23.92 -12.22 -69.98
C GLU F 301 -23.97 -11.63 -68.58
N LYS F 302 -23.67 -12.45 -67.57
CA LYS F 302 -23.69 -11.99 -66.17
C LYS F 302 -22.64 -10.90 -65.95
N LEU F 303 -21.45 -11.08 -66.53
CA LEU F 303 -20.38 -10.08 -66.41
C LEU F 303 -20.78 -8.78 -67.08
N GLY F 304 -21.43 -8.89 -68.24
CA GLY F 304 -21.90 -7.72 -68.98
C GLY F 304 -22.78 -6.86 -68.09
N ASN F 305 -23.76 -7.49 -67.44
CA ASN F 305 -24.68 -6.80 -66.55
C ASN F 305 -23.99 -6.21 -65.32
N ALA F 306 -23.07 -6.97 -64.75
CA ALA F 306 -22.32 -6.55 -63.57
C ALA F 306 -21.38 -5.38 -63.84
N VAL F 307 -20.64 -5.46 -64.93
CA VAL F 307 -19.67 -4.41 -65.29
C VAL F 307 -20.33 -3.09 -65.69
N SER F 308 -21.34 -3.17 -66.56
CA SER F 308 -22.03 -1.95 -67.04
C SER F 308 -22.74 -1.13 -65.94
N SER F 309 -22.99 -1.75 -64.78
CA SER F 309 -23.65 -1.05 -63.68
C SER F 309 -22.70 -0.26 -62.78
N LEU F 310 -21.40 -0.38 -63.03
CA LEU F 310 -20.39 0.34 -62.23
C LEU F 310 -20.56 1.84 -62.39
N LYS F 311 -20.80 2.53 -61.27
CA LYS F 311 -20.97 3.99 -61.31
C LYS F 311 -19.67 4.77 -61.18
N MET F 312 -19.43 5.53 -62.24
CA MET F 312 -18.27 6.38 -62.40
C MET F 312 -18.69 7.76 -61.95
N GLY F 313 -17.79 8.47 -61.27
CA GLY F 313 -18.11 9.82 -60.79
C GLY F 313 -17.01 10.47 -59.96
N ALA F 314 -17.40 11.51 -59.22
CA ALA F 314 -16.49 12.26 -58.34
C ALA F 314 -15.98 11.37 -57.21
N PRO F 315 -14.64 11.37 -56.99
CA PRO F 315 -14.04 10.53 -55.93
C PRO F 315 -14.55 10.82 -54.53
N GLU F 316 -14.91 12.07 -54.24
CA GLU F 316 -15.40 12.42 -52.90
C GLU F 316 -16.88 12.07 -52.69
N ASP F 317 -17.57 11.68 -53.76
CA ASP F 317 -18.98 11.30 -53.68
C ASP F 317 -19.06 9.81 -53.28
N GLU F 318 -19.79 9.55 -52.19
CA GLU F 318 -19.99 8.21 -51.62
C GLU F 318 -20.41 7.09 -52.57
N SER F 319 -21.25 7.43 -53.54
CA SER F 319 -21.77 6.45 -54.51
C SER F 319 -20.77 6.00 -55.59
N THR F 320 -19.70 6.77 -55.80
CA THR F 320 -18.70 6.46 -56.83
C THR F 320 -17.95 5.13 -56.59
N GLU F 321 -18.04 4.24 -57.57
CA GLU F 321 -17.38 2.94 -57.52
C GLU F 321 -16.10 2.87 -58.35
N LEU F 322 -16.09 3.61 -59.46
CA LEU F 322 -14.94 3.63 -60.36
C LEU F 322 -14.37 5.03 -60.56
N GLY F 323 -13.06 5.15 -60.32
CA GLY F 323 -12.37 6.43 -60.48
C GLY F 323 -11.66 6.49 -61.83
N PRO F 324 -10.87 7.55 -62.05
CA PRO F 324 -10.15 7.69 -63.31
C PRO F 324 -8.79 6.98 -63.29
N LEU F 325 -8.10 7.00 -64.42
CA LEU F 325 -6.76 6.42 -64.52
C LEU F 325 -5.79 7.45 -63.93
N SER F 326 -4.63 6.99 -63.49
CA SER F 326 -3.62 7.84 -62.85
C SER F 326 -3.13 9.10 -63.58
N SER F 327 -2.93 9.03 -64.89
CA SER F 327 -2.43 10.18 -65.66
C SER F 327 -2.82 10.15 -67.13
N LEU F 328 -2.59 11.28 -67.81
CA LEU F 328 -2.89 11.43 -69.23
C LEU F 328 -2.10 10.42 -70.06
N ALA F 329 -0.84 10.20 -69.69
CA ALA F 329 0.04 9.26 -70.38
C ALA F 329 -0.50 7.83 -70.28
N HIS F 330 -0.96 7.45 -69.09
CA HIS F 330 -1.49 6.10 -68.88
C HIS F 330 -2.84 5.91 -69.57
N LEU F 331 -3.62 6.99 -69.65
CA LEU F 331 -4.93 6.95 -70.32
C LEU F 331 -4.71 6.62 -71.79
N LYS F 332 -3.61 7.13 -72.35
CA LYS F 332 -3.24 6.90 -73.75
C LYS F 332 -2.79 5.45 -73.97
N ARG F 333 -2.05 4.88 -73.02
CA ARG F 333 -1.58 3.48 -73.14
C ARG F 333 -2.75 2.51 -73.08
N VAL F 334 -3.67 2.76 -72.16
CA VAL F 334 -4.86 1.92 -72.01
C VAL F 334 -5.71 2.00 -73.28
N THR F 335 -5.96 3.22 -73.76
CA THR F 335 -6.75 3.43 -74.98
C THR F 335 -6.16 2.66 -76.15
N ALA F 336 -4.84 2.74 -76.32
CA ALA F 336 -4.11 2.06 -77.39
C ALA F 336 -4.26 0.54 -77.29
N ALA F 337 -4.10 0.01 -76.09
CA ALA F 337 -4.21 -1.43 -75.83
C ALA F 337 -5.61 -1.96 -76.14
N VAL F 338 -6.63 -1.15 -75.85
CA VAL F 338 -8.02 -1.52 -76.10
C VAL F 338 -8.33 -1.42 -77.59
N GLU F 339 -7.77 -0.40 -78.24
CA GLU F 339 -7.98 -0.22 -79.68
C GLU F 339 -7.41 -1.37 -80.49
N GLU F 340 -6.24 -1.89 -80.09
CA GLU F 340 -5.61 -3.03 -80.76
C GLU F 340 -6.51 -4.26 -80.63
N ALA F 341 -7.16 -4.38 -79.48
CA ALA F 341 -8.06 -5.50 -79.22
C ALA F 341 -9.32 -5.40 -80.08
N LYS F 342 -9.92 -4.20 -80.17
CA LYS F 342 -11.12 -3.99 -80.98
C LYS F 342 -10.86 -4.23 -82.46
N ALA F 343 -9.63 -3.95 -82.90
CA ALA F 343 -9.21 -4.14 -84.29
C ALA F 343 -9.32 -5.60 -84.74
N LEU F 344 -9.15 -6.53 -83.79
CA LEU F 344 -9.25 -7.96 -84.05
C LEU F 344 -10.71 -8.33 -84.31
N SER F 345 -10.96 -8.90 -85.48
CA SER F 345 -12.29 -9.31 -85.94
C SER F 345 -13.11 -10.19 -84.95
N HIS F 346 -12.44 -11.10 -84.27
CA HIS F 346 -13.10 -12.03 -83.34
C HIS F 346 -13.47 -11.45 -81.97
N ILE F 347 -12.89 -10.30 -81.60
CA ILE F 347 -13.17 -9.68 -80.31
C ILE F 347 -14.54 -9.00 -80.26
N ARG F 348 -15.33 -9.34 -79.25
CA ARG F 348 -16.64 -8.74 -79.02
C ARG F 348 -16.59 -7.79 -77.84
N VAL F 349 -17.02 -6.54 -78.06
CA VAL F 349 -17.03 -5.58 -76.97
C VAL F 349 -18.41 -5.73 -76.31
N ILE F 350 -18.42 -6.30 -75.10
CA ILE F 350 -19.67 -6.53 -74.37
C ILE F 350 -20.16 -5.23 -73.73
N THR F 351 -19.24 -4.48 -73.14
CA THR F 351 -19.58 -3.20 -72.49
C THR F 351 -18.35 -2.29 -72.50
N GLY F 352 -18.61 -0.97 -72.39
CA GLY F 352 -17.53 0.03 -72.39
C GLY F 352 -16.90 0.09 -73.78
N GLY F 353 -15.57 0.15 -73.82
CA GLY F 353 -14.87 0.19 -75.09
C GLY F 353 -13.89 1.33 -75.28
N SER F 354 -14.33 2.55 -75.01
CA SER F 354 -13.45 3.70 -75.18
C SER F 354 -13.49 4.68 -74.01
N GLN F 355 -12.60 5.66 -74.05
CA GLN F 355 -12.50 6.70 -73.01
C GLN F 355 -13.73 7.60 -73.03
N THR F 356 -14.18 8.00 -71.84
CA THR F 356 -15.36 8.87 -71.71
C THR F 356 -15.00 10.35 -71.78
N GLU F 357 -15.90 11.13 -72.39
CA GLU F 357 -15.72 12.58 -72.53
C GLU F 357 -15.83 13.29 -71.20
N GLY F 358 -14.90 14.21 -70.96
CA GLY F 358 -14.87 14.98 -69.71
C GLY F 358 -13.47 15.40 -69.36
N LYS F 359 -13.37 16.24 -68.32
CA LYS F 359 -12.06 16.76 -67.85
C LYS F 359 -11.07 15.70 -67.36
N GLY F 360 -11.53 14.78 -66.51
CA GLY F 360 -10.67 13.74 -65.95
C GLY F 360 -10.13 12.70 -66.93
N TYR F 361 -9.31 11.79 -66.42
CA TYR F 361 -8.74 10.73 -67.24
C TYR F 361 -9.56 9.45 -67.07
N TYR F 362 -10.86 9.58 -67.23
CA TYR F 362 -11.77 8.45 -67.09
C TYR F 362 -11.80 7.55 -68.32
N PHE F 363 -11.95 6.25 -68.07
CA PHE F 363 -12.04 5.26 -69.12
C PHE F 363 -13.16 4.34 -68.66
N ALA F 364 -14.10 4.08 -69.56
CA ALA F 364 -15.26 3.22 -69.28
C ALA F 364 -14.88 1.77 -68.97
N PRO F 365 -15.55 1.15 -67.96
CA PRO F 365 -15.22 -0.24 -67.63
C PRO F 365 -15.51 -1.11 -68.84
N THR F 366 -14.45 -1.68 -69.40
CA THR F 366 -14.54 -2.48 -70.62
C THR F 366 -14.45 -4.00 -70.42
N LEU F 367 -15.30 -4.73 -71.14
CA LEU F 367 -15.33 -6.18 -71.12
C LEU F 367 -15.20 -6.68 -72.55
N LEU F 368 -14.10 -7.39 -72.82
CA LEU F 368 -13.83 -7.92 -74.15
C LEU F 368 -13.95 -9.44 -74.14
N ALA F 369 -14.91 -9.96 -74.91
CA ALA F 369 -15.15 -11.40 -74.98
C ALA F 369 -14.58 -12.05 -76.23
N ASP F 370 -14.58 -13.39 -76.24
CA ASP F 370 -14.10 -14.22 -77.35
C ASP F 370 -12.61 -14.04 -77.65
N ALA F 371 -11.87 -13.54 -76.68
CA ALA F 371 -10.43 -13.34 -76.82
C ALA F 371 -9.74 -14.69 -76.88
N LYS F 372 -8.67 -14.77 -77.66
CA LYS F 372 -7.93 -16.01 -77.80
C LYS F 372 -6.59 -15.92 -77.09
N GLN F 373 -6.09 -17.05 -76.61
CA GLN F 373 -4.82 -17.13 -75.87
C GLN F 373 -3.67 -16.32 -76.48
N GLU F 374 -3.49 -16.39 -77.79
CA GLU F 374 -2.40 -15.69 -78.48
C GLU F 374 -2.56 -14.16 -78.59
N ASP F 375 -3.80 -13.66 -78.46
CA ASP F 375 -4.09 -12.23 -78.55
C ASP F 375 -3.27 -11.39 -77.57
N ALA F 376 -2.92 -10.18 -78.00
CA ALA F 376 -2.13 -9.25 -77.18
C ALA F 376 -2.88 -8.84 -75.91
N ILE F 377 -4.20 -8.76 -76.01
CA ILE F 377 -5.04 -8.37 -74.88
C ILE F 377 -5.00 -9.39 -73.74
N VAL F 378 -4.61 -10.62 -74.06
CA VAL F 378 -4.52 -11.70 -73.08
C VAL F 378 -3.07 -11.87 -72.59
N GLN F 379 -2.10 -11.60 -73.46
CA GLN F 379 -0.68 -11.73 -73.12
C GLN F 379 -0.05 -10.55 -72.37
N ARG F 380 -0.27 -9.33 -72.87
CA ARG F 380 0.29 -8.12 -72.24
C ARG F 380 -0.63 -7.53 -71.19
N GLU F 381 -0.03 -6.94 -70.16
CA GLU F 381 -0.76 -6.31 -69.08
C GLU F 381 -1.35 -4.98 -69.58
N VAL F 382 -2.60 -4.72 -69.27
CA VAL F 382 -3.25 -3.48 -69.69
C VAL F 382 -3.22 -2.47 -68.54
N PHE F 383 -3.39 -2.97 -67.32
CA PHE F 383 -3.33 -2.16 -66.09
C PHE F 383 -4.37 -1.03 -66.14
N GLY F 384 -5.57 -1.37 -66.60
CA GLY F 384 -6.69 -0.42 -66.71
C GLY F 384 -8.00 -1.14 -66.41
N PRO F 385 -9.14 -0.44 -66.51
CA PRO F 385 -10.42 -1.10 -66.22
C PRO F 385 -10.89 -1.93 -67.42
N VAL F 386 -10.09 -2.92 -67.80
CA VAL F 386 -10.37 -3.78 -68.93
C VAL F 386 -10.25 -5.25 -68.52
N VAL F 387 -11.25 -6.04 -68.91
CA VAL F 387 -11.28 -7.47 -68.61
C VAL F 387 -11.58 -8.27 -69.88
N SER F 388 -10.82 -9.34 -70.09
CA SER F 388 -11.00 -10.21 -71.24
C SER F 388 -11.48 -11.60 -70.81
N ILE F 389 -12.28 -12.24 -71.66
CA ILE F 389 -12.78 -13.59 -71.36
C ILE F 389 -12.38 -14.51 -72.50
N THR F 390 -11.81 -15.65 -72.14
CA THR F 390 -11.36 -16.67 -73.09
C THR F 390 -12.02 -17.99 -72.72
N VAL F 391 -12.47 -18.73 -73.71
CA VAL F 391 -13.11 -20.03 -73.46
C VAL F 391 -12.02 -21.11 -73.36
N PHE F 392 -12.28 -22.16 -72.58
CA PHE F 392 -11.36 -23.29 -72.47
C PHE F 392 -12.16 -24.59 -72.32
N ASP F 393 -11.50 -25.73 -72.39
CA ASP F 393 -12.17 -27.03 -72.27
C ASP F 393 -11.76 -27.87 -71.07
N ASP F 394 -10.50 -28.32 -71.02
CA ASP F 394 -9.96 -29.17 -69.93
C ASP F 394 -9.06 -28.42 -68.94
N GLU F 395 -8.69 -29.10 -67.85
CA GLU F 395 -7.78 -28.52 -66.86
C GLU F 395 -6.39 -28.41 -67.45
N ASP F 396 -5.88 -29.52 -68.00
CA ASP F 396 -4.55 -29.56 -68.62
C ASP F 396 -4.35 -28.39 -69.57
N GLN F 397 -5.37 -28.12 -70.38
CA GLN F 397 -5.33 -27.04 -71.34
C GLN F 397 -5.21 -25.68 -70.67
N VAL F 398 -6.13 -25.35 -69.76
CA VAL F 398 -6.12 -24.05 -69.08
C VAL F 398 -4.88 -23.89 -68.21
N LEU F 399 -4.39 -24.99 -67.64
CA LEU F 399 -3.18 -24.97 -66.80
C LEU F 399 -1.99 -24.59 -67.67
N ARG F 400 -1.85 -25.20 -68.86
CA ARG F 400 -0.76 -24.85 -69.78
C ARG F 400 -0.84 -23.39 -70.17
N TRP F 401 -2.04 -22.91 -70.49
CA TRP F 401 -2.21 -21.50 -70.87
C TRP F 401 -1.85 -20.54 -69.75
N ALA F 402 -2.34 -20.83 -68.55
CA ALA F 402 -2.06 -19.98 -67.39
C ALA F 402 -0.57 -19.91 -67.11
N ASN F 403 0.11 -21.06 -67.21
CA ASN F 403 1.56 -21.14 -66.98
C ASN F 403 2.41 -20.65 -68.14
N ASP F 404 1.86 -20.60 -69.35
CA ASP F 404 2.61 -20.10 -70.51
C ASP F 404 2.48 -18.58 -70.53
N SER F 405 2.95 -17.96 -69.47
CA SER F 405 2.89 -16.53 -69.29
C SER F 405 4.18 -16.02 -68.70
N ARG F 406 4.56 -14.81 -69.12
CA ARG F 406 5.75 -14.14 -68.62
C ARG F 406 5.51 -13.68 -67.19
N TYR F 407 4.25 -13.48 -66.84
CA TYR F 407 3.84 -13.06 -65.51
C TYR F 407 3.64 -14.25 -64.56
N GLY F 408 3.66 -13.98 -63.26
CA GLY F 408 3.47 -15.02 -62.25
C GLY F 408 3.19 -14.46 -60.86
N LEU F 409 2.38 -13.42 -60.77
CA LEU F 409 2.09 -12.79 -59.47
C LEU F 409 0.90 -13.36 -58.69
N ALA F 410 -0.29 -13.31 -59.27
CA ALA F 410 -1.52 -13.80 -58.62
C ALA F 410 -2.43 -14.53 -59.60
N SER F 411 -3.40 -15.25 -59.05
CA SER F 411 -4.35 -16.02 -59.84
C SER F 411 -5.47 -16.52 -58.96
N SER F 412 -6.58 -16.94 -59.58
CA SER F 412 -7.70 -17.49 -58.82
C SER F 412 -8.37 -18.60 -59.60
N VAL F 413 -8.89 -19.57 -58.87
CA VAL F 413 -9.60 -20.70 -59.45
C VAL F 413 -10.98 -20.73 -58.80
N TRP F 414 -12.00 -20.79 -59.64
CA TRP F 414 -13.38 -20.82 -59.18
C TRP F 414 -13.95 -22.17 -59.54
N THR F 415 -14.16 -22.99 -58.52
CA THR F 415 -14.68 -24.36 -58.67
C THR F 415 -15.14 -24.87 -57.31
N GLN F 416 -16.04 -25.84 -57.32
CA GLN F 416 -16.54 -26.44 -56.08
C GLN F 416 -15.87 -27.76 -55.73
N ASP F 417 -15.13 -28.32 -56.69
CA ASP F 417 -14.45 -29.61 -56.52
C ASP F 417 -13.20 -29.45 -55.66
N VAL F 418 -13.17 -30.14 -54.51
CA VAL F 418 -12.03 -30.08 -53.58
C VAL F 418 -10.76 -30.55 -54.27
N GLY F 419 -10.87 -31.68 -54.98
CA GLY F 419 -9.74 -32.26 -55.69
C GLY F 419 -9.15 -31.28 -56.67
N ARG F 420 -10.01 -30.76 -57.56
CA ARG F 420 -9.58 -29.79 -58.58
C ARG F 420 -8.93 -28.53 -57.98
N ALA F 421 -9.56 -27.96 -56.94
CA ALA F 421 -9.05 -26.77 -56.29
C ALA F 421 -7.59 -26.92 -55.85
N HIS F 422 -7.30 -28.03 -55.16
CA HIS F 422 -5.93 -28.30 -54.69
C HIS F 422 -4.96 -28.75 -55.74
N ARG F 423 -5.46 -29.50 -56.72
CA ARG F 423 -4.66 -30.01 -57.80
C ARG F 423 -4.12 -28.83 -58.64
N LEU F 424 -4.98 -27.85 -58.94
CA LEU F 424 -4.56 -26.67 -59.72
C LEU F 424 -3.73 -25.67 -58.95
N SER F 425 -4.11 -25.40 -57.70
CA SER F 425 -3.37 -24.43 -56.90
C SER F 425 -1.94 -24.91 -56.64
N ALA F 426 -1.74 -26.23 -56.65
CA ALA F 426 -0.42 -26.81 -56.44
C ALA F 426 0.45 -26.66 -57.69
N ARG F 427 -0.21 -26.63 -58.85
CA ARG F 427 0.48 -26.56 -60.14
C ARG F 427 0.54 -25.20 -60.82
N LEU F 428 -0.21 -24.22 -60.34
CA LEU F 428 -0.15 -22.88 -60.95
C LEU F 428 1.18 -22.21 -60.63
N GLN F 429 1.69 -21.49 -61.61
CA GLN F 429 2.97 -20.82 -61.44
C GLN F 429 2.75 -19.33 -61.17
N TYR F 430 2.11 -19.08 -60.03
CA TYR F 430 1.77 -17.75 -59.54
C TYR F 430 2.07 -17.70 -58.06
N GLY F 431 2.65 -16.59 -57.62
CA GLY F 431 3.00 -16.41 -56.23
C GLY F 431 1.81 -16.51 -55.30
N CYS F 432 0.62 -16.38 -55.86
CA CYS F 432 -0.60 -16.42 -55.10
C CYS F 432 -1.75 -17.03 -55.88
N THR F 433 -2.54 -17.88 -55.21
CA THR F 433 -3.70 -18.51 -55.83
C THR F 433 -4.88 -18.51 -54.87
N TRP F 434 -5.94 -17.82 -55.24
CA TRP F 434 -7.15 -17.76 -54.44
C TRP F 434 -8.12 -18.78 -55.00
N ILE F 435 -8.96 -19.33 -54.13
CA ILE F 435 -9.96 -20.30 -54.55
C ILE F 435 -11.34 -19.75 -54.17
N ASN F 436 -12.19 -19.55 -55.18
CA ASN F 436 -13.55 -19.02 -55.01
C ASN F 436 -13.60 -17.60 -54.42
N THR F 437 -12.56 -16.83 -54.71
CA THR F 437 -12.41 -15.44 -54.31
C THR F 437 -11.22 -14.90 -55.10
N HIS F 438 -10.81 -13.66 -54.84
CA HIS F 438 -9.70 -13.06 -55.56
C HIS F 438 -9.37 -11.74 -54.90
N PHE F 439 -8.14 -11.28 -55.07
CA PHE F 439 -7.72 -9.97 -54.60
C PHE F 439 -7.54 -9.80 -53.08
N MET F 440 -7.90 -10.80 -52.29
CA MET F 440 -7.77 -10.69 -50.82
C MET F 440 -6.33 -10.81 -50.31
N LEU F 441 -5.83 -9.77 -49.67
CA LEU F 441 -4.47 -9.76 -49.11
C LEU F 441 -4.46 -9.52 -47.62
N VAL F 442 -3.52 -10.15 -46.93
CA VAL F 442 -3.37 -10.00 -45.46
C VAL F 442 -1.90 -9.83 -45.12
N SER F 443 -1.62 -8.98 -44.12
CA SER F 443 -0.25 -8.67 -43.69
C SER F 443 0.62 -9.89 -43.36
N GLU F 444 0.01 -10.94 -42.80
CA GLU F 444 0.75 -12.15 -42.41
C GLU F 444 1.23 -12.98 -43.58
N MET F 445 0.50 -12.94 -44.70
CA MET F 445 0.82 -13.74 -45.89
C MET F 445 1.63 -12.99 -46.97
N PRO F 446 2.62 -13.67 -47.57
CA PRO F 446 3.51 -13.12 -48.60
C PRO F 446 2.83 -12.79 -49.91
N HIS F 447 3.31 -11.74 -50.56
CA HIS F 447 2.80 -11.27 -51.84
C HIS F 447 4.01 -10.96 -52.69
N GLY F 448 4.20 -11.76 -53.73
CA GLY F 448 5.33 -11.58 -54.63
C GLY F 448 5.21 -12.44 -55.86
N GLY F 449 5.85 -11.98 -56.94
CA GLY F 449 5.79 -12.67 -58.21
C GLY F 449 6.83 -13.74 -58.52
N GLN F 450 6.63 -14.34 -59.68
CA GLN F 450 7.43 -15.39 -60.25
C GLN F 450 7.72 -14.96 -61.69
N LYS F 451 8.84 -15.43 -62.24
CA LYS F 451 9.25 -15.12 -63.63
C LYS F 451 9.49 -13.62 -63.83
N GLN F 452 8.83 -13.01 -64.82
CA GLN F 452 8.99 -11.57 -65.10
C GLN F 452 8.20 -10.65 -64.16
N SER F 453 7.41 -11.23 -63.26
CA SER F 453 6.66 -10.44 -62.27
C SER F 453 7.59 -10.05 -61.13
N GLY F 454 8.81 -10.59 -61.15
CA GLY F 454 9.82 -10.32 -60.15
C GLY F 454 10.18 -11.43 -59.21
N TYR F 455 10.79 -11.03 -58.10
CA TYR F 455 11.24 -11.91 -57.02
C TYR F 455 11.29 -11.10 -55.74
N GLY F 456 11.25 -11.79 -54.59
CA GLY F 456 11.26 -11.11 -53.30
C GLY F 456 9.81 -10.86 -52.95
N LYS F 457 9.50 -10.81 -51.66
CA LYS F 457 8.10 -10.62 -51.26
C LYS F 457 7.76 -9.43 -50.36
N ASP F 458 6.52 -8.98 -50.50
CA ASP F 458 5.97 -7.88 -49.72
C ASP F 458 5.07 -8.50 -48.67
N MET F 459 5.12 -7.96 -47.45
CA MET F 459 4.33 -8.48 -46.31
C MET F 459 4.86 -9.84 -45.82
N SER F 460 4.37 -10.27 -44.65
CA SER F 460 4.76 -11.54 -43.98
C SER F 460 6.19 -11.54 -43.44
N LEU F 461 6.55 -12.62 -42.74
CA LEU F 461 7.90 -12.78 -42.22
C LEU F 461 8.91 -12.88 -43.35
N TYR F 462 8.45 -13.40 -44.50
CA TYR F 462 9.30 -13.56 -45.67
C TYR F 462 9.69 -12.20 -46.22
N GLY F 463 8.77 -11.23 -46.06
CA GLY F 463 8.98 -9.87 -46.51
C GLY F 463 10.08 -9.20 -45.69
N LEU F 464 10.14 -9.56 -44.42
CA LEU F 464 11.14 -8.99 -43.52
C LEU F 464 12.49 -9.65 -43.74
N GLU F 465 12.48 -10.95 -44.04
CA GLU F 465 13.71 -11.71 -44.27
C GLU F 465 14.50 -11.21 -45.48
N ASP F 466 13.79 -10.67 -46.47
CA ASP F 466 14.45 -10.13 -47.67
C ASP F 466 15.33 -8.91 -47.37
N TYR F 467 15.10 -8.29 -46.22
CA TYR F 467 15.86 -7.11 -45.80
C TYR F 467 16.91 -7.42 -44.73
N THR F 468 17.18 -8.71 -44.54
CA THR F 468 18.18 -9.16 -43.57
C THR F 468 19.28 -9.96 -44.25
N LEU F 469 20.36 -10.21 -43.52
CA LEU F 469 21.49 -10.98 -44.02
C LEU F 469 21.77 -12.12 -43.07
N VAL F 470 21.62 -13.35 -43.53
CA VAL F 470 21.92 -14.52 -42.70
C VAL F 470 23.43 -14.55 -42.51
N ARG F 471 23.90 -14.71 -41.27
CA ARG F 471 25.32 -14.75 -40.99
C ARG F 471 25.66 -15.89 -40.06
N HIS F 472 26.75 -16.57 -40.35
CA HIS F 472 27.19 -17.72 -39.55
C HIS F 472 28.40 -17.37 -38.72
N ILE F 473 28.22 -17.44 -37.40
CA ILE F 473 29.29 -17.16 -36.46
C ILE F 473 29.69 -18.47 -35.79
N MET F 474 30.98 -18.78 -35.83
CA MET F 474 31.48 -20.02 -35.28
C MET F 474 32.65 -19.78 -34.31
N VAL F 475 32.44 -20.17 -33.05
CA VAL F 475 33.44 -20.00 -32.00
C VAL F 475 34.10 -21.32 -31.63
N LYS F 476 35.42 -21.37 -31.65
CA LYS F 476 36.15 -22.58 -31.30
C LYS F 476 36.36 -22.68 -29.80
N HIS F 477 36.04 -23.83 -29.21
CA HIS F 477 36.25 -24.03 -27.77
C HIS F 477 37.73 -24.21 -27.47
N GLN G 5 -14.08 -2.64 -2.34
CA GLN G 5 -13.65 -4.03 -2.29
C GLN G 5 -13.45 -4.43 -3.73
N TYR G 6 -12.37 -5.13 -4.03
CA TYR G 6 -12.10 -5.60 -5.39
C TYR G 6 -13.02 -6.76 -5.78
N GLN G 7 -13.42 -6.76 -7.04
CA GLN G 7 -14.33 -7.75 -7.59
C GLN G 7 -13.67 -8.77 -8.51
N LEU G 8 -14.43 -9.81 -8.86
CA LEU G 8 -13.99 -10.87 -9.74
C LEU G 8 -14.53 -10.61 -11.13
N LEU G 9 -13.83 -11.10 -12.14
CA LEU G 9 -14.27 -10.94 -13.52
C LEU G 9 -14.76 -12.29 -14.05
N ILE G 10 -16.07 -12.42 -14.20
CA ILE G 10 -16.69 -13.64 -14.71
C ILE G 10 -17.66 -13.28 -15.84
N ASN G 11 -17.41 -13.89 -17.01
CA ASN G 11 -18.22 -13.69 -18.21
C ASN G 11 -18.49 -12.20 -18.54
N GLY G 12 -17.41 -11.40 -18.54
CA GLY G 12 -17.46 -9.97 -18.85
C GLY G 12 -18.14 -9.08 -17.83
N VAL G 13 -18.45 -9.64 -16.67
CA VAL G 13 -19.12 -8.91 -15.60
C VAL G 13 -18.30 -8.97 -14.31
N LEU G 14 -18.30 -7.86 -13.56
CA LEU G 14 -17.58 -7.79 -12.29
C LEU G 14 -18.57 -8.16 -11.17
N VAL G 15 -18.21 -9.18 -10.38
CA VAL G 15 -19.05 -9.66 -9.28
C VAL G 15 -18.28 -9.86 -7.98
N ASP G 16 -19.00 -9.80 -6.86
CA ASP G 16 -18.42 -10.02 -5.54
C ASP G 16 -18.30 -11.52 -5.31
N GLY G 17 -17.20 -11.94 -4.69
CA GLY G 17 -17.01 -13.34 -4.37
C GLY G 17 -18.02 -13.82 -3.35
N GLU G 18 -18.55 -15.03 -3.55
CA GLU G 18 -19.54 -15.59 -2.64
C GLU G 18 -18.86 -16.41 -1.54
N GLY G 19 -17.55 -16.64 -1.69
CA GLY G 19 -16.77 -17.42 -0.73
C GLY G 19 -16.38 -16.66 0.52
N GLU G 20 -15.48 -17.26 1.30
CA GLU G 20 -15.01 -16.68 2.56
C GLU G 20 -14.06 -15.50 2.38
N ARG G 21 -14.16 -14.52 3.27
CA ARG G 21 -13.31 -13.32 3.24
C ARG G 21 -11.88 -13.68 3.58
N GLN G 22 -10.94 -13.13 2.82
CA GLN G 22 -9.53 -13.42 3.03
C GLN G 22 -8.82 -12.08 3.18
N SER G 23 -7.95 -11.97 4.16
CA SER G 23 -7.22 -10.71 4.38
C SER G 23 -5.89 -10.65 3.63
N VAL G 24 -5.65 -9.49 2.99
CA VAL G 24 -4.44 -9.24 2.21
C VAL G 24 -3.53 -8.29 2.98
N TYR G 25 -2.31 -8.73 3.26
CA TYR G 25 -1.32 -7.97 4.03
C TYR G 25 -0.33 -7.11 3.24
N ASN G 26 0.23 -6.13 3.94
CA ASN G 26 1.27 -5.24 3.42
C ASN G 26 2.51 -5.74 4.13
N PRO G 27 3.36 -6.50 3.42
CA PRO G 27 4.58 -7.09 3.96
C PRO G 27 5.58 -6.12 4.58
N ALA G 28 5.53 -4.86 4.17
CA ALA G 28 6.45 -3.86 4.71
C ALA G 28 6.02 -3.37 6.09
N THR G 29 4.72 -3.36 6.36
CA THR G 29 4.19 -2.89 7.65
C THR G 29 3.60 -4.01 8.50
N GLY G 30 3.34 -5.17 7.89
CA GLY G 30 2.76 -6.32 8.60
C GLY G 30 1.27 -6.16 8.87
N GLU G 31 0.73 -5.02 8.43
CA GLU G 31 -0.69 -4.66 8.60
C GLU G 31 -1.55 -5.19 7.46
N VAL G 32 -2.85 -5.27 7.69
CA VAL G 32 -3.78 -5.75 6.68
C VAL G 32 -4.22 -4.56 5.83
N ILE G 33 -4.11 -4.71 4.51
CA ILE G 33 -4.51 -3.68 3.54
C ILE G 33 -6.02 -3.70 3.34
N LEU G 34 -6.53 -4.87 2.95
CA LEU G 34 -7.95 -5.07 2.67
C LEU G 34 -8.37 -6.51 2.94
N GLU G 35 -9.67 -6.76 2.80
CA GLU G 35 -10.25 -8.07 2.99
C GLU G 35 -11.08 -8.30 1.71
N ILE G 36 -10.80 -9.38 1.00
CA ILE G 36 -11.50 -9.70 -0.25
C ILE G 36 -12.23 -11.04 -0.12
N ALA G 37 -13.43 -11.10 -0.66
CA ALA G 37 -14.22 -12.33 -0.64
C ALA G 37 -13.81 -13.24 -1.79
N GLU G 38 -13.49 -14.50 -1.46
CA GLU G 38 -13.09 -15.51 -2.45
C GLU G 38 -14.20 -15.93 -3.37
N ALA G 39 -13.83 -16.64 -4.44
CA ALA G 39 -14.79 -17.16 -5.38
C ALA G 39 -15.36 -18.42 -4.77
N SER G 40 -16.66 -18.62 -4.90
CA SER G 40 -17.30 -19.82 -4.38
C SER G 40 -17.12 -20.93 -5.43
N PRO G 41 -17.21 -22.21 -5.01
CA PRO G 41 -17.08 -23.31 -5.98
C PRO G 41 -18.02 -23.19 -7.19
N ALA G 42 -19.19 -22.59 -6.98
CA ALA G 42 -20.18 -22.37 -8.05
C ALA G 42 -19.69 -21.30 -9.02
N GLN G 43 -19.02 -20.27 -8.50
CA GLN G 43 -18.47 -19.18 -9.31
C GLN G 43 -17.27 -19.65 -10.15
N VAL G 44 -16.48 -20.57 -9.60
CA VAL G 44 -15.33 -21.13 -10.32
C VAL G 44 -15.88 -21.93 -11.50
N ASP G 45 -16.99 -22.64 -11.27
CA ASP G 45 -17.65 -23.42 -12.31
C ASP G 45 -18.20 -22.44 -13.35
N ALA G 46 -18.90 -21.38 -12.87
CA ALA G 46 -19.46 -20.35 -13.75
C ALA G 46 -18.40 -19.71 -14.65
N ALA G 47 -17.21 -19.50 -14.09
CA ALA G 47 -16.10 -18.92 -14.83
C ALA G 47 -15.62 -19.84 -15.94
N VAL G 48 -15.50 -21.14 -15.64
CA VAL G 48 -15.07 -22.14 -16.62
C VAL G 48 -16.14 -22.31 -17.71
N GLN G 49 -17.41 -22.30 -17.33
CA GLN G 49 -18.52 -22.41 -18.28
C GLN G 49 -18.49 -21.22 -19.23
N ALA G 50 -18.24 -20.03 -18.67
CA ALA G 50 -18.17 -18.79 -19.45
C ALA G 50 -17.07 -18.87 -20.51
N ALA G 51 -15.92 -19.41 -20.11
CA ALA G 51 -14.78 -19.56 -20.99
C ALA G 51 -15.07 -20.59 -22.06
N ASP G 52 -15.67 -21.71 -21.67
CA ASP G 52 -16.01 -22.78 -22.59
C ASP G 52 -16.96 -22.32 -23.70
N ASN G 53 -17.97 -21.53 -23.33
CA ASN G 53 -18.94 -20.99 -24.29
C ASN G 53 -18.30 -19.95 -25.20
N ALA G 54 -17.47 -19.09 -24.63
CA ALA G 54 -16.80 -18.03 -25.37
C ALA G 54 -15.81 -18.55 -26.40
N PHE G 55 -15.30 -19.76 -26.17
CA PHE G 55 -14.30 -20.39 -27.07
C PHE G 55 -14.74 -20.64 -28.51
N ALA G 56 -16.00 -21.00 -28.71
CA ALA G 56 -16.53 -21.24 -30.04
C ALA G 56 -16.27 -20.05 -30.96
N GLU G 57 -16.54 -18.85 -30.45
CA GLU G 57 -16.35 -17.62 -31.21
C GLU G 57 -14.90 -17.14 -31.20
N TRP G 58 -14.32 -17.07 -29.99
CA TRP G 58 -12.94 -16.59 -29.79
C TRP G 58 -11.84 -17.40 -30.48
N GLY G 59 -12.02 -18.72 -30.55
CA GLY G 59 -11.05 -19.60 -31.21
C GLY G 59 -10.99 -19.44 -32.71
N GLN G 60 -12.01 -18.79 -33.29
CA GLN G 60 -12.07 -18.58 -34.74
C GLN G 60 -11.62 -17.18 -35.15
N THR G 61 -11.31 -16.33 -34.17
CA THR G 61 -10.85 -14.98 -34.47
C THR G 61 -9.50 -15.06 -35.18
N THR G 62 -9.20 -14.05 -35.99
CA THR G 62 -7.95 -13.99 -36.72
C THR G 62 -6.81 -13.56 -35.79
N PRO G 63 -5.57 -13.96 -36.11
CA PRO G 63 -4.46 -13.51 -35.28
C PRO G 63 -4.44 -11.98 -35.21
N LYS G 64 -4.87 -11.31 -36.28
CA LYS G 64 -4.92 -9.85 -36.33
C LYS G 64 -5.85 -9.31 -35.25
N ALA G 65 -7.05 -9.88 -35.15
CA ALA G 65 -8.05 -9.47 -34.17
C ALA G 65 -7.53 -9.61 -32.74
N ARG G 66 -6.81 -10.71 -32.49
CA ARG G 66 -6.25 -10.99 -31.17
C ARG G 66 -5.11 -10.04 -30.85
N ALA G 67 -4.28 -9.76 -31.85
CA ALA G 67 -3.14 -8.84 -31.70
C ALA G 67 -3.67 -7.47 -31.28
N GLU G 68 -4.78 -7.06 -31.87
CA GLU G 68 -5.41 -5.78 -31.58
C GLU G 68 -5.92 -5.68 -30.14
N CYS G 69 -6.39 -6.81 -29.60
CA CYS G 69 -6.88 -6.83 -28.22
C CYS G 69 -5.69 -6.68 -27.26
N LEU G 70 -4.61 -7.43 -27.54
CA LEU G 70 -3.42 -7.38 -26.71
C LEU G 70 -2.75 -6.01 -26.72
N LEU G 71 -2.70 -5.37 -27.90
CA LEU G 71 -2.11 -4.04 -28.01
C LEU G 71 -2.93 -3.03 -27.23
N LYS G 72 -4.25 -3.21 -27.26
CA LYS G 72 -5.18 -2.33 -26.57
C LYS G 72 -5.02 -2.52 -25.05
N LEU G 73 -4.81 -3.78 -24.64
CA LEU G 73 -4.61 -4.10 -23.22
C LEU G 73 -3.29 -3.49 -22.72
N ALA G 74 -2.25 -3.60 -23.54
CA ALA G 74 -0.92 -3.05 -23.22
C ALA G 74 -1.01 -1.55 -22.99
N ASP G 75 -1.76 -0.85 -23.84
CA ASP G 75 -1.95 0.60 -23.73
C ASP G 75 -2.61 0.95 -22.41
N SER G 76 -3.64 0.20 -22.06
CA SER G 76 -4.39 0.40 -20.83
C SER G 76 -3.47 0.30 -19.61
N ILE G 77 -2.59 -0.69 -19.61
CA ILE G 77 -1.64 -0.90 -18.50
C ILE G 77 -0.61 0.23 -18.45
N GLU G 78 -0.11 0.63 -19.61
CA GLU G 78 0.90 1.70 -19.70
C GLU G 78 0.35 3.04 -19.22
N GLN G 79 -0.92 3.30 -19.53
CA GLN G 79 -1.60 4.53 -19.14
C GLN G 79 -1.88 4.55 -17.63
N ASN G 80 -1.99 3.36 -17.05
CA ASN G 80 -2.23 3.17 -15.62
C ASN G 80 -0.99 2.65 -14.88
N ALA G 81 0.18 2.84 -15.50
CA ALA G 81 1.47 2.38 -14.97
C ALA G 81 1.69 2.73 -13.49
N LEU G 82 1.56 4.02 -13.18
CA LEU G 82 1.77 4.52 -11.82
C LEU G 82 0.89 3.84 -10.78
N GLU G 83 -0.40 3.66 -11.09
CA GLU G 83 -1.36 3.00 -10.17
C GLU G 83 -0.98 1.56 -9.91
N PHE G 84 -0.65 0.81 -10.97
CA PHE G 84 -0.22 -0.58 -10.83
C PHE G 84 1.06 -0.67 -10.00
N ALA G 85 1.98 0.27 -10.23
CA ALA G 85 3.23 0.31 -9.50
C ALA G 85 3.00 0.46 -7.99
N ARG G 86 2.10 1.38 -7.61
CA ARG G 86 1.78 1.60 -6.20
C ARG G 86 1.13 0.36 -5.57
N LEU G 87 0.19 -0.26 -6.28
CA LEU G 87 -0.45 -1.48 -5.77
C LEU G 87 0.53 -2.64 -5.59
N GLU G 88 1.33 -2.90 -6.63
CA GLU G 88 2.30 -3.98 -6.62
C GLU G 88 3.30 -3.77 -5.48
N SER G 89 3.76 -2.53 -5.30
CA SER G 89 4.70 -2.17 -4.26
C SER G 89 4.08 -2.31 -2.86
N GLN G 90 2.84 -1.86 -2.73
CA GLN G 90 2.12 -1.93 -1.46
C GLN G 90 1.84 -3.37 -1.03
N ASN G 91 1.43 -4.19 -2.00
CA ASN G 91 1.07 -5.59 -1.76
C ASN G 91 2.27 -6.55 -1.66
N CYS G 92 3.38 -6.25 -2.35
CA CYS G 92 4.54 -7.15 -2.33
C CYS G 92 5.75 -6.69 -1.53
N GLY G 93 5.84 -5.40 -1.27
CA GLY G 93 6.97 -4.85 -0.52
C GLY G 93 8.12 -4.46 -1.42
N LYS G 94 7.93 -4.63 -2.72
CA LYS G 94 8.92 -4.31 -3.74
C LYS G 94 9.19 -2.81 -3.71
N PRO G 95 10.48 -2.39 -3.74
CA PRO G 95 10.76 -0.95 -3.76
C PRO G 95 10.03 -0.33 -4.95
N LEU G 96 9.25 0.72 -4.69
CA LEU G 96 8.45 1.42 -5.71
C LEU G 96 9.20 1.78 -6.99
N HIS G 97 10.40 2.36 -6.86
CA HIS G 97 11.18 2.77 -8.02
C HIS G 97 11.52 1.61 -8.98
N CYS G 98 11.72 0.41 -8.42
CA CYS G 98 12.01 -0.77 -9.23
C CYS G 98 10.80 -1.20 -10.03
N VAL G 99 9.62 -1.10 -9.42
CA VAL G 99 8.37 -1.48 -10.09
C VAL G 99 8.09 -0.52 -11.25
N ILE G 100 8.24 0.78 -11.02
CA ILE G 100 8.00 1.80 -12.05
C ILE G 100 8.98 1.69 -13.23
N ASN G 101 10.25 1.45 -12.91
CA ASN G 101 11.31 1.37 -13.93
C ASN G 101 11.54 0.01 -14.58
N ASP G 102 11.45 -1.07 -13.79
CA ASP G 102 11.69 -2.42 -14.31
C ASP G 102 10.45 -3.21 -14.69
N GLU G 103 9.61 -3.51 -13.69
CA GLU G 103 8.41 -4.34 -13.88
C GLU G 103 7.31 -3.88 -14.82
N ILE G 104 6.73 -2.71 -14.58
CA ILE G 104 5.64 -2.23 -15.44
C ILE G 104 6.04 -2.20 -16.92
N PRO G 105 7.18 -1.56 -17.28
CA PRO G 105 7.57 -1.57 -18.69
C PRO G 105 7.73 -2.98 -19.25
N ALA G 106 8.25 -3.91 -18.44
CA ALA G 106 8.43 -5.30 -18.84
C ALA G 106 7.08 -5.94 -19.15
N ILE G 107 6.10 -5.71 -18.27
CA ILE G 107 4.73 -6.22 -18.41
C ILE G 107 4.13 -5.71 -19.71
N VAL G 108 4.20 -4.39 -19.90
CA VAL G 108 3.70 -3.74 -21.11
C VAL G 108 4.36 -4.38 -22.34
N ASP G 109 5.68 -4.56 -22.28
CA ASP G 109 6.42 -5.15 -23.38
C ASP G 109 5.98 -6.58 -23.68
N VAL G 110 5.70 -7.36 -22.64
CA VAL G 110 5.26 -8.75 -22.82
C VAL G 110 3.98 -8.80 -23.65
N PHE G 111 3.00 -7.96 -23.32
CA PHE G 111 1.77 -7.93 -24.11
C PHE G 111 2.02 -7.52 -25.55
N ARG G 112 2.82 -6.47 -25.75
CA ARG G 112 3.15 -6.01 -27.10
C ARG G 112 3.87 -7.10 -27.87
N PHE G 113 4.82 -7.78 -27.22
CA PHE G 113 5.54 -8.84 -27.90
C PHE G 113 4.60 -9.92 -28.41
N PHE G 114 3.74 -10.43 -27.52
CA PHE G 114 2.80 -11.46 -27.93
C PHE G 114 1.78 -11.02 -28.95
N ALA G 115 1.45 -9.73 -28.94
CA ALA G 115 0.51 -9.19 -29.91
C ALA G 115 1.14 -9.40 -31.30
N GLY G 116 2.44 -9.17 -31.40
CA GLY G 116 3.16 -9.34 -32.65
C GLY G 116 3.38 -10.82 -32.95
N ALA G 117 3.81 -11.57 -31.94
CA ALA G 117 4.07 -13.00 -32.06
C ALA G 117 2.86 -13.79 -32.53
N ALA G 118 1.67 -13.37 -32.12
CA ALA G 118 0.42 -14.04 -32.50
C ALA G 118 0.25 -14.20 -34.02
N ARG G 119 0.84 -13.28 -34.77
CA ARG G 119 0.73 -13.27 -36.23
C ARG G 119 1.94 -13.89 -36.95
N CYS G 120 2.85 -14.52 -36.19
CA CYS G 120 4.07 -15.10 -36.75
C CYS G 120 4.32 -16.57 -36.44
N LEU G 121 3.26 -17.34 -36.22
CA LEU G 121 3.40 -18.77 -35.91
C LEU G 121 3.99 -19.59 -37.06
N SER G 122 4.87 -20.52 -36.67
CA SER G 122 5.55 -21.41 -37.60
C SER G 122 4.72 -22.62 -37.99
N GLY G 123 5.01 -23.12 -39.18
CA GLY G 123 4.39 -24.33 -39.70
C GLY G 123 5.44 -24.99 -40.56
N LEU G 124 5.04 -26.05 -41.24
CA LEU G 124 5.94 -26.67 -42.20
C LEU G 124 5.39 -26.25 -43.53
N ALA G 125 6.22 -26.31 -44.56
CA ALA G 125 5.78 -25.97 -45.89
C ALA G 125 4.67 -26.92 -46.32
N ALA G 126 3.57 -26.36 -46.81
CA ALA G 126 2.48 -27.17 -47.29
C ALA G 126 2.94 -27.75 -48.64
N GLY G 127 2.49 -28.96 -48.97
CA GLY G 127 2.93 -29.56 -50.20
C GLY G 127 2.54 -31.00 -50.35
N GLU G 128 3.07 -31.66 -51.37
CA GLU G 128 2.77 -33.05 -51.62
C GLU G 128 3.87 -33.96 -51.09
N TYR G 129 3.71 -34.38 -49.83
CA TYR G 129 4.66 -35.28 -49.20
C TYR G 129 4.33 -36.73 -49.59
N LEU G 130 3.10 -36.90 -50.04
CA LEU G 130 2.60 -38.16 -50.55
C LEU G 130 1.95 -37.83 -51.88
N GLU G 131 2.38 -38.51 -52.94
CA GLU G 131 1.87 -38.28 -54.30
C GLU G 131 0.35 -38.13 -54.30
N GLY G 132 -0.13 -37.04 -54.90
CA GLY G 132 -1.55 -36.77 -55.03
C GLY G 132 -2.30 -36.36 -53.77
N HIS G 133 -1.57 -35.83 -52.79
CA HIS G 133 -2.17 -35.38 -51.54
C HIS G 133 -1.49 -34.11 -51.04
N THR G 134 -2.26 -33.07 -50.76
CA THR G 134 -1.70 -31.83 -50.24
C THR G 134 -1.80 -31.84 -48.71
N SER G 135 -0.67 -31.73 -48.03
CA SER G 135 -0.63 -31.69 -46.58
C SER G 135 -0.32 -30.27 -46.15
N MET G 136 -0.89 -29.86 -45.03
CA MET G 136 -0.63 -28.52 -44.50
C MET G 136 -0.63 -28.63 -42.99
N ILE G 137 -0.02 -27.67 -42.32
CA ILE G 137 0.02 -27.68 -40.87
C ILE G 137 -0.52 -26.41 -40.28
N ARG G 138 -1.49 -26.56 -39.39
CA ARG G 138 -2.08 -25.42 -38.71
C ARG G 138 -1.86 -25.50 -37.21
N ARG G 139 -1.82 -24.35 -36.56
CA ARG G 139 -1.67 -24.26 -35.11
C ARG G 139 -2.95 -23.66 -34.54
N ASP G 140 -3.81 -24.51 -34.01
CA ASP G 140 -5.09 -24.07 -33.44
C ASP G 140 -5.05 -23.94 -31.91
N PRO G 141 -5.95 -23.12 -31.35
CA PRO G 141 -5.96 -22.97 -29.89
C PRO G 141 -6.34 -24.27 -29.16
N ILE G 142 -5.89 -24.41 -27.91
CA ILE G 142 -6.17 -25.60 -27.11
C ILE G 142 -7.61 -25.63 -26.58
N GLY G 143 -8.11 -24.50 -26.11
CA GLY G 143 -9.46 -24.41 -25.56
C GLY G 143 -9.46 -23.55 -24.31
N VAL G 144 -10.01 -24.09 -23.23
CA VAL G 144 -10.07 -23.37 -21.95
C VAL G 144 -8.77 -23.61 -21.17
N VAL G 145 -8.14 -22.51 -20.77
CA VAL G 145 -6.88 -22.57 -20.03
C VAL G 145 -7.02 -22.00 -18.62
N ALA G 146 -6.53 -22.76 -17.64
CA ALA G 146 -6.55 -22.34 -16.25
C ALA G 146 -5.13 -21.91 -15.88
N SER G 147 -4.98 -20.66 -15.44
CA SER G 147 -3.68 -20.13 -15.05
C SER G 147 -3.61 -19.80 -13.56
N ILE G 148 -2.55 -20.28 -12.92
CA ILE G 148 -2.31 -20.03 -11.50
C ILE G 148 -1.03 -19.21 -11.40
N ALA G 149 -1.16 -17.97 -10.94
CA ALA G 149 -0.04 -17.05 -10.77
C ALA G 149 0.58 -17.12 -9.37
N PRO G 150 1.91 -16.97 -9.26
CA PRO G 150 2.60 -17.01 -7.97
C PRO G 150 2.60 -15.62 -7.29
N TRP G 151 3.14 -15.56 -6.08
CA TRP G 151 3.17 -14.32 -5.31
C TRP G 151 4.37 -13.41 -5.45
N ASN G 152 5.48 -13.91 -6.02
CA ASN G 152 6.70 -13.11 -6.17
C ASN G 152 6.60 -11.95 -7.18
N TYR G 153 6.03 -12.23 -8.36
CA TYR G 153 5.82 -11.20 -9.40
C TYR G 153 4.38 -11.36 -9.88
N PRO G 154 3.40 -10.95 -9.02
CA PRO G 154 1.97 -11.08 -9.28
C PRO G 154 1.49 -10.63 -10.67
N LEU G 155 1.70 -9.36 -11.00
CA LEU G 155 1.25 -8.85 -12.29
C LEU G 155 2.08 -9.34 -13.47
N MET G 156 3.39 -9.47 -13.29
CA MET G 156 4.26 -9.93 -14.38
C MET G 156 3.96 -11.38 -14.76
N MET G 157 3.88 -12.29 -13.78
CA MET G 157 3.54 -13.68 -14.07
C MET G 157 2.13 -13.81 -14.64
N ALA G 158 1.23 -12.88 -14.27
CA ALA G 158 -0.11 -12.87 -14.80
C ALA G 158 0.02 -12.61 -16.31
N ALA G 159 0.87 -11.64 -16.65
CA ALA G 159 1.12 -11.26 -18.04
C ALA G 159 1.74 -12.43 -18.83
N TRP G 160 2.72 -13.09 -18.21
CA TRP G 160 3.40 -14.25 -18.80
C TRP G 160 2.44 -15.40 -19.11
N LYS G 161 1.32 -15.46 -18.39
CA LYS G 161 0.33 -16.51 -18.61
C LYS G 161 -0.83 -16.10 -19.46
N LEU G 162 -1.23 -14.82 -19.38
CA LEU G 162 -2.34 -14.32 -20.17
C LEU G 162 -1.97 -14.04 -21.61
N ALA G 163 -0.87 -13.31 -21.81
CA ALA G 163 -0.43 -12.94 -23.14
C ALA G 163 -0.37 -14.10 -24.16
N PRO G 164 0.48 -15.12 -23.92
CA PRO G 164 0.52 -16.20 -24.91
C PRO G 164 -0.81 -16.96 -25.05
N ALA G 165 -1.47 -17.24 -23.93
CA ALA G 165 -2.73 -17.97 -23.95
C ALA G 165 -3.78 -17.27 -24.81
N LEU G 166 -3.96 -15.96 -24.60
CA LEU G 166 -4.92 -15.17 -25.35
C LEU G 166 -4.49 -14.98 -26.80
N ALA G 167 -3.20 -14.75 -27.02
CA ALA G 167 -2.66 -14.58 -28.37
C ALA G 167 -2.90 -15.82 -29.22
N ALA G 168 -2.77 -17.00 -28.60
CA ALA G 168 -2.97 -18.27 -29.28
C ALA G 168 -4.45 -18.54 -29.60
N GLY G 169 -5.34 -17.78 -28.97
CA GLY G 169 -6.78 -17.92 -29.20
C GLY G 169 -7.55 -18.74 -28.19
N ASN G 170 -6.99 -18.89 -27.01
CA ASN G 170 -7.61 -19.63 -25.92
C ASN G 170 -8.43 -18.72 -25.03
N CYS G 171 -9.27 -19.33 -24.18
CA CYS G 171 -10.05 -18.58 -23.20
C CYS G 171 -9.39 -18.90 -21.88
N VAL G 172 -9.18 -17.88 -21.07
CA VAL G 172 -8.48 -18.07 -19.81
C VAL G 172 -9.28 -17.78 -18.54
N VAL G 173 -8.98 -18.56 -17.52
CA VAL G 173 -9.54 -18.39 -16.19
C VAL G 173 -8.26 -18.35 -15.35
N ILE G 174 -7.93 -17.18 -14.83
CA ILE G 174 -6.72 -17.01 -14.05
C ILE G 174 -6.99 -16.71 -12.58
N LYS G 175 -6.19 -17.34 -11.71
CA LYS G 175 -6.28 -17.16 -10.27
C LYS G 175 -4.91 -16.69 -9.78
N PRO G 176 -4.82 -15.45 -9.27
CA PRO G 176 -3.53 -15.01 -8.73
C PRO G 176 -3.36 -15.63 -7.35
N SER G 177 -2.19 -15.45 -6.73
CA SER G 177 -1.98 -15.99 -5.39
C SER G 177 -2.87 -15.24 -4.40
N GLU G 178 -3.38 -15.96 -3.39
CA GLU G 178 -4.23 -15.33 -2.39
C GLU G 178 -3.47 -14.25 -1.63
N ILE G 179 -2.15 -14.43 -1.54
CA ILE G 179 -1.25 -13.49 -0.86
C ILE G 179 -1.19 -12.15 -1.61
N THR G 180 -1.13 -12.21 -2.94
CA THR G 180 -1.02 -11.02 -3.78
C THR G 180 -2.06 -10.93 -4.92
N PRO G 181 -3.30 -10.52 -4.61
CA PRO G 181 -4.31 -10.45 -5.68
C PRO G 181 -4.64 -9.07 -6.23
N LEU G 182 -4.20 -8.01 -5.54
CA LEU G 182 -4.51 -6.62 -5.93
C LEU G 182 -4.32 -6.23 -7.41
N THR G 183 -3.11 -6.42 -7.93
CA THR G 183 -2.83 -6.07 -9.33
C THR G 183 -3.65 -6.85 -10.34
N ALA G 184 -3.84 -8.15 -10.09
CA ALA G 184 -4.63 -8.99 -10.99
C ALA G 184 -6.09 -8.55 -11.04
N LEU G 185 -6.66 -8.23 -9.88
CA LEU G 185 -8.05 -7.77 -9.80
C LEU G 185 -8.24 -6.38 -10.39
N LYS G 186 -7.16 -5.59 -10.37
CA LYS G 186 -7.15 -4.23 -10.95
C LYS G 186 -7.15 -4.42 -12.47
N LEU G 187 -6.33 -5.35 -12.95
CA LEU G 187 -6.22 -5.64 -14.38
C LEU G 187 -7.57 -6.11 -14.92
N ALA G 188 -8.28 -6.88 -14.11
CA ALA G 188 -9.60 -7.41 -14.47
C ALA G 188 -10.58 -6.28 -14.80
N VAL G 189 -10.49 -5.17 -14.06
CA VAL G 189 -11.36 -4.02 -14.28
C VAL G 189 -11.07 -3.38 -15.63
N LEU G 190 -9.79 -3.25 -15.96
CA LEU G 190 -9.37 -2.64 -17.22
C LEU G 190 -9.62 -3.52 -18.44
N ALA G 191 -9.30 -4.81 -18.31
CA ALA G 191 -9.46 -5.78 -19.40
C ALA G 191 -10.90 -6.25 -19.65
N LYS G 192 -11.80 -5.90 -18.72
CA LYS G 192 -13.21 -6.26 -18.76
C LYS G 192 -13.83 -6.15 -20.15
N ASP G 193 -13.71 -4.97 -20.76
CA ASP G 193 -14.29 -4.69 -22.07
C ASP G 193 -13.40 -4.93 -23.30
N ILE G 194 -12.12 -5.15 -23.07
CA ILE G 194 -11.16 -5.39 -24.14
C ILE G 194 -11.39 -6.72 -24.86
N PHE G 195 -11.76 -7.75 -24.11
CA PHE G 195 -12.02 -9.07 -24.67
C PHE G 195 -13.51 -9.41 -24.58
N PRO G 196 -14.00 -10.29 -25.49
CA PRO G 196 -15.42 -10.67 -25.44
C PRO G 196 -15.75 -11.37 -24.12
N PRO G 197 -16.98 -11.20 -23.61
CA PRO G 197 -17.38 -11.82 -22.35
C PRO G 197 -17.03 -13.31 -22.27
N GLY G 198 -16.33 -13.70 -21.21
CA GLY G 198 -15.93 -15.09 -21.01
C GLY G 198 -14.53 -15.45 -21.48
N VAL G 199 -13.97 -14.66 -22.38
CA VAL G 199 -12.61 -14.90 -22.91
C VAL G 199 -11.57 -14.77 -21.79
N LEU G 200 -11.74 -13.77 -20.92
CA LEU G 200 -10.85 -13.53 -19.80
C LEU G 200 -11.65 -13.54 -18.49
N ASN G 201 -11.23 -14.41 -17.58
CA ASN G 201 -11.89 -14.56 -16.29
C ASN G 201 -10.86 -14.49 -15.18
N VAL G 202 -11.10 -13.60 -14.21
CA VAL G 202 -10.18 -13.45 -13.09
C VAL G 202 -10.88 -13.82 -11.78
N LEU G 203 -10.37 -14.86 -11.13
CA LEU G 203 -10.90 -15.34 -9.87
C LEU G 203 -9.92 -15.04 -8.74
N PHE G 204 -10.37 -15.29 -7.51
CA PHE G 204 -9.55 -15.09 -6.31
C PHE G 204 -9.82 -16.11 -5.23
N GLY G 205 -8.77 -16.55 -4.55
CA GLY G 205 -8.89 -17.54 -3.48
C GLY G 205 -7.69 -18.43 -3.25
N ARG G 206 -7.74 -19.19 -2.15
CA ARG G 206 -6.66 -20.10 -1.79
C ARG G 206 -6.64 -21.32 -2.66
N GLY G 207 -5.46 -21.92 -2.80
CA GLY G 207 -5.25 -23.10 -3.64
C GLY G 207 -6.11 -24.29 -3.26
N GLN G 208 -6.51 -24.36 -1.98
CA GLN G 208 -7.35 -25.47 -1.49
C GLN G 208 -8.81 -25.35 -1.89
N THR G 209 -9.36 -24.15 -1.75
CA THR G 209 -10.78 -23.90 -2.08
C THR G 209 -11.08 -23.55 -3.54
N VAL G 210 -10.32 -22.62 -4.11
CA VAL G 210 -10.55 -22.18 -5.48
C VAL G 210 -9.66 -22.91 -6.50
N GLY G 211 -8.36 -22.92 -6.24
CA GLY G 211 -7.37 -23.55 -7.11
C GLY G 211 -7.67 -25.00 -7.52
N ASP G 212 -8.00 -25.83 -6.53
CA ASP G 212 -8.31 -27.25 -6.79
C ASP G 212 -9.58 -27.45 -7.60
N VAL G 213 -10.58 -26.60 -7.38
CA VAL G 213 -11.84 -26.69 -8.12
C VAL G 213 -11.59 -26.32 -9.58
N LEU G 214 -10.75 -25.30 -9.80
CA LEU G 214 -10.41 -24.82 -11.13
C LEU G 214 -9.57 -25.79 -11.94
N THR G 215 -8.45 -26.25 -11.38
CA THR G 215 -7.55 -27.18 -12.05
C THR G 215 -8.15 -28.56 -12.29
N GLY G 216 -9.09 -28.95 -11.44
CA GLY G 216 -9.73 -30.24 -11.56
C GLY G 216 -10.97 -30.26 -12.42
N HIS G 217 -11.42 -29.09 -12.87
CA HIS G 217 -12.63 -28.98 -13.68
C HIS G 217 -12.49 -29.76 -15.00
N GLU G 218 -13.53 -30.50 -15.36
CA GLU G 218 -13.53 -31.32 -16.59
C GLU G 218 -13.37 -30.55 -17.90
N LYS G 219 -13.86 -29.32 -17.94
CA LYS G 219 -13.77 -28.49 -19.16
C LYS G 219 -12.46 -27.71 -19.36
N VAL G 220 -11.58 -27.76 -18.37
CA VAL G 220 -10.29 -27.09 -18.47
C VAL G 220 -9.37 -28.04 -19.25
N ARG G 221 -8.88 -27.57 -20.39
CA ARG G 221 -8.01 -28.40 -21.24
C ARG G 221 -6.53 -28.33 -20.86
N MET G 222 -6.09 -27.18 -20.33
CA MET G 222 -4.71 -26.99 -19.96
C MET G 222 -4.56 -26.17 -18.67
N VAL G 223 -3.56 -26.52 -17.87
CA VAL G 223 -3.26 -25.84 -16.62
C VAL G 223 -1.81 -25.36 -16.62
N SER G 224 -1.60 -24.04 -16.54
CA SER G 224 -0.26 -23.48 -16.46
C SER G 224 -0.04 -22.96 -15.04
N LEU G 225 1.02 -23.47 -14.43
CA LEU G 225 1.40 -23.12 -13.07
C LEU G 225 2.82 -22.61 -12.88
N THR G 226 2.95 -21.73 -11.89
CA THR G 226 4.21 -21.17 -11.46
C THR G 226 4.10 -21.14 -9.93
N GLY G 227 5.01 -21.85 -9.27
CA GLY G 227 5.03 -21.95 -7.81
C GLY G 227 6.21 -22.77 -7.35
N SER G 228 6.03 -23.45 -6.22
CA SER G 228 7.09 -24.28 -5.65
C SER G 228 6.92 -25.73 -6.13
N ILE G 229 7.92 -26.58 -5.85
CA ILE G 229 7.89 -28.00 -6.23
C ILE G 229 6.74 -28.72 -5.50
N ALA G 230 6.42 -28.23 -4.30
CA ALA G 230 5.34 -28.78 -3.47
C ALA G 230 3.94 -28.58 -4.09
N THR G 231 3.60 -27.33 -4.43
CA THR G 231 2.30 -27.01 -5.03
C THR G 231 2.17 -27.54 -6.47
N GLY G 232 3.33 -27.79 -7.10
CA GLY G 232 3.39 -28.31 -8.46
C GLY G 232 3.11 -29.81 -8.52
N GLU G 233 3.62 -30.53 -7.52
CA GLU G 233 3.42 -31.98 -7.38
C GLU G 233 1.96 -32.27 -7.13
N HIS G 234 1.34 -31.41 -6.31
CA HIS G 234 -0.06 -31.51 -5.92
C HIS G 234 -1.00 -31.41 -7.13
N ILE G 235 -0.76 -30.42 -8.00
CA ILE G 235 -1.58 -30.20 -9.20
C ILE G 235 -1.36 -31.25 -10.30
N LEU G 236 -0.11 -31.69 -10.47
CA LEU G 236 0.22 -32.68 -11.51
C LEU G 236 -0.38 -34.07 -11.25
N ARG G 237 -0.58 -34.41 -9.97
CA ARG G 237 -1.15 -35.70 -9.59
C ARG G 237 -2.68 -35.61 -9.43
N HIS G 238 -3.18 -34.37 -9.42
CA HIS G 238 -4.60 -34.06 -9.29
C HIS G 238 -5.26 -34.05 -10.67
N THR G 239 -4.50 -33.62 -11.69
CA THR G 239 -4.97 -33.54 -13.08
C THR G 239 -4.58 -34.77 -13.91
N ALA G 240 -3.83 -35.69 -13.30
CA ALA G 240 -3.35 -36.92 -13.94
C ALA G 240 -4.43 -37.85 -14.55
N PRO G 241 -5.58 -38.05 -13.84
CA PRO G 241 -6.61 -38.92 -14.45
C PRO G 241 -7.31 -38.33 -15.68
N ALA G 242 -7.34 -37.00 -15.79
CA ALA G 242 -7.98 -36.29 -16.90
C ALA G 242 -7.07 -36.19 -18.14
N ILE G 243 -5.79 -36.51 -17.95
CA ILE G 243 -4.75 -36.48 -19.01
C ILE G 243 -4.63 -35.08 -19.65
N LYS G 244 -4.73 -34.07 -18.78
CA LYS G 244 -4.66 -32.65 -19.15
C LYS G 244 -3.20 -32.32 -19.45
N ARG G 245 -3.01 -31.32 -20.28
CA ARG G 245 -1.64 -30.91 -20.59
C ARG G 245 -1.26 -29.78 -19.66
N THR G 246 -0.02 -29.83 -19.16
CA THR G 246 0.48 -28.83 -18.21
C THR G 246 1.65 -27.99 -18.72
N HIS G 247 1.90 -26.89 -18.00
CA HIS G 247 2.96 -25.94 -18.26
C HIS G 247 3.47 -25.62 -16.87
N MET G 248 4.64 -26.18 -16.52
CA MET G 248 5.21 -26.02 -15.18
C MET G 248 6.44 -25.12 -15.06
N GLU G 249 6.40 -24.23 -14.07
CA GLU G 249 7.48 -23.32 -13.71
C GLU G 249 7.59 -23.52 -12.21
N LEU G 250 8.56 -24.32 -11.78
CA LEU G 250 8.68 -24.67 -10.37
C LEU G 250 9.98 -24.28 -9.62
N GLY G 251 10.36 -23.00 -9.75
CA GLY G 251 11.54 -22.48 -9.09
C GLY G 251 12.86 -23.05 -9.57
N GLY G 252 13.93 -22.71 -8.85
CA GLY G 252 15.26 -23.18 -9.19
C GLY G 252 16.32 -22.69 -8.23
N LYS G 253 17.50 -23.27 -8.35
CA LYS G 253 18.63 -22.91 -7.53
C LYS G 253 19.73 -22.57 -8.54
N ALA G 254 19.63 -21.38 -9.14
CA ALA G 254 20.58 -20.90 -10.15
C ALA G 254 22.04 -20.85 -9.72
N PRO G 255 22.91 -21.65 -10.37
CA PRO G 255 24.32 -21.61 -10.00
C PRO G 255 25.07 -20.45 -10.68
N VAL G 256 26.03 -19.90 -9.97
CA VAL G 256 26.86 -18.82 -10.47
C VAL G 256 28.27 -19.38 -10.43
N ILE G 257 28.80 -19.74 -11.59
CA ILE G 257 30.13 -20.34 -11.69
C ILE G 257 31.19 -19.29 -12.01
N VAL G 258 32.09 -19.07 -11.06
CA VAL G 258 33.14 -18.06 -11.21
C VAL G 258 34.55 -18.67 -11.32
N PHE G 259 35.25 -18.37 -12.42
CA PHE G 259 36.63 -18.87 -12.63
C PHE G 259 37.66 -17.81 -12.27
N ASP G 260 38.91 -18.24 -12.02
CA ASP G 260 40.03 -17.33 -11.65
C ASP G 260 40.13 -16.16 -12.59
N ASP G 261 39.81 -16.49 -13.82
CA ASP G 261 39.78 -15.66 -14.99
C ASP G 261 38.79 -14.48 -14.93
N ALA G 262 37.76 -14.61 -14.10
CA ALA G 262 36.67 -13.61 -13.98
C ALA G 262 37.01 -12.26 -13.37
N ASP G 263 36.16 -11.27 -13.68
CA ASP G 263 36.26 -9.92 -13.14
C ASP G 263 35.51 -9.96 -11.82
N LEU G 264 36.25 -10.10 -10.72
CA LEU G 264 35.65 -10.22 -9.38
C LEU G 264 34.72 -9.09 -8.95
N ASP G 265 35.06 -7.84 -9.30
CA ASP G 265 34.21 -6.69 -8.96
C ASP G 265 32.88 -6.74 -9.69
N ALA G 266 32.90 -7.20 -10.93
CA ALA G 266 31.70 -7.34 -11.74
C ALA G 266 30.81 -8.46 -11.19
N VAL G 267 31.44 -9.50 -10.63
CA VAL G 267 30.70 -10.62 -10.04
C VAL G 267 30.02 -10.12 -8.78
N ALA G 268 30.79 -9.44 -7.94
CA ALA G 268 30.30 -8.89 -6.67
C ALA G 268 29.10 -7.96 -6.88
N GLN G 269 29.21 -7.07 -7.87
CA GLN G 269 28.13 -6.13 -8.19
C GLN G 269 26.90 -6.88 -8.71
N GLY G 270 27.15 -7.91 -9.51
CA GLY G 270 26.10 -8.73 -10.09
C GLY G 270 25.33 -9.50 -9.02
N VAL G 271 26.07 -10.15 -8.13
CA VAL G 271 25.45 -10.93 -7.05
C VAL G 271 24.73 -10.00 -6.08
N ARG G 272 25.26 -8.80 -5.89
CA ARG G 272 24.67 -7.80 -5.01
C ARG G 272 23.27 -7.44 -5.50
N THR G 273 23.12 -7.34 -6.82
CA THR G 273 21.85 -7.00 -7.42
C THR G 273 20.95 -8.20 -7.63
N PHE G 274 21.46 -9.15 -8.41
CA PHE G 274 20.69 -10.32 -8.81
C PHE G 274 20.47 -11.43 -7.78
N GLY G 275 21.23 -11.42 -6.70
CA GLY G 275 21.06 -12.43 -5.67
C GLY G 275 20.10 -11.96 -4.59
N PHE G 276 19.83 -10.66 -4.58
CA PHE G 276 18.97 -10.04 -3.57
C PHE G 276 17.83 -9.20 -4.12
N TYR G 277 17.70 -9.13 -5.45
CA TYR G 277 16.62 -8.38 -6.09
C TYR G 277 15.31 -9.04 -5.69
N ASN G 278 14.31 -8.22 -5.37
CA ASN G 278 12.98 -8.69 -4.97
C ASN G 278 13.12 -9.59 -3.73
N ALA G 279 14.07 -9.23 -2.87
CA ALA G 279 14.40 -9.97 -1.63
C ALA G 279 14.78 -11.43 -1.88
N GLY G 280 15.40 -11.68 -3.04
CA GLY G 280 15.84 -13.02 -3.42
C GLY G 280 14.70 -13.97 -3.73
N GLN G 281 13.49 -13.41 -3.76
CA GLN G 281 12.28 -14.16 -4.05
C GLN G 281 12.09 -14.25 -5.56
N ASP G 282 13.01 -14.95 -6.20
CA ASP G 282 12.99 -15.11 -7.65
C ASP G 282 13.64 -16.45 -8.04
N CYS G 283 13.02 -17.13 -9.00
CA CYS G 283 13.49 -18.43 -9.49
C CYS G 283 14.88 -18.36 -10.15
N THR G 284 15.25 -17.19 -10.66
CA THR G 284 16.53 -17.00 -11.32
C THR G 284 17.58 -16.31 -10.45
N ALA G 285 17.25 -16.07 -9.18
CA ALA G 285 18.17 -15.40 -8.26
C ALA G 285 19.55 -16.09 -8.20
N ALA G 286 20.59 -15.26 -8.26
CA ALA G 286 21.98 -15.72 -8.20
C ALA G 286 22.26 -16.05 -6.74
N CYS G 287 21.82 -17.23 -6.31
CA CYS G 287 21.94 -17.63 -4.91
C CYS G 287 22.94 -18.72 -4.57
N ARG G 288 23.44 -19.40 -5.58
CA ARG G 288 24.34 -20.51 -5.38
C ARG G 288 25.61 -20.24 -6.16
N ILE G 289 26.67 -19.86 -5.45
CA ILE G 289 27.94 -19.52 -6.10
C ILE G 289 29.03 -20.57 -5.96
N TYR G 290 29.66 -20.89 -7.09
CA TYR G 290 30.78 -21.80 -7.14
C TYR G 290 31.96 -20.95 -7.55
N ALA G 291 32.88 -20.71 -6.62
CA ALA G 291 34.05 -19.89 -6.88
C ALA G 291 35.29 -20.77 -6.98
N GLN G 292 36.08 -20.57 -8.04
CA GLN G 292 37.27 -21.37 -8.23
C GLN G 292 38.30 -21.00 -7.17
N ARG G 293 38.99 -22.02 -6.66
CA ARG G 293 39.98 -21.89 -5.57
C ARG G 293 40.87 -20.65 -5.64
N GLY G 294 41.46 -20.39 -6.80
CA GLY G 294 42.34 -19.25 -7.00
C GLY G 294 41.77 -17.92 -6.55
N ILE G 295 40.50 -17.66 -6.90
CA ILE G 295 39.84 -16.39 -6.53
C ILE G 295 38.83 -16.49 -5.39
N TYR G 296 38.67 -17.68 -4.82
CA TYR G 296 37.70 -17.92 -3.74
C TYR G 296 37.72 -16.88 -2.61
N ASP G 297 38.81 -16.85 -1.86
CA ASP G 297 38.97 -15.94 -0.72
C ASP G 297 38.76 -14.47 -1.07
N ALA G 298 39.33 -14.03 -2.20
CA ALA G 298 39.19 -12.65 -2.63
C ALA G 298 37.72 -12.30 -2.92
N LEU G 299 37.01 -13.20 -3.58
CA LEU G 299 35.58 -13.00 -3.93
C LEU G 299 34.69 -12.97 -2.70
N VAL G 300 34.98 -13.84 -1.73
CA VAL G 300 34.20 -13.89 -0.48
C VAL G 300 34.25 -12.53 0.22
N GLU G 301 35.44 -11.92 0.24
CA GLU G 301 35.59 -10.61 0.89
C GLU G 301 34.84 -9.53 0.11
N LYS G 302 34.96 -9.54 -1.21
CA LYS G 302 34.28 -8.56 -2.06
C LYS G 302 32.76 -8.66 -1.93
N LEU G 303 32.24 -9.91 -1.89
CA LEU G 303 30.81 -10.14 -1.71
C LEU G 303 30.33 -9.65 -0.36
N GLY G 304 31.14 -9.88 0.67
CA GLY G 304 30.83 -9.44 2.02
C GLY G 304 30.57 -7.94 2.05
N ASN G 305 31.50 -7.19 1.45
CA ASN G 305 31.38 -5.73 1.38
C ASN G 305 30.19 -5.26 0.54
N ALA G 306 29.97 -5.94 -0.59
CA ALA G 306 28.87 -5.59 -1.48
C ALA G 306 27.49 -5.87 -0.90
N VAL G 307 27.33 -7.04 -0.27
CA VAL G 307 26.05 -7.45 0.31
C VAL G 307 25.67 -6.61 1.54
N SER G 308 26.62 -6.41 2.47
CA SER G 308 26.34 -5.66 3.69
C SER G 308 25.95 -4.19 3.48
N SER G 309 26.25 -3.64 2.30
CA SER G 309 25.92 -2.25 2.00
C SER G 309 24.50 -2.04 1.46
N LEU G 310 23.77 -3.15 1.24
CA LEU G 310 22.38 -3.07 0.75
C LEU G 310 21.49 -2.35 1.73
N LYS G 311 20.87 -1.26 1.29
CA LYS G 311 19.97 -0.51 2.16
C LYS G 311 18.52 -0.99 2.15
N MET G 312 18.10 -1.41 3.34
CA MET G 312 16.79 -1.93 3.61
C MET G 312 15.96 -0.75 4.13
N GLY G 313 14.69 -0.69 3.73
CA GLY G 313 13.83 0.41 4.18
C GLY G 313 12.44 0.39 3.58
N ALA G 314 11.76 1.54 3.67
CA ALA G 314 10.40 1.72 3.16
C ALA G 314 10.38 1.59 1.64
N PRO G 315 9.45 0.78 1.10
CA PRO G 315 9.34 0.57 -0.34
C PRO G 315 9.11 1.84 -1.15
N GLU G 316 8.39 2.81 -0.59
CA GLU G 316 8.12 4.06 -1.32
C GLU G 316 9.30 5.05 -1.29
N ASP G 317 10.31 4.76 -0.48
CA ASP G 317 11.50 5.61 -0.38
C ASP G 317 12.47 5.23 -1.50
N GLU G 318 12.85 6.22 -2.30
CA GLU G 318 13.75 6.06 -3.47
C GLU G 318 15.08 5.32 -3.21
N SER G 319 15.66 5.54 -2.04
CA SER G 319 16.94 4.92 -1.68
C SER G 319 16.89 3.42 -1.34
N THR G 320 15.70 2.90 -1.03
CA THR G 320 15.54 1.49 -0.65
C THR G 320 15.91 0.49 -1.76
N GLU G 321 16.85 -0.39 -1.44
CA GLU G 321 17.33 -1.40 -2.38
C GLU G 321 16.74 -2.79 -2.10
N LEU G 322 16.51 -3.08 -0.81
CA LEU G 322 15.97 -4.37 -0.40
C LEU G 322 14.66 -4.23 0.37
N GLY G 323 13.65 -4.97 -0.09
CA GLY G 323 12.33 -4.97 0.54
C GLY G 323 12.17 -6.18 1.44
N PRO G 324 10.96 -6.37 1.99
CA PRO G 324 10.72 -7.51 2.87
C PRO G 324 10.33 -8.77 2.10
N LEU G 325 10.15 -9.88 2.82
CA LEU G 325 9.70 -11.13 2.22
C LEU G 325 8.18 -11.02 2.06
N SER G 326 7.61 -11.80 1.15
CA SER G 326 6.17 -11.76 0.84
C SER G 326 5.16 -11.93 1.97
N SER G 327 5.42 -12.84 2.92
CA SER G 327 4.50 -13.10 4.02
C SER G 327 5.16 -13.64 5.27
N LEU G 328 4.40 -13.67 6.36
CA LEU G 328 4.88 -14.18 7.65
C LEU G 328 5.30 -15.64 7.54
N ALA G 329 4.52 -16.43 6.80
CA ALA G 329 4.79 -17.85 6.58
C ALA G 329 6.11 -18.06 5.85
N HIS G 330 6.37 -17.24 4.82
CA HIS G 330 7.60 -17.36 4.06
C HIS G 330 8.81 -16.88 4.87
N LEU G 331 8.60 -15.90 5.74
CA LEU G 331 9.66 -15.38 6.59
C LEU G 331 10.16 -16.49 7.51
N LYS G 332 9.21 -17.33 7.94
CA LYS G 332 9.50 -18.48 8.81
C LYS G 332 10.27 -19.57 8.07
N ARG G 333 9.93 -19.83 6.81
CA ARG G 333 10.64 -20.85 6.01
C ARG G 333 12.08 -20.44 5.74
N VAL G 334 12.27 -19.17 5.40
CA VAL G 334 13.60 -18.63 5.13
C VAL G 334 14.45 -18.69 6.41
N THR G 335 13.89 -18.25 7.53
CA THR G 335 14.58 -18.26 8.81
C THR G 335 15.04 -19.68 9.15
N ALA G 336 14.15 -20.65 8.98
CA ALA G 336 14.43 -22.07 9.26
C ALA G 336 15.56 -22.60 8.39
N ALA G 337 15.51 -22.29 7.09
CA ALA G 337 16.53 -22.72 6.13
C ALA G 337 17.90 -22.15 6.45
N VAL G 338 17.94 -20.91 6.93
CA VAL G 338 19.19 -20.25 7.30
C VAL G 338 19.72 -20.80 8.62
N GLU G 339 18.81 -21.11 9.54
CA GLU G 339 19.21 -21.66 10.83
C GLU G 339 19.85 -23.04 10.68
N GLU G 340 19.31 -23.87 9.77
CA GLU G 340 19.87 -25.20 9.50
C GLU G 340 21.28 -25.07 8.96
N ALA G 341 21.51 -24.03 8.16
CA ALA G 341 22.81 -23.77 7.56
C ALA G 341 23.81 -23.33 8.64
N LYS G 342 23.40 -22.41 9.53
CA LYS G 342 24.27 -21.93 10.60
C LYS G 342 24.67 -23.05 11.56
N ALA G 343 23.76 -24.02 11.74
CA ALA G 343 23.98 -25.18 12.61
C ALA G 343 25.18 -26.01 12.18
N LEU G 344 25.47 -26.03 10.88
CA LEU G 344 26.60 -26.76 10.32
C LEU G 344 27.90 -26.06 10.70
N SER G 345 28.77 -26.78 11.38
CA SER G 345 30.06 -26.28 11.89
C SER G 345 30.95 -25.58 10.85
N HIS G 346 30.97 -26.08 9.62
CA HIS G 346 31.81 -25.52 8.55
C HIS G 346 31.30 -24.24 7.89
N ILE G 347 30.02 -23.92 8.07
CA ILE G 347 29.42 -22.72 7.48
C ILE G 347 29.84 -21.44 8.18
N ARG G 348 30.34 -20.47 7.42
CA ARG G 348 30.73 -19.16 7.94
C ARG G 348 29.71 -18.10 7.53
N VAL G 349 29.16 -17.38 8.50
CA VAL G 349 28.23 -16.32 8.17
C VAL G 349 29.06 -15.05 7.93
N ILE G 350 29.16 -14.64 6.67
CA ILE G 350 29.94 -13.46 6.33
C ILE G 350 29.20 -12.18 6.66
N THR G 351 27.90 -12.14 6.36
CA THR G 351 27.06 -10.97 6.64
C THR G 351 25.61 -11.41 6.83
N GLY G 352 24.83 -10.59 7.52
CA GLY G 352 23.41 -10.88 7.80
C GLY G 352 23.32 -12.07 8.74
N GLY G 353 22.40 -12.98 8.46
CA GLY G 353 22.25 -14.16 9.31
C GLY G 353 20.85 -14.42 9.81
N SER G 354 20.22 -13.42 10.41
CA SER G 354 18.87 -13.60 10.93
C SER G 354 17.91 -12.47 10.55
N GLN G 355 16.63 -12.66 10.88
CA GLN G 355 15.58 -11.68 10.60
C GLN G 355 15.76 -10.42 11.44
N THR G 356 15.46 -9.27 10.85
CA THR G 356 15.60 -7.98 11.53
C THR G 356 14.34 -7.60 12.32
N GLU G 357 14.56 -6.94 13.45
CA GLU G 357 13.48 -6.50 14.33
C GLU G 357 12.68 -5.36 13.70
N GLY G 358 11.37 -5.46 13.75
CA GLY G 358 10.48 -4.45 13.17
C GLY G 358 9.16 -5.02 12.75
N LYS G 359 8.22 -4.14 12.37
CA LYS G 359 6.88 -4.56 11.94
C LYS G 359 6.82 -5.47 10.70
N GLY G 360 7.54 -5.11 9.65
CA GLY G 360 7.52 -5.89 8.41
C GLY G 360 8.16 -7.26 8.48
N TYR G 361 8.13 -7.97 7.35
CA TYR G 361 8.71 -9.31 7.26
C TYR G 361 10.10 -9.22 6.65
N TYR G 362 10.92 -8.33 7.19
CA TYR G 362 12.28 -8.14 6.71
C TYR G 362 13.26 -9.19 7.19
N PHE G 363 14.19 -9.54 6.31
CA PHE G 363 15.23 -10.51 6.62
C PHE G 363 16.50 -9.89 6.04
N ALA G 364 17.56 -9.86 6.87
CA ALA G 364 18.85 -9.27 6.48
C ALA G 364 19.52 -10.03 5.33
N PRO G 365 20.14 -9.29 4.38
CA PRO G 365 20.81 -9.96 3.26
C PRO G 365 21.94 -10.83 3.82
N THR G 366 21.79 -12.14 3.67
CA THR G 366 22.73 -13.12 4.20
C THR G 366 23.67 -13.75 3.17
N LEU G 367 24.93 -13.89 3.58
CA LEU G 367 25.96 -14.52 2.77
C LEU G 367 26.61 -15.63 3.59
N LEU G 368 26.46 -16.86 3.12
CA LEU G 368 27.01 -18.03 3.79
C LEU G 368 28.14 -18.63 2.98
N ALA G 369 29.34 -18.62 3.56
CA ALA G 369 30.54 -19.15 2.87
C ALA G 369 30.95 -20.54 3.34
N ASP G 370 31.89 -21.13 2.61
CA ASP G 370 32.45 -22.47 2.90
C ASP G 370 31.44 -23.60 2.83
N ALA G 371 30.33 -23.36 2.13
CA ALA G 371 29.28 -24.34 1.96
C ALA G 371 29.79 -25.47 1.08
N LYS G 372 29.34 -26.69 1.36
CA LYS G 372 29.77 -27.84 0.58
C LYS G 372 28.64 -28.34 -0.30
N GLN G 373 28.99 -28.92 -1.44
CA GLN G 373 28.03 -29.43 -2.42
C GLN G 373 26.84 -30.20 -1.82
N GLU G 374 27.10 -31.11 -0.88
CA GLU G 374 26.05 -31.93 -0.26
C GLU G 374 25.13 -31.20 0.71
N ASP G 375 25.58 -30.05 1.24
CA ASP G 375 24.77 -29.25 2.18
C ASP G 375 23.39 -28.89 1.66
N ALA G 376 22.42 -28.84 2.58
CA ALA G 376 21.04 -28.50 2.25
C ALA G 376 20.91 -27.09 1.70
N ILE G 377 21.75 -26.18 2.18
CA ILE G 377 21.73 -24.79 1.75
C ILE G 377 22.11 -24.64 0.26
N VAL G 378 22.82 -25.64 -0.28
CA VAL G 378 23.24 -25.63 -1.69
C VAL G 378 22.27 -26.44 -2.56
N GLN G 379 21.66 -27.47 -1.98
CA GLN G 379 20.73 -28.34 -2.72
C GLN G 379 19.29 -27.81 -2.81
N ARG G 380 18.71 -27.40 -1.68
CA ARG G 380 17.33 -26.91 -1.62
C ARG G 380 17.23 -25.40 -1.86
N GLU G 381 16.15 -24.99 -2.51
CA GLU G 381 15.90 -23.59 -2.81
C GLU G 381 15.49 -22.87 -1.52
N VAL G 382 16.04 -21.69 -1.30
CA VAL G 382 15.70 -20.92 -0.09
C VAL G 382 14.66 -19.86 -0.46
N PHE G 383 14.80 -19.28 -1.66
CA PHE G 383 13.88 -18.28 -2.20
C PHE G 383 13.78 -17.07 -1.26
N GLY G 384 14.94 -16.64 -0.77
CA GLY G 384 15.03 -15.49 0.14
C GLY G 384 16.33 -14.73 -0.15
N PRO G 385 16.63 -13.67 0.63
CA PRO G 385 17.85 -12.92 0.38
C PRO G 385 19.07 -13.62 1.00
N VAL G 386 19.33 -14.84 0.53
CA VAL G 386 20.43 -15.67 1.03
C VAL G 386 21.28 -16.19 -0.14
N VAL G 387 22.59 -16.06 0.01
CA VAL G 387 23.55 -16.52 -1.02
C VAL G 387 24.64 -17.38 -0.37
N SER G 388 24.95 -18.50 -1.01
CA SER G 388 25.98 -19.41 -0.53
C SER G 388 27.16 -19.47 -1.50
N ILE G 389 28.37 -19.68 -0.98
CA ILE G 389 29.57 -19.77 -1.83
C ILE G 389 30.26 -21.09 -1.55
N THR G 390 30.59 -21.80 -2.63
CA THR G 390 31.26 -23.09 -2.57
C THR G 390 32.53 -23.02 -3.42
N VAL G 391 33.62 -23.60 -2.94
CA VAL G 391 34.87 -23.58 -3.68
C VAL G 391 34.90 -24.76 -4.67
N PHE G 392 35.59 -24.61 -5.79
CA PHE G 392 35.76 -25.70 -6.76
C PHE G 392 37.16 -25.63 -7.37
N ASP G 393 37.54 -26.65 -8.14
CA ASP G 393 38.87 -26.68 -8.76
C ASP G 393 38.87 -26.66 -10.29
N ASP G 394 38.32 -27.71 -10.92
CA ASP G 394 38.29 -27.86 -12.40
C ASP G 394 36.91 -27.60 -13.01
N GLU G 395 36.85 -27.54 -14.34
CA GLU G 395 35.56 -27.37 -15.06
C GLU G 395 34.72 -28.61 -14.90
N ASP G 396 35.31 -29.77 -15.22
CA ASP G 396 34.64 -31.07 -15.11
C ASP G 396 33.94 -31.23 -13.78
N GLN G 397 34.64 -30.84 -12.71
CA GLN G 397 34.12 -30.92 -11.36
C GLN G 397 32.90 -30.02 -11.17
N VAL G 398 33.05 -28.73 -11.45
CA VAL G 398 31.95 -27.76 -11.27
C VAL G 398 30.77 -28.08 -12.20
N LEU G 399 31.07 -28.60 -13.39
CA LEU G 399 30.03 -28.97 -14.35
C LEU G 399 29.20 -30.13 -13.78
N ARG G 400 29.86 -31.15 -13.22
CA ARG G 400 29.14 -32.27 -12.61
C ARG G 400 28.28 -31.79 -11.47
N TRP G 401 28.82 -30.91 -10.62
CA TRP G 401 28.05 -30.38 -9.49
C TRP G 401 26.84 -29.57 -9.94
N ALA G 402 27.03 -28.68 -10.91
CA ALA G 402 25.95 -27.85 -11.41
C ALA G 402 24.84 -28.71 -12.01
N ASN G 403 25.22 -29.75 -12.74
CA ASN G 403 24.26 -30.67 -13.36
C ASN G 403 23.66 -31.70 -12.41
N ASP G 404 24.31 -31.96 -11.28
CA ASP G 404 23.78 -32.91 -10.29
C ASP G 404 22.81 -32.15 -9.39
N SER G 405 21.78 -31.61 -10.02
CA SER G 405 20.77 -30.83 -9.33
C SER G 405 19.39 -31.18 -9.85
N ARG G 406 18.41 -31.14 -8.95
CA ARG G 406 17.02 -31.41 -9.30
C ARG G 406 16.48 -30.24 -10.11
N TYR G 407 17.08 -29.07 -9.93
CA TYR G 407 16.68 -27.86 -10.63
C TYR G 407 17.41 -27.72 -11.97
N GLY G 408 16.86 -26.89 -12.87
CA GLY G 408 17.44 -26.65 -14.19
C GLY G 408 16.86 -25.45 -14.90
N LEU G 409 16.63 -24.36 -14.16
CA LEU G 409 16.04 -23.15 -14.75
C LEU G 409 17.01 -22.13 -15.36
N ALA G 410 17.92 -21.60 -14.54
CA ALA G 410 18.89 -20.61 -14.99
C ALA G 410 20.26 -20.83 -14.39
N SER G 411 21.27 -20.15 -14.95
CA SER G 411 22.65 -20.27 -14.49
C SER G 411 23.50 -19.21 -15.15
N SER G 412 24.68 -18.97 -14.60
CA SER G 412 25.62 -18.01 -15.19
C SER G 412 27.04 -18.46 -15.01
N VAL G 413 27.88 -18.12 -15.99
CA VAL G 413 29.29 -18.44 -15.98
C VAL G 413 30.05 -17.13 -16.12
N TRP G 414 30.99 -16.91 -15.22
CA TRP G 414 31.81 -15.71 -15.22
C TRP G 414 33.23 -16.10 -15.52
N THR G 415 33.67 -15.74 -16.72
CA THR G 415 35.03 -16.05 -17.21
C THR G 415 35.33 -15.19 -18.42
N GLN G 416 36.62 -14.99 -18.69
CA GLN G 416 37.01 -14.19 -19.87
C GLN G 416 37.41 -15.04 -21.06
N ASP G 417 37.57 -16.35 -20.85
CA ASP G 417 37.97 -17.28 -21.91
C ASP G 417 36.77 -17.61 -22.80
N VAL G 418 36.89 -17.27 -24.08
CA VAL G 418 35.84 -17.49 -25.09
C VAL G 418 35.52 -18.99 -25.18
N GLY G 419 36.57 -19.80 -25.26
CA GLY G 419 36.46 -21.25 -25.33
C GLY G 419 35.68 -21.81 -24.16
N ARG G 420 36.10 -21.48 -22.95
CA ARG G 420 35.45 -21.93 -21.74
C ARG G 420 33.97 -21.51 -21.66
N ALA G 421 33.69 -20.24 -21.97
CA ALA G 421 32.33 -19.71 -21.92
C ALA G 421 31.37 -20.56 -22.75
N HIS G 422 31.76 -20.85 -23.99
CA HIS G 422 30.92 -21.66 -24.90
C HIS G 422 30.90 -23.13 -24.61
N ARG G 423 32.02 -23.65 -24.14
CA ARG G 423 32.14 -25.06 -23.81
C ARG G 423 31.21 -25.40 -22.64
N LEU G 424 31.17 -24.55 -21.61
CA LEU G 424 30.27 -24.77 -20.46
C LEU G 424 28.80 -24.48 -20.72
N SER G 425 28.52 -23.39 -21.43
CA SER G 425 27.14 -23.05 -21.73
C SER G 425 26.47 -24.12 -22.60
N ALA G 426 27.27 -24.83 -23.39
CA ALA G 426 26.78 -25.91 -24.24
C ALA G 426 26.45 -27.15 -23.42
N ARG G 427 27.16 -27.32 -22.31
CA ARG G 427 27.01 -28.48 -21.45
C ARG G 427 26.16 -28.32 -20.18
N LEU G 428 25.84 -27.09 -19.80
CA LEU G 428 25.00 -26.87 -18.61
C LEU G 428 23.58 -27.33 -18.84
N GLN G 429 22.99 -27.92 -17.83
CA GLN G 429 21.63 -28.42 -17.92
C GLN G 429 20.66 -27.46 -17.24
N TYR G 430 20.60 -26.27 -17.83
CA TYR G 430 19.76 -25.17 -17.37
C TYR G 430 19.13 -24.52 -18.59
N GLY G 431 17.85 -24.20 -18.47
CA GLY G 431 17.11 -23.58 -19.57
C GLY G 431 17.71 -22.27 -20.02
N CYS G 432 18.55 -21.69 -19.17
CA CYS G 432 19.19 -20.43 -19.47
C CYS G 432 20.59 -20.33 -18.88
N THR G 433 21.52 -19.78 -19.65
CA THR G 433 22.91 -19.59 -19.20
C THR G 433 23.42 -18.22 -19.63
N TRP G 434 23.72 -17.38 -18.66
CA TRP G 434 24.27 -16.05 -18.92
C TRP G 434 25.78 -16.14 -18.79
N ILE G 435 26.48 -15.30 -19.55
CA ILE G 435 27.93 -15.26 -19.50
C ILE G 435 28.36 -13.84 -19.10
N ASN G 436 29.04 -13.73 -17.96
CA ASN G 436 29.51 -12.44 -17.45
C ASN G 436 28.39 -11.45 -17.09
N THR G 437 27.24 -12.01 -16.72
CA THR G 437 26.06 -11.27 -16.29
C THR G 437 25.11 -12.31 -15.70
N HIS G 438 23.91 -11.89 -15.33
CA HIS G 438 22.94 -12.82 -14.76
C HIS G 438 21.61 -12.10 -14.66
N PHE G 439 20.52 -12.86 -14.60
CA PHE G 439 19.19 -12.30 -14.35
C PHE G 439 18.54 -11.50 -15.50
N MET G 440 19.27 -11.25 -16.59
CA MET G 440 18.71 -10.48 -17.71
C MET G 440 17.72 -11.26 -18.58
N LEU G 441 16.47 -10.78 -18.64
CA LEU G 441 15.43 -11.43 -19.43
C LEU G 441 14.85 -10.49 -20.49
N VAL G 442 14.48 -11.05 -21.64
CA VAL G 442 13.88 -10.28 -22.73
C VAL G 442 12.69 -11.05 -23.31
N SER G 443 11.63 -10.33 -23.69
CA SER G 443 10.40 -10.92 -24.24
C SER G 443 10.60 -11.88 -25.41
N GLU G 444 11.58 -11.61 -26.25
CA GLU G 444 11.85 -12.44 -27.43
C GLU G 444 12.44 -13.81 -27.11
N MET G 445 13.19 -13.89 -26.01
CA MET G 445 13.87 -15.12 -25.60
C MET G 445 13.11 -15.95 -24.55
N PRO G 446 13.11 -17.30 -24.72
CA PRO G 446 12.42 -18.24 -23.85
C PRO G 446 12.98 -18.35 -22.45
N HIS G 447 12.09 -18.59 -21.50
CA HIS G 447 12.44 -18.73 -20.09
C HIS G 447 11.66 -19.93 -19.57
N GLY G 448 12.38 -20.99 -19.24
CA GLY G 448 11.75 -22.20 -18.76
C GLY G 448 12.76 -23.19 -18.24
N GLY G 449 12.30 -24.03 -17.33
CA GLY G 449 13.16 -25.01 -16.69
C GLY G 449 13.31 -26.37 -17.31
N GLN G 450 14.19 -27.14 -16.67
CA GLN G 450 14.54 -28.50 -17.03
C GLN G 450 14.43 -29.30 -15.74
N LYS G 451 14.18 -30.61 -15.86
CA LYS G 451 14.06 -31.53 -14.71
C LYS G 451 12.90 -31.14 -13.78
N GLN G 452 13.18 -30.96 -12.49
CA GLN G 452 12.13 -30.59 -11.52
C GLN G 452 11.76 -29.10 -11.52
N SER G 453 12.45 -28.30 -12.34
CA SER G 453 12.14 -26.88 -12.47
C SER G 453 10.93 -26.72 -13.40
N GLY G 454 10.52 -27.82 -14.01
CA GLY G 454 9.38 -27.87 -14.90
C GLY G 454 9.67 -28.10 -16.37
N TYR G 455 8.69 -27.74 -17.18
CA TYR G 455 8.71 -27.86 -18.64
C TYR G 455 7.77 -26.82 -19.22
N GLY G 456 7.98 -26.46 -20.47
CA GLY G 456 7.16 -25.44 -21.11
C GLY G 456 7.85 -24.11 -20.85
N LYS G 457 7.67 -23.15 -21.75
CA LYS G 457 8.35 -21.86 -21.58
C LYS G 457 7.49 -20.60 -21.55
N ASP G 458 8.02 -19.59 -20.87
CA ASP G 458 7.39 -18.29 -20.73
C ASP G 458 8.14 -17.35 -21.66
N MET G 459 7.40 -16.46 -22.34
CA MET G 459 7.97 -15.51 -23.30
C MET G 459 8.46 -16.21 -24.59
N SER G 460 8.77 -15.42 -25.61
CA SER G 460 9.23 -15.88 -26.95
C SER G 460 8.15 -16.61 -27.75
N LEU G 461 8.48 -16.95 -29.00
CA LEU G 461 7.56 -17.69 -29.86
C LEU G 461 7.31 -19.09 -29.30
N TYR G 462 8.29 -19.62 -28.55
CA TYR G 462 8.15 -20.93 -27.93
C TYR G 462 7.08 -20.90 -26.86
N GLY G 463 6.96 -19.75 -26.21
CA GLY G 463 5.98 -19.53 -25.17
C GLY G 463 4.57 -19.56 -25.73
N LEU G 464 4.43 -19.06 -26.96
CA LEU G 464 3.15 -19.01 -27.63
C LEU G 464 2.78 -20.40 -28.18
N GLU G 465 3.79 -21.13 -28.65
CA GLU G 465 3.58 -22.47 -29.20
C GLU G 465 3.04 -23.46 -28.19
N ASP G 466 3.37 -23.27 -26.91
CA ASP G 466 2.89 -24.15 -25.84
C ASP G 466 1.38 -24.07 -25.65
N TYR G 467 0.78 -22.98 -26.15
CA TYR G 467 -0.66 -22.77 -26.04
C TYR G 467 -1.42 -23.06 -27.34
N THR G 468 -0.73 -23.73 -28.26
CA THR G 468 -1.33 -24.10 -29.55
C THR G 468 -1.28 -25.61 -29.73
N LEU G 469 -2.02 -26.10 -30.73
CA LEU G 469 -2.07 -27.52 -31.05
C LEU G 469 -1.70 -27.69 -32.51
N VAL G 470 -0.59 -28.38 -32.76
CA VAL G 470 -0.14 -28.65 -34.12
C VAL G 470 -1.13 -29.65 -34.72
N ARG G 471 -1.62 -29.36 -35.93
CA ARG G 471 -2.59 -30.26 -36.59
C ARG G 471 -2.21 -30.46 -38.03
N HIS G 472 -2.32 -31.70 -38.50
CA HIS G 472 -1.98 -32.05 -39.86
C HIS G 472 -3.22 -32.31 -40.69
N ILE G 473 -3.41 -31.49 -41.71
CA ILE G 473 -4.56 -31.60 -42.61
C ILE G 473 -4.04 -32.08 -43.95
N MET G 474 -4.62 -33.15 -44.46
CA MET G 474 -4.20 -33.74 -45.72
C MET G 474 -5.39 -33.92 -46.67
N VAL G 475 -5.31 -33.25 -47.82
CA VAL G 475 -6.36 -33.30 -48.83
C VAL G 475 -5.94 -34.13 -50.04
N LYS G 476 -6.75 -35.11 -50.41
CA LYS G 476 -6.44 -35.95 -51.57
C LYS G 476 -6.92 -35.31 -52.86
N HIS G 477 -6.05 -35.24 -53.87
CA HIS G 477 -6.45 -34.67 -55.16
C HIS G 477 -7.36 -35.60 -55.91
N GLN H 5 17.66 -68.30 -27.80
CA GLN H 5 16.83 -67.47 -26.92
C GLN H 5 17.29 -66.06 -27.20
N TYR H 6 16.35 -65.13 -27.32
CA TYR H 6 16.69 -63.71 -27.54
C TYR H 6 17.25 -63.06 -26.28
N GLN H 7 18.24 -62.20 -26.48
CA GLN H 7 18.92 -61.51 -25.38
C GLN H 7 18.56 -60.02 -25.28
N LEU H 8 19.01 -59.42 -24.18
CA LEU H 8 18.79 -58.02 -23.90
C LEU H 8 20.04 -57.24 -24.26
N LEU H 9 19.86 -55.97 -24.62
CA LEU H 9 21.01 -55.13 -24.94
C LEU H 9 21.22 -54.13 -23.82
N ILE H 10 22.30 -54.33 -23.05
CA ILE H 10 22.65 -53.45 -21.95
C ILE H 10 24.12 -53.05 -22.08
N ASN H 11 24.36 -51.75 -22.14
CA ASN H 11 25.70 -51.17 -22.24
C ASN H 11 26.57 -51.81 -23.35
N GLY H 12 25.99 -51.93 -24.55
CA GLY H 12 26.67 -52.49 -25.73
C GLY H 12 26.94 -54.00 -25.70
N VAL H 13 26.39 -54.67 -24.70
CA VAL H 13 26.57 -56.11 -24.53
C VAL H 13 25.22 -56.83 -24.52
N LEU H 14 25.17 -58.01 -25.11
CA LEU H 14 23.96 -58.83 -25.13
C LEU H 14 24.00 -59.79 -23.94
N VAL H 15 22.96 -59.74 -23.10
CA VAL H 15 22.87 -60.59 -21.91
C VAL H 15 21.51 -61.25 -21.75
N ASP H 16 21.50 -62.38 -21.03
CA ASP H 16 20.26 -63.09 -20.74
C ASP H 16 19.57 -62.41 -19.57
N GLY H 17 18.24 -62.33 -19.63
CA GLY H 17 17.46 -61.73 -18.56
C GLY H 17 17.56 -62.58 -17.30
N GLU H 18 17.69 -61.92 -16.16
CA GLU H 18 17.79 -62.62 -14.87
C GLU H 18 16.41 -62.82 -14.25
N GLY H 19 15.40 -62.18 -14.84
CA GLY H 19 14.03 -62.26 -14.34
C GLY H 19 13.30 -63.53 -14.73
N GLU H 20 11.99 -63.54 -14.50
CA GLU H 20 11.14 -64.69 -14.79
C GLU H 20 10.88 -64.92 -16.27
N ARG H 21 10.81 -66.19 -16.67
CA ARG H 21 10.54 -66.55 -18.07
C ARG H 21 9.12 -66.20 -18.46
N GLN H 22 8.98 -65.63 -19.65
CA GLN H 22 7.67 -65.20 -20.14
C GLN H 22 7.46 -65.82 -21.50
N SER H 23 6.28 -66.37 -21.73
CA SER H 23 6.01 -67.00 -23.03
C SER H 23 5.40 -66.04 -24.07
N VAL H 24 5.94 -66.12 -25.29
CA VAL H 24 5.50 -65.29 -26.41
C VAL H 24 4.69 -66.15 -27.38
N TYR H 25 3.45 -65.74 -27.63
CA TYR H 25 2.52 -66.47 -28.50
C TYR H 25 2.47 -66.04 -29.95
N ASN H 26 1.98 -66.97 -30.80
CA ASN H 26 1.75 -66.74 -32.21
C ASN H 26 0.24 -66.65 -32.28
N PRO H 27 -0.29 -65.42 -32.42
CA PRO H 27 -1.73 -65.15 -32.45
C PRO H 27 -2.51 -65.88 -33.54
N ALA H 28 -1.84 -66.28 -34.61
CA ALA H 28 -2.50 -66.99 -35.71
C ALA H 28 -2.75 -68.47 -35.38
N THR H 29 -1.87 -69.05 -34.58
CA THR H 29 -2.00 -70.47 -34.20
C THR H 29 -2.37 -70.68 -32.73
N GLY H 30 -2.22 -69.64 -31.92
CA GLY H 30 -2.53 -69.71 -30.48
C GLY H 30 -1.47 -70.46 -29.69
N GLU H 31 -0.44 -70.91 -30.39
CA GLU H 31 0.68 -71.66 -29.84
C GLU H 31 1.78 -70.74 -29.33
N VAL H 32 2.65 -71.27 -28.47
CA VAL H 32 3.76 -70.50 -27.93
C VAL H 32 4.94 -70.63 -28.90
N ILE H 33 5.52 -69.49 -29.27
CA ILE H 33 6.66 -69.43 -30.18
C ILE H 33 7.95 -69.71 -29.40
N LEU H 34 8.17 -68.91 -28.36
CA LEU H 34 9.35 -68.98 -27.52
C LEU H 34 9.06 -68.54 -26.10
N GLU H 35 10.07 -68.70 -25.25
CA GLU H 35 10.00 -68.30 -23.85
C GLU H 35 11.24 -67.44 -23.65
N ILE H 36 11.04 -66.21 -23.21
CA ILE H 36 12.15 -65.28 -23.01
C ILE H 36 12.21 -64.85 -21.55
N ALA H 37 13.44 -64.76 -21.00
CA ALA H 37 13.64 -64.35 -19.63
C ALA H 37 13.63 -62.82 -19.53
N GLU H 38 12.78 -62.30 -18.63
CA GLU H 38 12.67 -60.85 -18.40
C GLU H 38 13.90 -60.24 -17.77
N ALA H 39 13.95 -58.91 -17.79
CA ALA H 39 15.04 -58.18 -17.18
C ALA H 39 14.74 -58.13 -15.69
N SER H 40 15.78 -58.32 -14.86
CA SER H 40 15.61 -58.26 -13.42
C SER H 40 15.66 -56.79 -13.01
N PRO H 41 15.10 -56.44 -11.83
CA PRO H 41 15.15 -55.04 -11.37
C PRO H 41 16.56 -54.44 -11.38
N ALA H 42 17.57 -55.28 -11.13
CA ALA H 42 18.98 -54.87 -11.13
C ALA H 42 19.46 -54.56 -12.55
N GLN H 43 18.99 -55.33 -13.53
CA GLN H 43 19.34 -55.13 -14.93
C GLN H 43 18.71 -53.86 -15.50
N VAL H 44 17.50 -53.54 -15.04
CA VAL H 44 16.80 -52.33 -15.48
C VAL H 44 17.60 -51.14 -14.97
N ASP H 45 18.11 -51.26 -13.74
CA ASP H 45 18.92 -50.22 -13.13
C ASP H 45 20.23 -50.12 -13.93
N ALA H 46 20.86 -51.27 -14.20
CA ALA H 46 22.11 -51.34 -14.98
C ALA H 46 21.97 -50.68 -16.35
N ALA H 47 20.81 -50.86 -16.98
CA ALA H 47 20.53 -50.28 -18.28
C ALA H 47 20.45 -48.75 -18.19
N VAL H 48 19.76 -48.24 -17.17
CA VAL H 48 19.63 -46.80 -16.96
C VAL H 48 20.98 -46.17 -16.62
N GLN H 49 21.77 -46.86 -15.79
CA GLN H 49 23.11 -46.38 -15.42
C GLN H 49 23.99 -46.29 -16.66
N ALA H 50 23.88 -47.31 -17.52
CA ALA H 50 24.64 -47.38 -18.77
C ALA H 50 24.32 -46.18 -19.66
N ALA H 51 23.03 -45.85 -19.75
CA ALA H 51 22.57 -44.73 -20.55
C ALA H 51 23.04 -43.41 -19.96
N ASP H 52 22.94 -43.29 -18.63
CA ASP H 52 23.34 -42.08 -17.93
C ASP H 52 24.83 -41.77 -18.14
N ASN H 53 25.67 -42.79 -18.07
CA ASN H 53 27.11 -42.64 -18.27
C ASN H 53 27.45 -42.30 -19.72
N ALA H 54 26.77 -42.99 -20.65
CA ALA H 54 26.99 -42.78 -22.07
C ALA H 54 26.58 -41.40 -22.56
N PHE H 55 25.68 -40.75 -21.83
CA PHE H 55 25.17 -39.41 -22.20
C PHE H 55 26.20 -38.28 -22.25
N ALA H 56 27.18 -38.31 -21.34
CA ALA H 56 28.22 -37.30 -21.31
C ALA H 56 28.90 -37.16 -22.67
N GLU H 57 29.24 -38.30 -23.28
CA GLU H 57 29.90 -38.34 -24.57
C GLU H 57 28.91 -38.18 -25.74
N TRP H 58 27.84 -38.97 -25.71
CA TRP H 58 26.81 -38.97 -26.76
C TRP H 58 26.06 -37.64 -26.97
N GLY H 59 25.81 -36.92 -25.88
CA GLY H 59 25.12 -35.63 -25.95
C GLY H 59 25.94 -34.53 -26.63
N GLN H 60 27.25 -34.76 -26.75
CA GLN H 60 28.13 -33.78 -27.38
C GLN H 60 28.45 -34.09 -28.83
N THR H 61 27.97 -35.23 -29.33
CA THR H 61 28.21 -35.59 -30.72
C THR H 61 27.51 -34.58 -31.63
N THR H 62 28.02 -34.42 -32.83
CA THR H 62 27.46 -33.49 -33.79
C THR H 62 26.23 -34.10 -34.45
N PRO H 63 25.29 -33.25 -34.92
CA PRO H 63 24.12 -33.81 -35.60
C PRO H 63 24.56 -34.71 -36.75
N LYS H 64 25.68 -34.36 -37.40
CA LYS H 64 26.20 -35.13 -38.51
C LYS H 64 26.54 -36.57 -38.07
N ALA H 65 27.25 -36.69 -36.94
CA ALA H 65 27.64 -37.97 -36.38
C ALA H 65 26.43 -38.86 -36.08
N ARG H 66 25.38 -38.24 -35.54
CA ARG H 66 24.15 -38.94 -35.19
C ARG H 66 23.38 -39.36 -36.43
N ALA H 67 23.36 -38.49 -37.44
CA ALA H 67 22.69 -38.77 -38.70
C ALA H 67 23.32 -40.01 -39.33
N GLU H 68 24.64 -40.11 -39.24
CA GLU H 68 25.39 -41.24 -39.78
C GLU H 68 25.06 -42.55 -39.08
N CYS H 69 24.78 -42.50 -37.79
CA CYS H 69 24.41 -43.71 -37.03
C CYS H 69 23.02 -44.16 -37.48
N LEU H 70 22.09 -43.22 -37.59
CA LEU H 70 20.72 -43.54 -38.00
C LEU H 70 20.66 -44.07 -39.42
N LEU H 71 21.45 -43.50 -40.32
CA LEU H 71 21.49 -43.97 -41.72
C LEU H 71 22.05 -45.38 -41.77
N LYS H 72 23.03 -45.65 -40.92
CA LYS H 72 23.66 -46.95 -40.86
C LYS H 72 22.68 -47.97 -40.29
N LEU H 73 21.87 -47.54 -39.31
CA LEU H 73 20.85 -48.40 -38.69
C LEU H 73 19.75 -48.72 -39.71
N ALA H 74 19.35 -47.71 -40.49
CA ALA H 74 18.32 -47.87 -41.52
C ALA H 74 18.75 -48.91 -42.56
N ASP H 75 20.03 -48.86 -42.96
CA ASP H 75 20.60 -49.81 -43.93
C ASP H 75 20.52 -51.21 -43.39
N SER H 76 20.90 -51.37 -42.12
CA SER H 76 20.88 -52.67 -41.46
C SER H 76 19.48 -53.29 -41.50
N ILE H 77 18.47 -52.48 -41.22
CA ILE H 77 17.07 -52.93 -41.22
C ILE H 77 16.62 -53.30 -42.63
N GLU H 78 16.97 -52.47 -43.60
CA GLU H 78 16.59 -52.68 -45.00
C GLU H 78 17.21 -53.95 -45.56
N GLN H 79 18.45 -54.23 -45.17
CA GLN H 79 19.18 -55.43 -45.60
C GLN H 79 18.60 -56.68 -44.97
N ASN H 80 17.99 -56.52 -43.80
CA ASN H 80 17.36 -57.61 -43.07
C ASN H 80 15.83 -57.52 -43.10
N ALA H 81 15.31 -56.79 -44.09
CA ALA H 81 13.86 -56.57 -44.26
C ALA H 81 13.03 -57.84 -44.17
N LEU H 82 13.38 -58.84 -44.97
CA LEU H 82 12.66 -60.11 -45.02
C LEU H 82 12.58 -60.82 -43.67
N GLU H 83 13.70 -60.86 -42.93
CA GLU H 83 13.75 -61.49 -41.60
C GLU H 83 12.84 -60.78 -40.60
N PHE H 84 12.90 -59.46 -40.57
CA PHE H 84 12.03 -58.66 -39.69
C PHE H 84 10.57 -58.88 -40.04
N ALA H 85 10.27 -58.94 -41.35
CA ALA H 85 8.92 -59.17 -41.83
C ALA H 85 8.37 -60.49 -41.31
N ARG H 86 9.16 -61.56 -41.39
CA ARG H 86 8.74 -62.88 -40.91
C ARG H 86 8.51 -62.87 -39.41
N LEU H 87 9.40 -62.26 -38.64
CA LEU H 87 9.23 -62.17 -37.18
C LEU H 87 7.99 -61.38 -36.79
N GLU H 88 7.83 -60.20 -37.38
CA GLU H 88 6.71 -59.31 -37.08
C GLU H 88 5.39 -60.03 -37.42
N SER H 89 5.36 -60.72 -38.56
CA SER H 89 4.19 -61.45 -39.01
C SER H 89 3.88 -62.64 -38.10
N GLN H 90 4.92 -63.37 -37.71
CA GLN H 90 4.79 -64.54 -36.84
C GLN H 90 4.31 -64.14 -35.44
N ASN H 91 4.86 -63.06 -34.91
CA ASN H 91 4.53 -62.58 -33.57
C ASN H 91 3.24 -61.75 -33.47
N CYS H 92 2.84 -61.07 -34.54
CA CYS H 92 1.62 -60.23 -34.49
C CYS H 92 0.42 -60.75 -35.24
N GLY H 93 0.65 -61.64 -36.20
CA GLY H 93 -0.44 -62.19 -37.00
C GLY H 93 -0.73 -61.36 -38.23
N LYS H 94 0.07 -60.31 -38.42
CA LYS H 94 -0.05 -59.41 -39.57
C LYS H 94 0.22 -60.18 -40.85
N PRO H 95 -0.62 -60.01 -41.90
CA PRO H 95 -0.34 -60.71 -43.15
C PRO H 95 1.07 -60.35 -43.61
N LEU H 96 1.89 -61.36 -43.90
CA LEU H 96 3.29 -61.17 -44.31
C LEU H 96 3.52 -60.15 -45.43
N HIS H 97 2.72 -60.22 -46.49
CA HIS H 97 2.88 -59.31 -47.63
C HIS H 97 2.71 -57.84 -47.25
N CYS H 98 1.85 -57.55 -46.27
CA CYS H 98 1.63 -56.17 -45.80
C CYS H 98 2.86 -55.66 -45.06
N VAL H 99 3.49 -56.53 -44.28
CA VAL H 99 4.68 -56.17 -43.52
C VAL H 99 5.85 -55.87 -44.47
N ILE H 100 6.05 -56.72 -45.47
CA ILE H 100 7.12 -56.55 -46.45
C ILE H 100 6.95 -55.29 -47.30
N ASN H 101 5.72 -55.02 -47.73
CA ASN H 101 5.40 -53.88 -48.59
C ASN H 101 5.10 -52.55 -47.89
N ASP H 102 4.40 -52.60 -46.76
CA ASP H 102 4.02 -51.37 -46.04
C ASP H 102 4.92 -51.01 -44.87
N GLU H 103 4.94 -51.87 -43.84
CA GLU H 103 5.70 -51.61 -42.61
C GLU H 103 7.21 -51.46 -42.66
N ILE H 104 7.93 -52.46 -43.15
CA ILE H 104 9.39 -52.38 -43.20
C ILE H 104 9.88 -51.12 -43.93
N PRO H 105 9.38 -50.85 -45.17
CA PRO H 105 9.83 -49.63 -45.85
C PRO H 105 9.52 -48.36 -45.04
N ALA H 106 8.38 -48.34 -44.35
CA ALA H 106 7.99 -47.20 -43.52
C ALA H 106 8.98 -47.00 -42.37
N ILE H 107 9.36 -48.11 -41.73
CA ILE H 107 10.32 -48.13 -40.62
C ILE H 107 11.66 -47.59 -41.10
N VAL H 108 12.13 -48.13 -42.22
CA VAL H 108 13.39 -47.69 -42.85
C VAL H 108 13.31 -46.19 -43.13
N ASP H 109 12.19 -45.74 -43.69
CA ASP H 109 12.01 -44.33 -44.01
C ASP H 109 12.04 -43.46 -42.76
N VAL H 110 11.44 -43.93 -41.66
CA VAL H 110 11.44 -43.16 -40.42
C VAL H 110 12.86 -42.86 -39.96
N PHE H 111 13.72 -43.88 -39.95
CA PHE H 111 15.11 -43.65 -39.55
C PHE H 111 15.82 -42.67 -40.49
N ARG H 112 15.64 -42.86 -41.80
CA ARG H 112 16.26 -41.95 -42.77
C ARG H 112 15.75 -40.54 -42.60
N PHE H 113 14.45 -40.38 -42.37
CA PHE H 113 13.90 -39.06 -42.17
C PHE H 113 14.54 -38.36 -40.99
N PHE H 114 14.57 -39.03 -39.84
CA PHE H 114 15.18 -38.43 -38.66
C PHE H 114 16.67 -38.18 -38.78
N ALA H 115 17.34 -39.00 -39.59
CA ALA H 115 18.76 -38.82 -39.83
C ALA H 115 18.96 -37.44 -40.46
N GLY H 116 18.07 -37.10 -41.39
CA GLY H 116 18.13 -35.80 -42.06
C GLY H 116 17.63 -34.69 -41.15
N ALA H 117 16.51 -34.95 -40.47
CA ALA H 117 15.90 -33.97 -39.57
C ALA H 117 16.85 -33.54 -38.43
N ALA H 118 17.70 -34.45 -37.98
CA ALA H 118 18.64 -34.17 -36.91
C ALA H 118 19.55 -32.96 -37.21
N ARG H 119 19.79 -32.69 -38.48
CA ARG H 119 20.67 -31.62 -38.91
C ARG H 119 19.92 -30.33 -39.32
N CYS H 120 18.60 -30.30 -39.09
CA CYS H 120 17.77 -29.17 -39.51
C CYS H 120 16.93 -28.50 -38.42
N LEU H 121 17.38 -28.57 -37.17
CA LEU H 121 16.64 -27.99 -36.05
C LEU H 121 16.51 -26.47 -36.09
N SER H 122 15.30 -26.00 -35.77
CA SER H 122 14.99 -24.57 -35.77
C SER H 122 15.40 -23.88 -34.48
N GLY H 123 15.70 -22.60 -34.60
CA GLY H 123 16.09 -21.75 -33.50
C GLY H 123 15.63 -20.37 -33.87
N LEU H 124 15.94 -19.40 -33.03
CA LEU H 124 15.56 -18.03 -33.32
C LEU H 124 16.84 -17.35 -33.74
N ALA H 125 16.72 -16.24 -34.45
CA ALA H 125 17.89 -15.51 -34.89
C ALA H 125 18.69 -15.04 -33.69
N ALA H 126 19.99 -15.31 -33.70
CA ALA H 126 20.84 -14.85 -32.63
C ALA H 126 21.03 -13.34 -32.86
N GLY H 127 21.19 -12.58 -31.78
CA GLY H 127 21.36 -11.14 -31.94
C GLY H 127 21.29 -10.39 -30.64
N GLU H 128 21.23 -9.05 -30.76
CA GLU H 128 21.14 -8.20 -29.59
C GLU H 128 19.72 -7.78 -29.30
N TYR H 129 19.03 -8.57 -28.49
CA TYR H 129 17.66 -8.27 -28.09
C TYR H 129 17.69 -7.30 -26.92
N LEU H 130 18.84 -7.25 -26.26
CA LEU H 130 19.08 -6.32 -25.17
C LEU H 130 20.42 -5.68 -25.50
N GLU H 131 20.46 -4.35 -25.54
CA GLU H 131 21.67 -3.60 -25.86
C GLU H 131 22.90 -4.17 -25.16
N GLY H 132 23.94 -4.45 -25.93
CA GLY H 132 25.20 -4.96 -25.41
C GLY H 132 25.22 -6.40 -24.93
N HIS H 133 24.28 -7.22 -25.43
CA HIS H 133 24.21 -8.62 -25.06
C HIS H 133 23.81 -9.48 -26.26
N THR H 134 24.59 -10.51 -26.57
CA THR H 134 24.25 -11.40 -27.68
C THR H 134 23.50 -12.61 -27.13
N SER H 135 22.28 -12.81 -27.61
CA SER H 135 21.47 -13.96 -27.20
C SER H 135 21.45 -14.95 -28.34
N MET H 136 21.43 -16.24 -28.01
CA MET H 136 21.36 -17.27 -29.03
C MET H 136 20.49 -18.38 -28.46
N ILE H 137 19.96 -19.22 -29.34
CA ILE H 137 19.13 -20.32 -28.90
C ILE H 137 19.64 -21.65 -29.41
N ARG H 138 19.86 -22.56 -28.48
CA ARG H 138 20.31 -23.90 -28.81
C ARG H 138 19.30 -24.94 -28.41
N ARG H 139 19.31 -26.08 -29.10
CA ARG H 139 18.40 -27.19 -28.79
C ARG H 139 19.27 -28.37 -28.36
N ASP H 140 19.38 -28.59 -27.05
CA ASP H 140 20.20 -29.65 -26.51
C ASP H 140 19.40 -30.90 -26.14
N PRO H 141 20.06 -32.07 -26.07
CA PRO H 141 19.33 -33.29 -25.70
C PRO H 141 18.82 -33.24 -24.25
N ILE H 142 17.76 -34.00 -23.98
CA ILE H 142 17.16 -34.04 -22.64
C ILE H 142 17.99 -34.87 -21.65
N GLY H 143 18.49 -36.03 -22.10
CA GLY H 143 19.29 -36.90 -21.26
C GLY H 143 18.90 -38.35 -21.49
N VAL H 144 18.56 -39.07 -20.41
CA VAL H 144 18.15 -40.46 -20.52
C VAL H 144 16.65 -40.55 -20.79
N VAL H 145 16.29 -41.26 -21.85
CA VAL H 145 14.90 -41.42 -22.24
C VAL H 145 14.43 -42.88 -22.15
N ALA H 146 13.28 -43.07 -21.51
CA ALA H 146 12.69 -44.40 -21.37
C ALA H 146 11.52 -44.48 -22.34
N SER H 147 11.58 -45.47 -23.24
CA SER H 147 10.53 -45.68 -24.23
C SER H 147 9.78 -46.98 -24.03
N ILE H 148 8.45 -46.89 -24.00
CA ILE H 148 7.60 -48.07 -23.86
C ILE H 148 6.80 -48.22 -25.15
N ALA H 149 7.09 -49.30 -25.88
CA ALA H 149 6.42 -49.58 -27.16
C ALA H 149 5.16 -50.45 -26.99
N PRO H 150 4.13 -50.21 -27.81
CA PRO H 150 2.88 -50.99 -27.76
C PRO H 150 2.97 -52.28 -28.59
N TRP H 151 1.93 -53.09 -28.53
CA TRP H 151 1.91 -54.37 -29.24
C TRP H 151 1.34 -54.38 -30.67
N ASN H 152 0.62 -53.33 -31.06
CA ASN H 152 0.02 -53.29 -32.40
C ASN H 152 1.01 -53.16 -33.56
N TYR H 153 1.99 -52.26 -33.43
CA TYR H 153 3.05 -52.08 -34.44
C TYR H 153 4.38 -52.07 -33.68
N PRO H 154 4.81 -53.25 -33.18
CA PRO H 154 6.04 -53.41 -32.38
C PRO H 154 7.29 -52.72 -32.90
N LEU H 155 7.71 -53.10 -34.11
CA LEU H 155 8.93 -52.51 -34.68
C LEU H 155 8.75 -51.06 -35.15
N MET H 156 7.59 -50.75 -35.71
CA MET H 156 7.33 -49.39 -36.19
C MET H 156 7.30 -48.38 -35.04
N MET H 157 6.54 -48.66 -33.99
CA MET H 157 6.50 -47.78 -32.82
C MET H 157 7.86 -47.69 -32.12
N ALA H 158 8.66 -48.76 -32.23
CA ALA H 158 9.99 -48.75 -31.67
C ALA H 158 10.78 -47.70 -32.44
N ALA H 159 10.62 -47.70 -33.76
CA ALA H 159 11.29 -46.73 -34.65
C ALA H 159 10.84 -45.30 -34.35
N TRP H 160 9.54 -45.12 -34.17
CA TRP H 160 8.94 -43.83 -33.85
C TRP H 160 9.47 -43.24 -32.54
N LYS H 161 9.94 -44.10 -31.65
CA LYS H 161 10.47 -43.66 -30.37
C LYS H 161 11.98 -43.58 -30.33
N LEU H 162 12.66 -44.47 -31.06
CA LEU H 162 14.12 -44.46 -31.09
C LEU H 162 14.70 -43.39 -32.00
N ALA H 163 14.18 -43.30 -33.22
CA ALA H 163 14.68 -42.33 -34.19
C ALA H 163 14.79 -40.89 -33.67
N PRO H 164 13.66 -40.26 -33.27
CA PRO H 164 13.82 -38.88 -32.78
C PRO H 164 14.68 -38.76 -31.53
N ALA H 165 14.50 -39.68 -30.58
CA ALA H 165 15.27 -39.66 -29.34
C ALA H 165 16.78 -39.68 -29.59
N LEU H 166 17.22 -40.62 -30.43
CA LEU H 166 18.64 -40.76 -30.77
C LEU H 166 19.13 -39.61 -31.62
N ALA H 167 18.32 -39.18 -32.58
CA ALA H 167 18.67 -38.06 -33.45
C ALA H 167 18.91 -36.79 -32.65
N ALA H 168 18.10 -36.58 -31.61
CA ALA H 168 18.21 -35.41 -30.74
C ALA H 168 19.45 -35.47 -29.84
N GLY H 169 20.05 -36.64 -29.72
CA GLY H 169 21.25 -36.82 -28.91
C GLY H 169 21.05 -37.40 -27.53
N ASN H 170 19.92 -38.06 -27.33
CA ASN H 170 19.59 -38.68 -26.05
C ASN H 170 20.05 -40.13 -26.00
N CYS H 171 20.06 -40.71 -24.80
CA CYS H 171 20.38 -42.12 -24.62
C CYS H 171 19.05 -42.77 -24.31
N VAL H 172 18.79 -43.90 -24.94
CA VAL H 172 17.51 -44.55 -24.75
C VAL H 172 17.55 -45.95 -24.11
N VAL H 173 16.51 -46.22 -23.33
CA VAL H 173 16.30 -47.51 -22.73
C VAL H 173 14.86 -47.80 -23.18
N ILE H 174 14.71 -48.75 -24.09
CA ILE H 174 13.40 -49.09 -24.62
C ILE H 174 12.92 -50.48 -24.21
N LYS H 175 11.63 -50.56 -23.88
CA LYS H 175 11.00 -51.81 -23.50
C LYS H 175 9.81 -52.03 -24.43
N PRO H 176 9.87 -53.08 -25.26
CA PRO H 176 8.71 -53.36 -26.14
C PRO H 176 7.64 -54.03 -25.30
N SER H 177 6.46 -54.26 -25.88
CA SER H 177 5.39 -54.94 -25.15
C SER H 177 5.79 -56.39 -24.89
N GLU H 178 5.42 -56.92 -23.74
CA GLU H 178 5.77 -58.32 -23.41
C GLU H 178 5.12 -59.28 -24.42
N ILE H 179 3.98 -58.85 -24.98
CA ILE H 179 3.23 -59.60 -25.97
C ILE H 179 4.03 -59.76 -27.28
N THR H 180 4.68 -58.67 -27.70
CA THR H 180 5.44 -58.63 -28.95
C THR H 180 6.88 -58.10 -28.82
N PRO H 181 7.82 -58.95 -28.35
CA PRO H 181 9.19 -58.47 -28.18
C PRO H 181 10.21 -58.89 -29.25
N LEU H 182 9.85 -59.88 -30.08
CA LEU H 182 10.76 -60.44 -31.10
C LEU H 182 11.52 -59.44 -31.99
N THR H 183 10.79 -58.56 -32.68
CA THR H 183 11.44 -57.58 -33.57
C THR H 183 12.37 -56.62 -32.84
N ALA H 184 11.97 -56.16 -31.67
CA ALA H 184 12.79 -55.23 -30.88
C ALA H 184 14.09 -55.89 -30.45
N LEU H 185 14.01 -57.14 -29.99
CA LEU H 185 15.20 -57.88 -29.54
C LEU H 185 16.11 -58.24 -30.71
N LYS H 186 15.52 -58.37 -31.91
CA LYS H 186 16.27 -58.66 -33.12
C LYS H 186 17.04 -57.39 -33.51
N LEU H 187 16.36 -56.24 -33.40
CA LEU H 187 16.95 -54.95 -33.71
C LEU H 187 18.13 -54.67 -32.79
N ALA H 188 18.00 -55.10 -31.53
CA ALA H 188 19.05 -54.93 -30.52
C ALA H 188 20.35 -55.58 -30.97
N VAL H 189 20.25 -56.75 -31.61
CA VAL H 189 21.42 -57.48 -32.10
C VAL H 189 22.13 -56.69 -33.19
N LEU H 190 21.35 -56.12 -34.11
CA LEU H 190 21.90 -55.36 -35.22
C LEU H 190 22.44 -53.99 -34.82
N ALA H 191 21.71 -53.29 -33.95
CA ALA H 191 22.10 -51.95 -33.49
C ALA H 191 23.20 -51.93 -32.42
N LYS H 192 23.51 -53.11 -31.89
CA LYS H 192 24.51 -53.31 -30.85
C LYS H 192 25.79 -52.47 -31.07
N ASP H 193 26.39 -52.61 -32.25
CA ASP H 193 27.65 -51.91 -32.58
C ASP H 193 27.52 -50.58 -33.30
N ILE H 194 26.31 -50.24 -33.74
CA ILE H 194 26.06 -48.99 -34.45
C ILE H 194 26.19 -47.75 -33.55
N PHE H 195 25.75 -47.90 -32.30
CA PHE H 195 25.84 -46.80 -31.33
C PHE H 195 26.84 -47.13 -30.23
N PRO H 196 27.42 -46.09 -29.59
CA PRO H 196 28.36 -46.35 -28.49
C PRO H 196 27.68 -47.09 -27.34
N PRO H 197 28.43 -47.95 -26.62
CA PRO H 197 27.85 -48.73 -25.52
C PRO H 197 27.05 -47.86 -24.54
N GLY H 198 25.81 -48.25 -24.27
CA GLY H 198 24.95 -47.53 -23.36
C GLY H 198 23.99 -46.54 -24.00
N VAL H 199 24.29 -46.10 -25.23
CA VAL H 199 23.43 -45.16 -25.95
C VAL H 199 22.05 -45.77 -26.26
N LEU H 200 22.05 -47.05 -26.63
CA LEU H 200 20.83 -47.79 -26.95
C LEU H 200 20.75 -49.03 -26.06
N ASN H 201 19.66 -49.14 -25.32
CA ASN H 201 19.43 -50.26 -24.42
C ASN H 201 18.07 -50.85 -24.66
N VAL H 202 18.03 -52.17 -24.88
CA VAL H 202 16.76 -52.84 -25.13
C VAL H 202 16.49 -53.87 -24.02
N LEU H 203 15.40 -53.64 -23.30
CA LEU H 203 14.98 -54.52 -22.22
C LEU H 203 13.72 -55.27 -22.60
N PHE H 204 13.32 -56.22 -21.76
CA PHE H 204 12.11 -57.02 -21.97
C PHE H 204 11.42 -57.38 -20.67
N GLY H 205 10.08 -57.34 -20.68
CA GLY H 205 9.28 -57.67 -19.52
C GLY H 205 7.91 -57.00 -19.45
N ARG H 206 7.12 -57.45 -18.48
CA ARG H 206 5.77 -56.94 -18.23
C ARG H 206 5.84 -55.55 -17.63
N GLY H 207 4.81 -54.75 -17.87
CA GLY H 207 4.72 -53.38 -17.37
C GLY H 207 4.77 -53.27 -15.85
N GLN H 208 4.37 -54.34 -15.15
CA GLN H 208 4.37 -54.37 -13.69
C GLN H 208 5.77 -54.59 -13.10
N THR H 209 6.52 -55.52 -13.68
CA THR H 209 7.87 -55.84 -13.18
C THR H 209 9.02 -54.99 -13.75
N VAL H 210 9.05 -54.84 -15.07
CA VAL H 210 10.12 -54.08 -15.71
C VAL H 210 9.73 -52.61 -15.98
N GLY H 211 8.58 -52.41 -16.62
CA GLY H 211 8.08 -51.08 -16.96
C GLY H 211 8.05 -50.07 -15.84
N ASP H 212 7.50 -50.47 -14.70
CA ASP H 212 7.41 -49.59 -13.53
C ASP H 212 8.77 -49.24 -12.93
N VAL H 213 9.71 -50.18 -12.96
CA VAL H 213 11.05 -49.93 -12.43
C VAL H 213 11.77 -48.93 -13.33
N LEU H 214 11.57 -49.07 -14.64
CA LEU H 214 12.18 -48.20 -15.64
C LEU H 214 11.63 -46.77 -15.64
N THR H 215 10.31 -46.63 -15.72
CA THR H 215 9.68 -45.31 -15.74
C THR H 215 9.81 -44.56 -14.41
N GLY H 216 9.95 -45.28 -13.32
CA GLY H 216 10.08 -44.67 -12.01
C GLY H 216 11.50 -44.37 -11.58
N HIS H 217 12.47 -44.81 -12.38
CA HIS H 217 13.90 -44.60 -12.07
C HIS H 217 14.22 -43.10 -11.99
N GLU H 218 15.00 -42.72 -10.97
CA GLU H 218 15.38 -41.32 -10.73
C GLU H 218 16.19 -40.67 -11.87
N LYS H 219 17.01 -41.46 -12.58
CA LYS H 219 17.83 -40.92 -13.65
C LYS H 219 17.17 -40.79 -15.02
N VAL H 220 15.93 -41.27 -15.14
CA VAL H 220 15.19 -41.18 -16.39
C VAL H 220 14.59 -39.77 -16.45
N ARG H 221 14.98 -39.00 -17.45
CA ARG H 221 14.49 -37.62 -17.58
C ARG H 221 13.17 -37.51 -18.32
N MET H 222 12.93 -38.42 -19.27
CA MET H 222 11.69 -38.40 -20.05
C MET H 222 11.15 -39.80 -20.32
N VAL H 223 9.82 -39.92 -20.35
CA VAL H 223 9.15 -41.18 -20.62
C VAL H 223 8.17 -41.02 -21.77
N SER H 224 8.39 -41.75 -22.87
CA SER H 224 7.48 -41.68 -24.02
C SER H 224 6.72 -42.99 -24.13
N LEU H 225 5.40 -42.87 -24.09
CA LEU H 225 4.51 -44.02 -24.12
C LEU H 225 3.46 -44.03 -25.24
N THR H 226 3.11 -45.23 -25.65
CA THR H 226 2.07 -45.50 -26.62
C THR H 226 1.35 -46.73 -26.09
N GLY H 227 0.05 -46.60 -25.84
CA GLY H 227 -0.77 -47.69 -25.34
C GLY H 227 -2.22 -47.26 -25.21
N SER H 228 -2.91 -47.82 -24.23
CA SER H 228 -4.31 -47.48 -23.98
C SER H 228 -4.40 -46.37 -22.92
N ILE H 229 -5.60 -45.82 -22.74
CA ILE H 229 -5.84 -44.76 -21.75
C ILE H 229 -5.56 -45.28 -20.32
N ALA H 230 -5.80 -46.58 -20.13
CA ALA H 230 -5.58 -47.25 -18.84
C ALA H 230 -4.10 -47.30 -18.43
N THR H 231 -3.24 -47.83 -19.32
CA THR H 231 -1.80 -47.94 -19.04
C THR H 231 -1.10 -46.57 -19.04
N GLY H 232 -1.74 -45.58 -19.69
CA GLY H 232 -1.23 -44.21 -19.76
C GLY H 232 -1.48 -43.44 -18.47
N GLU H 233 -2.64 -43.67 -17.87
CA GLU H 233 -3.04 -43.05 -16.60
C GLU H 233 -2.12 -43.54 -15.48
N HIS H 234 -1.80 -44.84 -15.55
CA HIS H 234 -0.95 -45.52 -14.57
C HIS H 234 0.47 -44.91 -14.53
N ILE H 235 1.06 -44.70 -15.70
CA ILE H 235 2.42 -44.15 -15.81
C ILE H 235 2.50 -42.65 -15.49
N LEU H 236 1.47 -41.89 -15.89
CA LEU H 236 1.44 -40.44 -15.65
C LEU H 236 1.32 -40.07 -14.16
N ARG H 237 0.67 -40.94 -13.37
CA ARG H 237 0.49 -40.71 -11.94
C ARG H 237 1.63 -41.34 -11.12
N HIS H 238 2.41 -42.17 -11.80
CA HIS H 238 3.56 -42.89 -11.22
C HIS H 238 4.81 -41.99 -11.31
N THR H 239 4.90 -41.22 -12.39
CA THR H 239 6.03 -40.31 -12.64
C THR H 239 5.77 -38.87 -12.17
N ALA H 240 4.56 -38.63 -11.70
CA ALA H 240 4.12 -37.30 -11.22
C ALA H 240 4.97 -36.64 -10.11
N PRO H 241 5.42 -37.42 -9.10
CA PRO H 241 6.25 -36.77 -8.05
C PRO H 241 7.65 -36.35 -8.53
N ALA H 242 8.17 -37.02 -9.55
CA ALA H 242 9.50 -36.73 -10.10
C ALA H 242 9.51 -35.55 -11.09
N ILE H 243 8.30 -35.14 -11.51
CA ILE H 243 8.07 -34.02 -12.45
C ILE H 243 8.81 -34.26 -13.78
N LYS H 244 8.75 -35.51 -14.23
CA LYS H 244 9.35 -35.95 -15.49
C LYS H 244 8.50 -35.43 -16.64
N ARG H 245 9.12 -35.22 -17.80
CA ARG H 245 8.34 -34.79 -18.95
C ARG H 245 7.90 -36.04 -19.73
N THR H 246 6.66 -36.02 -20.20
CA THR H 246 6.09 -37.16 -20.90
C THR H 246 5.69 -36.88 -22.36
N HIS H 247 5.47 -37.97 -23.09
CA HIS H 247 5.08 -37.96 -24.48
C HIS H 247 4.03 -39.07 -24.56
N MET H 248 2.77 -38.69 -24.65
CA MET H 248 1.65 -39.66 -24.66
C MET H 248 0.93 -39.87 -26.00
N GLU H 249 0.74 -41.14 -26.33
CA GLU H 249 0.00 -41.59 -27.52
C GLU H 249 -0.95 -42.62 -26.94
N LEU H 250 -2.21 -42.22 -26.74
CA LEU H 250 -3.18 -43.11 -26.09
C LEU H 250 -4.44 -43.51 -26.86
N GLY H 251 -4.26 -43.99 -28.08
CA GLY H 251 -5.38 -44.44 -28.91
C GLY H 251 -6.36 -43.35 -29.36
N GLY H 252 -7.45 -43.78 -29.97
CA GLY H 252 -8.47 -42.87 -30.47
C GLY H 252 -9.64 -43.56 -31.14
N LYS H 253 -10.70 -42.80 -31.39
CA LYS H 253 -11.88 -43.31 -32.03
C LYS H 253 -12.09 -42.37 -33.23
N ALA H 254 -11.29 -42.59 -34.28
CA ALA H 254 -11.31 -41.76 -35.50
C ALA H 254 -12.66 -41.69 -36.23
N PRO H 255 -13.26 -40.49 -36.30
CA PRO H 255 -14.54 -40.39 -37.01
C PRO H 255 -14.36 -40.26 -38.52
N VAL H 256 -15.28 -40.84 -39.28
CA VAL H 256 -15.27 -40.78 -40.72
C VAL H 256 -16.58 -40.10 -41.06
N ILE H 257 -16.50 -38.83 -41.46
CA ILE H 257 -17.70 -38.05 -41.78
C ILE H 257 -17.96 -38.05 -43.28
N VAL H 258 -19.08 -38.66 -43.68
CA VAL H 258 -19.45 -38.77 -45.09
C VAL H 258 -20.69 -37.94 -45.46
N PHE H 259 -20.55 -37.03 -46.41
CA PHE H 259 -21.67 -36.19 -46.88
C PHE H 259 -22.28 -36.74 -48.16
N ASP H 260 -23.52 -36.35 -48.48
CA ASP H 260 -24.25 -36.80 -49.68
C ASP H 260 -23.41 -36.65 -50.93
N ASP H 261 -22.63 -35.60 -50.86
CA ASP H 261 -21.69 -35.11 -51.85
C ASP H 261 -20.53 -36.08 -52.15
N ALA H 262 -20.22 -36.97 -51.22
CA ALA H 262 -19.10 -37.93 -51.33
C ALA H 262 -19.19 -39.03 -52.37
N ASP H 263 -18.03 -39.58 -52.72
CA ASP H 263 -17.90 -40.71 -53.64
C ASP H 263 -18.04 -41.96 -52.78
N LEU H 264 -19.24 -42.52 -52.76
CA LEU H 264 -19.55 -43.70 -51.94
C LEU H 264 -18.67 -44.92 -52.13
N ASP H 265 -18.29 -45.21 -53.38
CA ASP H 265 -17.42 -46.35 -53.68
C ASP H 265 -16.02 -46.16 -53.10
N ALA H 266 -15.54 -44.92 -53.14
CA ALA H 266 -14.23 -44.58 -52.60
C ALA H 266 -14.25 -44.68 -51.07
N VAL H 267 -15.39 -44.37 -50.45
CA VAL H 267 -15.54 -44.44 -49.01
C VAL H 267 -15.53 -45.92 -48.61
N ALA H 268 -16.33 -46.72 -49.32
CA ALA H 268 -16.44 -48.16 -49.07
C ALA H 268 -15.10 -48.87 -49.17
N GLN H 269 -14.34 -48.54 -50.21
CA GLN H 269 -13.01 -49.13 -50.41
C GLN H 269 -12.06 -48.69 -49.31
N GLY H 270 -12.17 -47.43 -48.92
CA GLY H 270 -11.35 -46.85 -47.87
C GLY H 270 -11.61 -47.49 -46.52
N VAL H 271 -12.88 -47.62 -46.15
CA VAL H 271 -13.25 -48.23 -44.88
C VAL H 271 -12.89 -49.73 -44.88
N ARG H 272 -12.98 -50.36 -46.05
CA ARG H 272 -12.64 -51.76 -46.19
C ARG H 272 -11.18 -51.99 -45.81
N THR H 273 -10.33 -51.05 -46.21
CA THR H 273 -8.90 -51.13 -45.94
C THR H 273 -8.53 -50.57 -44.58
N PHE H 274 -8.84 -49.29 -44.40
CA PHE H 274 -8.45 -48.56 -43.19
C PHE H 274 -9.22 -48.84 -41.90
N GLY H 275 -10.38 -49.47 -42.00
CA GLY H 275 -11.14 -49.77 -40.80
C GLY H 275 -10.82 -51.16 -40.28
N PHE H 276 -10.16 -51.96 -41.12
CA PHE H 276 -9.82 -53.34 -40.78
C PHE H 276 -8.35 -53.72 -40.95
N TYR H 277 -7.53 -52.75 -41.35
CA TYR H 277 -6.10 -52.98 -41.52
C TYR H 277 -5.53 -53.33 -40.17
N ASN H 278 -4.65 -54.34 -40.13
CA ASN H 278 -4.00 -54.77 -38.90
C ASN H 278 -5.07 -55.20 -37.89
N ALA H 279 -6.15 -55.79 -38.42
CA ALA H 279 -7.31 -56.26 -37.63
C ALA H 279 -7.96 -55.15 -36.81
N GLY H 280 -7.91 -53.93 -37.35
CA GLY H 280 -8.51 -52.75 -36.70
C GLY H 280 -7.77 -52.34 -35.44
N GLN H 281 -6.64 -52.97 -35.19
CA GLN H 281 -5.81 -52.69 -34.03
C GLN H 281 -4.88 -51.53 -34.35
N ASP H 282 -5.49 -50.36 -34.55
CA ASP H 282 -4.77 -49.14 -34.87
C ASP H 282 -5.52 -47.92 -34.35
N CYS H 283 -4.77 -46.98 -33.79
CA CYS H 283 -5.30 -45.74 -33.23
C CYS H 283 -6.00 -44.84 -34.26
N THR H 284 -5.63 -44.98 -35.52
CA THR H 284 -6.20 -44.18 -36.59
C THR H 284 -7.25 -44.92 -37.42
N ALA H 285 -7.59 -46.15 -37.02
CA ALA H 285 -8.56 -46.95 -37.75
C ALA H 285 -9.88 -46.22 -37.98
N ALA H 286 -10.38 -46.31 -39.22
CA ALA H 286 -11.64 -45.69 -39.63
C ALA H 286 -12.75 -46.58 -39.08
N CYS H 287 -13.05 -46.41 -37.80
CA CYS H 287 -14.02 -47.26 -37.12
C CYS H 287 -15.36 -46.65 -36.73
N ARG H 288 -15.44 -45.33 -36.81
CA ARG H 288 -16.63 -44.62 -36.40
C ARG H 288 -17.10 -43.79 -37.58
N ILE H 289 -18.15 -44.25 -38.26
CA ILE H 289 -18.65 -43.54 -39.44
C ILE H 289 -19.95 -42.77 -39.22
N TYR H 290 -19.95 -41.53 -39.68
CA TYR H 290 -21.12 -40.67 -39.64
C TYR H 290 -21.50 -40.46 -41.09
N ALA H 291 -22.61 -41.05 -41.50
CA ALA H 291 -23.09 -40.94 -42.87
C ALA H 291 -24.31 -40.02 -42.94
N GLN H 292 -24.28 -39.06 -43.86
CA GLN H 292 -25.38 -38.13 -43.99
C GLN H 292 -26.61 -38.87 -44.53
N ARG H 293 -27.77 -38.53 -43.98
CA ARG H 293 -29.05 -39.16 -44.32
C ARG H 293 -29.26 -39.52 -45.78
N GLY H 294 -29.02 -38.56 -46.67
CA GLY H 294 -29.18 -38.76 -48.11
C GLY H 294 -28.50 -40.00 -48.66
N ILE H 295 -27.25 -40.24 -48.25
CA ILE H 295 -26.48 -41.40 -48.72
C ILE H 295 -26.35 -42.55 -47.73
N TYR H 296 -26.95 -42.40 -46.55
CA TYR H 296 -26.86 -43.42 -45.48
C TYR H 296 -27.10 -44.86 -45.94
N ASP H 297 -28.34 -45.15 -46.36
CA ASP H 297 -28.71 -46.50 -46.80
C ASP H 297 -27.84 -47.07 -47.91
N ALA H 298 -27.52 -46.25 -48.90
CA ALA H 298 -26.68 -46.69 -50.02
C ALA H 298 -25.29 -47.08 -49.53
N LEU H 299 -24.71 -46.28 -48.63
CA LEU H 299 -23.37 -46.53 -48.08
C LEU H 299 -23.32 -47.80 -47.21
N VAL H 300 -24.38 -48.01 -46.42
CA VAL H 300 -24.46 -49.18 -45.55
C VAL H 300 -24.40 -50.45 -46.41
N GLU H 301 -25.11 -50.46 -47.54
CA GLU H 301 -25.11 -51.62 -48.43
C GLU H 301 -23.73 -51.82 -49.06
N LYS H 302 -23.12 -50.74 -49.53
CA LYS H 302 -21.80 -50.81 -50.15
C LYS H 302 -20.74 -51.32 -49.16
N LEU H 303 -20.82 -50.84 -47.91
CA LEU H 303 -19.90 -51.27 -46.86
C LEU H 303 -20.08 -52.74 -46.54
N GLY H 304 -21.33 -53.18 -46.50
CA GLY H 304 -21.67 -54.57 -46.24
C GLY H 304 -20.97 -55.48 -47.22
N ASN H 305 -21.08 -55.15 -48.51
CA ASN H 305 -20.44 -55.93 -49.58
C ASN H 305 -18.92 -55.89 -49.50
N ALA H 306 -18.37 -54.71 -49.21
CA ALA H 306 -16.93 -54.52 -49.12
C ALA H 306 -16.30 -55.24 -47.92
N VAL H 307 -16.93 -55.13 -46.75
CA VAL H 307 -16.42 -55.76 -45.54
C VAL H 307 -16.51 -57.30 -45.56
N SER H 308 -17.65 -57.83 -45.97
CA SER H 308 -17.85 -59.29 -46.01
C SER H 308 -16.92 -60.04 -46.96
N SER H 309 -16.31 -59.33 -47.91
CA SER H 309 -15.40 -59.96 -48.87
C SER H 309 -13.96 -60.07 -48.37
N LEU H 310 -13.67 -59.51 -47.19
CA LEU H 310 -12.33 -59.57 -46.61
C LEU H 310 -11.94 -61.01 -46.29
N LYS H 311 -10.86 -61.46 -46.91
CA LYS H 311 -10.38 -62.83 -46.69
C LYS H 311 -9.44 -62.98 -45.49
N MET H 312 -9.91 -63.79 -44.56
CA MET H 312 -9.22 -64.12 -43.34
C MET H 312 -8.47 -65.43 -43.59
N GLY H 313 -7.26 -65.55 -43.06
CA GLY H 313 -6.46 -66.76 -43.25
C GLY H 313 -5.07 -66.71 -42.66
N ALA H 314 -4.21 -67.62 -43.11
CA ALA H 314 -2.82 -67.71 -42.65
C ALA H 314 -2.03 -66.47 -43.06
N PRO H 315 -1.30 -65.86 -42.10
CA PRO H 315 -0.52 -64.65 -42.36
C PRO H 315 0.52 -64.79 -43.46
N GLU H 316 1.12 -65.97 -43.60
CA GLU H 316 2.14 -66.18 -44.64
C GLU H 316 1.55 -66.41 -46.04
N ASP H 317 0.24 -66.60 -46.12
CA ASP H 317 -0.44 -66.80 -47.41
C ASP H 317 -0.73 -65.44 -48.03
N GLU H 318 -0.26 -65.25 -49.27
CA GLU H 318 -0.39 -64.00 -50.03
C GLU H 318 -1.81 -63.40 -50.14
N SER H 319 -2.82 -64.26 -50.23
CA SER H 319 -4.21 -63.82 -50.36
C SER H 319 -4.85 -63.27 -49.07
N THR H 320 -4.27 -63.57 -47.91
CA THR H 320 -4.82 -63.11 -46.62
C THR H 320 -4.83 -61.59 -46.44
N GLU H 321 -6.02 -61.04 -46.20
CA GLU H 321 -6.21 -59.61 -46.00
C GLU H 321 -6.37 -59.23 -44.53
N LEU H 322 -6.98 -60.13 -43.77
CA LEU H 322 -7.23 -59.89 -42.35
C LEU H 322 -6.60 -60.95 -41.45
N GLY H 323 -5.82 -60.49 -40.49
CA GLY H 323 -5.16 -61.38 -39.53
C GLY H 323 -5.94 -61.44 -38.23
N PRO H 324 -5.38 -62.13 -37.22
CA PRO H 324 -6.04 -62.24 -35.93
C PRO H 324 -5.74 -61.05 -35.01
N LEU H 325 -6.37 -61.06 -33.83
CA LEU H 325 -6.12 -60.03 -32.83
C LEU H 325 -4.82 -60.42 -32.11
N SER H 326 -4.16 -59.43 -31.50
CA SER H 326 -2.87 -59.64 -30.83
C SER H 326 -2.75 -60.74 -29.76
N SER H 327 -3.76 -60.88 -28.91
CA SER H 327 -3.72 -61.88 -27.82
C SER H 327 -5.09 -62.35 -27.37
N LEU H 328 -5.08 -63.40 -26.54
CA LEU H 328 -6.31 -63.98 -25.99
C LEU H 328 -7.08 -62.95 -25.14
N ALA H 329 -6.34 -62.17 -24.38
CA ALA H 329 -6.91 -61.13 -23.52
C ALA H 329 -7.62 -60.05 -24.35
N HIS H 330 -6.99 -59.64 -25.45
CA HIS H 330 -7.59 -58.62 -26.31
C HIS H 330 -8.80 -59.16 -27.09
N LEU H 331 -8.76 -60.46 -27.42
CA LEU H 331 -9.86 -61.11 -28.12
C LEU H 331 -11.10 -61.05 -27.25
N LYS H 332 -10.89 -61.19 -25.92
CA LYS H 332 -11.96 -61.15 -24.95
C LYS H 332 -12.56 -59.74 -24.81
N ARG H 333 -11.71 -58.70 -24.85
CA ARG H 333 -12.19 -57.32 -24.74
C ARG H 333 -13.02 -56.91 -25.95
N VAL H 334 -12.55 -57.31 -27.14
CA VAL H 334 -13.24 -57.01 -28.38
C VAL H 334 -14.60 -57.73 -28.39
N THR H 335 -14.60 -59.01 -28.04
CA THR H 335 -15.83 -59.81 -28.00
C THR H 335 -16.87 -59.15 -27.08
N ALA H 336 -16.42 -58.74 -25.89
CA ALA H 336 -17.29 -58.09 -24.90
C ALA H 336 -17.89 -56.79 -25.42
N ALA H 337 -17.05 -55.96 -26.06
CA ALA H 337 -17.48 -54.68 -26.62
C ALA H 337 -18.52 -54.86 -27.73
N VAL H 338 -18.36 -55.91 -28.53
CA VAL H 338 -19.28 -56.19 -29.62
C VAL H 338 -20.58 -56.78 -29.08
N GLU H 339 -20.49 -57.61 -28.04
CA GLU H 339 -21.67 -58.20 -27.44
C GLU H 339 -22.57 -57.13 -26.81
N GLU H 340 -21.97 -56.12 -26.17
CA GLU H 340 -22.74 -55.02 -25.57
C GLU H 340 -23.49 -54.26 -26.66
N ALA H 341 -22.87 -54.12 -27.84
CA ALA H 341 -23.46 -53.44 -28.97
C ALA H 341 -24.64 -54.24 -29.54
N LYS H 342 -24.46 -55.56 -29.70
CA LYS H 342 -25.54 -56.42 -30.22
C LYS H 342 -26.75 -56.45 -29.29
N ALA H 343 -26.49 -56.32 -27.99
CA ALA H 343 -27.54 -56.32 -26.96
C ALA H 343 -28.54 -55.17 -27.16
N LEU H 344 -28.07 -54.06 -27.73
CA LEU H 344 -28.90 -52.89 -28.00
C LEU H 344 -29.86 -53.21 -29.15
N SER H 345 -31.16 -53.09 -28.87
CA SER H 345 -32.23 -53.37 -29.82
C SER H 345 -32.12 -52.70 -31.21
N HIS H 346 -31.66 -51.45 -31.22
CA HIS H 346 -31.55 -50.69 -32.47
C HIS H 346 -30.34 -51.01 -33.36
N ILE H 347 -29.35 -51.70 -32.81
CA ILE H 347 -28.14 -52.06 -33.58
C ILE H 347 -28.39 -53.20 -34.56
N ARG H 348 -28.03 -52.97 -35.82
CA ARG H 348 -28.17 -53.97 -36.89
C ARG H 348 -26.79 -54.52 -37.26
N VAL H 349 -26.63 -55.83 -37.20
CA VAL H 349 -25.36 -56.43 -37.55
C VAL H 349 -25.42 -56.69 -39.06
N ILE H 350 -24.68 -55.91 -39.83
CA ILE H 350 -24.66 -56.06 -41.28
C ILE H 350 -23.82 -57.25 -41.72
N THR H 351 -22.66 -57.42 -41.09
CA THR H 351 -21.76 -58.52 -41.40
C THR H 351 -20.90 -58.84 -40.18
N GLY H 352 -20.37 -60.07 -40.12
CA GLY H 352 -19.55 -60.52 -39.00
C GLY H 352 -20.40 -60.64 -37.75
N GLY H 353 -19.85 -60.18 -36.63
CA GLY H 353 -20.61 -60.23 -35.38
C GLY H 353 -19.89 -60.87 -34.22
N SER H 354 -19.36 -62.08 -34.42
CA SER H 354 -18.67 -62.77 -33.34
C SER H 354 -17.34 -63.38 -33.75
N GLN H 355 -16.61 -63.90 -32.75
CA GLN H 355 -15.32 -64.54 -32.97
C GLN H 355 -15.47 -65.85 -33.74
N THR H 356 -14.52 -66.11 -34.64
CA THR H 356 -14.55 -67.31 -35.48
C THR H 356 -13.87 -68.49 -34.80
N GLU H 357 -14.43 -69.68 -35.04
CA GLU H 357 -13.93 -70.93 -34.45
C GLU H 357 -12.60 -71.32 -35.05
N GLY H 358 -11.66 -71.70 -34.19
CA GLY H 358 -10.33 -72.09 -34.63
C GLY H 358 -9.28 -71.80 -33.59
N LYS H 359 -8.06 -72.26 -33.86
CA LYS H 359 -6.92 -72.09 -32.95
C LYS H 359 -6.53 -70.63 -32.66
N GLY H 360 -6.39 -69.82 -33.70
CA GLY H 360 -5.99 -68.41 -33.54
C GLY H 360 -6.98 -67.51 -32.81
N TYR H 361 -6.58 -66.25 -32.63
CA TYR H 361 -7.43 -65.26 -31.98
C TYR H 361 -8.15 -64.42 -33.04
N TYR H 362 -8.77 -65.10 -33.98
CA TYR H 362 -9.49 -64.43 -35.06
C TYR H 362 -10.86 -63.93 -34.66
N PHE H 363 -11.23 -62.78 -35.21
CA PHE H 363 -12.52 -62.17 -34.99
C PHE H 363 -12.97 -61.70 -36.35
N ALA H 364 -14.20 -62.05 -36.73
CA ALA H 364 -14.78 -61.69 -38.03
C ALA H 364 -14.95 -60.18 -38.22
N PRO H 365 -14.67 -59.67 -39.44
CA PRO H 365 -14.81 -58.23 -39.68
C PRO H 365 -16.28 -57.85 -39.48
N THR H 366 -16.54 -57.06 -38.45
CA THR H 366 -17.89 -56.67 -38.08
C THR H 366 -18.29 -55.24 -38.47
N LEU H 367 -19.53 -55.12 -38.96
CA LEU H 367 -20.10 -53.84 -39.36
C LEU H 367 -21.43 -53.68 -38.61
N LEU H 368 -21.50 -52.68 -37.74
CA LEU H 368 -22.69 -52.42 -36.94
C LEU H 368 -23.34 -51.13 -37.40
N ALA H 369 -24.56 -51.22 -37.91
CA ALA H 369 -25.31 -50.06 -38.41
C ALA H 369 -26.36 -49.56 -37.43
N ASP H 370 -26.91 -48.38 -37.75
CA ASP H 370 -27.96 -47.72 -36.97
C ASP H 370 -27.54 -47.35 -35.54
N ALA H 371 -26.24 -47.25 -35.33
CA ALA H 371 -25.68 -46.89 -34.03
C ALA H 371 -26.00 -45.43 -33.74
N LYS H 372 -26.23 -45.12 -32.48
CA LYS H 372 -26.55 -43.76 -32.08
C LYS H 372 -25.37 -43.13 -31.33
N GLN H 373 -25.24 -41.82 -31.43
CA GLN H 373 -24.15 -41.06 -30.79
C GLN H 373 -23.85 -41.46 -29.33
N GLU H 374 -24.88 -41.64 -28.52
CA GLU H 374 -24.73 -41.99 -27.10
C GLU H 374 -24.26 -43.43 -26.84
N ASP H 375 -24.43 -44.33 -27.81
CA ASP H 375 -24.04 -45.75 -27.66
C ASP H 375 -22.57 -45.93 -27.30
N ALA H 376 -22.29 -46.96 -26.50
CA ALA H 376 -20.93 -47.28 -26.07
C ALA H 376 -20.03 -47.64 -27.25
N ILE H 377 -20.62 -48.26 -28.27
CA ILE H 377 -19.87 -48.68 -29.46
C ILE H 377 -19.34 -47.48 -30.25
N VAL H 378 -19.94 -46.32 -30.06
CA VAL H 378 -19.53 -45.08 -30.74
C VAL H 378 -18.62 -44.24 -29.85
N GLN H 379 -18.81 -44.31 -28.53
CA GLN H 379 -18.01 -43.54 -27.58
C GLN H 379 -16.65 -44.16 -27.18
N ARG H 380 -16.66 -45.44 -26.82
CA ARG H 380 -15.44 -46.14 -26.40
C ARG H 380 -14.70 -46.79 -27.56
N GLU H 381 -13.37 -46.82 -27.47
CA GLU H 381 -12.53 -47.42 -28.50
C GLU H 381 -12.64 -48.94 -28.40
N VAL H 382 -12.78 -49.60 -29.54
CA VAL H 382 -12.87 -51.07 -29.55
C VAL H 382 -11.51 -51.67 -29.88
N PHE H 383 -10.79 -51.01 -30.78
CA PHE H 383 -9.43 -51.40 -31.19
C PHE H 383 -9.44 -52.83 -31.76
N GLY H 384 -10.46 -53.12 -32.58
CA GLY H 384 -10.62 -54.43 -33.21
C GLY H 384 -11.21 -54.24 -34.60
N PRO H 385 -11.49 -55.34 -35.33
CA PRO H 385 -12.05 -55.21 -36.68
C PRO H 385 -13.55 -54.94 -36.63
N VAL H 386 -13.92 -53.82 -36.02
CA VAL H 386 -15.32 -53.44 -35.85
C VAL H 386 -15.54 -52.00 -36.31
N VAL H 387 -16.58 -51.79 -37.11
CA VAL H 387 -16.93 -50.47 -37.62
C VAL H 387 -18.41 -50.18 -37.39
N SER H 388 -18.72 -48.98 -36.91
CA SER H 388 -20.09 -48.56 -36.66
C SER H 388 -20.49 -47.43 -37.60
N ILE H 389 -21.77 -47.37 -37.97
CA ILE H 389 -22.28 -46.32 -38.86
C ILE H 389 -23.43 -45.61 -38.16
N THR H 390 -23.37 -44.28 -38.15
CA THR H 390 -24.38 -43.43 -37.52
C THR H 390 -24.87 -42.44 -38.55
N VAL H 391 -26.17 -42.19 -38.58
CA VAL H 391 -26.74 -41.23 -39.54
C VAL H 391 -26.65 -39.82 -38.95
N PHE H 392 -26.55 -38.81 -39.81
CA PHE H 392 -26.56 -37.41 -39.36
C PHE H 392 -27.27 -36.55 -40.41
N ASP H 393 -27.52 -35.28 -40.08
CA ASP H 393 -28.22 -34.38 -41.01
C ASP H 393 -27.40 -33.19 -41.49
N ASP H 394 -27.04 -32.28 -40.58
CA ASP H 394 -26.26 -31.06 -40.89
C ASP H 394 -24.79 -31.12 -40.47
N GLU H 395 -24.01 -30.12 -40.89
CA GLU H 395 -22.59 -30.04 -40.53
C GLU H 395 -22.45 -29.73 -39.05
N ASP H 396 -23.15 -28.68 -38.60
CA ASP H 396 -23.12 -28.25 -37.20
C ASP H 396 -23.35 -29.42 -36.26
N GLN H 397 -24.32 -30.25 -36.62
CA GLN H 397 -24.67 -31.43 -35.84
C GLN H 397 -23.50 -32.43 -35.77
N VAL H 398 -23.01 -32.87 -36.93
CA VAL H 398 -21.93 -33.85 -36.98
C VAL H 398 -20.63 -33.30 -36.39
N LEU H 399 -20.41 -31.99 -36.53
CA LEU H 399 -19.23 -31.33 -35.97
C LEU H 399 -19.29 -31.40 -34.44
N ARG H 400 -20.46 -31.09 -33.85
CA ARG H 400 -20.61 -31.17 -32.40
C ARG H 400 -20.37 -32.59 -31.92
N TRP H 401 -20.94 -33.58 -32.62
CA TRP H 401 -20.76 -34.98 -32.24
C TRP H 401 -19.30 -35.42 -32.31
N ALA H 402 -18.63 -35.08 -33.42
CA ALA H 402 -17.23 -35.44 -33.60
C ALA H 402 -16.35 -34.85 -32.50
N ASN H 403 -16.62 -33.59 -32.15
CA ASN H 403 -15.86 -32.88 -31.10
C ASN H 403 -16.24 -33.26 -29.69
N ASP H 404 -17.45 -33.80 -29.49
CA ASP H 404 -17.87 -34.24 -28.15
C ASP H 404 -17.32 -35.64 -27.90
N SER H 405 -15.99 -35.73 -27.92
CA SER H 405 -15.29 -36.99 -27.73
C SER H 405 -14.07 -36.79 -26.86
N ARG H 406 -13.76 -37.81 -26.06
CA ARG H 406 -12.59 -37.80 -25.19
C ARG H 406 -11.33 -37.94 -26.04
N TYR H 407 -11.50 -38.55 -27.22
CA TYR H 407 -10.40 -38.78 -28.15
C TYR H 407 -10.20 -37.58 -29.08
N GLY H 408 -9.00 -37.50 -29.69
CA GLY H 408 -8.68 -36.42 -30.61
C GLY H 408 -7.45 -36.68 -31.44
N LEU H 409 -7.29 -37.91 -31.93
CA LEU H 409 -6.09 -38.28 -32.70
C LEU H 409 -6.19 -38.07 -34.22
N ALA H 410 -7.15 -38.72 -34.87
CA ALA H 410 -7.32 -38.63 -36.31
C ALA H 410 -8.78 -38.56 -36.72
N SER H 411 -9.04 -38.19 -37.97
CA SER H 411 -10.38 -38.06 -38.51
C SER H 411 -10.33 -37.86 -40.00
N SER H 412 -11.45 -38.07 -40.68
CA SER H 412 -11.51 -37.85 -42.11
C SER H 412 -12.88 -37.31 -42.52
N VAL H 413 -12.88 -36.49 -43.55
CA VAL H 413 -14.11 -35.91 -44.09
C VAL H 413 -14.15 -36.27 -45.57
N TRP H 414 -15.28 -36.82 -45.99
CA TRP H 414 -15.47 -37.24 -47.37
C TRP H 414 -16.54 -36.36 -47.97
N THR H 415 -16.12 -35.48 -48.86
CA THR H 415 -17.01 -34.51 -49.53
C THR H 415 -16.31 -33.92 -50.73
N GLN H 416 -17.07 -33.42 -51.70
CA GLN H 416 -16.49 -32.79 -52.89
C GLN H 416 -16.48 -31.27 -52.82
N ASP H 417 -17.18 -30.70 -51.84
CA ASP H 417 -17.28 -29.26 -51.65
C ASP H 417 -16.01 -28.71 -51.04
N VAL H 418 -15.33 -27.82 -51.76
CA VAL H 418 -14.07 -27.19 -51.32
C VAL H 418 -14.31 -26.43 -50.01
N GLY H 419 -15.38 -25.64 -49.99
CA GLY H 419 -15.74 -24.85 -48.82
C GLY H 419 -15.92 -25.71 -47.61
N ARG H 420 -16.77 -26.72 -47.73
CA ARG H 420 -17.06 -27.64 -46.62
C ARG H 420 -15.79 -28.37 -46.12
N ALA H 421 -14.97 -28.87 -47.03
CA ALA H 421 -13.74 -29.57 -46.68
C ALA H 421 -12.85 -28.75 -45.75
N HIS H 422 -12.61 -27.49 -46.12
CA HIS H 422 -11.78 -26.59 -45.31
C HIS H 422 -12.43 -26.05 -44.07
N ARG H 423 -13.73 -25.82 -44.14
CA ARG H 423 -14.49 -25.30 -43.02
C ARG H 423 -14.49 -26.33 -41.88
N LEU H 424 -14.70 -27.61 -42.19
CA LEU H 424 -14.68 -28.68 -41.18
C LEU H 424 -13.31 -29.06 -40.68
N SER H 425 -12.34 -29.15 -41.57
CA SER H 425 -10.98 -29.51 -41.16
C SER H 425 -10.39 -28.45 -40.23
N ALA H 426 -10.83 -27.21 -40.37
CA ALA H 426 -10.38 -26.12 -39.53
C ALA H 426 -10.98 -26.21 -38.13
N ARG H 427 -12.18 -26.77 -38.06
CA ARG H 427 -12.93 -26.87 -36.81
C ARG H 427 -12.90 -28.22 -36.07
N LEU H 428 -12.43 -29.27 -36.72
CA LEU H 428 -12.34 -30.58 -36.06
C LEU H 428 -11.26 -30.57 -34.99
N GLN H 429 -11.54 -31.23 -33.88
CA GLN H 429 -10.62 -31.28 -32.77
C GLN H 429 -9.86 -32.61 -32.76
N TYR H 430 -9.11 -32.82 -33.84
CA TYR H 430 -8.29 -34.00 -34.04
C TYR H 430 -6.95 -33.61 -34.59
N GLY H 431 -5.89 -34.25 -34.07
CA GLY H 431 -4.53 -33.94 -34.49
C GLY H 431 -4.30 -34.11 -35.97
N CYS H 432 -5.21 -34.83 -36.61
CA CYS H 432 -5.11 -35.10 -38.03
C CYS H 432 -6.49 -35.20 -38.68
N THR H 433 -6.60 -34.60 -39.86
CA THR H 433 -7.84 -34.65 -40.64
C THR H 433 -7.54 -34.89 -42.11
N TRP H 434 -7.99 -36.03 -42.63
CA TRP H 434 -7.82 -36.36 -44.02
C TRP H 434 -9.08 -35.96 -44.77
N ILE H 435 -8.92 -35.62 -46.04
CA ILE H 435 -10.07 -35.25 -46.86
C ILE H 435 -10.10 -36.20 -48.06
N ASN H 436 -11.19 -36.95 -48.18
CA ASN H 436 -11.39 -37.92 -49.28
C ASN H 436 -10.37 -39.06 -49.29
N THR H 437 -9.87 -39.39 -48.10
CA THR H 437 -8.92 -40.48 -47.87
C THR H 437 -8.87 -40.67 -46.36
N HIS H 438 -8.00 -41.56 -45.88
CA HIS H 438 -7.89 -41.81 -44.45
C HIS H 438 -6.68 -42.69 -44.23
N PHE H 439 -6.13 -42.65 -43.01
CA PHE H 439 -5.04 -43.55 -42.62
C PHE H 439 -3.66 -43.28 -43.25
N MET H 440 -3.57 -42.34 -44.18
CA MET H 440 -2.27 -42.04 -44.83
C MET H 440 -1.31 -41.23 -43.95
N LEU H 441 -0.15 -41.84 -43.64
CA LEU H 441 0.87 -41.19 -42.83
C LEU H 441 2.18 -41.07 -43.59
N VAL H 442 2.90 -39.98 -43.34
CA VAL H 442 4.20 -39.72 -43.97
C VAL H 442 5.17 -39.21 -42.90
N SER H 443 6.44 -39.63 -43.01
CA SER H 443 7.48 -39.25 -42.06
C SER H 443 7.63 -37.75 -41.80
N GLU H 444 7.40 -36.93 -42.83
CA GLU H 444 7.54 -35.47 -42.70
C GLU H 444 6.44 -34.81 -41.87
N MET H 445 5.24 -35.40 -41.86
CA MET H 445 4.10 -34.85 -41.13
C MET H 445 3.86 -35.44 -39.74
N PRO H 446 3.52 -34.57 -38.76
CA PRO H 446 3.28 -34.93 -37.37
C PRO H 446 2.04 -35.79 -37.14
N HIS H 447 2.14 -36.68 -36.17
CA HIS H 447 1.07 -37.58 -35.79
C HIS H 447 0.99 -37.58 -34.28
N GLY H 448 -0.10 -37.04 -33.76
CA GLY H 448 -0.28 -36.95 -32.33
C GLY H 448 -1.69 -36.52 -31.97
N GLY H 449 -2.12 -36.91 -30.79
CA GLY H 449 -3.47 -36.61 -30.32
C GLY H 449 -3.71 -35.32 -29.56
N GLN H 450 -4.99 -35.15 -29.23
CA GLN H 450 -5.54 -34.04 -28.50
C GLN H 450 -6.41 -34.66 -27.42
N LYS H 451 -6.60 -33.92 -26.31
CA LYS H 451 -7.45 -34.36 -25.18
C LYS H 451 -6.89 -35.65 -24.53
N GLN H 452 -7.73 -36.69 -24.43
CA GLN H 452 -7.30 -37.96 -23.83
C GLN H 452 -6.49 -38.87 -24.76
N SER H 453 -6.31 -38.45 -26.00
CA SER H 453 -5.50 -39.22 -26.98
C SER H 453 -4.04 -38.94 -26.73
N GLY H 454 -3.76 -37.97 -25.84
CA GLY H 454 -2.40 -37.62 -25.46
C GLY H 454 -1.91 -36.25 -25.94
N TYR H 455 -0.59 -36.11 -25.93
CA TYR H 455 0.12 -34.90 -26.34
C TYR H 455 1.52 -35.31 -26.79
N GLY H 456 2.17 -34.44 -27.58
CA GLY H 456 3.50 -34.74 -28.10
C GLY H 456 3.28 -35.45 -29.42
N LYS H 457 4.23 -35.31 -30.35
CA LYS H 457 4.04 -35.94 -31.66
C LYS H 457 5.10 -36.92 -32.15
N ASP H 458 4.64 -37.86 -32.98
CA ASP H 458 5.49 -38.86 -33.58
C ASP H 458 5.72 -38.44 -35.02
N MET H 459 6.96 -38.62 -35.51
CA MET H 459 7.34 -38.21 -36.87
C MET H 459 7.42 -36.68 -37.02
N SER H 460 7.99 -36.22 -38.14
CA SER H 460 8.19 -34.79 -38.47
C SER H 460 9.22 -34.10 -37.59
N LEU H 461 9.52 -32.83 -37.92
CA LEU H 461 10.45 -32.03 -37.12
C LEU H 461 9.90 -31.81 -35.72
N TYR H 462 8.57 -31.80 -35.60
CA TYR H 462 7.92 -31.60 -34.31
C TYR H 462 8.19 -32.79 -33.40
N GLY H 463 8.32 -33.96 -34.01
CA GLY H 463 8.60 -35.20 -33.31
C GLY H 463 9.99 -35.16 -32.71
N LEU H 464 10.91 -34.52 -33.42
CA LEU H 464 12.29 -34.40 -32.97
C LEU H 464 12.42 -33.35 -31.88
N GLU H 465 11.64 -32.27 -32.02
CA GLU H 465 11.66 -31.16 -31.07
C GLU H 465 11.23 -31.58 -29.68
N ASP H 466 10.35 -32.58 -29.58
CA ASP H 466 9.87 -33.07 -28.30
C ASP H 466 10.97 -33.73 -27.46
N TYR H 467 12.06 -34.12 -28.14
CA TYR H 467 13.21 -34.76 -27.49
C TYR H 467 14.39 -33.82 -27.28
N THR H 468 14.14 -32.53 -27.44
CA THR H 468 15.17 -31.51 -27.25
C THR H 468 14.74 -30.53 -26.17
N LEU H 469 15.69 -29.70 -25.73
CA LEU H 469 15.45 -28.68 -24.72
C LEU H 469 15.87 -27.34 -25.29
N VAL H 470 14.93 -26.42 -25.45
CA VAL H 470 15.24 -25.08 -25.93
C VAL H 470 16.01 -24.38 -24.80
N ARG H 471 17.14 -23.77 -25.13
CA ARG H 471 17.95 -23.08 -24.13
C ARG H 471 18.38 -21.73 -24.64
N HIS H 472 18.34 -20.75 -23.75
CA HIS H 472 18.71 -19.38 -24.09
C HIS H 472 20.03 -19.01 -23.46
N ILE H 473 21.01 -18.74 -24.32
CA ILE H 473 22.34 -18.35 -23.89
C ILE H 473 22.53 -16.89 -24.23
N MET H 474 22.92 -16.10 -23.23
CA MET H 474 23.11 -14.68 -23.40
C MET H 474 24.48 -14.22 -22.91
N VAL H 475 25.28 -13.69 -23.84
CA VAL H 475 26.63 -13.23 -23.55
C VAL H 475 26.70 -11.70 -23.52
N LYS H 476 27.23 -11.14 -22.44
CA LYS H 476 27.35 -9.69 -22.32
C LYS H 476 28.64 -9.19 -22.97
N HIS H 477 28.54 -8.16 -23.81
CA HIS H 477 29.73 -7.61 -24.45
C HIS H 477 30.53 -6.80 -23.45
#